data_1T17
#
_entry.id   1T17
#
_entity_poly.entity_id   1
_entity_poly.type   'polypeptide(L)'
_entity_poly.pdbx_seq_one_letter_code
;MHRHVVTKVLPYTPDQLFELVGDVDAYPKFVPWITGMRTWNGRVDGAVSTVDAEAQVGFSFLREKFATRVRRDKDARSID
VSLLYGPFKRLNNGWRFMPEGDATRVEFVIEFAFKSALLDAMLAANVDRAAGKLIACFEARAQQLHGA
;
_entity_poly.pdbx_strand_id   A
#
# COMPACT_ATOMS: atom_id res chain seq x y z
N MET A 1 -15.25 3.37 6.46
CA MET A 1 -14.84 4.76 6.59
C MET A 1 -14.57 5.38 5.23
N HIS A 2 -14.09 6.62 5.27
CA HIS A 2 -13.78 7.33 4.04
C HIS A 2 -12.67 6.61 3.28
N ARG A 3 -12.99 6.23 2.06
CA ARG A 3 -12.03 5.53 1.22
C ARG A 3 -11.46 6.46 0.16
N HIS A 4 -10.14 6.50 0.09
CA HIS A 4 -9.47 7.35 -0.88
C HIS A 4 -8.95 6.50 -2.04
N VAL A 5 -9.25 6.96 -3.25
CA VAL A 5 -8.82 6.24 -4.44
C VAL A 5 -7.60 6.94 -5.04
N VAL A 6 -6.57 6.15 -5.31
CA VAL A 6 -5.35 6.68 -5.89
C VAL A 6 -4.95 5.85 -7.10
N THR A 7 -5.17 6.42 -8.27
CA THR A 7 -4.84 5.75 -9.52
C THR A 7 -3.63 6.40 -10.18
N LYS A 8 -2.75 5.55 -10.72
CA LYS A 8 -1.56 6.04 -11.38
C LYS A 8 -1.24 5.14 -12.57
N VAL A 9 -0.48 5.69 -13.50
CA VAL A 9 -0.09 4.95 -14.70
C VAL A 9 1.39 5.19 -14.99
N LEU A 10 2.10 4.09 -15.23
CA LEU A 10 3.51 4.17 -15.53
C LEU A 10 3.85 3.19 -16.66
N PRO A 11 4.58 3.72 -17.68
CA PRO A 11 4.97 2.90 -18.82
C PRO A 11 6.12 1.97 -18.45
N TYR A 12 5.84 1.06 -17.52
CA TYR A 12 6.83 0.11 -17.08
C TYR A 12 6.27 -1.32 -17.10
N THR A 13 7.18 -2.27 -16.96
CA THR A 13 6.80 -3.68 -16.96
C THR A 13 6.08 -4.03 -15.65
N PRO A 14 5.33 -5.17 -15.71
CA PRO A 14 4.59 -5.63 -14.55
C PRO A 14 5.54 -6.25 -13.50
N ASP A 15 6.82 -6.28 -13.85
CA ASP A 15 7.82 -6.83 -12.96
C ASP A 15 7.99 -5.91 -11.75
N GLN A 16 8.14 -4.63 -12.04
CA GLN A 16 8.31 -3.64 -10.99
C GLN A 16 7.16 -3.74 -9.98
N LEU A 17 6.02 -4.19 -10.48
CA LEU A 17 4.84 -4.33 -9.63
C LEU A 17 5.07 -5.46 -8.63
N PHE A 18 5.71 -6.52 -9.11
CA PHE A 18 5.99 -7.67 -8.27
C PHE A 18 6.56 -7.23 -6.92
N GLU A 19 7.39 -6.19 -6.97
CA GLU A 19 8.00 -5.67 -5.75
C GLU A 19 7.00 -4.81 -4.98
N LEU A 20 6.08 -4.21 -5.73
CA LEU A 20 5.07 -3.36 -5.13
C LEU A 20 4.02 -4.23 -4.43
N VAL A 21 3.75 -5.36 -5.05
CA VAL A 21 2.77 -6.29 -4.51
C VAL A 21 3.24 -6.76 -3.12
N GLY A 22 4.54 -6.96 -3.01
CA GLY A 22 5.12 -7.41 -1.75
C GLY A 22 5.75 -6.23 -0.99
N ASP A 23 5.40 -5.04 -1.42
CA ASP A 23 5.91 -3.83 -0.79
C ASP A 23 5.72 -3.93 0.72
N VAL A 24 4.81 -4.81 1.12
CA VAL A 24 4.53 -5.01 2.52
C VAL A 24 5.75 -5.64 3.20
N ASP A 25 6.62 -6.19 2.37
CA ASP A 25 7.84 -6.81 2.88
C ASP A 25 8.89 -6.85 1.78
N ALA A 26 8.76 -5.91 0.86
CA ALA A 26 9.69 -5.83 -0.26
C ALA A 26 10.60 -4.61 -0.07
N TYR A 27 10.18 -3.50 -0.68
CA TYR A 27 10.94 -2.27 -0.59
C TYR A 27 12.39 -2.49 -1.02
N PRO A 28 12.64 -2.28 -2.34
CA PRO A 28 13.97 -2.45 -2.90
C PRO A 28 14.88 -1.27 -2.51
N LYS A 29 14.29 -0.32 -1.80
CA LYS A 29 15.02 0.86 -1.37
C LYS A 29 14.50 1.30 0.00
N PHE A 30 13.33 1.91 -0.02
CA PHE A 30 12.71 2.39 1.21
C PHE A 30 11.37 3.06 0.92
N VAL A 31 10.80 3.64 1.97
CA VAL A 31 9.52 4.31 1.85
C VAL A 31 9.33 5.28 3.02
N PRO A 32 9.40 6.60 2.69
CA PRO A 32 9.25 7.63 3.70
C PRO A 32 7.79 7.77 4.11
N TRP A 33 6.91 7.58 3.15
CA TRP A 33 5.48 7.69 3.40
C TRP A 33 5.13 6.72 4.52
N ILE A 34 5.98 5.73 4.70
CA ILE A 34 5.77 4.73 5.74
C ILE A 34 6.96 4.73 6.70
N THR A 35 6.88 3.87 7.69
CA THR A 35 7.94 3.77 8.69
C THR A 35 8.28 2.29 8.95
N GLY A 36 7.60 1.74 9.94
CA GLY A 36 7.82 0.35 10.31
C GLY A 36 6.91 -0.58 9.50
N MET A 37 7.41 -1.79 9.28
CA MET A 37 6.67 -2.77 8.52
C MET A 37 7.04 -4.20 8.94
N ARG A 38 6.07 -5.09 8.83
CA ARG A 38 6.28 -6.48 9.19
C ARG A 38 5.12 -7.34 8.70
N THR A 39 5.49 -8.44 8.05
CA THR A 39 4.49 -9.36 7.51
C THR A 39 4.89 -10.81 7.81
N TRP A 40 4.03 -11.48 8.56
CA TRP A 40 4.29 -12.87 8.91
C TRP A 40 3.10 -13.37 9.73
N ASN A 41 3.19 -14.62 10.15
CA ASN A 41 2.13 -15.22 10.95
C ASN A 41 0.85 -15.29 10.12
N GLY A 42 0.62 -16.46 9.54
CA GLY A 42 -0.57 -16.66 8.72
C GLY A 42 -0.55 -18.05 8.08
N ARG A 43 -0.90 -18.07 6.80
CA ARG A 43 -0.93 -19.31 6.05
C ARG A 43 -0.63 -19.06 4.57
N VAL A 44 -0.14 -20.10 3.91
CA VAL A 44 0.19 -20.00 2.50
C VAL A 44 -0.49 -21.14 1.74
N ASP A 45 -1.29 -20.76 0.76
CA ASP A 45 -2.01 -21.74 -0.05
C ASP A 45 -1.83 -21.39 -1.53
N GLY A 46 -1.49 -22.41 -2.31
CA GLY A 46 -1.28 -22.22 -3.73
C GLY A 46 -0.48 -20.96 -4.02
N ALA A 47 -0.98 -20.17 -4.96
CA ALA A 47 -0.32 -18.93 -5.34
C ALA A 47 -0.92 -17.78 -4.53
N VAL A 48 -1.27 -18.08 -3.29
CA VAL A 48 -1.86 -17.08 -2.42
C VAL A 48 -1.21 -17.17 -1.04
N SER A 49 -1.14 -16.03 -0.36
CA SER A 49 -0.55 -15.97 0.96
C SER A 49 -1.29 -14.94 1.82
N THR A 50 -1.55 -15.33 3.05
CA THR A 50 -2.24 -14.45 3.99
C THR A 50 -1.56 -14.47 5.36
N VAL A 51 -1.16 -13.29 5.81
CA VAL A 51 -0.50 -13.17 7.09
C VAL A 51 -0.78 -11.78 7.67
N ASP A 52 -0.39 -11.61 8.92
CA ASP A 52 -0.60 -10.34 9.60
C ASP A 52 0.37 -9.29 9.03
N ALA A 53 -0.10 -8.06 8.98
CA ALA A 53 0.70 -6.97 8.46
C ALA A 53 0.71 -5.82 9.47
N GLU A 54 1.86 -5.64 10.10
CA GLU A 54 2.02 -4.59 11.09
C GLU A 54 2.81 -3.41 10.50
N ALA A 55 2.06 -2.38 10.12
CA ALA A 55 2.67 -1.20 9.55
C ALA A 55 2.51 -0.03 10.51
N GLN A 56 3.43 0.92 10.40
CA GLN A 56 3.40 2.10 11.25
C GLN A 56 3.35 3.37 10.40
N VAL A 57 3.30 4.51 11.09
CA VAL A 57 3.24 5.79 10.42
C VAL A 57 4.20 6.77 11.10
N GLY A 58 5.14 7.28 10.32
CA GLY A 58 6.12 8.22 10.84
C GLY A 58 5.58 9.65 10.80
N PHE A 59 5.89 10.34 9.72
CA PHE A 59 5.44 11.72 9.55
C PHE A 59 3.96 11.77 9.18
N SER A 60 3.16 11.13 10.01
CA SER A 60 1.72 11.09 9.78
C SER A 60 1.00 11.99 10.78
N PHE A 61 1.80 12.63 11.63
CA PHE A 61 1.26 13.52 12.64
C PHE A 61 0.69 12.73 13.82
N LEU A 62 0.67 11.41 13.64
CA LEU A 62 0.15 10.53 14.68
C LEU A 62 1.00 9.26 14.73
N ARG A 63 1.96 9.26 15.65
CA ARG A 63 2.84 8.11 15.81
C ARG A 63 2.07 6.94 16.41
N GLU A 64 1.57 6.09 15.53
CA GLU A 64 0.82 4.91 15.97
C GLU A 64 1.10 3.74 15.03
N LYS A 65 0.70 2.55 15.48
CA LYS A 65 0.90 1.35 14.71
C LYS A 65 -0.46 0.69 14.44
N PHE A 66 -0.47 -0.20 13.45
CA PHE A 66 -1.69 -0.90 13.09
C PHE A 66 -1.37 -2.26 12.47
N ALA A 67 -2.25 -3.22 12.73
CA ALA A 67 -2.08 -4.56 12.20
C ALA A 67 -3.31 -4.93 11.35
N THR A 68 -3.03 -5.65 10.28
CA THR A 68 -4.10 -6.08 9.38
C THR A 68 -3.69 -7.35 8.63
N ARG A 69 -4.71 -8.08 8.18
CA ARG A 69 -4.46 -9.31 7.45
C ARG A 69 -4.13 -9.01 6.00
N VAL A 70 -2.86 -9.17 5.67
CA VAL A 70 -2.40 -8.91 4.31
C VAL A 70 -2.53 -10.20 3.48
N ARG A 71 -3.18 -10.05 2.33
CA ARG A 71 -3.38 -11.17 1.44
C ARG A 71 -2.77 -10.89 0.07
N ARG A 72 -1.75 -11.68 -0.26
CA ARG A 72 -1.07 -11.52 -1.53
C ARG A 72 -1.37 -12.71 -2.44
N ASP A 73 -1.46 -12.42 -3.73
CA ASP A 73 -1.74 -13.46 -4.71
C ASP A 73 -0.85 -13.25 -5.93
N LYS A 74 -0.19 -14.33 -6.33
CA LYS A 74 0.70 -14.28 -7.48
C LYS A 74 -0.04 -14.77 -8.72
N ASP A 75 -1.19 -15.38 -8.48
CA ASP A 75 -2.01 -15.91 -9.56
C ASP A 75 -3.08 -14.88 -9.92
N ALA A 76 -3.41 -14.05 -8.95
CA ALA A 76 -4.43 -13.03 -9.16
C ALA A 76 -3.73 -11.69 -9.42
N ARG A 77 -2.49 -11.60 -8.96
CA ARG A 77 -1.72 -10.37 -9.14
C ARG A 77 -2.41 -9.19 -8.47
N SER A 78 -3.03 -9.48 -7.33
CA SER A 78 -3.74 -8.45 -6.58
C SER A 78 -3.34 -8.52 -5.11
N ILE A 79 -3.57 -7.42 -4.41
CA ILE A 79 -3.25 -7.35 -2.99
C ILE A 79 -4.47 -6.84 -2.23
N ASP A 80 -4.71 -7.46 -1.08
CA ASP A 80 -5.84 -7.09 -0.24
C ASP A 80 -5.41 -7.16 1.23
N VAL A 81 -5.89 -6.17 1.98
CA VAL A 81 -5.57 -6.09 3.40
C VAL A 81 -6.85 -5.77 4.19
N SER A 82 -7.19 -6.68 5.09
CA SER A 82 -8.37 -6.50 5.92
C SER A 82 -7.97 -6.05 7.32
N LEU A 83 -8.95 -5.52 8.04
CA LEU A 83 -8.71 -5.06 9.40
C LEU A 83 -8.70 -6.25 10.35
N LEU A 84 -7.75 -6.22 11.27
CA LEU A 84 -7.61 -7.30 12.24
C LEU A 84 -7.76 -6.72 13.65
N TYR A 85 -6.91 -5.74 13.95
CA TYR A 85 -6.94 -5.10 15.26
C TYR A 85 -6.85 -3.59 15.13
N GLY A 86 -6.02 -3.16 14.18
CA GLY A 86 -5.82 -1.74 13.95
C GLY A 86 -6.17 -0.92 15.21
N PRO A 87 -6.83 0.24 14.96
CA PRO A 87 -7.23 1.12 16.05
C PRO A 87 -8.43 0.55 16.80
N PHE A 88 -8.84 -0.64 16.39
CA PHE A 88 -9.98 -1.30 17.01
C PHE A 88 -11.29 -0.64 16.61
N LYS A 89 -11.41 -0.36 15.31
CA LYS A 89 -12.60 0.27 14.79
C LYS A 89 -12.82 -0.18 13.35
N ARG A 90 -11.80 0.04 12.53
CA ARG A 90 -11.87 -0.34 11.12
C ARG A 90 -10.64 0.19 10.38
N LEU A 91 -10.23 -0.58 9.37
CA LEU A 91 -9.08 -0.20 8.58
C LEU A 91 -8.91 -1.19 7.42
N ASN A 92 -9.26 -0.72 6.23
CA ASN A 92 -9.15 -1.56 5.04
C ASN A 92 -8.11 -0.97 4.10
N ASN A 93 -7.44 -1.85 3.37
CA ASN A 93 -6.42 -1.43 2.44
C ASN A 93 -6.27 -2.50 1.35
N GLY A 94 -6.16 -2.03 0.11
CA GLY A 94 -6.01 -2.93 -1.02
C GLY A 94 -5.21 -2.27 -2.14
N TRP A 95 -4.46 -3.09 -2.85
CA TRP A 95 -3.65 -2.59 -3.95
C TRP A 95 -3.92 -3.48 -5.18
N ARG A 96 -4.14 -2.82 -6.31
CA ARG A 96 -4.42 -3.53 -7.55
C ARG A 96 -3.69 -2.86 -8.72
N PHE A 97 -3.39 -3.66 -9.73
CA PHE A 97 -2.71 -3.16 -10.90
C PHE A 97 -3.04 -4.00 -12.13
N MET A 98 -3.28 -3.32 -13.24
CA MET A 98 -3.60 -4.00 -14.48
C MET A 98 -2.98 -3.27 -15.68
N PRO A 99 -2.82 -4.03 -16.79
CA PRO A 99 -2.25 -3.48 -18.01
C PRO A 99 -3.24 -2.57 -18.72
N GLU A 100 -2.71 -1.55 -19.38
CA GLU A 100 -3.53 -0.61 -20.11
C GLU A 100 -2.71 0.09 -21.20
N GLY A 101 -2.67 -0.54 -22.36
CA GLY A 101 -1.94 0.02 -23.49
C GLY A 101 -0.45 -0.33 -23.37
N ASP A 102 0.37 0.69 -23.57
CA ASP A 102 1.81 0.51 -23.50
C ASP A 102 2.27 0.65 -22.05
N ALA A 103 1.43 1.30 -21.25
CA ALA A 103 1.73 1.50 -19.85
C ALA A 103 0.73 0.72 -18.99
N THR A 104 1.05 0.61 -17.72
CA THR A 104 0.19 -0.10 -16.79
C THR A 104 -0.47 0.87 -15.80
N ARG A 105 -1.67 0.52 -15.38
CA ARG A 105 -2.41 1.34 -14.44
C ARG A 105 -2.54 0.62 -13.10
N VAL A 106 -2.21 1.35 -12.04
CA VAL A 106 -2.29 0.80 -10.70
C VAL A 106 -3.22 1.66 -9.85
N GLU A 107 -4.01 1.00 -9.03
CA GLU A 107 -4.95 1.70 -8.16
C GLU A 107 -4.74 1.27 -6.70
N PHE A 108 -4.74 2.26 -5.83
CA PHE A 108 -4.56 2.00 -4.40
C PHE A 108 -5.74 2.56 -3.60
N VAL A 109 -6.42 1.65 -2.92
CA VAL A 109 -7.56 2.03 -2.10
C VAL A 109 -7.13 2.11 -0.63
N ILE A 110 -7.35 3.27 -0.04
CA ILE A 110 -6.99 3.49 1.35
C ILE A 110 -8.27 3.67 2.18
N GLU A 111 -8.39 2.85 3.20
CA GLU A 111 -9.55 2.91 4.08
C GLU A 111 -9.12 2.78 5.54
N PHE A 112 -9.48 3.78 6.33
CA PHE A 112 -9.15 3.80 7.74
C PHE A 112 -10.16 4.62 8.54
N ALA A 113 -10.23 4.32 9.83
CA ALA A 113 -11.14 5.02 10.71
C ALA A 113 -10.34 5.80 11.76
N PHE A 114 -10.66 7.08 11.87
CA PHE A 114 -9.98 7.94 12.82
C PHE A 114 -10.89 8.28 14.00
N LYS A 115 -10.31 8.97 14.98
CA LYS A 115 -11.06 9.35 16.16
C LYS A 115 -11.52 10.80 16.02
N SER A 116 -10.56 11.68 15.74
CA SER A 116 -10.86 13.09 15.58
C SER A 116 -11.42 13.34 14.18
N ALA A 117 -12.60 13.95 14.15
CA ALA A 117 -13.26 14.25 12.89
C ALA A 117 -12.42 15.26 12.11
N LEU A 118 -11.77 16.14 12.87
CA LEU A 118 -10.93 17.16 12.27
C LEU A 118 -9.71 16.50 11.61
N LEU A 119 -9.05 15.67 12.40
CA LEU A 119 -7.87 14.96 11.92
C LEU A 119 -8.28 13.98 10.83
N ASP A 120 -9.53 13.58 10.88
CA ASP A 120 -10.06 12.64 9.90
C ASP A 120 -9.90 13.23 8.51
N ALA A 121 -10.36 14.47 8.36
CA ALA A 121 -10.29 15.15 7.08
C ALA A 121 -8.85 15.63 6.85
N MET A 122 -8.22 16.05 7.95
CA MET A 122 -6.86 16.53 7.87
C MET A 122 -5.92 15.45 7.35
N LEU A 123 -6.09 14.24 7.87
CA LEU A 123 -5.27 13.12 7.47
C LEU A 123 -5.70 12.66 6.08
N ALA A 124 -7.00 12.37 5.96
CA ALA A 124 -7.54 11.91 4.69
C ALA A 124 -7.26 12.96 3.61
N ALA A 125 -6.93 14.16 4.06
CA ALA A 125 -6.63 15.24 3.15
C ALA A 125 -5.19 15.09 2.63
N ASN A 126 -4.27 14.99 3.58
CA ASN A 126 -2.86 14.84 3.25
C ASN A 126 -2.64 13.45 2.64
N VAL A 127 -3.67 12.61 2.75
CA VAL A 127 -3.58 11.26 2.22
C VAL A 127 -3.17 11.32 0.74
N ASP A 128 -3.67 12.34 0.07
CA ASP A 128 -3.35 12.52 -1.34
C ASP A 128 -1.85 12.76 -1.51
N ARG A 129 -1.35 13.70 -0.71
CA ARG A 129 0.06 14.03 -0.75
C ARG A 129 0.91 12.79 -0.50
N ALA A 130 0.54 12.05 0.54
CA ALA A 130 1.25 10.84 0.89
C ALA A 130 1.29 9.90 -0.32
N ALA A 131 0.15 9.77 -0.97
CA ALA A 131 0.04 8.92 -2.14
C ALA A 131 0.86 9.52 -3.28
N GLY A 132 1.03 10.83 -3.23
CA GLY A 132 1.79 11.53 -4.25
C GLY A 132 3.28 11.21 -4.14
N LYS A 133 3.73 11.07 -2.91
CA LYS A 133 5.13 10.76 -2.64
C LYS A 133 5.39 9.28 -2.96
N LEU A 134 4.48 8.45 -2.48
CA LEU A 134 4.60 7.01 -2.70
C LEU A 134 4.63 6.74 -4.21
N ILE A 135 3.75 7.43 -4.92
CA ILE A 135 3.67 7.28 -6.37
C ILE A 135 4.99 7.73 -7.00
N ALA A 136 5.34 8.98 -6.73
CA ALA A 136 6.57 9.54 -7.27
C ALA A 136 7.75 8.64 -6.88
N CYS A 137 7.61 8.02 -5.72
CA CYS A 137 8.66 7.14 -5.21
C CYS A 137 8.81 5.96 -6.19
N PHE A 138 7.67 5.34 -6.49
CA PHE A 138 7.66 4.21 -7.41
C PHE A 138 8.17 4.62 -8.80
N GLU A 139 7.71 5.79 -9.23
CA GLU A 139 8.10 6.30 -10.53
C GLU A 139 9.62 6.54 -10.57
N ALA A 140 10.12 7.16 -9.51
CA ALA A 140 11.53 7.46 -9.42
C ALA A 140 12.33 6.15 -9.43
N ARG A 141 11.88 5.22 -8.60
CA ARG A 141 12.54 3.92 -8.53
C ARG A 141 12.50 3.22 -9.88
N ALA A 142 11.39 3.42 -10.58
CA ALA A 142 11.21 2.81 -11.88
C ALA A 142 12.27 3.36 -12.84
N GLN A 143 12.47 4.68 -12.78
CA GLN A 143 13.45 5.32 -13.64
C GLN A 143 14.86 5.00 -13.17
N GLN A 144 15.00 4.83 -11.86
CA GLN A 144 16.29 4.51 -11.28
C GLN A 144 16.71 3.09 -11.66
N LEU A 145 15.72 2.25 -11.85
CA LEU A 145 15.97 0.86 -12.21
C LEU A 145 16.25 0.78 -13.72
N HIS A 146 15.31 1.30 -14.49
CA HIS A 146 15.44 1.29 -15.94
C HIS A 146 16.61 2.19 -16.36
N GLY A 147 16.76 3.28 -15.62
CA GLY A 147 17.82 4.23 -15.90
C GLY A 147 18.05 4.38 -17.41
N ALA A 148 16.94 4.46 -18.13
CA ALA A 148 17.00 4.62 -19.57
C ALA A 148 17.71 3.41 -20.18
N MET A 1 -15.49 3.75 6.69
CA MET A 1 -15.06 5.08 7.07
C MET A 1 -14.42 5.81 5.89
N HIS A 2 -13.77 6.93 6.20
CA HIS A 2 -13.11 7.72 5.18
C HIS A 2 -12.32 6.80 4.25
N ARG A 3 -12.70 6.83 2.98
CA ARG A 3 -12.03 6.00 1.99
C ARG A 3 -11.48 6.88 0.86
N HIS A 4 -10.17 6.82 0.70
CA HIS A 4 -9.50 7.59 -0.33
C HIS A 4 -8.95 6.66 -1.41
N VAL A 5 -9.24 7.01 -2.65
CA VAL A 5 -8.79 6.21 -3.78
C VAL A 5 -7.66 6.96 -4.51
N VAL A 6 -6.76 6.18 -5.09
CA VAL A 6 -5.64 6.75 -5.81
C VAL A 6 -5.38 5.92 -7.07
N THR A 7 -5.53 6.58 -8.22
CA THR A 7 -5.31 5.91 -9.49
C THR A 7 -4.23 6.63 -10.30
N LYS A 8 -3.26 5.85 -10.75
CA LYS A 8 -2.17 6.41 -11.53
C LYS A 8 -1.87 5.48 -12.72
N VAL A 9 -1.00 5.97 -13.60
CA VAL A 9 -0.63 5.20 -14.77
C VAL A 9 0.88 5.27 -14.95
N LEU A 10 1.50 4.09 -15.03
CA LEU A 10 2.94 4.00 -15.19
C LEU A 10 3.25 3.04 -16.35
N PRO A 11 3.85 3.62 -17.42
CA PRO A 11 4.20 2.82 -18.60
C PRO A 11 5.44 1.96 -18.32
N TYR A 12 5.26 0.99 -17.43
CA TYR A 12 6.35 0.09 -17.08
C TYR A 12 5.90 -1.37 -17.16
N THR A 13 6.80 -2.26 -16.77
CA THR A 13 6.52 -3.68 -16.79
C THR A 13 5.73 -4.08 -15.54
N PRO A 14 5.06 -5.26 -15.65
CA PRO A 14 4.27 -5.77 -14.54
C PRO A 14 5.18 -6.34 -13.43
N ASP A 15 6.46 -6.38 -13.74
CA ASP A 15 7.44 -6.89 -12.79
C ASP A 15 7.64 -5.86 -11.67
N GLN A 16 7.83 -4.62 -12.08
CA GLN A 16 8.03 -3.54 -11.12
C GLN A 16 6.91 -3.52 -10.09
N LEU A 17 5.72 -3.89 -10.55
CA LEU A 17 4.56 -3.93 -9.67
C LEU A 17 4.78 -4.98 -8.59
N PHE A 18 5.38 -6.09 -8.99
CA PHE A 18 5.66 -7.17 -8.07
C PHE A 18 6.29 -6.65 -6.78
N GLU A 19 7.12 -5.63 -6.94
CA GLU A 19 7.80 -5.02 -5.80
C GLU A 19 6.84 -4.10 -5.04
N LEU A 20 5.92 -3.52 -5.78
CA LEU A 20 4.94 -2.61 -5.20
C LEU A 20 3.96 -3.41 -4.34
N VAL A 21 3.50 -4.51 -4.91
CA VAL A 21 2.55 -5.37 -4.20
C VAL A 21 3.22 -5.92 -2.95
N GLY A 22 4.53 -6.08 -3.02
CA GLY A 22 5.29 -6.60 -1.89
C GLY A 22 6.11 -5.48 -1.23
N ASP A 23 5.61 -4.26 -1.37
CA ASP A 23 6.28 -3.11 -0.80
C ASP A 23 6.25 -3.21 0.72
N VAL A 24 5.46 -4.16 1.21
CA VAL A 24 5.33 -4.37 2.64
C VAL A 24 6.51 -5.22 3.14
N ASP A 25 7.16 -5.87 2.19
CA ASP A 25 8.30 -6.71 2.52
C ASP A 25 9.40 -6.49 1.48
N ALA A 26 9.23 -5.45 0.68
CA ALA A 26 10.20 -5.12 -0.34
C ALA A 26 10.79 -3.74 -0.07
N TYR A 27 10.15 -2.73 -0.65
CA TYR A 27 10.60 -1.36 -0.48
C TYR A 27 12.13 -1.29 -0.45
N PRO A 28 12.72 -1.13 -1.66
CA PRO A 28 14.17 -1.04 -1.77
C PRO A 28 14.67 0.33 -1.31
N LYS A 29 14.62 1.28 -2.23
CA LYS A 29 15.07 2.63 -1.93
C LYS A 29 14.61 3.02 -0.52
N PHE A 30 13.37 3.46 -0.44
CA PHE A 30 12.80 3.86 0.84
C PHE A 30 11.31 4.15 0.71
N VAL A 31 10.68 4.37 1.85
CA VAL A 31 9.26 4.67 1.89
C VAL A 31 8.96 5.68 3.00
N PRO A 32 8.91 6.97 2.60
CA PRO A 32 8.64 8.04 3.56
C PRO A 32 7.17 8.05 3.95
N TRP A 33 6.32 7.78 2.96
CA TRP A 33 4.88 7.76 3.20
C TRP A 33 4.60 6.79 4.34
N ILE A 34 5.56 5.91 4.58
CA ILE A 34 5.43 4.92 5.65
C ILE A 34 6.69 4.93 6.51
N THR A 35 6.71 4.03 7.48
CA THR A 35 7.84 3.93 8.38
C THR A 35 8.32 2.48 8.48
N GLY A 36 7.75 1.77 9.45
CA GLY A 36 8.09 0.38 9.67
C GLY A 36 7.05 -0.55 9.05
N MET A 37 7.49 -1.76 8.74
CA MET A 37 6.59 -2.74 8.15
C MET A 37 7.18 -4.16 8.28
N ARG A 38 6.28 -5.12 8.37
CA ARG A 38 6.69 -6.51 8.50
C ARG A 38 5.53 -7.44 8.10
N THR A 39 5.88 -8.44 7.31
CA THR A 39 4.89 -9.41 6.85
C THR A 39 5.38 -10.84 7.08
N TRP A 40 4.59 -11.60 7.81
CA TRP A 40 4.94 -12.98 8.10
C TRP A 40 3.84 -13.56 9.00
N ASN A 41 4.01 -14.82 9.35
CA ASN A 41 3.06 -15.51 10.20
C ASN A 41 1.70 -15.56 9.50
N GLY A 42 1.43 -16.71 8.89
CA GLY A 42 0.18 -16.90 8.18
C GLY A 42 0.17 -18.24 7.42
N ARG A 43 -0.45 -18.21 6.25
CA ARG A 43 -0.53 -19.40 5.43
C ARG A 43 -0.36 -19.04 3.96
N VAL A 44 -0.10 -20.07 3.15
CA VAL A 44 0.08 -19.87 1.72
C VAL A 44 -0.72 -20.92 0.96
N ASP A 45 -1.55 -20.44 0.04
CA ASP A 45 -2.37 -21.32 -0.76
C ASP A 45 -2.28 -20.91 -2.23
N GLY A 46 -2.06 -21.90 -3.08
CA GLY A 46 -1.95 -21.66 -4.51
C GLY A 46 -1.03 -20.47 -4.78
N ALA A 47 -1.52 -19.57 -5.64
CA ALA A 47 -0.76 -18.39 -5.99
C ALA A 47 -1.19 -17.21 -5.11
N VAL A 48 -1.54 -17.54 -3.87
CA VAL A 48 -1.97 -16.54 -2.92
C VAL A 48 -1.30 -16.81 -1.57
N SER A 49 -1.13 -15.73 -0.82
CA SER A 49 -0.50 -15.82 0.50
C SER A 49 -1.17 -14.85 1.46
N THR A 50 -1.32 -15.30 2.70
CA THR A 50 -1.94 -14.48 3.73
C THR A 50 -1.13 -14.55 5.02
N VAL A 51 -0.75 -13.38 5.51
CA VAL A 51 0.03 -13.31 6.75
C VAL A 51 -0.25 -11.97 7.43
N ASP A 52 0.26 -11.85 8.64
CA ASP A 52 0.07 -10.63 9.42
C ASP A 52 1.00 -9.54 8.88
N ALA A 53 0.46 -8.34 8.79
CA ALA A 53 1.22 -7.20 8.28
C ALA A 53 1.20 -6.09 9.33
N GLU A 54 2.35 -5.89 9.96
CA GLU A 54 2.49 -4.85 10.97
C GLU A 54 3.16 -3.61 10.38
N ALA A 55 2.34 -2.63 10.06
CA ALA A 55 2.83 -1.39 9.49
C ALA A 55 2.79 -0.29 10.55
N GLN A 56 3.61 0.72 10.34
CA GLN A 56 3.67 1.84 11.27
C GLN A 56 3.45 3.16 10.53
N VAL A 57 3.50 4.24 11.29
CA VAL A 57 3.31 5.57 10.72
C VAL A 57 4.38 6.51 11.25
N GLY A 58 5.11 7.12 10.32
CA GLY A 58 6.17 8.05 10.68
C GLY A 58 6.15 9.29 9.78
N PHE A 59 5.20 10.17 10.04
CA PHE A 59 5.06 11.38 9.26
C PHE A 59 3.67 12.00 9.44
N SER A 60 2.73 11.16 9.80
CA SER A 60 1.36 11.59 10.01
C SER A 60 1.24 12.28 11.37
N PHE A 61 2.38 12.48 12.01
CA PHE A 61 2.41 13.11 13.32
C PHE A 61 1.67 12.25 14.36
N LEU A 62 1.33 11.04 13.95
CA LEU A 62 0.63 10.11 14.82
C LEU A 62 1.44 8.82 14.94
N ARG A 63 2.27 8.77 15.98
CA ARG A 63 3.10 7.61 16.21
C ARG A 63 2.25 6.47 16.78
N GLU A 64 1.75 5.62 15.88
CA GLU A 64 0.93 4.50 16.28
C GLU A 64 1.20 3.30 15.36
N LYS A 65 1.36 2.14 15.98
CA LYS A 65 1.61 0.92 15.23
C LYS A 65 0.30 0.14 15.08
N PHE A 66 0.18 -0.52 13.94
CA PHE A 66 -1.01 -1.32 13.66
C PHE A 66 -0.66 -2.61 12.93
N ALA A 67 -1.52 -3.60 13.08
CA ALA A 67 -1.31 -4.89 12.45
C ALA A 67 -2.59 -5.31 11.72
N THR A 68 -2.41 -5.91 10.56
CA THR A 68 -3.53 -6.38 9.77
C THR A 68 -3.16 -7.63 8.98
N ARG A 69 -4.16 -8.23 8.37
CA ARG A 69 -3.95 -9.43 7.58
C ARG A 69 -3.76 -9.08 6.11
N VAL A 70 -2.53 -9.23 5.65
CA VAL A 70 -2.20 -8.93 4.26
C VAL A 70 -2.36 -10.20 3.42
N ARG A 71 -2.96 -10.01 2.26
CA ARG A 71 -3.18 -11.13 1.34
C ARG A 71 -2.63 -10.80 -0.04
N ARG A 72 -1.58 -11.52 -0.42
CA ARG A 72 -0.96 -11.32 -1.71
C ARG A 72 -1.37 -12.43 -2.68
N ASP A 73 -1.38 -12.07 -3.96
CA ASP A 73 -1.75 -13.02 -5.00
C ASP A 73 -0.90 -12.77 -6.24
N LYS A 74 -0.22 -13.82 -6.68
CA LYS A 74 0.63 -13.72 -7.85
C LYS A 74 -0.16 -14.16 -9.09
N ASP A 75 -1.37 -14.63 -8.83
CA ASP A 75 -2.23 -15.08 -9.91
C ASP A 75 -3.19 -13.95 -10.30
N ALA A 76 -3.41 -13.05 -9.35
CA ALA A 76 -4.30 -11.93 -9.58
C ALA A 76 -3.47 -10.63 -9.64
N ARG A 77 -2.30 -10.69 -9.02
CA ARG A 77 -1.42 -9.54 -8.99
C ARG A 77 -2.05 -8.39 -8.18
N SER A 78 -2.76 -8.78 -7.13
CA SER A 78 -3.41 -7.81 -6.27
C SER A 78 -3.09 -8.09 -4.81
N ILE A 79 -3.34 -7.10 -3.97
CA ILE A 79 -3.07 -7.22 -2.55
C ILE A 79 -4.30 -6.78 -1.76
N ASP A 80 -4.45 -7.36 -0.58
CA ASP A 80 -5.58 -7.03 0.28
C ASP A 80 -5.12 -7.03 1.73
N VAL A 81 -5.60 -6.03 2.48
CA VAL A 81 -5.25 -5.92 3.88
C VAL A 81 -6.51 -5.62 4.69
N SER A 82 -6.75 -6.48 5.68
CA SER A 82 -7.92 -6.32 6.53
C SER A 82 -7.48 -6.16 7.98
N LEU A 83 -8.30 -5.43 8.74
CA LEU A 83 -8.01 -5.19 10.14
C LEU A 83 -7.96 -6.53 10.88
N LEU A 84 -6.91 -6.68 11.68
CA LEU A 84 -6.72 -7.91 12.44
C LEU A 84 -6.61 -7.56 13.93
N TYR A 85 -5.64 -6.70 14.22
CA TYR A 85 -5.42 -6.28 15.60
C TYR A 85 -5.40 -4.75 15.71
N GLY A 86 -5.49 -4.11 14.56
CA GLY A 86 -5.49 -2.66 14.51
C GLY A 86 -6.66 -2.08 15.30
N PRO A 87 -7.23 -0.97 14.77
CA PRO A 87 -8.36 -0.32 15.42
C PRO A 87 -9.65 -1.12 15.22
N PHE A 88 -10.21 -1.55 16.34
CA PHE A 88 -11.44 -2.33 16.30
C PHE A 88 -12.64 -1.42 16.05
N LYS A 89 -12.59 -0.70 14.94
CA LYS A 89 -13.65 0.20 14.56
C LYS A 89 -13.86 0.16 13.05
N ARG A 90 -12.75 0.24 12.33
CA ARG A 90 -12.79 0.21 10.88
C ARG A 90 -11.42 0.60 10.31
N LEU A 91 -10.87 -0.30 9.51
CA LEU A 91 -9.58 -0.07 8.89
C LEU A 91 -9.29 -1.18 7.89
N ASN A 92 -9.33 -0.82 6.62
CA ASN A 92 -9.08 -1.78 5.55
C ASN A 92 -8.27 -1.11 4.44
N ASN A 93 -7.68 -1.94 3.61
CA ASN A 93 -6.87 -1.44 2.50
C ASN A 93 -6.86 -2.46 1.37
N GLY A 94 -6.53 -1.98 0.18
CA GLY A 94 -6.49 -2.85 -0.99
C GLY A 94 -5.62 -2.24 -2.09
N TRP A 95 -4.84 -3.10 -2.73
CA TRP A 95 -3.97 -2.67 -3.80
C TRP A 95 -4.42 -3.34 -5.10
N ARG A 96 -4.27 -2.62 -6.19
CA ARG A 96 -4.66 -3.14 -7.50
C ARG A 96 -3.66 -2.69 -8.57
N PHE A 97 -3.46 -3.55 -9.55
CA PHE A 97 -2.54 -3.26 -10.63
C PHE A 97 -2.97 -3.97 -11.92
N MET A 98 -3.58 -3.21 -12.81
CA MET A 98 -4.04 -3.75 -14.07
C MET A 98 -3.52 -2.93 -15.25
N PRO A 99 -3.15 -3.65 -16.34
CA PRO A 99 -2.63 -2.98 -17.53
C PRO A 99 -3.76 -2.31 -18.31
N GLU A 100 -3.37 -1.36 -19.14
CA GLU A 100 -4.33 -0.63 -19.96
C GLU A 100 -3.69 -0.19 -21.27
N GLY A 101 -3.18 -1.17 -22.01
CA GLY A 101 -2.54 -0.88 -23.29
C GLY A 101 -1.03 -1.09 -23.20
N ASP A 102 -0.30 -0.04 -23.56
CA ASP A 102 1.15 -0.10 -23.51
C ASP A 102 1.63 0.27 -22.11
N ALA A 103 0.76 0.96 -21.38
CA ALA A 103 1.09 1.37 -20.03
C ALA A 103 0.26 0.56 -19.03
N THR A 104 0.64 0.66 -17.77
CA THR A 104 -0.06 -0.06 -16.72
C THR A 104 -0.72 0.93 -15.76
N ARG A 105 -1.86 0.51 -15.21
CA ARG A 105 -2.60 1.33 -14.27
C ARG A 105 -2.58 0.70 -12.89
N VAL A 106 -2.36 1.55 -11.89
CA VAL A 106 -2.31 1.08 -10.51
C VAL A 106 -3.36 1.84 -9.70
N GLU A 107 -4.08 1.10 -8.86
CA GLU A 107 -5.11 1.69 -8.03
C GLU A 107 -4.88 1.31 -6.56
N PHE A 108 -4.90 2.32 -5.71
CA PHE A 108 -4.70 2.10 -4.29
C PHE A 108 -5.85 2.71 -3.48
N VAL A 109 -6.53 1.84 -2.75
CA VAL A 109 -7.65 2.27 -1.92
C VAL A 109 -7.31 2.05 -0.45
N ILE A 110 -7.44 3.13 0.31
CA ILE A 110 -7.15 3.08 1.74
C ILE A 110 -8.41 3.40 2.53
N GLU A 111 -8.63 2.63 3.58
CA GLU A 111 -9.79 2.82 4.43
C GLU A 111 -9.40 2.74 5.90
N PHE A 112 -9.68 3.82 6.62
CA PHE A 112 -9.37 3.88 8.04
C PHE A 112 -10.38 4.72 8.80
N ALA A 113 -10.50 4.44 10.08
CA ALA A 113 -11.44 5.17 10.93
C ALA A 113 -10.65 6.08 11.88
N PHE A 114 -10.96 7.36 11.80
CA PHE A 114 -10.30 8.34 12.65
C PHE A 114 -11.20 8.75 13.82
N LYS A 115 -10.62 9.54 14.72
CA LYS A 115 -11.35 10.02 15.88
C LYS A 115 -11.95 11.39 15.59
N SER A 116 -11.08 12.30 15.17
CA SER A 116 -11.50 13.65 14.85
C SER A 116 -12.01 13.72 13.40
N ALA A 117 -13.26 14.11 13.27
CA ALA A 117 -13.87 14.22 11.95
C ALA A 117 -13.09 15.24 11.12
N LEU A 118 -12.56 16.24 11.80
CA LEU A 118 -11.79 17.28 11.14
C LEU A 118 -10.48 16.69 10.62
N LEU A 119 -9.76 16.04 11.52
CA LEU A 119 -8.49 15.43 11.17
C LEU A 119 -8.73 14.33 10.13
N ASP A 120 -9.94 13.77 10.17
CA ASP A 120 -10.30 12.72 9.25
C ASP A 120 -10.11 13.22 7.81
N ALA A 121 -10.70 14.37 7.54
CA ALA A 121 -10.59 14.97 6.21
C ALA A 121 -9.22 15.60 6.05
N MET A 122 -8.74 16.18 7.14
CA MET A 122 -7.44 16.83 7.13
C MET A 122 -6.33 15.84 6.76
N LEU A 123 -6.35 14.70 7.43
CA LEU A 123 -5.36 13.67 7.19
C LEU A 123 -5.68 12.97 5.86
N ALA A 124 -6.93 12.60 5.70
CA ALA A 124 -7.37 11.93 4.50
C ALA A 124 -7.18 12.86 3.30
N ALA A 125 -6.95 14.13 3.61
CA ALA A 125 -6.74 15.12 2.57
C ALA A 125 -5.29 15.04 2.07
N ASN A 126 -4.37 15.13 3.01
CA ASN A 126 -2.95 15.06 2.67
C ASN A 126 -2.62 13.64 2.20
N VAL A 127 -3.48 12.71 2.57
CA VAL A 127 -3.28 11.31 2.19
C VAL A 127 -2.97 11.24 0.70
N ASP A 128 -3.72 12.02 -0.07
CA ASP A 128 -3.54 12.05 -1.51
C ASP A 128 -2.12 12.48 -1.83
N ARG A 129 -1.68 13.52 -1.13
CA ARG A 129 -0.34 14.05 -1.33
C ARG A 129 0.71 12.97 -1.03
N ALA A 130 0.61 12.41 0.17
CA ALA A 130 1.54 11.37 0.59
C ALA A 130 1.52 10.24 -0.43
N ALA A 131 0.35 10.03 -1.01
CA ALA A 131 0.18 8.97 -2.01
C ALA A 131 1.00 9.32 -3.25
N GLY A 132 0.84 10.57 -3.70
CA GLY A 132 1.56 11.04 -4.87
C GLY A 132 3.07 10.82 -4.72
N LYS A 133 3.57 11.20 -3.55
CA LYS A 133 4.99 11.05 -3.27
C LYS A 133 5.37 9.57 -3.35
N LEU A 134 4.51 8.75 -2.76
CA LEU A 134 4.73 7.31 -2.76
C LEU A 134 4.87 6.80 -4.19
N ILE A 135 4.01 7.34 -5.05
CA ILE A 135 4.02 6.96 -6.46
C ILE A 135 5.35 7.36 -7.09
N ALA A 136 5.79 8.57 -6.72
CA ALA A 136 7.06 9.08 -7.25
C ALA A 136 8.20 8.18 -6.77
N CYS A 137 8.04 7.66 -5.56
CA CYS A 137 9.05 6.78 -4.99
C CYS A 137 9.16 5.53 -5.86
N PHE A 138 8.01 4.91 -6.10
CA PHE A 138 7.96 3.72 -6.91
C PHE A 138 8.44 3.99 -8.34
N GLU A 139 8.00 5.13 -8.87
CA GLU A 139 8.37 5.52 -10.21
C GLU A 139 9.89 5.69 -10.32
N ALA A 140 10.44 6.42 -9.36
CA ALA A 140 11.87 6.66 -9.34
C ALA A 140 12.61 5.32 -9.30
N ARG A 141 12.08 4.42 -8.48
CA ARG A 141 12.69 3.11 -8.34
C ARG A 141 12.60 2.34 -9.66
N ALA A 142 11.51 2.57 -10.37
CA ALA A 142 11.29 1.92 -11.65
C ALA A 142 12.36 2.39 -12.65
N GLN A 143 12.59 3.69 -12.64
CA GLN A 143 13.58 4.28 -13.54
C GLN A 143 14.99 3.93 -13.06
N GLN A 144 15.14 3.81 -11.75
CA GLN A 144 16.42 3.49 -11.16
C GLN A 144 16.81 2.04 -11.49
N LEU A 145 15.78 1.20 -11.60
CA LEU A 145 16.00 -0.20 -11.91
C LEU A 145 16.25 -0.35 -13.42
N HIS A 146 15.29 0.15 -14.19
CA HIS A 146 15.39 0.07 -15.64
C HIS A 146 16.58 0.90 -16.12
N GLY A 147 16.88 1.94 -15.35
CA GLY A 147 17.99 2.82 -15.69
C GLY A 147 19.27 2.02 -15.89
N ALA A 148 19.65 1.28 -14.85
CA ALA A 148 20.85 0.48 -14.90
C ALA A 148 20.97 -0.34 -13.62
N MET A 1 -16.19 3.99 6.33
CA MET A 1 -15.30 5.07 6.73
C MET A 1 -14.85 5.89 5.51
N HIS A 2 -13.88 6.76 5.75
CA HIS A 2 -13.36 7.60 4.69
C HIS A 2 -12.49 6.76 3.74
N ARG A 3 -12.91 6.70 2.50
CA ARG A 3 -12.19 5.94 1.49
C ARG A 3 -11.56 6.88 0.46
N HIS A 4 -10.25 6.79 0.34
CA HIS A 4 -9.52 7.63 -0.60
C HIS A 4 -9.08 6.78 -1.79
N VAL A 5 -9.32 7.31 -2.98
CA VAL A 5 -8.94 6.62 -4.20
C VAL A 5 -7.66 7.23 -4.76
N VAL A 6 -6.83 6.38 -5.33
CA VAL A 6 -5.58 6.82 -5.91
C VAL A 6 -5.31 6.05 -7.21
N THR A 7 -5.37 6.78 -8.30
CA THR A 7 -5.14 6.18 -9.61
C THR A 7 -3.88 6.77 -10.25
N LYS A 8 -3.01 5.88 -10.70
CA LYS A 8 -1.77 6.29 -11.33
C LYS A 8 -1.55 5.46 -12.59
N VAL A 9 -0.66 5.96 -13.45
CA VAL A 9 -0.35 5.28 -14.69
C VAL A 9 1.16 5.28 -14.90
N LEU A 10 1.69 4.10 -15.19
CA LEU A 10 3.12 3.96 -15.41
C LEU A 10 3.35 3.06 -16.63
N PRO A 11 4.04 3.65 -17.65
CA PRO A 11 4.33 2.92 -18.87
C PRO A 11 5.45 1.90 -18.64
N TYR A 12 5.17 0.93 -17.79
CA TYR A 12 6.14 -0.11 -17.48
C TYR A 12 5.47 -1.48 -17.38
N THR A 13 6.30 -2.50 -17.28
CA THR A 13 5.80 -3.86 -17.17
C THR A 13 5.19 -4.10 -15.79
N PRO A 14 4.35 -5.17 -15.72
CA PRO A 14 3.69 -5.52 -14.46
C PRO A 14 4.67 -6.18 -13.49
N ASP A 15 5.91 -6.31 -13.95
CA ASP A 15 6.95 -6.91 -13.13
C ASP A 15 7.27 -5.99 -11.96
N GLN A 16 7.41 -4.71 -12.27
CA GLN A 16 7.72 -3.72 -11.25
C GLN A 16 6.71 -3.81 -10.10
N LEU A 17 5.48 -4.15 -10.46
CA LEU A 17 4.42 -4.28 -9.48
C LEU A 17 4.76 -5.40 -8.49
N PHE A 18 5.34 -6.47 -9.04
CA PHE A 18 5.73 -7.61 -8.23
C PHE A 18 6.46 -7.16 -6.97
N GLU A 19 7.33 -6.17 -7.15
CA GLU A 19 8.10 -5.64 -6.04
C GLU A 19 7.22 -4.74 -5.16
N LEU A 20 6.20 -4.17 -5.79
CA LEU A 20 5.29 -3.29 -5.09
C LEU A 20 4.36 -4.12 -4.20
N VAL A 21 3.90 -5.23 -4.76
CA VAL A 21 3.01 -6.12 -4.05
C VAL A 21 3.69 -6.57 -2.74
N GLY A 22 5.01 -6.63 -2.79
CA GLY A 22 5.78 -7.05 -1.64
C GLY A 22 6.60 -5.88 -1.08
N ASP A 23 6.10 -4.68 -1.33
CA ASP A 23 6.77 -3.48 -0.86
C ASP A 23 6.67 -3.40 0.67
N VAL A 24 5.88 -4.31 1.21
CA VAL A 24 5.68 -4.35 2.66
C VAL A 24 6.85 -5.08 3.31
N ASP A 25 7.53 -5.89 2.50
CA ASP A 25 8.68 -6.64 2.98
C ASP A 25 9.91 -6.29 2.15
N ALA A 26 9.69 -6.14 0.85
CA ALA A 26 10.77 -5.81 -0.05
C ALA A 26 11.17 -4.35 0.16
N TYR A 27 10.64 -3.49 -0.71
CA TYR A 27 10.93 -2.07 -0.64
C TYR A 27 12.44 -1.83 -0.48
N PRO A 28 12.84 -0.54 -0.72
CA PRO A 28 14.24 -0.17 -0.62
C PRO A 28 14.66 -0.06 0.85
N LYS A 29 14.54 1.14 1.38
CA LYS A 29 14.91 1.40 2.75
C LYS A 29 14.67 2.88 3.08
N PHE A 30 13.56 3.40 2.58
CA PHE A 30 13.20 4.78 2.80
C PHE A 30 11.72 4.92 3.19
N VAL A 31 10.86 4.73 2.20
CA VAL A 31 9.44 4.83 2.42
C VAL A 31 9.16 5.90 3.47
N PRO A 32 9.11 7.17 3.01
CA PRO A 32 8.86 8.29 3.89
C PRO A 32 7.38 8.35 4.30
N TRP A 33 6.53 8.07 3.32
CA TRP A 33 5.09 8.08 3.56
C TRP A 33 4.79 7.12 4.71
N ILE A 34 5.73 6.21 4.94
CA ILE A 34 5.58 5.24 6.01
C ILE A 34 6.83 5.26 6.89
N THR A 35 6.88 4.30 7.81
CA THR A 35 8.01 4.19 8.72
C THR A 35 8.44 2.73 8.86
N GLY A 36 7.86 2.07 9.85
CA GLY A 36 8.17 0.68 10.11
C GLY A 36 7.15 -0.25 9.43
N MET A 37 7.60 -1.46 9.16
CA MET A 37 6.74 -2.44 8.51
C MET A 37 7.28 -3.86 8.71
N ARG A 38 6.37 -4.82 8.70
CA ARG A 38 6.75 -6.21 8.87
C ARG A 38 5.62 -7.13 8.40
N THR A 39 6.00 -8.12 7.60
CA THR A 39 5.03 -9.06 7.07
C THR A 39 5.53 -10.49 7.28
N TRP A 40 4.73 -11.27 8.00
CA TRP A 40 5.07 -12.65 8.28
C TRP A 40 3.98 -13.23 9.18
N ASN A 41 4.15 -14.50 9.52
CA ASN A 41 3.20 -15.19 10.38
C ASN A 41 1.85 -15.25 9.67
N GLY A 42 1.57 -16.40 9.08
CA GLY A 42 0.33 -16.61 8.37
C GLY A 42 0.29 -17.97 7.68
N ARG A 43 -0.30 -17.99 6.50
CA ARG A 43 -0.41 -19.23 5.75
C ARG A 43 -0.27 -18.95 4.24
N VAL A 44 0.22 -19.95 3.53
CA VAL A 44 0.41 -19.83 2.09
C VAL A 44 -0.43 -20.88 1.38
N ASP A 45 -1.24 -20.39 0.44
CA ASP A 45 -2.10 -21.27 -0.32
C ASP A 45 -2.00 -20.94 -1.81
N GLY A 46 -1.80 -21.98 -2.61
CA GLY A 46 -1.67 -21.80 -4.05
C GLY A 46 -0.76 -20.62 -4.37
N ALA A 47 -1.25 -19.76 -5.25
CA ALA A 47 -0.49 -18.58 -5.66
C ALA A 47 -0.94 -17.38 -4.82
N VAL A 48 -1.23 -17.65 -3.56
CA VAL A 48 -1.68 -16.60 -2.66
C VAL A 48 -0.96 -16.76 -1.30
N SER A 49 -0.75 -15.63 -0.65
CA SER A 49 -0.08 -15.63 0.64
C SER A 49 -0.78 -14.67 1.59
N THR A 50 -1.05 -15.17 2.79
CA THR A 50 -1.72 -14.37 3.81
C THR A 50 -0.93 -14.39 5.11
N VAL A 51 -0.59 -13.19 5.58
CA VAL A 51 0.17 -13.06 6.81
C VAL A 51 -0.17 -11.72 7.46
N ASP A 52 0.34 -11.55 8.68
CA ASP A 52 0.10 -10.32 9.42
C ASP A 52 1.00 -9.21 8.85
N ALA A 53 0.47 -7.99 8.89
CA ALA A 53 1.20 -6.84 8.39
C ALA A 53 1.15 -5.72 9.43
N GLU A 54 2.29 -5.49 10.06
CA GLU A 54 2.39 -4.45 11.07
C GLU A 54 3.13 -3.23 10.52
N ALA A 55 2.35 -2.22 10.15
CA ALA A 55 2.91 -1.00 9.60
C ALA A 55 2.80 0.11 10.63
N GLN A 56 3.65 1.12 10.47
CA GLN A 56 3.66 2.25 11.38
C GLN A 56 3.52 3.56 10.60
N VAL A 57 3.53 4.66 11.34
CA VAL A 57 3.40 5.97 10.73
C VAL A 57 4.45 6.91 11.35
N GLY A 58 5.24 7.51 10.47
CA GLY A 58 6.27 8.43 10.92
C GLY A 58 6.20 9.75 10.15
N PHE A 59 6.79 10.78 10.75
CA PHE A 59 6.79 12.09 10.14
C PHE A 59 5.37 12.57 9.85
N SER A 60 4.42 11.91 10.48
CA SER A 60 3.02 12.25 10.31
C SER A 60 2.49 12.95 11.56
N PHE A 61 3.41 13.26 12.46
CA PHE A 61 3.05 13.92 13.71
C PHE A 61 2.11 13.05 14.54
N LEU A 62 1.96 11.81 14.11
CA LEU A 62 1.10 10.87 14.81
C LEU A 62 1.84 9.54 14.99
N ARG A 63 2.46 9.41 16.16
CA ARG A 63 3.21 8.20 16.47
C ARG A 63 2.25 7.08 16.89
N GLU A 64 1.86 6.28 15.91
CA GLU A 64 0.95 5.17 16.17
C GLU A 64 1.29 3.99 15.27
N LYS A 65 0.99 2.80 15.77
CA LYS A 65 1.26 1.58 15.02
C LYS A 65 -0.06 0.84 14.78
N PHE A 66 -0.03 -0.02 13.77
CA PHE A 66 -1.21 -0.80 13.42
C PHE A 66 -0.82 -2.11 12.73
N ALA A 67 -1.67 -3.10 12.88
CA ALA A 67 -1.43 -4.40 12.28
C ALA A 67 -2.69 -4.86 11.54
N THR A 68 -2.46 -5.49 10.40
CA THR A 68 -3.57 -5.98 9.59
C THR A 68 -3.14 -7.22 8.78
N ARG A 69 -4.13 -7.99 8.37
CA ARG A 69 -3.87 -9.19 7.60
C ARG A 69 -3.59 -8.83 6.14
N VAL A 70 -2.34 -9.04 5.74
CA VAL A 70 -1.94 -8.74 4.38
C VAL A 70 -2.20 -9.97 3.50
N ARG A 71 -2.80 -9.71 2.34
CA ARG A 71 -3.10 -10.79 1.41
C ARG A 71 -2.57 -10.45 0.01
N ARG A 72 -1.77 -11.35 -0.51
CA ARG A 72 -1.18 -11.16 -1.83
C ARG A 72 -1.45 -12.38 -2.71
N ASP A 73 -1.48 -12.14 -4.01
CA ASP A 73 -1.72 -13.21 -4.97
C ASP A 73 -0.89 -12.96 -6.22
N LYS A 74 -0.21 -14.01 -6.65
CA LYS A 74 0.63 -13.91 -7.84
C LYS A 74 -0.14 -14.44 -9.05
N ASP A 75 -1.30 -15.03 -8.77
CA ASP A 75 -2.14 -15.57 -9.82
C ASP A 75 -3.23 -14.55 -10.16
N ALA A 76 -3.51 -13.68 -9.20
CA ALA A 76 -4.53 -12.67 -9.39
C ALA A 76 -3.84 -11.31 -9.59
N ARG A 77 -2.65 -11.19 -9.02
CA ARG A 77 -1.89 -9.95 -9.14
C ARG A 77 -2.65 -8.80 -8.48
N SER A 78 -3.21 -9.10 -7.32
CA SER A 78 -3.96 -8.09 -6.58
C SER A 78 -3.49 -8.05 -5.13
N ILE A 79 -3.81 -6.94 -4.47
CA ILE A 79 -3.43 -6.76 -3.08
C ILE A 79 -4.68 -6.49 -2.24
N ASP A 80 -4.68 -7.07 -1.05
CA ASP A 80 -5.81 -6.90 -0.14
C ASP A 80 -5.31 -7.00 1.30
N VAL A 81 -5.82 -6.09 2.13
CA VAL A 81 -5.45 -6.08 3.53
C VAL A 81 -6.68 -5.78 4.39
N SER A 82 -6.86 -6.60 5.42
CA SER A 82 -7.98 -6.44 6.32
C SER A 82 -7.49 -6.17 7.73
N LEU A 83 -8.37 -5.59 8.54
CA LEU A 83 -8.05 -5.27 9.91
C LEU A 83 -7.79 -6.57 10.68
N LEU A 84 -6.73 -6.55 11.47
CA LEU A 84 -6.36 -7.71 12.27
C LEU A 84 -6.30 -7.32 13.74
N TYR A 85 -5.48 -6.33 14.03
CA TYR A 85 -5.32 -5.84 15.39
C TYR A 85 -5.43 -4.31 15.45
N GLY A 86 -5.57 -3.72 14.28
CA GLY A 86 -5.69 -2.27 14.19
C GLY A 86 -6.91 -1.78 14.96
N PRO A 87 -7.48 -0.64 14.48
CA PRO A 87 -8.64 -0.05 15.11
C PRO A 87 -9.91 -0.85 14.79
N PHE A 88 -10.41 -1.53 15.81
CA PHE A 88 -11.60 -2.34 15.65
C PHE A 88 -12.83 -1.46 15.41
N LYS A 89 -13.11 -1.22 14.13
CA LYS A 89 -14.24 -0.39 13.75
C LYS A 89 -14.47 -0.50 12.25
N ARG A 90 -13.39 -0.30 11.50
CA ARG A 90 -13.46 -0.38 10.05
C ARG A 90 -12.17 0.16 9.43
N LEU A 91 -11.49 -0.71 8.69
CA LEU A 91 -10.25 -0.33 8.04
C LEU A 91 -9.89 -1.38 6.98
N ASN A 92 -9.92 -0.94 5.73
CA ASN A 92 -9.60 -1.83 4.62
C ASN A 92 -8.50 -1.20 3.77
N ASN A 93 -7.68 -2.07 3.18
CA ASN A 93 -6.58 -1.61 2.35
C ASN A 93 -6.44 -2.55 1.15
N GLY A 94 -6.80 -2.03 -0.02
CA GLY A 94 -6.72 -2.81 -1.24
C GLY A 94 -5.92 -2.06 -2.31
N TRP A 95 -5.23 -2.84 -3.13
CA TRP A 95 -4.43 -2.26 -4.21
C TRP A 95 -4.49 -3.21 -5.40
N ARG A 96 -4.81 -2.65 -6.55
CA ARG A 96 -4.91 -3.43 -7.77
C ARG A 96 -4.21 -2.70 -8.93
N PHE A 97 -3.85 -3.48 -9.94
CA PHE A 97 -3.18 -2.92 -11.10
C PHE A 97 -3.50 -3.73 -12.36
N MET A 98 -3.80 -3.01 -13.44
CA MET A 98 -4.12 -3.65 -14.70
C MET A 98 -3.59 -2.83 -15.88
N PRO A 99 -3.41 -3.52 -17.02
CA PRO A 99 -2.91 -2.87 -18.23
C PRO A 99 -4.00 -2.03 -18.88
N GLU A 100 -3.56 -0.97 -19.55
CA GLU A 100 -4.48 -0.07 -20.23
C GLU A 100 -3.74 0.80 -21.24
N GLY A 101 -3.75 0.34 -22.48
CA GLY A 101 -3.08 1.06 -23.54
C GLY A 101 -1.59 0.70 -23.60
N ASP A 102 -0.78 1.74 -23.73
CA ASP A 102 0.67 1.55 -23.80
C ASP A 102 1.23 1.49 -22.38
N ALA A 103 0.52 2.13 -21.46
CA ALA A 103 0.94 2.15 -20.08
C ALA A 103 -0.06 1.35 -19.23
N THR A 104 0.35 1.07 -18.00
CA THR A 104 -0.50 0.33 -17.08
C THR A 104 -1.16 1.27 -16.06
N ARG A 105 -2.36 0.89 -15.66
CA ARG A 105 -3.09 1.69 -14.69
C ARG A 105 -3.21 0.95 -13.36
N VAL A 106 -2.91 1.65 -12.29
CA VAL A 106 -2.97 1.07 -10.96
C VAL A 106 -3.95 1.88 -10.10
N GLU A 107 -4.70 1.16 -9.28
CA GLU A 107 -5.67 1.79 -8.40
C GLU A 107 -5.46 1.34 -6.96
N PHE A 108 -5.27 2.31 -6.09
CA PHE A 108 -5.05 2.03 -4.68
C PHE A 108 -6.13 2.69 -3.81
N VAL A 109 -6.84 1.87 -3.06
CA VAL A 109 -7.90 2.35 -2.19
C VAL A 109 -7.40 2.33 -0.74
N ILE A 110 -7.77 3.37 -0.01
CA ILE A 110 -7.38 3.47 1.39
C ILE A 110 -8.62 3.71 2.24
N GLU A 111 -8.82 2.80 3.19
CA GLU A 111 -9.96 2.90 4.09
C GLU A 111 -9.54 2.63 5.54
N PHE A 112 -9.89 3.55 6.41
CA PHE A 112 -9.55 3.43 7.81
C PHE A 112 -10.52 4.23 8.69
N ALA A 113 -10.55 3.87 9.96
CA ALA A 113 -11.42 4.56 10.91
C ALA A 113 -10.57 5.43 11.83
N PHE A 114 -10.88 6.72 11.82
CA PHE A 114 -10.16 7.67 12.64
C PHE A 114 -10.98 8.05 13.88
N LYS A 115 -10.33 8.78 14.78
CA LYS A 115 -10.97 9.21 16.01
C LYS A 115 -11.68 10.55 15.76
N SER A 116 -10.92 11.49 15.23
CA SER A 116 -11.45 12.81 14.94
C SER A 116 -11.88 12.90 13.47
N ALA A 117 -13.18 13.02 13.28
CA ALA A 117 -13.73 13.12 11.93
C ALA A 117 -12.98 14.21 11.15
N LEU A 118 -12.49 15.19 11.90
CA LEU A 118 -11.76 16.29 11.29
C LEU A 118 -10.43 15.77 10.75
N LEU A 119 -9.68 15.13 11.64
CA LEU A 119 -8.38 14.58 11.27
C LEU A 119 -8.58 13.53 10.17
N ASP A 120 -9.78 12.97 10.14
CA ASP A 120 -10.10 11.96 9.15
C ASP A 120 -9.91 12.54 7.75
N ALA A 121 -10.55 13.68 7.53
CA ALA A 121 -10.47 14.35 6.24
C ALA A 121 -9.12 15.07 6.13
N MET A 122 -8.67 15.59 7.26
CA MET A 122 -7.41 16.31 7.31
C MET A 122 -6.25 15.40 6.86
N LEU A 123 -6.20 14.23 7.47
CA LEU A 123 -5.15 13.27 7.15
C LEU A 123 -5.46 12.62 5.80
N ALA A 124 -6.73 12.32 5.60
CA ALA A 124 -7.17 11.68 4.37
C ALA A 124 -6.94 12.66 3.21
N ALA A 125 -6.74 13.92 3.56
CA ALA A 125 -6.51 14.94 2.56
C ALA A 125 -5.07 14.82 2.04
N ASN A 126 -4.13 14.84 2.98
CA ASN A 126 -2.72 14.75 2.63
C ASN A 126 -2.44 13.35 2.09
N VAL A 127 -3.27 12.41 2.51
CA VAL A 127 -3.11 11.02 2.08
C VAL A 127 -2.78 10.99 0.59
N ASP A 128 -3.46 11.84 -0.15
CA ASP A 128 -3.25 11.93 -1.59
C ASP A 128 -1.80 12.34 -1.86
N ARG A 129 -1.37 13.37 -1.15
CA ARG A 129 -0.02 13.88 -1.29
C ARG A 129 1.00 12.79 -0.95
N ALA A 130 0.84 12.24 0.25
CA ALA A 130 1.74 11.19 0.71
C ALA A 130 1.74 10.04 -0.30
N ALA A 131 0.57 9.82 -0.90
CA ALA A 131 0.42 8.76 -1.88
C ALA A 131 1.16 9.15 -3.16
N GLY A 132 1.15 10.43 -3.44
CA GLY A 132 1.81 10.96 -4.63
C GLY A 132 3.32 10.77 -4.54
N LYS A 133 3.85 11.03 -3.35
CA LYS A 133 5.28 10.91 -3.12
C LYS A 133 5.65 9.43 -3.12
N LEU A 134 4.80 8.63 -2.49
CA LEU A 134 5.03 7.19 -2.41
C LEU A 134 5.06 6.61 -3.82
N ILE A 135 4.13 7.07 -4.64
CA ILE A 135 4.05 6.61 -6.02
C ILE A 135 5.33 7.00 -6.76
N ALA A 136 5.73 8.24 -6.58
CA ALA A 136 6.94 8.75 -7.22
C ALA A 136 8.15 7.96 -6.72
N CYS A 137 8.07 7.57 -5.45
CA CYS A 137 9.15 6.81 -4.85
C CYS A 137 9.33 5.50 -5.61
N PHE A 138 8.22 4.80 -5.78
CA PHE A 138 8.23 3.53 -6.51
C PHE A 138 8.67 3.74 -7.95
N GLU A 139 8.17 4.81 -8.55
CA GLU A 139 8.50 5.12 -9.93
C GLU A 139 10.01 5.32 -10.08
N ALA A 140 10.56 6.17 -9.22
CA ALA A 140 11.99 6.45 -9.25
C ALA A 140 12.76 5.13 -9.09
N ARG A 141 12.30 4.32 -8.16
CA ARG A 141 12.93 3.03 -7.90
C ARG A 141 12.87 2.16 -9.15
N ALA A 142 11.76 2.26 -9.85
CA ALA A 142 11.56 1.48 -11.07
C ALA A 142 12.61 1.89 -12.10
N GLN A 143 12.79 3.20 -12.24
CA GLN A 143 13.75 3.72 -13.18
C GLN A 143 15.18 3.46 -12.70
N GLN A 144 15.34 3.47 -11.38
CA GLN A 144 16.63 3.24 -10.78
C GLN A 144 17.02 1.75 -10.90
N LEU A 145 16.00 0.91 -10.95
CA LEU A 145 16.20 -0.52 -11.07
C LEU A 145 16.47 -0.87 -12.53
N HIS A 146 15.49 -0.56 -13.37
CA HIS A 146 15.60 -0.84 -14.79
C HIS A 146 16.44 0.24 -15.46
N GLY A 147 15.97 1.47 -15.34
CA GLY A 147 16.66 2.61 -15.93
C GLY A 147 17.34 2.21 -17.24
N ALA A 148 16.64 1.39 -18.01
CA ALA A 148 17.17 0.94 -19.29
C ALA A 148 16.05 0.22 -20.06
N MET A 1 -16.50 3.99 6.78
CA MET A 1 -15.68 5.17 6.98
C MET A 1 -15.31 5.82 5.63
N HIS A 2 -14.36 6.74 5.71
CA HIS A 2 -13.90 7.43 4.51
C HIS A 2 -13.06 6.47 3.66
N ARG A 3 -13.09 6.73 2.35
CA ARG A 3 -12.34 5.90 1.42
C ARG A 3 -11.56 6.78 0.44
N HIS A 4 -10.24 6.66 0.50
CA HIS A 4 -9.38 7.43 -0.37
C HIS A 4 -8.94 6.57 -1.56
N VAL A 5 -9.15 7.11 -2.76
CA VAL A 5 -8.78 6.41 -3.97
C VAL A 5 -7.53 7.03 -4.56
N VAL A 6 -6.70 6.18 -5.16
CA VAL A 6 -5.46 6.65 -5.76
C VAL A 6 -5.18 5.82 -7.02
N THR A 7 -5.42 6.43 -8.16
CA THR A 7 -5.20 5.77 -9.44
C THR A 7 -4.08 6.47 -10.21
N LYS A 8 -3.05 5.70 -10.53
CA LYS A 8 -1.92 6.23 -11.27
C LYS A 8 -1.66 5.37 -12.51
N VAL A 9 -0.83 5.88 -13.39
CA VAL A 9 -0.49 5.17 -14.61
C VAL A 9 1.01 5.23 -14.84
N LEU A 10 1.63 4.07 -14.91
CA LEU A 10 3.05 3.97 -15.12
C LEU A 10 3.33 3.20 -16.41
N PRO A 11 4.00 3.89 -17.37
CA PRO A 11 4.33 3.29 -18.65
C PRO A 11 5.48 2.29 -18.50
N TYR A 12 5.23 1.25 -17.72
CA TYR A 12 6.23 0.22 -17.49
C TYR A 12 5.58 -1.16 -17.39
N THR A 13 6.43 -2.17 -17.24
CA THR A 13 5.95 -3.53 -17.11
C THR A 13 5.26 -3.74 -15.77
N PRO A 14 4.40 -4.80 -15.73
CA PRO A 14 3.66 -5.12 -14.52
C PRO A 14 4.57 -5.77 -13.48
N ASP A 15 5.84 -5.91 -13.85
CA ASP A 15 6.81 -6.52 -12.96
C ASP A 15 7.06 -5.58 -11.77
N GLN A 16 7.10 -4.29 -12.07
CA GLN A 16 7.32 -3.29 -11.05
C GLN A 16 6.32 -3.46 -9.90
N LEU A 17 5.18 -4.06 -10.24
CA LEU A 17 4.13 -4.29 -9.25
C LEU A 17 4.61 -5.34 -8.26
N PHE A 18 5.25 -6.37 -8.78
CA PHE A 18 5.77 -7.45 -7.95
C PHE A 18 6.50 -6.88 -6.72
N GLU A 19 7.24 -5.82 -6.95
CA GLU A 19 7.99 -5.18 -5.88
C GLU A 19 7.06 -4.32 -5.02
N LEU A 20 5.99 -3.84 -5.65
CA LEU A 20 5.02 -3.01 -4.96
C LEU A 20 4.13 -3.89 -4.10
N VAL A 21 3.75 -5.03 -4.66
CA VAL A 21 2.90 -5.97 -3.95
C VAL A 21 3.61 -6.45 -2.68
N GLY A 22 4.91 -6.64 -2.81
CA GLY A 22 5.72 -7.10 -1.70
C GLY A 22 6.48 -5.93 -1.06
N ASP A 23 5.96 -4.73 -1.30
CA ASP A 23 6.59 -3.54 -0.76
C ASP A 23 6.46 -3.54 0.76
N VAL A 24 5.68 -4.49 1.26
CA VAL A 24 5.46 -4.61 2.69
C VAL A 24 6.60 -5.42 3.30
N ASP A 25 7.31 -6.14 2.45
CA ASP A 25 8.42 -6.97 2.89
C ASP A 25 9.58 -6.80 1.93
N ALA A 26 9.46 -5.81 1.05
CA ALA A 26 10.49 -5.53 0.07
C ALA A 26 11.03 -4.11 0.29
N TYR A 27 10.40 -3.17 -0.40
CA TYR A 27 10.81 -1.77 -0.29
C TYR A 27 12.32 -1.65 -0.18
N PRO A 28 12.98 -1.46 -1.35
CA PRO A 28 14.43 -1.32 -1.39
C PRO A 28 14.86 0.05 -0.89
N LYS A 29 14.78 0.22 0.42
CA LYS A 29 15.16 1.48 1.04
C LYS A 29 14.20 2.58 0.57
N PHE A 30 14.30 3.73 1.23
CA PHE A 30 13.45 4.86 0.89
C PHE A 30 11.98 4.53 1.14
N VAL A 31 11.44 5.14 2.18
CA VAL A 31 10.04 4.93 2.53
C VAL A 31 9.63 5.94 3.60
N PRO A 32 9.51 7.23 3.17
CA PRO A 32 9.12 8.29 4.08
C PRO A 32 7.63 8.22 4.40
N TRP A 33 6.83 8.20 3.35
CA TRP A 33 5.39 8.14 3.50
C TRP A 33 5.08 7.20 4.66
N ILE A 34 5.95 6.20 4.83
CA ILE A 34 5.77 5.23 5.89
C ILE A 34 7.01 5.23 6.79
N THR A 35 7.07 4.25 7.66
CA THR A 35 8.20 4.12 8.57
C THR A 35 8.60 2.65 8.73
N GLY A 36 8.01 2.01 9.72
CA GLY A 36 8.29 0.61 9.99
C GLY A 36 7.27 -0.30 9.30
N MET A 37 7.69 -1.53 9.06
CA MET A 37 6.83 -2.50 8.41
C MET A 37 7.33 -3.92 8.65
N ARG A 38 6.39 -4.87 8.64
CA ARG A 38 6.72 -6.26 8.85
C ARG A 38 5.57 -7.15 8.40
N THR A 39 5.92 -8.16 7.61
CA THR A 39 4.92 -9.10 7.12
C THR A 39 5.40 -10.54 7.29
N TRP A 40 4.61 -11.31 8.03
CA TRP A 40 4.95 -12.69 8.29
C TRP A 40 3.85 -13.28 9.18
N ASN A 41 3.98 -14.58 9.44
CA ASN A 41 3.01 -15.27 10.27
C ASN A 41 1.66 -15.31 9.55
N GLY A 42 1.36 -16.45 8.95
CA GLY A 42 0.12 -16.62 8.24
C GLY A 42 0.05 -18.00 7.57
N ARG A 43 -0.41 -18.00 6.33
CA ARG A 43 -0.52 -19.24 5.59
C ARG A 43 -0.20 -19.00 4.11
N VAL A 44 0.20 -20.07 3.44
CA VAL A 44 0.55 -20.00 2.03
C VAL A 44 -0.14 -21.14 1.28
N ASP A 45 -0.99 -20.76 0.33
CA ASP A 45 -1.71 -21.74 -0.45
C ASP A 45 -1.57 -21.39 -1.94
N GLY A 46 -1.17 -22.38 -2.72
CA GLY A 46 -0.99 -22.19 -4.15
C GLY A 46 -0.24 -20.89 -4.44
N ALA A 47 -0.80 -20.12 -5.35
CA ALA A 47 -0.20 -18.84 -5.73
C ALA A 47 -0.81 -17.72 -4.88
N VAL A 48 -1.10 -18.06 -3.63
CA VAL A 48 -1.68 -17.10 -2.72
C VAL A 48 -0.94 -17.15 -1.38
N SER A 49 -0.84 -16.00 -0.74
CA SER A 49 -0.16 -15.91 0.54
C SER A 49 -0.86 -14.86 1.43
N THR A 50 -1.13 -15.27 2.66
CA THR A 50 -1.78 -14.38 3.61
C THR A 50 -1.03 -14.39 4.94
N VAL A 51 -0.72 -13.19 5.41
CA VAL A 51 -0.01 -13.05 6.67
C VAL A 51 -0.35 -11.70 7.30
N ASP A 52 0.11 -11.51 8.53
CA ASP A 52 -0.14 -10.27 9.24
C ASP A 52 0.83 -9.20 8.77
N ALA A 53 0.31 -7.99 8.64
CA ALA A 53 1.14 -6.87 8.20
C ALA A 53 1.07 -5.75 9.25
N GLU A 54 2.22 -5.51 9.86
CA GLU A 54 2.32 -4.47 10.89
C GLU A 54 3.14 -3.29 10.37
N ALA A 55 2.44 -2.25 9.97
CA ALA A 55 3.10 -1.06 9.45
C ALA A 55 3.00 0.05 10.49
N GLN A 56 3.82 1.07 10.29
CA GLN A 56 3.84 2.21 11.20
C GLN A 56 3.71 3.52 10.42
N VAL A 57 3.73 4.61 11.17
CA VAL A 57 3.62 5.93 10.56
C VAL A 57 4.69 6.86 11.15
N GLY A 58 5.48 7.44 10.26
CA GLY A 58 6.54 8.34 10.68
C GLY A 58 6.59 9.58 9.78
N PHE A 59 5.56 10.40 9.88
CA PHE A 59 5.48 11.62 9.08
C PHE A 59 4.11 12.29 9.25
N SER A 60 3.12 11.47 9.55
CA SER A 60 1.77 11.97 9.74
C SER A 60 1.65 12.65 11.11
N PHE A 61 2.79 12.79 11.77
CA PHE A 61 2.83 13.41 13.08
C PHE A 61 2.04 12.59 14.09
N LEU A 62 1.66 11.39 13.68
CA LEU A 62 0.90 10.50 14.54
C LEU A 62 1.65 9.18 14.70
N ARG A 63 2.44 9.11 15.75
CA ARG A 63 3.22 7.92 16.03
C ARG A 63 2.33 6.81 16.58
N GLU A 64 1.83 5.99 15.66
CA GLU A 64 0.95 4.89 16.04
C GLU A 64 1.20 3.69 15.12
N LYS A 65 1.31 2.53 15.75
CA LYS A 65 1.53 1.30 15.00
C LYS A 65 0.19 0.61 14.74
N PHE A 66 0.15 -0.16 13.66
CA PHE A 66 -1.06 -0.87 13.29
C PHE A 66 -0.72 -2.20 12.62
N ALA A 67 -1.68 -3.12 12.71
CA ALA A 67 -1.50 -4.44 12.11
C ALA A 67 -2.77 -4.83 11.36
N THR A 68 -2.56 -5.49 10.23
CA THR A 68 -3.68 -5.93 9.41
C THR A 68 -3.30 -7.19 8.64
N ARG A 69 -4.33 -7.88 8.16
CA ARG A 69 -4.13 -9.10 7.40
C ARG A 69 -3.88 -8.78 5.92
N VAL A 70 -2.65 -9.05 5.49
CA VAL A 70 -2.27 -8.80 4.12
C VAL A 70 -2.48 -10.07 3.29
N ARG A 71 -3.05 -9.87 2.11
CA ARG A 71 -3.31 -10.99 1.22
C ARG A 71 -2.75 -10.71 -0.18
N ARG A 72 -1.81 -11.54 -0.58
CA ARG A 72 -1.18 -11.40 -1.89
C ARG A 72 -1.53 -12.60 -2.78
N ASP A 73 -1.53 -12.34 -4.08
CA ASP A 73 -1.83 -13.37 -5.05
C ASP A 73 -1.01 -13.14 -6.32
N LYS A 74 -0.30 -14.17 -6.72
CA LYS A 74 0.53 -14.09 -7.92
C LYS A 74 -0.25 -14.64 -9.11
N ASP A 75 -1.25 -15.45 -8.80
CA ASP A 75 -2.08 -16.05 -9.83
C ASP A 75 -3.24 -15.10 -10.15
N ALA A 76 -3.62 -14.32 -9.16
CA ALA A 76 -4.71 -13.37 -9.33
C ALA A 76 -4.14 -11.99 -9.67
N ARG A 77 -2.89 -11.79 -9.28
CA ARG A 77 -2.21 -10.54 -9.54
C ARG A 77 -2.96 -9.39 -8.84
N SER A 78 -3.49 -9.70 -7.67
CA SER A 78 -4.23 -8.72 -6.89
C SER A 78 -3.73 -8.72 -5.44
N ILE A 79 -4.07 -7.65 -4.74
CA ILE A 79 -3.68 -7.52 -3.34
C ILE A 79 -4.84 -6.95 -2.54
N ASP A 80 -5.00 -7.46 -1.32
CA ASP A 80 -6.07 -7.00 -0.45
C ASP A 80 -5.60 -7.12 1.01
N VAL A 81 -6.00 -6.13 1.80
CA VAL A 81 -5.64 -6.10 3.20
C VAL A 81 -6.85 -5.69 4.03
N SER A 82 -7.09 -6.44 5.10
CA SER A 82 -8.21 -6.16 5.98
C SER A 82 -7.70 -5.73 7.36
N LEU A 83 -8.51 -4.95 8.04
CA LEU A 83 -8.16 -4.47 9.37
C LEU A 83 -8.32 -5.62 10.37
N LEU A 84 -7.33 -5.72 11.25
CA LEU A 84 -7.34 -6.76 12.27
C LEU A 84 -7.23 -6.12 13.65
N TYR A 85 -6.14 -5.39 13.84
CA TYR A 85 -5.90 -4.72 15.12
C TYR A 85 -5.45 -3.27 14.89
N GLY A 86 -5.30 -2.91 13.63
CA GLY A 86 -4.88 -1.58 13.27
C GLY A 86 -5.67 -0.52 14.05
N PRO A 87 -6.60 0.15 13.33
CA PRO A 87 -7.44 1.18 13.94
C PRO A 87 -8.52 0.56 14.81
N PHE A 88 -8.51 -0.77 14.86
CA PHE A 88 -9.48 -1.49 15.66
C PHE A 88 -10.85 -0.81 15.61
N LYS A 89 -11.20 -0.37 14.41
CA LYS A 89 -12.48 0.31 14.21
C LYS A 89 -12.94 0.09 12.77
N ARG A 90 -12.12 0.57 11.85
CA ARG A 90 -12.43 0.44 10.43
C ARG A 90 -11.23 0.89 9.58
N LEU A 91 -10.83 0.00 8.68
CA LEU A 91 -9.70 0.29 7.81
C LEU A 91 -9.53 -0.86 6.81
N ASN A 92 -9.10 -0.50 5.61
CA ASN A 92 -8.89 -1.49 4.57
C ASN A 92 -7.88 -0.94 3.55
N ASN A 93 -7.10 -1.85 2.98
CA ASN A 93 -6.11 -1.48 2.00
C ASN A 93 -6.05 -2.54 0.90
N GLY A 94 -6.13 -2.07 -0.34
CA GLY A 94 -6.09 -2.95 -1.48
C GLY A 94 -5.25 -2.37 -2.62
N TRP A 95 -4.57 -3.26 -3.33
CA TRP A 95 -3.72 -2.84 -4.42
C TRP A 95 -4.13 -3.63 -5.67
N ARG A 96 -4.69 -2.92 -6.64
CA ARG A 96 -5.13 -3.55 -7.87
C ARG A 96 -4.28 -3.07 -9.04
N PHE A 97 -4.12 -3.95 -10.02
CA PHE A 97 -3.33 -3.63 -11.19
C PHE A 97 -4.09 -3.98 -12.48
N MET A 98 -4.13 -3.01 -13.39
CA MET A 98 -4.81 -3.21 -14.65
C MET A 98 -4.12 -2.44 -15.78
N PRO A 99 -3.59 -3.22 -16.76
CA PRO A 99 -2.90 -2.63 -17.89
C PRO A 99 -3.89 -2.00 -18.87
N GLU A 100 -3.38 -1.06 -19.65
CA GLU A 100 -4.21 -0.38 -20.63
C GLU A 100 -3.36 0.03 -21.84
N GLY A 101 -2.78 -0.97 -22.49
CA GLY A 101 -1.96 -0.74 -23.65
C GLY A 101 -0.47 -0.85 -23.30
N ASP A 102 0.30 0.10 -23.83
CA ASP A 102 1.74 0.12 -23.58
C ASP A 102 1.99 0.48 -22.12
N ALA A 103 1.09 1.29 -21.58
CA ALA A 103 1.20 1.73 -20.20
C ALA A 103 0.29 0.87 -19.32
N THR A 104 0.56 0.92 -18.02
CA THR A 104 -0.22 0.15 -17.06
C THR A 104 -0.88 1.07 -16.05
N ARG A 105 -2.06 0.66 -15.60
CA ARG A 105 -2.81 1.44 -14.63
C ARG A 105 -2.93 0.67 -13.32
N VAL A 106 -2.60 1.36 -12.23
CA VAL A 106 -2.67 0.76 -10.91
C VAL A 106 -3.64 1.56 -10.04
N GLU A 107 -4.40 0.83 -9.24
CA GLU A 107 -5.38 1.46 -8.36
C GLU A 107 -5.11 1.06 -6.90
N PHE A 108 -5.00 2.06 -6.05
CA PHE A 108 -4.75 1.82 -4.64
C PHE A 108 -5.89 2.40 -3.78
N VAL A 109 -6.56 1.49 -3.07
CA VAL A 109 -7.66 1.89 -2.21
C VAL A 109 -7.20 1.88 -0.75
N ILE A 110 -7.49 2.97 -0.06
CA ILE A 110 -7.11 3.09 1.33
C ILE A 110 -8.32 3.52 2.16
N GLU A 111 -8.46 2.88 3.31
CA GLU A 111 -9.58 3.18 4.20
C GLU A 111 -9.09 3.28 5.65
N PHE A 112 -9.61 4.27 6.35
CA PHE A 112 -9.25 4.48 7.74
C PHE A 112 -10.48 4.80 8.59
N ALA A 113 -10.26 4.84 9.90
CA ALA A 113 -11.34 5.13 10.83
C ALA A 113 -10.81 6.03 11.95
N PHE A 114 -11.44 7.19 12.06
CA PHE A 114 -11.04 8.15 13.08
C PHE A 114 -12.25 8.61 13.90
N LYS A 115 -11.96 9.10 15.10
CA LYS A 115 -13.01 9.57 15.99
C LYS A 115 -13.28 11.05 15.71
N SER A 116 -12.22 11.79 15.49
CA SER A 116 -12.32 13.21 15.20
C SER A 116 -12.62 13.42 13.72
N ALA A 117 -13.84 13.85 13.44
CA ALA A 117 -14.25 14.10 12.08
C ALA A 117 -13.29 15.09 11.41
N LEU A 118 -12.62 15.87 12.25
CA LEU A 118 -11.67 16.85 11.78
C LEU A 118 -10.39 16.13 11.33
N LEU A 119 -9.81 15.40 12.28
CA LEU A 119 -8.58 14.67 12.00
C LEU A 119 -8.84 13.67 10.88
N ASP A 120 -10.09 13.26 10.77
CA ASP A 120 -10.47 12.30 9.74
C ASP A 120 -10.13 12.87 8.37
N ALA A 121 -10.57 14.10 8.14
CA ALA A 121 -10.31 14.75 6.87
C ALA A 121 -8.88 15.30 6.87
N MET A 122 -8.44 15.70 8.05
CA MET A 122 -7.09 16.24 8.20
C MET A 122 -6.04 15.20 7.82
N LEU A 123 -6.19 14.01 8.38
CA LEU A 123 -5.26 12.92 8.11
C LEU A 123 -5.54 12.36 6.72
N ALA A 124 -6.82 12.13 6.45
CA ALA A 124 -7.23 11.60 5.17
C ALA A 124 -6.88 12.59 4.06
N ALA A 125 -6.60 13.81 4.48
CA ALA A 125 -6.24 14.86 3.54
C ALA A 125 -4.79 14.66 3.07
N ASN A 126 -3.90 14.54 4.05
CA ASN A 126 -2.49 14.33 3.75
C ASN A 126 -2.32 12.95 3.10
N VAL A 127 -3.21 12.05 3.44
CA VAL A 127 -3.17 10.70 2.90
C VAL A 127 -2.86 10.77 1.41
N ASP A 128 -3.47 11.73 0.74
CA ASP A 128 -3.27 11.91 -0.69
C ASP A 128 -1.81 12.27 -0.94
N ARG A 129 -1.31 13.19 -0.14
CA ARG A 129 0.07 13.62 -0.27
C ARG A 129 1.03 12.45 -0.11
N ALA A 130 0.81 11.69 0.96
CA ALA A 130 1.62 10.52 1.24
C ALA A 130 1.55 9.54 0.07
N ALA A 131 0.34 9.42 -0.47
CA ALA A 131 0.11 8.53 -1.59
C ALA A 131 0.80 9.09 -2.84
N GLY A 132 0.91 10.41 -2.87
CA GLY A 132 1.56 11.07 -3.99
C GLY A 132 3.06 10.86 -3.97
N LYS A 133 3.64 11.07 -2.79
CA LYS A 133 5.08 10.92 -2.62
C LYS A 133 5.44 9.43 -2.80
N LEU A 134 4.52 8.58 -2.37
CA LEU A 134 4.74 7.14 -2.47
C LEU A 134 4.71 6.73 -3.95
N ILE A 135 3.78 7.33 -4.69
CA ILE A 135 3.65 7.03 -6.10
C ILE A 135 4.92 7.46 -6.83
N ALA A 136 5.43 8.62 -6.45
CA ALA A 136 6.64 9.15 -7.05
C ALA A 136 7.82 8.24 -6.68
N CYS A 137 7.76 7.71 -5.47
CA CYS A 137 8.81 6.85 -4.98
C CYS A 137 8.86 5.60 -5.87
N PHE A 138 7.70 4.99 -6.04
CA PHE A 138 7.60 3.79 -6.86
C PHE A 138 8.03 4.08 -8.30
N GLU A 139 7.65 5.26 -8.77
CA GLU A 139 7.99 5.67 -10.13
C GLU A 139 9.51 5.80 -10.27
N ALA A 140 10.09 6.52 -9.32
CA ALA A 140 11.53 6.74 -9.33
C ALA A 140 12.25 5.39 -9.28
N ARG A 141 11.74 4.51 -8.43
CA ARG A 141 12.32 3.19 -8.27
C ARG A 141 12.19 2.40 -9.58
N ALA A 142 11.08 2.61 -10.27
CA ALA A 142 10.83 1.94 -11.52
C ALA A 142 11.87 2.37 -12.55
N GLN A 143 12.14 3.66 -12.55
CA GLN A 143 13.12 4.21 -13.48
C GLN A 143 14.54 3.86 -13.04
N GLN A 144 14.70 3.76 -11.72
CA GLN A 144 16.00 3.42 -11.17
C GLN A 144 16.36 1.97 -11.48
N LEU A 145 15.32 1.13 -11.50
CA LEU A 145 15.52 -0.28 -11.78
C LEU A 145 15.75 -0.47 -13.29
N HIS A 146 14.82 0.05 -14.07
CA HIS A 146 14.92 -0.05 -15.51
C HIS A 146 16.14 0.73 -16.01
N GLY A 147 16.46 1.79 -15.27
CA GLY A 147 17.60 2.62 -15.61
C GLY A 147 18.88 1.79 -15.72
N ALA A 148 19.18 1.10 -14.63
CA ALA A 148 20.37 0.26 -14.59
C ALA A 148 20.38 -0.66 -15.81
N MET A 1 -15.22 3.69 6.53
CA MET A 1 -14.82 5.05 6.80
C MET A 1 -14.23 5.71 5.54
N HIS A 2 -13.63 6.87 5.75
CA HIS A 2 -13.03 7.61 4.65
C HIS A 2 -12.31 6.65 3.72
N ARG A 3 -12.45 6.90 2.43
CA ARG A 3 -11.81 6.05 1.42
C ARG A 3 -11.16 6.92 0.34
N HIS A 4 -9.85 6.81 0.25
CA HIS A 4 -9.10 7.58 -0.73
C HIS A 4 -8.62 6.64 -1.85
N VAL A 5 -8.85 7.08 -3.07
CA VAL A 5 -8.45 6.30 -4.23
C VAL A 5 -7.26 6.98 -4.92
N VAL A 6 -6.26 6.18 -5.23
CA VAL A 6 -5.07 6.70 -5.90
C VAL A 6 -4.77 5.85 -7.12
N THR A 7 -5.10 6.41 -8.28
CA THR A 7 -4.88 5.73 -9.54
C THR A 7 -3.80 6.45 -10.36
N LYS A 8 -2.89 5.65 -10.91
CA LYS A 8 -1.81 6.19 -11.72
C LYS A 8 -1.51 5.24 -12.87
N VAL A 9 -0.69 5.73 -13.80
CA VAL A 9 -0.32 4.93 -14.95
C VAL A 9 1.19 5.05 -15.19
N LEU A 10 1.86 3.90 -15.21
CA LEU A 10 3.29 3.88 -15.43
C LEU A 10 3.61 2.95 -16.61
N PRO A 11 4.24 3.55 -17.65
CA PRO A 11 4.61 2.80 -18.83
C PRO A 11 5.82 1.90 -18.57
N TYR A 12 5.56 0.80 -17.88
CA TYR A 12 6.61 -0.14 -17.55
C TYR A 12 6.06 -1.57 -17.47
N THR A 13 6.95 -2.49 -17.12
CA THR A 13 6.56 -3.89 -17.00
C THR A 13 5.81 -4.13 -15.69
N PRO A 14 5.07 -5.26 -15.65
CA PRO A 14 4.31 -5.62 -14.47
C PRO A 14 5.22 -6.14 -13.35
N ASP A 15 6.50 -6.15 -13.65
CA ASP A 15 7.49 -6.61 -12.68
C ASP A 15 7.58 -5.60 -11.54
N GLN A 16 7.64 -4.33 -11.91
CA GLN A 16 7.74 -3.27 -10.93
C GLN A 16 6.63 -3.41 -9.89
N LEU A 17 5.57 -4.09 -10.29
CA LEU A 17 4.44 -4.31 -9.40
C LEU A 17 4.80 -5.37 -8.36
N PHE A 18 5.47 -6.41 -8.83
CA PHE A 18 5.89 -7.50 -7.96
C PHE A 18 6.49 -6.95 -6.67
N GLU A 19 7.23 -5.86 -6.80
CA GLU A 19 7.87 -5.24 -5.65
C GLU A 19 6.85 -4.40 -4.88
N LEU A 20 5.92 -3.82 -5.61
CA LEU A 20 4.89 -2.99 -5.01
C LEU A 20 3.89 -3.89 -4.27
N VAL A 21 3.60 -5.02 -4.89
CA VAL A 21 2.67 -5.97 -4.30
C VAL A 21 3.22 -6.46 -2.95
N GLY A 22 4.52 -6.68 -2.93
CA GLY A 22 5.18 -7.14 -1.71
C GLY A 22 5.88 -5.98 -0.99
N ASP A 23 5.50 -4.77 -1.39
CA ASP A 23 6.07 -3.58 -0.79
C ASP A 23 6.00 -3.70 0.74
N VAL A 24 5.10 -4.54 1.19
CA VAL A 24 4.92 -4.76 2.62
C VAL A 24 6.16 -5.42 3.19
N ASP A 25 7.01 -5.90 2.29
CA ASP A 25 8.23 -6.58 2.69
C ASP A 25 9.23 -6.54 1.52
N ALA A 26 9.06 -5.53 0.68
CA ALA A 26 9.93 -5.37 -0.48
C ALA A 26 10.82 -4.14 -0.27
N TYR A 27 10.30 -3.00 -0.69
CA TYR A 27 11.02 -1.75 -0.56
C TYR A 27 12.39 -1.84 -1.24
N PRO A 28 12.42 -1.45 -2.54
CA PRO A 28 13.66 -1.48 -3.30
C PRO A 28 14.58 -0.33 -2.90
N LYS A 29 14.04 0.55 -2.07
CA LYS A 29 14.81 1.70 -1.60
C LYS A 29 14.28 2.14 -0.23
N PHE A 30 13.07 2.68 -0.25
CA PHE A 30 12.44 3.13 0.98
C PHE A 30 11.04 3.69 0.71
N VAL A 31 10.34 3.99 1.78
CA VAL A 31 8.99 4.52 1.67
C VAL A 31 8.75 5.54 2.79
N PRO A 32 8.70 6.84 2.39
CA PRO A 32 8.48 7.91 3.35
C PRO A 32 7.02 7.94 3.80
N TRP A 33 6.14 7.64 2.87
CA TRP A 33 4.72 7.64 3.15
C TRP A 33 4.46 6.65 4.30
N ILE A 34 5.45 5.81 4.55
CA ILE A 34 5.35 4.82 5.60
C ILE A 34 6.63 4.86 6.45
N THR A 35 6.64 4.02 7.48
CA THR A 35 7.78 3.95 8.36
C THR A 35 8.23 2.49 8.54
N GLY A 36 7.72 1.88 9.60
CA GLY A 36 8.06 0.49 9.90
C GLY A 36 6.92 -0.45 9.47
N MET A 37 7.31 -1.67 9.15
CA MET A 37 6.35 -2.66 8.72
C MET A 37 6.94 -4.08 8.82
N ARG A 38 6.05 -5.04 9.02
CA ARG A 38 6.47 -6.43 9.13
C ARG A 38 5.36 -7.36 8.65
N THR A 39 5.75 -8.32 7.83
CA THR A 39 4.79 -9.28 7.29
C THR A 39 5.27 -10.71 7.57
N TRP A 40 4.43 -11.44 8.29
CA TRP A 40 4.74 -12.82 8.64
C TRP A 40 3.59 -13.37 9.48
N ASN A 41 3.71 -14.65 9.83
CA ASN A 41 2.69 -15.29 10.63
C ASN A 41 1.39 -15.38 9.83
N GLY A 42 1.15 -16.56 9.27
CA GLY A 42 -0.04 -16.78 8.48
C GLY A 42 -0.02 -18.16 7.81
N ARG A 43 -0.56 -18.20 6.60
CA ARG A 43 -0.61 -19.45 5.86
C ARG A 43 -0.39 -19.18 4.37
N VAL A 44 0.14 -20.18 3.67
CA VAL A 44 0.40 -20.06 2.25
C VAL A 44 -0.34 -21.17 1.51
N ASP A 45 -1.16 -20.75 0.55
CA ASP A 45 -1.93 -21.69 -0.24
C ASP A 45 -1.80 -21.34 -1.72
N GLY A 46 -1.49 -22.35 -2.52
CA GLY A 46 -1.32 -22.16 -3.95
C GLY A 46 -0.52 -20.90 -4.24
N ALA A 47 -1.04 -20.10 -5.17
CA ALA A 47 -0.37 -18.86 -5.56
C ALA A 47 -0.93 -17.71 -4.72
N VAL A 48 -1.23 -18.03 -3.47
CA VAL A 48 -1.77 -17.02 -2.57
C VAL A 48 -1.06 -17.13 -1.21
N SER A 49 -0.93 -15.98 -0.56
CA SER A 49 -0.27 -15.93 0.74
C SER A 49 -0.99 -14.93 1.65
N THR A 50 -1.27 -15.39 2.87
CA THR A 50 -1.95 -14.56 3.84
C THR A 50 -1.21 -14.57 5.18
N VAL A 51 -0.86 -13.38 5.65
CA VAL A 51 -0.15 -13.25 6.90
C VAL A 51 -0.50 -11.90 7.54
N ASP A 52 -0.03 -11.72 8.77
CA ASP A 52 -0.29 -10.49 9.48
C ASP A 52 0.70 -9.41 9.01
N ALA A 53 0.17 -8.23 8.81
CA ALA A 53 0.98 -7.11 8.34
C ALA A 53 0.86 -5.95 9.35
N GLU A 54 1.94 -5.73 10.08
CA GLU A 54 1.97 -4.67 11.08
C GLU A 54 2.78 -3.48 10.55
N ALA A 55 2.07 -2.49 10.07
CA ALA A 55 2.72 -1.29 9.54
C ALA A 55 2.72 -0.21 10.61
N GLN A 56 3.43 0.87 10.32
CA GLN A 56 3.54 1.99 11.24
C GLN A 56 3.40 3.31 10.49
N VAL A 57 3.37 4.39 11.27
CA VAL A 57 3.24 5.71 10.68
C VAL A 57 4.32 6.63 11.29
N GLY A 58 5.11 7.21 10.39
CA GLY A 58 6.17 8.10 10.81
C GLY A 58 6.03 9.47 10.15
N PHE A 59 6.56 10.49 10.84
CA PHE A 59 6.50 11.84 10.32
C PHE A 59 5.05 12.28 10.10
N SER A 60 4.14 11.52 10.67
CA SER A 60 2.73 11.82 10.54
C SER A 60 2.21 12.49 11.82
N PHE A 61 3.15 12.83 12.69
CA PHE A 61 2.81 13.48 13.94
C PHE A 61 1.94 12.57 14.81
N LEU A 62 1.81 11.33 14.37
CA LEU A 62 1.01 10.36 15.10
C LEU A 62 1.72 9.02 15.11
N ARG A 63 2.48 8.79 16.17
CA ARG A 63 3.23 7.55 16.31
C ARG A 63 2.32 6.43 16.84
N GLU A 64 1.76 5.68 15.92
CA GLU A 64 0.87 4.58 16.28
C GLU A 64 1.06 3.41 15.31
N LYS A 65 1.19 2.22 15.89
CA LYS A 65 1.37 1.02 15.10
C LYS A 65 0.01 0.35 14.88
N PHE A 66 -0.06 -0.44 13.82
CA PHE A 66 -1.29 -1.14 13.49
C PHE A 66 -0.99 -2.50 12.85
N ALA A 67 -1.93 -3.42 13.03
CA ALA A 67 -1.78 -4.76 12.48
C ALA A 67 -3.01 -5.11 11.65
N THR A 68 -2.77 -5.78 10.53
CA THR A 68 -3.84 -6.18 9.64
C THR A 68 -3.45 -7.44 8.85
N ARG A 69 -4.47 -8.13 8.38
CA ARG A 69 -4.25 -9.35 7.62
C ARG A 69 -3.96 -9.00 6.16
N VAL A 70 -2.71 -9.23 5.76
CA VAL A 70 -2.29 -8.94 4.40
C VAL A 70 -2.50 -10.19 3.54
N ARG A 71 -3.05 -9.97 2.36
CA ARG A 71 -3.31 -11.07 1.43
C ARG A 71 -2.70 -10.76 0.06
N ARG A 72 -1.93 -11.71 -0.43
CA ARG A 72 -1.29 -11.56 -1.73
C ARG A 72 -1.60 -12.76 -2.61
N ASP A 73 -1.69 -12.49 -3.91
CA ASP A 73 -1.98 -13.54 -4.87
C ASP A 73 -1.19 -13.28 -6.16
N LYS A 74 -0.29 -14.20 -6.47
CA LYS A 74 0.53 -14.08 -7.66
C LYS A 74 -0.27 -14.58 -8.88
N ASP A 75 -1.38 -15.22 -8.58
CA ASP A 75 -2.24 -15.74 -9.65
C ASP A 75 -3.32 -14.71 -9.97
N ALA A 76 -3.62 -13.88 -8.99
CA ALA A 76 -4.63 -12.84 -9.16
C ALA A 76 -3.94 -11.50 -9.41
N ARG A 77 -2.69 -11.43 -8.98
CA ARG A 77 -1.92 -10.21 -9.14
C ARG A 77 -2.60 -9.04 -8.43
N SER A 78 -3.19 -9.35 -7.29
CA SER A 78 -3.88 -8.34 -6.51
C SER A 78 -3.47 -8.45 -5.04
N ILE A 79 -3.73 -7.38 -4.30
CA ILE A 79 -3.39 -7.34 -2.89
C ILE A 79 -4.58 -6.79 -2.10
N ASP A 80 -4.81 -7.40 -0.95
CA ASP A 80 -5.91 -6.98 -0.09
C ASP A 80 -5.50 -7.12 1.38
N VAL A 81 -5.91 -6.15 2.17
CA VAL A 81 -5.58 -6.15 3.58
C VAL A 81 -6.84 -5.79 4.40
N SER A 82 -7.04 -6.54 5.46
CA SER A 82 -8.19 -6.33 6.32
C SER A 82 -7.73 -5.99 7.74
N LEU A 83 -8.62 -5.34 8.48
CA LEU A 83 -8.32 -4.95 9.85
C LEU A 83 -8.18 -6.20 10.70
N LEU A 84 -7.14 -6.22 11.52
CA LEU A 84 -6.89 -7.35 12.40
C LEU A 84 -6.79 -6.85 13.84
N TYR A 85 -5.82 -5.97 14.07
CA TYR A 85 -5.61 -5.42 15.39
C TYR A 85 -5.55 -3.89 15.35
N GLY A 86 -5.64 -3.37 14.13
CA GLY A 86 -5.60 -1.93 13.93
C GLY A 86 -6.73 -1.24 14.70
N PRO A 87 -7.40 -0.28 14.01
CA PRO A 87 -8.50 0.46 14.61
C PRO A 87 -9.75 -0.40 14.71
N PHE A 88 -10.30 -0.47 15.91
CA PHE A 88 -11.51 -1.25 16.15
C PHE A 88 -12.76 -0.46 15.75
N LYS A 89 -12.94 -0.31 14.45
CA LYS A 89 -14.09 0.41 13.93
C LYS A 89 -14.26 0.09 12.44
N ARG A 90 -13.18 0.27 11.70
CA ARG A 90 -13.20 -0.01 10.27
C ARG A 90 -11.87 0.39 9.64
N LEU A 91 -11.40 -0.46 8.74
CA LEU A 91 -10.14 -0.22 8.05
C LEU A 91 -9.91 -1.32 7.01
N ASN A 92 -9.58 -0.88 5.81
CA ASN A 92 -9.33 -1.80 4.72
C ASN A 92 -8.35 -1.17 3.73
N ASN A 93 -7.56 -2.03 3.10
CA ASN A 93 -6.57 -1.57 2.14
C ASN A 93 -6.35 -2.66 1.08
N GLY A 94 -6.04 -2.21 -0.13
CA GLY A 94 -5.79 -3.14 -1.22
C GLY A 94 -5.06 -2.44 -2.36
N TRP A 95 -4.24 -3.22 -3.06
CA TRP A 95 -3.47 -2.70 -4.18
C TRP A 95 -3.89 -3.46 -5.43
N ARG A 96 -4.26 -2.70 -6.45
CA ARG A 96 -4.69 -3.29 -7.71
C ARG A 96 -3.73 -2.88 -8.83
N PHE A 97 -3.55 -3.79 -9.78
CA PHE A 97 -2.67 -3.53 -10.90
C PHE A 97 -3.20 -4.20 -12.18
N MET A 98 -3.62 -3.36 -13.11
CA MET A 98 -4.16 -3.84 -14.38
C MET A 98 -3.47 -3.16 -15.55
N PRO A 99 -3.13 -3.99 -16.58
CA PRO A 99 -2.47 -3.50 -17.77
C PRO A 99 -3.46 -2.74 -18.67
N GLU A 100 -2.91 -1.80 -19.42
CA GLU A 100 -3.73 -0.99 -20.32
C GLU A 100 -2.89 -0.51 -21.50
N GLY A 101 -2.42 -1.47 -22.29
CA GLY A 101 -1.62 -1.16 -23.45
C GLY A 101 -0.13 -1.38 -23.17
N ASP A 102 0.68 -0.43 -23.61
CA ASP A 102 2.12 -0.52 -23.42
C ASP A 102 2.44 -0.21 -21.94
N ALA A 103 1.56 0.57 -21.33
CA ALA A 103 1.73 0.94 -19.94
C ALA A 103 0.74 0.16 -19.09
N THR A 104 0.98 0.20 -17.77
CA THR A 104 0.12 -0.50 -16.83
C THR A 104 -0.55 0.50 -15.88
N ARG A 105 -1.77 0.16 -15.48
CA ARG A 105 -2.51 1.01 -14.57
C ARG A 105 -2.54 0.39 -13.17
N VAL A 106 -2.27 1.23 -12.18
CA VAL A 106 -2.27 0.79 -10.80
C VAL A 106 -3.30 1.59 -10.00
N GLU A 107 -4.01 0.88 -9.14
CA GLU A 107 -5.03 1.50 -8.32
C GLU A 107 -4.84 1.13 -6.84
N PHE A 108 -4.69 2.15 -6.02
CA PHE A 108 -4.50 1.94 -4.59
C PHE A 108 -5.71 2.45 -3.79
N VAL A 109 -6.32 1.53 -3.07
CA VAL A 109 -7.48 1.87 -2.26
C VAL A 109 -7.06 1.95 -0.79
N ILE A 110 -7.32 3.11 -0.21
CA ILE A 110 -6.99 3.33 1.20
C ILE A 110 -8.26 3.58 1.99
N GLU A 111 -8.50 2.71 2.96
CA GLU A 111 -9.67 2.83 3.81
C GLU A 111 -9.31 2.59 5.27
N PHE A 112 -9.53 3.62 6.08
CA PHE A 112 -9.22 3.54 7.49
C PHE A 112 -10.18 4.41 8.31
N ALA A 113 -10.31 4.07 9.58
CA ALA A 113 -11.18 4.81 10.47
C ALA A 113 -10.33 5.54 11.52
N PHE A 114 -10.49 6.86 11.54
CA PHE A 114 -9.74 7.68 12.48
C PHE A 114 -10.58 7.97 13.73
N LYS A 115 -9.88 8.37 14.79
CA LYS A 115 -10.54 8.68 16.04
C LYS A 115 -11.10 10.10 15.98
N SER A 116 -10.22 11.03 15.64
CA SER A 116 -10.62 12.43 15.55
C SER A 116 -11.20 12.72 14.16
N ALA A 117 -12.39 13.31 14.17
CA ALA A 117 -13.06 13.64 12.92
C ALA A 117 -12.32 14.77 12.23
N LEU A 118 -11.75 15.65 13.04
CA LEU A 118 -11.00 16.78 12.50
C LEU A 118 -9.73 16.28 11.82
N LEU A 119 -9.04 15.37 12.52
CA LEU A 119 -7.81 14.81 12.00
C LEU A 119 -8.14 13.89 10.81
N ASP A 120 -9.38 13.41 10.81
CA ASP A 120 -9.83 12.52 9.75
C ASP A 120 -9.71 13.24 8.40
N ALA A 121 -10.27 14.45 8.36
CA ALA A 121 -10.23 15.24 7.15
C ALA A 121 -8.83 15.82 6.97
N MET A 122 -8.21 16.16 8.09
CA MET A 122 -6.86 16.71 8.06
C MET A 122 -5.86 15.71 7.49
N LEU A 123 -5.94 14.49 8.00
CA LEU A 123 -5.04 13.44 7.54
C LEU A 123 -5.50 12.94 6.17
N ALA A 124 -6.81 12.83 6.02
CA ALA A 124 -7.38 12.38 4.77
C ALA A 124 -7.20 13.46 3.70
N ALA A 125 -6.86 14.65 4.17
CA ALA A 125 -6.64 15.77 3.28
C ALA A 125 -5.26 15.67 2.65
N ASN A 126 -4.25 15.56 3.51
CA ASN A 126 -2.88 15.45 3.06
C ASN A 126 -2.68 14.09 2.39
N VAL A 127 -3.51 13.14 2.78
CA VAL A 127 -3.43 11.80 2.23
C VAL A 127 -3.20 11.88 0.72
N ASP A 128 -3.80 12.90 0.13
CA ASP A 128 -3.66 13.11 -1.31
C ASP A 128 -2.20 13.42 -1.64
N ARG A 129 -1.66 14.41 -0.95
CA ARG A 129 -0.29 14.81 -1.15
C ARG A 129 0.66 13.64 -0.87
N ALA A 130 0.50 13.07 0.32
CA ALA A 130 1.33 11.94 0.72
C ALA A 130 1.24 10.85 -0.35
N ALA A 131 0.05 10.69 -0.90
CA ALA A 131 -0.18 9.69 -1.92
C ALA A 131 0.66 10.02 -3.15
N GLY A 132 0.65 11.29 -3.53
CA GLY A 132 1.41 11.74 -4.68
C GLY A 132 2.88 11.38 -4.53
N LYS A 133 3.42 11.64 -3.35
CA LYS A 133 4.81 11.34 -3.07
C LYS A 133 5.05 9.84 -3.23
N LEU A 134 4.11 9.07 -2.72
CA LEU A 134 4.20 7.62 -2.79
C LEU A 134 4.33 7.20 -4.25
N ILE A 135 3.55 7.87 -5.10
CA ILE A 135 3.55 7.57 -6.52
C ILE A 135 4.90 7.96 -7.11
N ALA A 136 5.31 9.18 -6.81
CA ALA A 136 6.59 9.68 -7.30
C ALA A 136 7.72 8.74 -6.86
N CYS A 137 7.50 8.12 -5.71
CA CYS A 137 8.48 7.19 -5.18
C CYS A 137 8.53 5.96 -6.08
N PHE A 138 7.36 5.41 -6.34
CA PHE A 138 7.25 4.23 -7.19
C PHE A 138 7.77 4.52 -8.59
N GLU A 139 7.37 5.68 -9.12
CA GLU A 139 7.80 6.08 -10.45
C GLU A 139 9.31 6.28 -10.49
N ALA A 140 9.81 7.02 -9.50
CA ALA A 140 11.23 7.30 -9.42
C ALA A 140 12.00 5.98 -9.40
N ARG A 141 11.47 5.03 -8.63
CA ARG A 141 12.10 3.71 -8.53
C ARG A 141 12.04 2.99 -9.88
N ALA A 142 10.95 3.21 -10.59
CA ALA A 142 10.76 2.60 -11.89
C ALA A 142 11.84 3.11 -12.86
N GLN A 143 12.08 4.41 -12.77
CA GLN A 143 13.07 5.04 -13.63
C GLN A 143 14.48 4.70 -13.15
N GLN A 144 14.61 4.56 -11.84
CA GLN A 144 15.89 4.24 -11.25
C GLN A 144 16.28 2.78 -11.57
N LEU A 145 15.26 1.93 -11.58
CA LEU A 145 15.47 0.52 -11.86
C LEU A 145 15.81 0.35 -13.35
N HIS A 146 14.87 0.77 -14.18
CA HIS A 146 15.05 0.68 -15.63
C HIS A 146 16.08 1.71 -16.08
N GLY A 147 16.45 2.58 -15.15
CA GLY A 147 17.44 3.61 -15.45
C GLY A 147 18.80 3.00 -15.78
N ALA A 148 19.41 2.41 -14.75
CA ALA A 148 20.71 1.79 -14.92
C ALA A 148 20.63 0.73 -16.01
N MET A 1 -16.15 4.18 6.46
CA MET A 1 -15.40 5.37 6.82
C MET A 1 -14.83 6.07 5.58
N HIS A 2 -14.00 7.06 5.83
CA HIS A 2 -13.39 7.82 4.74
C HIS A 2 -12.55 6.89 3.88
N ARG A 3 -12.86 6.89 2.59
CA ARG A 3 -12.14 6.04 1.66
C ARG A 3 -11.48 6.89 0.57
N HIS A 4 -10.17 6.71 0.43
CA HIS A 4 -9.42 7.45 -0.56
C HIS A 4 -9.01 6.53 -1.71
N VAL A 5 -9.07 7.06 -2.91
CA VAL A 5 -8.71 6.30 -4.09
C VAL A 5 -7.42 6.85 -4.69
N VAL A 6 -6.56 5.94 -5.11
CA VAL A 6 -5.29 6.33 -5.70
C VAL A 6 -5.02 5.48 -6.95
N THR A 7 -5.14 6.12 -8.10
CA THR A 7 -4.92 5.44 -9.36
C THR A 7 -3.78 6.10 -10.13
N LYS A 8 -2.74 5.32 -10.39
CA LYS A 8 -1.58 5.82 -11.11
C LYS A 8 -1.33 4.94 -12.34
N VAL A 9 -0.69 5.52 -13.33
CA VAL A 9 -0.39 4.80 -14.56
C VAL A 9 1.11 4.91 -14.85
N LEU A 10 1.78 3.77 -14.79
CA LEU A 10 3.21 3.72 -15.04
C LEU A 10 3.48 2.85 -16.26
N PRO A 11 4.11 3.47 -17.30
CA PRO A 11 4.43 2.77 -18.53
C PRO A 11 5.61 1.82 -18.31
N TYR A 12 5.40 0.83 -17.45
CA TYR A 12 6.44 -0.13 -17.16
C TYR A 12 5.89 -1.57 -17.25
N THR A 13 6.78 -2.52 -17.03
CA THR A 13 6.40 -3.93 -17.09
C THR A 13 5.66 -4.33 -15.81
N PRO A 14 4.92 -5.46 -15.91
CA PRO A 14 4.16 -5.96 -14.77
C PRO A 14 5.09 -6.60 -13.73
N ASP A 15 6.36 -6.65 -14.08
CA ASP A 15 7.35 -7.24 -13.19
C ASP A 15 7.59 -6.30 -12.01
N GLN A 16 7.76 -5.02 -12.35
CA GLN A 16 8.00 -4.01 -11.33
C GLN A 16 6.90 -4.05 -10.27
N LEU A 17 5.75 -4.58 -10.67
CA LEU A 17 4.62 -4.68 -9.78
C LEU A 17 4.90 -5.76 -8.73
N PHE A 18 5.48 -6.85 -9.19
CA PHE A 18 5.81 -7.96 -8.31
C PHE A 18 6.46 -7.45 -7.01
N GLU A 19 7.27 -6.42 -7.18
CA GLU A 19 7.97 -5.84 -6.03
C GLU A 19 7.01 -4.95 -5.23
N LEU A 20 6.04 -4.39 -5.94
CA LEU A 20 5.06 -3.52 -5.31
C LEU A 20 4.13 -4.36 -4.43
N VAL A 21 3.77 -5.52 -4.95
CA VAL A 21 2.89 -6.42 -4.23
C VAL A 21 3.54 -6.80 -2.89
N GLY A 22 4.83 -7.09 -2.96
CA GLY A 22 5.58 -7.46 -1.77
C GLY A 22 6.31 -6.26 -1.18
N ASP A 23 5.79 -5.08 -1.48
CA ASP A 23 6.39 -3.84 -0.99
C ASP A 23 6.23 -3.78 0.53
N VAL A 24 5.48 -4.73 1.06
CA VAL A 24 5.24 -4.78 2.49
C VAL A 24 6.36 -5.57 3.16
N ASP A 25 7.06 -6.35 2.34
CA ASP A 25 8.15 -7.17 2.84
C ASP A 25 9.37 -6.97 1.95
N ALA A 26 9.25 -6.04 1.02
CA ALA A 26 10.33 -5.73 0.10
C ALA A 26 10.70 -4.26 0.20
N TYR A 27 10.04 -3.46 -0.63
CA TYR A 27 10.27 -2.02 -0.64
C TYR A 27 11.77 -1.72 -0.48
N PRO A 28 12.56 -2.26 -1.45
CA PRO A 28 14.01 -2.05 -1.42
C PRO A 28 14.37 -0.64 -1.87
N LYS A 29 13.75 0.33 -1.21
CA LYS A 29 14.00 1.73 -1.54
C LYS A 29 13.62 2.60 -0.34
N PHE A 30 13.34 3.86 -0.62
CA PHE A 30 12.96 4.80 0.42
C PHE A 30 11.44 4.86 0.58
N VAL A 31 11.02 4.85 1.84
CA VAL A 31 9.60 4.90 2.16
C VAL A 31 9.37 5.85 3.33
N PRO A 32 9.34 7.17 3.00
CA PRO A 32 9.13 8.18 4.03
C PRO A 32 7.67 8.22 4.47
N TRP A 33 6.78 8.09 3.49
CA TRP A 33 5.35 8.10 3.77
C TRP A 33 5.07 7.07 4.86
N ILE A 34 5.99 6.13 5.00
CA ILE A 34 5.85 5.09 6.00
C ILE A 34 7.13 5.03 6.85
N THR A 35 7.14 4.08 7.78
CA THR A 35 8.28 3.91 8.66
C THR A 35 8.65 2.43 8.79
N GLY A 36 8.06 1.80 9.79
CA GLY A 36 8.31 0.40 10.04
C GLY A 36 7.30 -0.48 9.29
N MET A 37 7.77 -1.66 8.89
CA MET A 37 6.92 -2.59 8.17
C MET A 37 7.40 -4.03 8.37
N ARG A 38 6.44 -4.94 8.36
CA ARG A 38 6.74 -6.35 8.54
C ARG A 38 5.52 -7.20 8.17
N THR A 39 5.78 -8.23 7.38
CA THR A 39 4.73 -9.13 6.95
C THR A 39 5.18 -10.58 7.05
N TRP A 40 4.48 -11.34 7.88
CA TRP A 40 4.81 -12.74 8.08
C TRP A 40 3.82 -13.33 9.09
N ASN A 41 3.99 -14.60 9.37
CA ASN A 41 3.12 -15.29 10.32
C ASN A 41 1.70 -15.35 9.75
N GLY A 42 1.41 -16.45 9.06
CA GLY A 42 0.10 -16.64 8.48
C GLY A 42 -0.01 -18.02 7.81
N ARG A 43 -0.60 -18.02 6.63
CA ARG A 43 -0.76 -19.26 5.88
C ARG A 43 -0.54 -19.01 4.39
N VAL A 44 -0.32 -20.11 3.67
CA VAL A 44 -0.08 -20.03 2.25
C VAL A 44 -0.92 -21.11 1.53
N ASP A 45 -1.79 -20.64 0.66
CA ASP A 45 -2.65 -21.55 -0.09
C ASP A 45 -2.59 -21.21 -1.58
N GLY A 46 -2.37 -22.24 -2.39
CA GLY A 46 -2.28 -22.06 -3.82
C GLY A 46 -1.41 -20.85 -4.17
N ALA A 47 -1.95 -20.01 -5.05
CA ALA A 47 -1.22 -18.82 -5.47
C ALA A 47 -1.68 -17.63 -4.62
N VAL A 48 -1.95 -17.92 -3.36
CA VAL A 48 -2.40 -16.89 -2.43
C VAL A 48 -1.65 -17.04 -1.10
N SER A 49 -1.42 -15.92 -0.45
CA SER A 49 -0.72 -15.92 0.82
C SER A 49 -1.35 -14.88 1.76
N THR A 50 -1.57 -15.30 3.00
CA THR A 50 -2.16 -14.41 3.99
C THR A 50 -1.32 -14.42 5.26
N VAL A 51 -0.94 -13.23 5.70
CA VAL A 51 -0.14 -13.08 6.91
C VAL A 51 -0.44 -11.73 7.55
N ASP A 52 0.11 -11.55 8.75
CA ASP A 52 -0.10 -10.31 9.48
C ASP A 52 0.77 -9.21 8.87
N ALA A 53 0.24 -8.00 8.87
CA ALA A 53 0.94 -6.86 8.32
C ALA A 53 1.07 -5.78 9.39
N GLU A 54 2.30 -5.60 9.87
CA GLU A 54 2.56 -4.61 10.89
C GLU A 54 3.26 -3.39 10.28
N ALA A 55 2.48 -2.34 10.08
CA ALA A 55 3.01 -1.12 9.51
C ALA A 55 2.93 0.01 10.54
N GLN A 56 3.83 0.97 10.39
CA GLN A 56 3.87 2.10 11.31
C GLN A 56 3.77 3.41 10.53
N VAL A 57 3.83 4.50 11.28
CA VAL A 57 3.75 5.82 10.67
C VAL A 57 4.77 6.74 11.33
N GLY A 58 5.61 7.34 10.49
CA GLY A 58 6.64 8.24 10.98
C GLY A 58 6.34 9.69 10.57
N PHE A 59 6.27 9.89 9.26
CA PHE A 59 6.00 11.21 8.72
C PHE A 59 4.50 11.45 8.58
N SER A 60 3.75 10.86 9.51
CA SER A 60 2.31 11.00 9.50
C SER A 60 1.86 11.94 10.63
N PHE A 61 2.85 12.55 11.26
CA PHE A 61 2.57 13.47 12.36
C PHE A 61 1.88 12.76 13.51
N LEU A 62 1.90 11.43 13.46
CA LEU A 62 1.27 10.63 14.49
C LEU A 62 2.09 9.36 14.71
N ARG A 63 2.68 9.27 15.88
CA ARG A 63 3.49 8.11 16.23
C ARG A 63 2.61 6.98 16.74
N GLU A 64 2.18 6.14 15.82
CA GLU A 64 1.33 5.00 16.17
C GLU A 64 1.65 3.80 15.28
N LYS A 65 1.18 2.65 15.72
CA LYS A 65 1.40 1.42 14.97
C LYS A 65 0.05 0.74 14.68
N PHE A 66 0.05 -0.09 13.65
CA PHE A 66 -1.16 -0.79 13.26
C PHE A 66 -0.82 -2.18 12.70
N ALA A 67 -1.80 -3.07 12.81
CA ALA A 67 -1.63 -4.43 12.32
C ALA A 67 -2.89 -4.87 11.58
N THR A 68 -2.67 -5.55 10.47
CA THR A 68 -3.78 -6.04 9.66
C THR A 68 -3.36 -7.27 8.86
N ARG A 69 -4.36 -8.07 8.51
CA ARG A 69 -4.11 -9.29 7.75
C ARG A 69 -3.94 -8.95 6.26
N VAL A 70 -2.71 -9.10 5.80
CA VAL A 70 -2.40 -8.82 4.41
C VAL A 70 -2.64 -10.09 3.57
N ARG A 71 -3.28 -9.89 2.43
CA ARG A 71 -3.58 -11.00 1.53
C ARG A 71 -2.99 -10.73 0.14
N ARG A 72 -2.02 -11.56 -0.23
CA ARG A 72 -1.38 -11.43 -1.52
C ARG A 72 -1.80 -12.57 -2.45
N ASP A 73 -1.86 -12.25 -3.74
CA ASP A 73 -2.25 -13.24 -4.73
C ASP A 73 -1.39 -13.05 -5.98
N LYS A 74 -0.78 -14.15 -6.42
CA LYS A 74 0.07 -14.12 -7.60
C LYS A 74 -0.76 -14.55 -8.81
N ASP A 75 -1.93 -15.09 -8.53
CA ASP A 75 -2.82 -15.54 -9.59
C ASP A 75 -3.82 -14.43 -9.93
N ALA A 76 -4.03 -13.55 -8.96
CA ALA A 76 -4.95 -12.43 -9.13
C ALA A 76 -4.16 -11.15 -9.34
N ARG A 77 -2.91 -11.17 -8.88
CA ARG A 77 -2.04 -10.01 -9.01
C ARG A 77 -2.64 -8.82 -8.26
N SER A 78 -3.30 -9.13 -7.15
CA SER A 78 -3.92 -8.09 -6.34
C SER A 78 -3.60 -8.33 -4.86
N ILE A 79 -3.76 -7.28 -4.08
CA ILE A 79 -3.48 -7.37 -2.65
C ILE A 79 -4.70 -6.83 -1.88
N ASP A 80 -4.86 -7.34 -0.67
CA ASP A 80 -5.96 -6.91 0.18
C ASP A 80 -5.56 -7.06 1.65
N VAL A 81 -5.92 -6.06 2.42
CA VAL A 81 -5.61 -6.06 3.85
C VAL A 81 -6.88 -5.82 4.65
N SER A 82 -7.01 -6.58 5.74
CA SER A 82 -8.17 -6.46 6.60
C SER A 82 -7.74 -6.03 8.00
N LEU A 83 -8.67 -5.40 8.70
CA LEU A 83 -8.41 -4.93 10.05
C LEU A 83 -8.32 -6.14 10.99
N LEU A 84 -7.26 -6.16 11.79
CA LEU A 84 -7.05 -7.24 12.73
C LEU A 84 -6.89 -6.66 14.14
N TYR A 85 -5.91 -5.77 14.27
CA TYR A 85 -5.64 -5.14 15.54
C TYR A 85 -5.46 -3.62 15.37
N GLY A 86 -5.56 -3.18 14.13
CA GLY A 86 -5.42 -1.77 13.83
C GLY A 86 -6.37 -0.92 14.67
N PRO A 87 -7.30 -0.23 13.97
CA PRO A 87 -8.27 0.62 14.64
C PRO A 87 -9.36 -0.23 15.32
N PHE A 88 -9.21 -1.54 15.20
CA PHE A 88 -10.16 -2.46 15.79
C PHE A 88 -11.58 -1.88 15.77
N LYS A 89 -11.93 -1.32 14.62
CA LYS A 89 -13.24 -0.72 14.44
C LYS A 89 -13.65 -0.80 12.98
N ARG A 90 -12.79 -0.27 12.13
CA ARG A 90 -13.05 -0.27 10.70
C ARG A 90 -11.81 0.21 9.94
N LEU A 91 -11.36 -0.63 9.01
CA LEU A 91 -10.19 -0.31 8.21
C LEU A 91 -9.95 -1.41 7.18
N ASN A 92 -9.86 -1.01 5.93
CA ASN A 92 -9.62 -1.96 4.85
C ASN A 92 -8.60 -1.37 3.87
N ASN A 93 -7.81 -2.27 3.29
CA ASN A 93 -6.79 -1.86 2.34
C ASN A 93 -6.70 -2.89 1.22
N GLY A 94 -6.18 -2.44 0.09
CA GLY A 94 -6.03 -3.31 -1.07
C GLY A 94 -5.70 -2.51 -2.32
N TRP A 95 -5.22 -3.21 -3.33
CA TRP A 95 -4.86 -2.58 -4.59
C TRP A 95 -5.09 -3.60 -5.71
N ARG A 96 -5.40 -3.07 -6.89
CA ARG A 96 -5.63 -3.93 -8.04
C ARG A 96 -4.96 -3.33 -9.29
N PHE A 97 -4.42 -4.22 -10.10
CA PHE A 97 -3.74 -3.81 -11.32
C PHE A 97 -4.70 -3.83 -12.51
N MET A 98 -4.49 -2.88 -13.42
CA MET A 98 -5.31 -2.79 -14.61
C MET A 98 -4.57 -2.09 -15.74
N PRO A 99 -3.93 -2.91 -16.60
CA PRO A 99 -3.17 -2.39 -17.73
C PRO A 99 -4.11 -1.92 -18.84
N GLU A 100 -3.65 -0.91 -19.56
CA GLU A 100 -4.44 -0.35 -20.65
C GLU A 100 -3.55 -0.08 -21.86
N GLY A 101 -2.90 -1.14 -22.33
CA GLY A 101 -2.02 -1.03 -23.48
C GLY A 101 -0.59 -1.40 -23.10
N ASP A 102 0.33 -0.51 -23.48
CA ASP A 102 1.74 -0.73 -23.19
C ASP A 102 2.04 -0.26 -21.77
N ALA A 103 1.16 0.59 -21.25
CA ALA A 103 1.31 1.11 -19.91
C ALA A 103 0.42 0.31 -18.95
N THR A 104 0.67 0.52 -17.66
CA THR A 104 -0.09 -0.17 -16.64
C THR A 104 -0.66 0.83 -15.63
N ARG A 105 -1.84 0.51 -15.12
CA ARG A 105 -2.50 1.38 -14.15
C ARG A 105 -2.78 0.61 -12.86
N VAL A 106 -2.30 1.18 -11.76
CA VAL A 106 -2.49 0.55 -10.46
C VAL A 106 -3.47 1.40 -9.63
N GLU A 107 -4.31 0.71 -8.88
CA GLU A 107 -5.29 1.39 -8.04
C GLU A 107 -5.17 0.90 -6.60
N PHE A 108 -5.13 1.86 -5.68
CA PHE A 108 -5.02 1.54 -4.27
C PHE A 108 -6.14 2.20 -3.47
N VAL A 109 -6.94 1.37 -2.83
CA VAL A 109 -8.05 1.86 -2.03
C VAL A 109 -7.65 1.88 -0.56
N ILE A 110 -7.80 3.04 0.05
CA ILE A 110 -7.45 3.20 1.45
C ILE A 110 -8.73 3.46 2.26
N GLU A 111 -8.95 2.61 3.25
CA GLU A 111 -10.11 2.74 4.11
C GLU A 111 -9.74 2.54 5.57
N PHE A 112 -9.94 3.58 6.35
CA PHE A 112 -9.62 3.53 7.77
C PHE A 112 -10.59 4.39 8.58
N ALA A 113 -10.64 4.10 9.87
CA ALA A 113 -11.53 4.83 10.77
C ALA A 113 -10.69 5.70 11.71
N PHE A 114 -11.05 6.97 11.77
CA PHE A 114 -10.35 7.90 12.62
C PHE A 114 -11.20 8.30 13.83
N LYS A 115 -10.56 8.98 14.76
CA LYS A 115 -11.24 9.43 15.97
C LYS A 115 -11.92 10.77 15.70
N SER A 116 -11.12 11.71 15.24
CA SER A 116 -11.62 13.04 14.93
C SER A 116 -12.03 13.13 13.46
N ALA A 117 -13.28 13.46 13.25
CA ALA A 117 -13.81 13.58 11.89
C ALA A 117 -13.01 14.66 11.14
N LEU A 118 -12.56 15.65 11.89
CA LEU A 118 -11.80 16.74 11.32
C LEU A 118 -10.46 16.20 10.82
N LEU A 119 -9.78 15.48 11.70
CA LEU A 119 -8.49 14.91 11.37
C LEU A 119 -8.66 13.86 10.27
N ASP A 120 -9.87 13.31 10.22
CA ASP A 120 -10.18 12.30 9.22
C ASP A 120 -9.94 12.87 7.82
N ALA A 121 -10.56 14.02 7.58
CA ALA A 121 -10.42 14.68 6.29
C ALA A 121 -9.03 15.32 6.20
N MET A 122 -8.55 15.81 7.33
CA MET A 122 -7.25 16.44 7.39
C MET A 122 -6.15 15.46 7.01
N LEU A 123 -6.19 14.29 7.63
CA LEU A 123 -5.21 13.25 7.38
C LEU A 123 -5.51 12.60 6.03
N ALA A 124 -6.79 12.34 5.80
CA ALA A 124 -7.22 11.72 4.56
C ALA A 124 -6.98 12.69 3.40
N ALA A 125 -6.73 13.94 3.76
CA ALA A 125 -6.47 14.96 2.76
C ALA A 125 -5.04 14.84 2.26
N ASN A 126 -4.12 14.84 3.20
CA ASN A 126 -2.71 14.73 2.88
C ASN A 126 -2.42 13.32 2.34
N VAL A 127 -3.27 12.39 2.73
CA VAL A 127 -3.12 11.01 2.30
C VAL A 127 -2.76 10.98 0.82
N ASP A 128 -3.45 11.81 0.05
CA ASP A 128 -3.20 11.88 -1.38
C ASP A 128 -1.77 12.36 -1.62
N ARG A 129 -1.38 13.37 -0.87
CA ARG A 129 -0.05 13.92 -0.99
C ARG A 129 1.00 12.84 -0.70
N ALA A 130 0.80 12.15 0.41
CA ALA A 130 1.72 11.09 0.81
C ALA A 130 1.81 10.05 -0.30
N ALA A 131 0.65 9.72 -0.85
CA ALA A 131 0.58 8.74 -1.93
C ALA A 131 1.34 9.27 -3.14
N GLY A 132 1.30 10.58 -3.29
CA GLY A 132 1.99 11.23 -4.40
C GLY A 132 3.51 11.09 -4.27
N LYS A 133 3.99 11.31 -3.05
CA LYS A 133 5.41 11.21 -2.77
C LYS A 133 5.84 9.74 -2.81
N LEU A 134 4.95 8.89 -2.30
CA LEU A 134 5.23 7.47 -2.27
C LEU A 134 5.26 6.93 -3.69
N ILE A 135 4.35 7.43 -4.51
CA ILE A 135 4.26 7.01 -5.90
C ILE A 135 5.46 7.56 -6.67
N ALA A 136 5.86 8.77 -6.29
CA ALA A 136 6.99 9.41 -6.93
C ALA A 136 8.28 8.73 -6.49
N CYS A 137 8.26 8.22 -5.27
CA CYS A 137 9.42 7.54 -4.73
C CYS A 137 9.64 6.24 -5.51
N PHE A 138 8.57 5.48 -5.64
CA PHE A 138 8.62 4.22 -6.36
C PHE A 138 8.90 4.46 -7.84
N GLU A 139 8.19 5.42 -8.40
CA GLU A 139 8.35 5.74 -9.81
C GLU A 139 9.78 6.23 -10.08
N ALA A 140 10.22 7.15 -9.23
CA ALA A 140 11.56 7.69 -9.37
C ALA A 140 12.59 6.56 -9.35
N ARG A 141 12.39 5.64 -8.41
CA ARG A 141 13.28 4.50 -8.27
C ARG A 141 13.21 3.62 -9.53
N ALA A 142 12.02 3.54 -10.09
CA ALA A 142 11.81 2.74 -11.29
C ALA A 142 12.62 3.34 -12.44
N GLN A 143 12.57 4.66 -12.53
CA GLN A 143 13.29 5.36 -13.58
C GLN A 143 14.79 5.35 -13.29
N GLN A 144 15.12 5.38 -12.01
CA GLN A 144 16.50 5.37 -11.59
C GLN A 144 17.15 4.02 -11.92
N LEU A 145 16.35 2.97 -11.80
CA LEU A 145 16.83 1.63 -12.10
C LEU A 145 16.98 1.45 -13.61
N HIS A 146 15.88 1.69 -14.31
CA HIS A 146 15.87 1.56 -15.75
C HIS A 146 16.82 2.59 -16.36
N GLY A 147 16.95 3.72 -15.67
CA GLY A 147 17.83 4.79 -16.13
C GLY A 147 19.24 4.26 -16.41
N ALA A 148 19.82 3.64 -15.40
CA ALA A 148 21.16 3.10 -15.53
C ALA A 148 22.08 4.15 -16.15
N MET A 1 -16.24 4.67 5.85
CA MET A 1 -15.41 5.64 6.55
C MET A 1 -14.54 6.43 5.58
N HIS A 2 -13.64 7.23 6.16
CA HIS A 2 -12.74 8.04 5.35
C HIS A 2 -11.92 7.12 4.43
N ARG A 3 -12.09 7.35 3.14
CA ARG A 3 -11.37 6.55 2.15
C ARG A 3 -10.76 7.46 1.09
N HIS A 4 -9.57 7.09 0.64
CA HIS A 4 -8.86 7.86 -0.37
C HIS A 4 -8.45 6.94 -1.52
N VAL A 5 -8.76 7.39 -2.74
CA VAL A 5 -8.43 6.62 -3.92
C VAL A 5 -7.20 7.25 -4.60
N VAL A 6 -6.46 6.41 -5.31
CA VAL A 6 -5.28 6.87 -6.00
C VAL A 6 -5.08 6.02 -7.26
N THR A 7 -5.17 6.69 -8.41
CA THR A 7 -5.01 6.01 -9.69
C THR A 7 -3.83 6.61 -10.45
N LYS A 8 -2.79 5.79 -10.62
CA LYS A 8 -1.60 6.22 -11.33
C LYS A 8 -1.44 5.38 -12.60
N VAL A 9 -0.67 5.92 -13.53
CA VAL A 9 -0.42 5.23 -14.79
C VAL A 9 1.07 5.33 -15.14
N LEU A 10 1.69 4.18 -15.30
CA LEU A 10 3.10 4.13 -15.64
C LEU A 10 3.33 3.06 -16.71
N PRO A 11 4.06 3.47 -17.78
CA PRO A 11 4.35 2.56 -18.88
C PRO A 11 5.43 1.56 -18.48
N TYR A 12 5.06 0.65 -17.60
CA TYR A 12 5.99 -0.36 -17.12
C TYR A 12 5.36 -1.76 -17.23
N THR A 13 6.21 -2.76 -17.05
CA THR A 13 5.76 -4.14 -17.11
C THR A 13 5.11 -4.54 -15.79
N PRO A 14 4.41 -5.71 -15.82
CA PRO A 14 3.73 -6.23 -14.65
C PRO A 14 4.73 -6.83 -13.67
N ASP A 15 6.00 -6.81 -14.07
CA ASP A 15 7.06 -7.35 -13.24
C ASP A 15 7.34 -6.39 -12.09
N GLN A 16 7.49 -5.12 -12.44
CA GLN A 16 7.77 -4.09 -11.45
C GLN A 16 6.75 -4.18 -10.30
N LEU A 17 5.51 -4.44 -10.67
CA LEU A 17 4.45 -4.55 -9.69
C LEU A 17 4.78 -5.67 -8.70
N PHE A 18 5.34 -6.74 -9.24
CA PHE A 18 5.72 -7.88 -8.42
C PHE A 18 6.44 -7.43 -7.15
N GLU A 19 7.29 -6.42 -7.32
CA GLU A 19 8.07 -5.88 -6.21
C GLU A 19 7.18 -4.98 -5.35
N LEU A 20 6.23 -4.33 -6.00
CA LEU A 20 5.32 -3.43 -5.31
C LEU A 20 4.35 -4.26 -4.47
N VAL A 21 3.98 -5.41 -5.03
CA VAL A 21 3.05 -6.30 -4.34
C VAL A 21 3.65 -6.73 -3.00
N GLY A 22 4.96 -6.88 -3.00
CA GLY A 22 5.67 -7.28 -1.79
C GLY A 22 6.42 -6.10 -1.18
N ASP A 23 5.91 -4.90 -1.43
CA ASP A 23 6.52 -3.70 -0.92
C ASP A 23 6.30 -3.63 0.60
N VAL A 24 5.51 -4.56 1.09
CA VAL A 24 5.22 -4.62 2.51
C VAL A 24 6.39 -5.27 3.24
N ASP A 25 7.25 -5.91 2.47
CA ASP A 25 8.41 -6.58 3.03
C ASP A 25 9.65 -6.20 2.21
N ALA A 26 9.44 -6.07 0.91
CA ALA A 26 10.54 -5.73 0.01
C ALA A 26 10.77 -4.22 0.07
N TYR A 27 10.13 -3.51 -0.85
CA TYR A 27 10.26 -2.07 -0.92
C TYR A 27 11.72 -1.64 -0.75
N PRO A 28 11.99 -0.37 -1.16
CA PRO A 28 13.35 0.16 -1.06
C PRO A 28 13.69 0.52 0.38
N LYS A 29 14.67 1.39 0.53
CA LYS A 29 15.10 1.83 1.85
C LYS A 29 14.65 3.28 2.08
N PHE A 30 13.65 3.68 1.31
CA PHE A 30 13.12 5.02 1.42
C PHE A 30 11.59 5.02 1.39
N VAL A 31 11.01 5.20 2.57
CA VAL A 31 9.56 5.22 2.69
C VAL A 31 9.16 6.20 3.79
N PRO A 32 9.08 7.50 3.41
CA PRO A 32 8.72 8.55 4.35
C PRO A 32 7.22 8.51 4.63
N TRP A 33 6.45 8.30 3.57
CA TRP A 33 5.00 8.25 3.71
C TRP A 33 4.66 7.26 4.81
N ILE A 34 5.60 6.37 5.08
CA ILE A 34 5.42 5.37 6.12
C ILE A 34 6.62 5.38 7.06
N THR A 35 6.58 4.50 8.04
CA THR A 35 7.65 4.40 9.02
C THR A 35 8.15 2.96 9.12
N GLY A 36 7.54 2.21 10.03
CA GLY A 36 7.91 0.82 10.24
C GLY A 36 6.95 -0.12 9.51
N MET A 37 7.46 -1.28 9.14
CA MET A 37 6.66 -2.27 8.45
C MET A 37 7.21 -3.68 8.68
N ARG A 38 6.30 -4.64 8.63
CA ARG A 38 6.67 -6.03 8.84
C ARG A 38 5.57 -6.96 8.32
N THR A 39 5.99 -8.04 7.69
CA THR A 39 5.05 -9.01 7.15
C THR A 39 5.51 -10.43 7.46
N TRP A 40 4.68 -11.15 8.19
CA TRP A 40 4.99 -12.52 8.57
C TRP A 40 3.83 -13.06 9.40
N ASN A 41 3.95 -14.33 9.77
CA ASN A 41 2.91 -14.97 10.56
C ASN A 41 1.63 -15.07 9.73
N GLY A 42 1.41 -16.26 9.19
CA GLY A 42 0.23 -16.50 8.37
C GLY A 42 0.29 -17.88 7.72
N ARG A 43 -0.22 -17.94 6.49
CA ARG A 43 -0.24 -19.19 5.75
C ARG A 43 0.05 -18.92 4.27
N VAL A 44 0.47 -19.98 3.58
CA VAL A 44 0.78 -19.88 2.17
C VAL A 44 0.08 -21.01 1.41
N ASP A 45 -0.71 -20.61 0.42
CA ASP A 45 -1.44 -21.58 -0.38
C ASP A 45 -1.28 -21.22 -1.86
N GLY A 46 -0.98 -22.23 -2.66
CA GLY A 46 -0.80 -22.04 -4.08
C GLY A 46 0.02 -20.78 -4.37
N ALA A 47 -0.51 -19.97 -5.28
CA ALA A 47 0.17 -18.74 -5.65
C ALA A 47 -0.41 -17.58 -4.84
N VAL A 48 -0.72 -17.88 -3.59
CA VAL A 48 -1.28 -16.88 -2.69
C VAL A 48 -0.61 -16.98 -1.33
N SER A 49 -0.51 -15.83 -0.66
CA SER A 49 0.11 -15.79 0.65
C SER A 49 -0.63 -14.78 1.54
N THR A 50 -0.96 -15.24 2.74
CA THR A 50 -1.67 -14.40 3.69
C THR A 50 -0.93 -14.37 5.03
N VAL A 51 -0.64 -13.17 5.49
CA VAL A 51 0.06 -12.99 6.76
C VAL A 51 -0.32 -11.65 7.36
N ASP A 52 0.13 -11.44 8.59
CA ASP A 52 -0.15 -10.20 9.30
C ASP A 52 0.80 -9.11 8.81
N ALA A 53 0.25 -7.92 8.64
CA ALA A 53 1.04 -6.79 8.18
C ALA A 53 1.10 -5.72 9.28
N GLU A 54 2.27 -5.62 9.88
CA GLU A 54 2.47 -4.65 10.95
C GLU A 54 3.09 -3.37 10.39
N ALA A 55 2.23 -2.37 10.21
CA ALA A 55 2.67 -1.10 9.68
C ALA A 55 2.55 -0.03 10.77
N GLN A 56 3.37 1.01 10.65
CA GLN A 56 3.36 2.09 11.62
C GLN A 56 3.15 3.43 10.91
N VAL A 57 3.12 4.49 11.70
CA VAL A 57 2.93 5.82 11.17
C VAL A 57 3.92 6.78 11.84
N GLY A 58 4.69 7.47 11.00
CA GLY A 58 5.67 8.41 11.49
C GLY A 58 5.47 9.79 10.88
N PHE A 59 5.29 9.80 9.56
CA PHE A 59 5.09 11.04 8.84
C PHE A 59 3.66 11.56 9.05
N SER A 60 2.87 10.76 9.73
CA SER A 60 1.49 11.13 10.00
C SER A 60 1.41 11.98 11.26
N PHE A 61 2.58 12.31 11.79
CA PHE A 61 2.67 13.13 12.99
C PHE A 61 1.94 12.46 14.16
N LEU A 62 1.59 11.20 13.95
CA LEU A 62 0.89 10.44 14.98
C LEU A 62 1.63 9.12 15.23
N ARG A 63 2.32 9.07 16.36
CA ARG A 63 3.07 7.89 16.73
C ARG A 63 2.12 6.77 17.15
N GLU A 64 1.76 5.94 16.19
CA GLU A 64 0.86 4.83 16.45
C GLU A 64 1.24 3.62 15.59
N LYS A 65 0.82 2.45 16.04
CA LYS A 65 1.10 1.22 15.33
C LYS A 65 -0.21 0.48 15.06
N PHE A 66 -0.20 -0.30 13.99
CA PHE A 66 -1.37 -1.07 13.62
C PHE A 66 -0.99 -2.34 12.85
N ALA A 67 -1.88 -3.32 12.89
CA ALA A 67 -1.63 -4.57 12.20
C ALA A 67 -2.89 -4.99 11.43
N THR A 68 -2.66 -5.54 10.26
CA THR A 68 -3.76 -5.98 9.40
C THR A 68 -3.36 -7.21 8.59
N ARG A 69 -4.37 -7.96 8.18
CA ARG A 69 -4.13 -9.16 7.40
C ARG A 69 -3.83 -8.80 5.95
N VAL A 70 -2.58 -9.04 5.54
CA VAL A 70 -2.17 -8.75 4.19
C VAL A 70 -2.32 -10.00 3.33
N ARG A 71 -2.93 -9.81 2.17
CA ARG A 71 -3.15 -10.92 1.25
C ARG A 71 -2.55 -10.59 -0.13
N ARG A 72 -1.70 -11.48 -0.60
CA ARG A 72 -1.05 -11.30 -1.88
C ARG A 72 -1.26 -12.54 -2.77
N ASP A 73 -1.24 -12.30 -4.06
CA ASP A 73 -1.42 -13.39 -5.01
C ASP A 73 -0.57 -13.12 -6.26
N LYS A 74 0.19 -14.14 -6.65
CA LYS A 74 1.04 -14.02 -7.81
C LYS A 74 0.28 -14.48 -9.06
N ASP A 75 -0.87 -15.11 -8.80
CA ASP A 75 -1.70 -15.60 -9.89
C ASP A 75 -2.81 -14.58 -10.18
N ALA A 76 -3.12 -13.79 -9.16
CA ALA A 76 -4.15 -12.78 -9.29
C ALA A 76 -3.51 -11.42 -9.54
N ARG A 77 -2.29 -11.28 -9.04
CA ARG A 77 -1.55 -10.03 -9.21
C ARG A 77 -2.32 -8.88 -8.56
N SER A 78 -2.93 -9.18 -7.42
CA SER A 78 -3.68 -8.17 -6.69
C SER A 78 -3.27 -8.16 -5.22
N ILE A 79 -3.57 -7.05 -4.56
CA ILE A 79 -3.24 -6.91 -3.15
C ILE A 79 -4.50 -6.56 -2.36
N ASP A 80 -4.63 -7.19 -1.20
CA ASP A 80 -5.78 -6.96 -0.35
C ASP A 80 -5.34 -7.00 1.12
N VAL A 81 -5.90 -6.07 1.89
CA VAL A 81 -5.57 -5.99 3.31
C VAL A 81 -6.84 -5.72 4.10
N SER A 82 -6.98 -6.44 5.20
CA SER A 82 -8.15 -6.28 6.07
C SER A 82 -7.71 -5.90 7.48
N LEU A 83 -8.62 -5.26 8.20
CA LEU A 83 -8.33 -4.84 9.55
C LEU A 83 -8.35 -6.07 10.48
N LEU A 84 -7.33 -6.16 11.31
CA LEU A 84 -7.22 -7.27 12.24
C LEU A 84 -7.10 -6.73 13.66
N TYR A 85 -6.09 -5.89 13.86
CA TYR A 85 -5.85 -5.29 15.16
C TYR A 85 -5.62 -3.78 15.04
N GLY A 86 -5.65 -3.30 13.80
CA GLY A 86 -5.46 -1.89 13.54
C GLY A 86 -6.39 -1.04 14.40
N PRO A 87 -7.34 -0.36 13.70
CA PRO A 87 -8.30 0.49 14.39
C PRO A 87 -9.37 -0.34 15.09
N PHE A 88 -9.21 -1.65 14.98
CA PHE A 88 -10.16 -2.57 15.60
C PHE A 88 -11.58 -2.01 15.57
N LYS A 89 -11.91 -1.39 14.44
CA LYS A 89 -13.22 -0.81 14.27
C LYS A 89 -13.61 -0.87 12.78
N ARG A 90 -12.78 -0.25 11.96
CA ARG A 90 -13.02 -0.23 10.53
C ARG A 90 -11.78 0.28 9.79
N LEU A 91 -11.29 -0.54 8.87
CA LEU A 91 -10.11 -0.19 8.09
C LEU A 91 -9.84 -1.29 7.06
N ASN A 92 -9.35 -0.86 5.91
CA ASN A 92 -9.04 -1.79 4.83
C ASN A 92 -8.00 -1.17 3.91
N ASN A 93 -7.41 -2.01 3.07
CA ASN A 93 -6.40 -1.56 2.14
C ASN A 93 -6.36 -2.51 0.93
N GLY A 94 -6.65 -1.95 -0.23
CA GLY A 94 -6.66 -2.74 -1.45
C GLY A 94 -5.86 -2.03 -2.55
N TRP A 95 -5.14 -2.84 -3.32
CA TRP A 95 -4.33 -2.31 -4.41
C TRP A 95 -4.40 -3.30 -5.58
N ARG A 96 -4.66 -2.76 -6.75
CA ARG A 96 -4.75 -3.58 -7.95
C ARG A 96 -4.08 -2.89 -9.13
N PHE A 97 -3.72 -3.68 -10.12
CA PHE A 97 -3.07 -3.15 -11.31
C PHE A 97 -3.29 -4.06 -12.52
N MET A 98 -3.41 -3.44 -13.67
CA MET A 98 -3.63 -4.18 -14.90
C MET A 98 -3.05 -3.43 -16.11
N PRO A 99 -2.41 -4.21 -17.02
CA PRO A 99 -1.81 -3.63 -18.20
C PRO A 99 -2.87 -3.27 -19.23
N GLU A 100 -2.57 -2.24 -20.01
CA GLU A 100 -3.49 -1.78 -21.03
C GLU A 100 -2.89 -0.62 -21.81
N GLY A 101 -3.62 -0.17 -22.82
CA GLY A 101 -3.17 0.94 -23.65
C GLY A 101 -1.66 0.86 -23.88
N ASP A 102 -1.01 1.99 -23.69
CA ASP A 102 0.44 2.07 -23.87
C ASP A 102 1.13 1.99 -22.52
N ALA A 103 0.37 2.31 -21.48
CA ALA A 103 0.90 2.28 -20.13
C ALA A 103 -0.04 1.46 -19.24
N THR A 104 0.47 1.09 -18.08
CA THR A 104 -0.31 0.31 -17.13
C THR A 104 -1.02 1.23 -16.14
N ARG A 105 -2.19 0.78 -15.70
CA ARG A 105 -2.98 1.55 -14.75
C ARG A 105 -3.07 0.81 -13.41
N VAL A 106 -2.71 1.53 -12.35
CA VAL A 106 -2.76 0.95 -11.02
C VAL A 106 -3.71 1.76 -10.15
N GLU A 107 -4.47 1.04 -9.34
CA GLU A 107 -5.44 1.68 -8.45
C GLU A 107 -5.17 1.27 -7.00
N PHE A 108 -5.06 2.27 -6.15
CA PHE A 108 -4.81 2.03 -4.73
C PHE A 108 -5.85 2.73 -3.87
N VAL A 109 -6.72 1.92 -3.28
CA VAL A 109 -7.78 2.44 -2.42
C VAL A 109 -7.46 2.10 -0.96
N ILE A 110 -7.30 3.14 -0.17
CA ILE A 110 -6.99 2.96 1.24
C ILE A 110 -8.22 3.32 2.08
N GLU A 111 -8.52 2.47 3.04
CA GLU A 111 -9.66 2.69 3.91
C GLU A 111 -9.22 2.69 5.38
N PHE A 112 -9.92 3.49 6.17
CA PHE A 112 -9.61 3.60 7.58
C PHE A 112 -10.65 4.46 8.31
N ALA A 113 -10.71 4.28 9.62
CA ALA A 113 -11.65 5.02 10.44
C ALA A 113 -10.88 5.77 11.53
N PHE A 114 -11.02 7.09 11.51
CA PHE A 114 -10.34 7.93 12.50
C PHE A 114 -11.29 8.27 13.64
N LYS A 115 -10.70 8.86 14.69
CA LYS A 115 -11.47 9.25 15.85
C LYS A 115 -11.90 10.71 15.71
N SER A 116 -10.92 11.56 15.44
CA SER A 116 -11.19 12.98 15.28
C SER A 116 -11.69 13.25 13.86
N ALA A 117 -12.90 13.79 13.79
CA ALA A 117 -13.50 14.11 12.51
C ALA A 117 -12.64 15.15 11.79
N LEU A 118 -12.00 15.99 12.59
CA LEU A 118 -11.15 17.03 12.04
C LEU A 118 -9.89 16.39 11.45
N LEU A 119 -9.22 15.60 12.28
CA LEU A 119 -8.00 14.94 11.85
C LEU A 119 -8.33 13.98 10.71
N ASP A 120 -9.57 13.52 10.70
CA ASP A 120 -10.03 12.60 9.66
C ASP A 120 -9.79 13.23 8.29
N ALA A 121 -10.28 14.45 8.14
CA ALA A 121 -10.13 15.17 6.89
C ALA A 121 -8.71 15.70 6.78
N MET A 122 -8.18 16.13 7.91
CA MET A 122 -6.82 16.67 7.96
C MET A 122 -5.80 15.63 7.50
N LEU A 123 -5.94 14.43 8.07
CA LEU A 123 -5.03 13.35 7.73
C LEU A 123 -5.40 12.79 6.35
N ALA A 124 -6.69 12.56 6.17
CA ALA A 124 -7.18 12.03 4.91
C ALA A 124 -6.92 13.06 3.80
N ALA A 125 -6.58 14.26 4.22
CA ALA A 125 -6.29 15.33 3.28
C ALA A 125 -4.87 15.16 2.73
N ASN A 126 -3.92 15.07 3.67
CA ASN A 126 -2.53 14.92 3.30
C ASN A 126 -2.31 13.50 2.76
N VAL A 127 -3.17 12.60 3.17
CA VAL A 127 -3.09 11.21 2.73
C VAL A 127 -2.82 11.18 1.22
N ASP A 128 -3.54 12.04 0.52
CA ASP A 128 -3.40 12.12 -0.93
C ASP A 128 -1.97 12.55 -1.27
N ARG A 129 -1.51 13.57 -0.56
CA ARG A 129 -0.17 14.09 -0.77
C ARG A 129 0.88 12.99 -0.55
N ALA A 130 0.73 12.31 0.58
CA ALA A 130 1.66 11.24 0.93
C ALA A 130 1.64 10.19 -0.17
N ALA A 131 0.44 9.92 -0.67
CA ALA A 131 0.28 8.94 -1.73
C ALA A 131 1.00 9.41 -2.98
N GLY A 132 0.97 10.72 -3.19
CA GLY A 132 1.62 11.32 -4.34
C GLY A 132 3.13 11.12 -4.28
N LYS A 133 3.69 11.38 -3.10
CA LYS A 133 5.12 11.25 -2.90
C LYS A 133 5.49 9.76 -2.95
N LEU A 134 4.65 8.95 -2.33
CA LEU A 134 4.87 7.52 -2.30
C LEU A 134 4.86 6.97 -3.73
N ILE A 135 3.93 7.47 -4.51
CA ILE A 135 3.79 7.04 -5.90
C ILE A 135 5.07 7.41 -6.66
N ALA A 136 5.50 8.65 -6.47
CA ALA A 136 6.69 9.14 -7.13
C ALA A 136 7.88 8.25 -6.74
N CYS A 137 7.87 7.81 -5.50
CA CYS A 137 8.93 6.96 -5.00
C CYS A 137 8.93 5.66 -5.82
N PHE A 138 7.76 5.05 -5.92
CA PHE A 138 7.62 3.82 -6.66
C PHE A 138 7.99 4.02 -8.13
N GLU A 139 7.59 5.17 -8.66
CA GLU A 139 7.88 5.50 -10.04
C GLU A 139 9.39 5.57 -10.27
N ALA A 140 10.05 6.36 -9.42
CA ALA A 140 11.49 6.53 -9.52
C ALA A 140 12.16 5.16 -9.44
N ARG A 141 11.62 4.31 -8.57
CA ARG A 141 12.17 2.97 -8.39
C ARG A 141 11.98 2.15 -9.67
N ALA A 142 10.85 2.37 -10.32
CA ALA A 142 10.53 1.67 -11.55
C ALA A 142 11.54 2.05 -12.62
N GLN A 143 11.84 3.33 -12.70
CA GLN A 143 12.78 3.84 -13.67
C GLN A 143 14.20 3.45 -13.28
N GLN A 144 14.43 3.37 -11.98
CA GLN A 144 15.74 3.01 -11.46
C GLN A 144 16.05 1.55 -11.80
N LEU A 145 15.00 0.73 -11.79
CA LEU A 145 15.16 -0.68 -12.09
C LEU A 145 15.27 -0.87 -13.60
N HIS A 146 14.32 -0.28 -14.31
CA HIS A 146 14.31 -0.38 -15.77
C HIS A 146 15.53 0.34 -16.34
N GLY A 147 15.95 1.39 -15.63
CA GLY A 147 17.10 2.16 -16.06
C GLY A 147 18.34 1.27 -16.21
N ALA A 148 18.66 0.57 -15.14
CA ALA A 148 19.81 -0.32 -15.15
C ALA A 148 19.76 -1.21 -16.39
N MET A 1 -15.93 4.29 5.94
CA MET A 1 -15.33 5.52 6.43
C MET A 1 -14.57 6.24 5.32
N HIS A 2 -13.79 7.24 5.73
CA HIS A 2 -13.02 8.01 4.78
C HIS A 2 -12.39 7.08 3.74
N ARG A 3 -12.78 7.31 2.48
CA ARG A 3 -12.27 6.50 1.38
C ARG A 3 -11.64 7.40 0.31
N HIS A 4 -10.35 7.19 0.11
CA HIS A 4 -9.62 7.97 -0.88
C HIS A 4 -9.24 7.07 -2.06
N VAL A 5 -9.31 7.66 -3.25
CA VAL A 5 -8.98 6.92 -4.46
C VAL A 5 -7.60 7.38 -4.97
N VAL A 6 -6.88 6.42 -5.54
CA VAL A 6 -5.56 6.71 -6.07
C VAL A 6 -5.27 5.77 -7.24
N THR A 7 -5.38 6.33 -8.44
CA THR A 7 -5.13 5.56 -9.65
C THR A 7 -4.01 6.20 -10.47
N LYS A 8 -2.99 5.39 -10.74
CA LYS A 8 -1.85 5.85 -11.52
C LYS A 8 -1.57 4.88 -12.66
N VAL A 9 -0.89 5.38 -13.68
CA VAL A 9 -0.56 4.56 -14.83
C VAL A 9 0.89 4.82 -15.23
N LEU A 10 1.64 3.74 -15.40
CA LEU A 10 3.04 3.84 -15.78
C LEU A 10 3.36 2.76 -16.81
N PRO A 11 4.00 3.18 -17.92
CA PRO A 11 4.37 2.27 -18.99
C PRO A 11 5.57 1.42 -18.58
N TYR A 12 5.42 0.72 -17.46
CA TYR A 12 6.48 -0.13 -16.95
C TYR A 12 6.05 -1.60 -16.96
N THR A 13 7.05 -2.47 -16.89
CA THR A 13 6.79 -3.90 -16.90
C THR A 13 6.05 -4.31 -15.63
N PRO A 14 5.45 -5.53 -15.68
CA PRO A 14 4.70 -6.04 -14.55
C PRO A 14 5.64 -6.53 -13.45
N ASP A 15 6.94 -6.42 -13.73
CA ASP A 15 7.94 -6.84 -12.78
C ASP A 15 8.04 -5.81 -11.65
N GLN A 16 8.11 -4.55 -12.04
CA GLN A 16 8.20 -3.47 -11.07
C GLN A 16 7.08 -3.60 -10.03
N LEU A 17 6.02 -4.28 -10.42
CA LEU A 17 4.90 -4.48 -9.54
C LEU A 17 5.31 -5.41 -8.39
N PHE A 18 6.00 -6.48 -8.75
CA PHE A 18 6.46 -7.45 -7.78
C PHE A 18 7.06 -6.74 -6.56
N GLU A 19 7.69 -5.61 -6.83
CA GLU A 19 8.31 -4.84 -5.76
C GLU A 19 7.26 -4.05 -4.99
N LEU A 20 6.26 -3.59 -5.73
CA LEU A 20 5.18 -2.81 -5.12
C LEU A 20 4.25 -3.76 -4.36
N VAL A 21 4.04 -4.93 -4.94
CA VAL A 21 3.16 -5.93 -4.33
C VAL A 21 3.75 -6.34 -2.97
N GLY A 22 5.07 -6.38 -2.92
CA GLY A 22 5.76 -6.76 -1.70
C GLY A 22 6.37 -5.53 -1.02
N ASP A 23 5.80 -4.37 -1.32
CA ASP A 23 6.27 -3.13 -0.75
C ASP A 23 6.22 -3.22 0.78
N VAL A 24 5.47 -4.21 1.25
CA VAL A 24 5.34 -4.42 2.69
C VAL A 24 6.52 -5.25 3.19
N ASP A 25 7.26 -5.80 2.25
CA ASP A 25 8.42 -6.61 2.59
C ASP A 25 9.56 -6.29 1.61
N ALA A 26 9.39 -5.20 0.89
CA ALA A 26 10.39 -4.78 -0.08
C ALA A 26 10.91 -3.39 0.30
N TYR A 27 10.31 -2.38 -0.31
CA TYR A 27 10.69 -1.00 -0.05
C TYR A 27 12.21 -0.87 0.08
N PRO A 28 12.85 -0.43 -1.04
CA PRO A 28 14.29 -0.26 -1.06
C PRO A 28 14.71 0.98 -0.28
N LYS A 29 13.91 2.03 -0.42
CA LYS A 29 14.18 3.28 0.26
C LYS A 29 13.19 4.35 -0.23
N PHE A 30 13.38 5.56 0.27
CA PHE A 30 12.52 6.67 -0.10
C PHE A 30 11.05 6.34 0.18
N VAL A 31 10.76 6.11 1.46
CA VAL A 31 9.41 5.78 1.87
C VAL A 31 9.11 6.46 3.21
N PRO A 32 9.02 7.82 3.16
CA PRO A 32 8.75 8.60 4.36
C PRO A 32 7.27 8.47 4.77
N TRP A 33 6.42 8.42 3.76
CA TRP A 33 4.99 8.31 4.00
C TRP A 33 4.77 7.16 5.00
N ILE A 34 5.73 6.26 5.04
CA ILE A 34 5.67 5.13 5.95
C ILE A 34 6.91 5.11 6.84
N THR A 35 6.92 4.16 7.76
CA THR A 35 8.03 4.03 8.69
C THR A 35 8.44 2.56 8.83
N GLY A 36 7.81 1.89 9.79
CA GLY A 36 8.11 0.49 10.03
C GLY A 36 7.05 -0.41 9.38
N MET A 37 7.47 -1.63 9.08
CA MET A 37 6.57 -2.59 8.45
C MET A 37 7.08 -4.03 8.65
N ARG A 38 6.14 -4.95 8.67
CA ARG A 38 6.48 -6.35 8.85
C ARG A 38 5.33 -7.25 8.37
N THR A 39 5.69 -8.24 7.57
CA THR A 39 4.71 -9.16 7.04
C THR A 39 5.17 -10.62 7.24
N TRP A 40 4.37 -11.36 8.00
CA TRP A 40 4.69 -12.75 8.28
C TRP A 40 3.57 -13.31 9.16
N ASN A 41 3.71 -14.58 9.49
CA ASN A 41 2.74 -15.25 10.33
C ASN A 41 1.39 -15.29 9.60
N GLY A 42 1.12 -16.42 8.97
CA GLY A 42 -0.12 -16.58 8.23
C GLY A 42 -0.15 -17.93 7.49
N ARG A 43 -0.84 -17.93 6.36
CA ARG A 43 -0.94 -19.14 5.56
C ARG A 43 -0.73 -18.80 4.08
N VAL A 44 -0.40 -19.84 3.32
CA VAL A 44 -0.16 -19.68 1.90
C VAL A 44 -1.06 -20.65 1.12
N ASP A 45 -1.79 -20.09 0.16
CA ASP A 45 -2.69 -20.89 -0.65
C ASP A 45 -2.52 -20.50 -2.12
N GLY A 46 -2.35 -21.52 -2.95
CA GLY A 46 -2.18 -21.29 -4.38
C GLY A 46 -1.21 -20.15 -4.65
N ALA A 47 -1.63 -19.24 -5.52
CA ALA A 47 -0.80 -18.10 -5.86
C ALA A 47 -1.22 -16.91 -5.00
N VAL A 48 -1.56 -17.21 -3.76
CA VAL A 48 -1.98 -16.17 -2.84
C VAL A 48 -1.31 -16.40 -1.48
N SER A 49 -1.06 -15.30 -0.77
CA SER A 49 -0.43 -15.38 0.53
C SER A 49 -1.15 -14.45 1.52
N THR A 50 -1.42 -14.99 2.69
CA THR A 50 -2.10 -14.23 3.72
C THR A 50 -1.33 -14.28 5.03
N VAL A 51 -0.96 -13.10 5.53
CA VAL A 51 -0.21 -13.01 6.76
C VAL A 51 -0.51 -11.67 7.44
N ASP A 52 -0.01 -11.53 8.65
CA ASP A 52 -0.22 -10.31 9.42
C ASP A 52 0.74 -9.23 8.91
N ALA A 53 0.22 -8.01 8.81
CA ALA A 53 1.02 -6.89 8.35
C ALA A 53 0.96 -5.77 9.38
N GLU A 54 2.10 -5.53 10.01
CA GLU A 54 2.20 -4.49 11.03
C GLU A 54 2.92 -3.27 10.46
N ALA A 55 2.13 -2.27 10.09
CA ALA A 55 2.68 -1.04 9.53
C ALA A 55 2.65 0.05 10.59
N GLN A 56 3.55 1.01 10.44
CA GLN A 56 3.64 2.11 11.38
C GLN A 56 3.54 3.44 10.64
N VAL A 57 3.57 4.52 11.41
CA VAL A 57 3.48 5.86 10.84
C VAL A 57 4.55 6.75 11.49
N GLY A 58 5.35 7.37 10.64
CA GLY A 58 6.40 8.26 11.12
C GLY A 58 6.06 9.72 10.82
N PHE A 59 6.01 10.04 9.53
CA PHE A 59 5.70 11.38 9.10
C PHE A 59 4.19 11.60 9.02
N SER A 60 3.48 10.96 9.93
CA SER A 60 2.03 11.07 9.96
C SER A 60 1.60 11.93 11.15
N PHE A 61 2.58 12.48 11.84
CA PHE A 61 2.32 13.32 13.00
C PHE A 61 1.57 12.54 14.08
N LEU A 62 1.52 11.23 13.89
CA LEU A 62 0.84 10.36 14.84
C LEU A 62 1.66 9.09 15.03
N ARG A 63 2.48 9.11 16.07
CA ARG A 63 3.33 7.96 16.38
C ARG A 63 2.49 6.82 16.94
N GLU A 64 2.03 5.96 16.03
CA GLU A 64 1.21 4.82 16.41
C GLU A 64 1.52 3.63 15.52
N LYS A 65 1.14 2.45 16.01
CA LYS A 65 1.36 1.23 15.25
C LYS A 65 0.02 0.53 15.00
N PHE A 66 -0.03 -0.19 13.90
CA PHE A 66 -1.25 -0.90 13.53
C PHE A 66 -0.91 -2.21 12.80
N ALA A 67 -1.77 -3.20 13.03
CA ALA A 67 -1.58 -4.51 12.41
C ALA A 67 -2.85 -4.89 11.65
N THR A 68 -2.64 -5.51 10.49
CA THR A 68 -3.76 -5.94 9.66
C THR A 68 -3.37 -7.16 8.83
N ARG A 69 -4.38 -7.92 8.43
CA ARG A 69 -4.16 -9.11 7.63
C ARG A 69 -3.89 -8.73 6.17
N VAL A 70 -2.65 -8.92 5.77
CA VAL A 70 -2.25 -8.62 4.40
C VAL A 70 -2.50 -9.82 3.50
N ARG A 71 -2.98 -9.54 2.31
CA ARG A 71 -3.26 -10.60 1.35
C ARG A 71 -2.65 -10.27 -0.02
N ARG A 72 -1.69 -11.09 -0.41
CA ARG A 72 -1.02 -10.88 -1.69
C ARG A 72 -1.41 -11.98 -2.67
N ASP A 73 -1.30 -11.65 -3.95
CA ASP A 73 -1.65 -12.60 -5.00
C ASP A 73 -0.73 -12.37 -6.21
N LYS A 74 -0.08 -13.44 -6.63
CA LYS A 74 0.81 -13.37 -7.78
C LYS A 74 0.04 -13.70 -9.05
N ASP A 75 -1.18 -14.20 -8.86
CA ASP A 75 -2.02 -14.56 -9.98
C ASP A 75 -3.01 -13.42 -10.25
N ALA A 76 -3.25 -12.63 -9.22
CA ALA A 76 -4.17 -11.51 -9.33
C ALA A 76 -3.37 -10.21 -9.43
N ARG A 77 -2.17 -10.24 -8.87
CA ARG A 77 -1.31 -9.08 -8.89
C ARG A 77 -1.96 -7.91 -8.14
N SER A 78 -2.68 -8.26 -7.08
CA SER A 78 -3.36 -7.25 -6.27
C SER A 78 -3.05 -7.48 -4.78
N ILE A 79 -3.12 -6.39 -4.04
CA ILE A 79 -2.85 -6.45 -2.61
C ILE A 79 -4.10 -6.00 -1.84
N ASP A 80 -4.34 -6.67 -0.72
CA ASP A 80 -5.49 -6.34 0.11
C ASP A 80 -5.11 -6.52 1.58
N VAL A 81 -5.55 -5.57 2.39
CA VAL A 81 -5.27 -5.62 3.82
C VAL A 81 -6.54 -5.26 4.59
N SER A 82 -6.85 -6.10 5.56
CA SER A 82 -8.03 -5.89 6.39
C SER A 82 -7.63 -5.75 7.86
N LEU A 83 -8.55 -5.20 8.64
CA LEU A 83 -8.30 -5.00 10.06
C LEU A 83 -8.14 -6.36 10.74
N LEU A 84 -7.08 -6.47 11.52
CA LEU A 84 -6.80 -7.71 12.23
C LEU A 84 -6.71 -7.43 13.73
N TYR A 85 -5.82 -6.51 14.07
CA TYR A 85 -5.63 -6.13 15.47
C TYR A 85 -5.68 -4.61 15.64
N GLY A 86 -5.80 -3.93 14.51
CA GLY A 86 -5.86 -2.47 14.52
C GLY A 86 -7.08 -1.98 15.30
N PRO A 87 -7.58 -0.78 14.88
CA PRO A 87 -8.74 -0.20 15.53
C PRO A 87 -10.03 -0.92 15.11
N PHE A 88 -10.56 -1.69 16.04
CA PHE A 88 -11.77 -2.44 15.78
C PHE A 88 -12.94 -1.50 15.48
N LYS A 89 -13.07 -1.18 14.20
CA LYS A 89 -14.13 -0.29 13.75
C LYS A 89 -14.22 -0.33 12.23
N ARG A 90 -13.06 -0.15 11.59
CA ARG A 90 -13.00 -0.17 10.14
C ARG A 90 -11.61 0.24 9.67
N LEU A 91 -11.07 -0.55 8.75
CA LEU A 91 -9.74 -0.28 8.22
C LEU A 91 -9.45 -1.26 7.08
N ASN A 92 -9.29 -0.69 5.88
CA ASN A 92 -9.01 -1.50 4.71
C ASN A 92 -7.98 -0.78 3.84
N ASN A 93 -7.05 -1.56 3.31
CA ASN A 93 -6.00 -1.02 2.47
C ASN A 93 -5.55 -2.09 1.47
N GLY A 94 -5.62 -1.72 0.19
CA GLY A 94 -5.23 -2.63 -0.86
C GLY A 94 -5.24 -1.93 -2.22
N TRP A 95 -4.55 -2.55 -3.17
CA TRP A 95 -4.46 -1.98 -4.51
C TRP A 95 -4.40 -3.16 -5.50
N ARG A 96 -4.59 -2.83 -6.76
CA ARG A 96 -4.56 -3.83 -7.82
C ARG A 96 -3.68 -3.36 -8.98
N PHE A 97 -3.03 -4.32 -9.62
CA PHE A 97 -2.15 -4.02 -10.73
C PHE A 97 -2.57 -4.79 -11.98
N MET A 98 -3.15 -4.06 -12.92
CA MET A 98 -3.61 -4.66 -14.16
C MET A 98 -3.14 -3.85 -15.37
N PRO A 99 -2.90 -4.58 -16.50
CA PRO A 99 -2.45 -3.94 -17.72
C PRO A 99 -3.60 -3.18 -18.40
N GLU A 100 -3.23 -2.13 -19.12
CA GLU A 100 -4.22 -1.33 -19.82
C GLU A 100 -3.54 -0.54 -20.96
N GLY A 101 -3.54 -1.15 -22.13
CA GLY A 101 -2.94 -0.53 -23.30
C GLY A 101 -1.44 -0.83 -23.37
N ASP A 102 -0.67 0.22 -23.59
CA ASP A 102 0.77 0.08 -23.69
C ASP A 102 1.39 0.23 -22.29
N ALA A 103 0.62 0.83 -21.39
CA ALA A 103 1.07 1.04 -20.04
C ALA A 103 0.21 0.23 -19.08
N THR A 104 0.66 0.13 -17.85
CA THR A 104 -0.06 -0.62 -16.83
C THR A 104 -0.89 0.34 -15.96
N ARG A 105 -2.02 -0.17 -15.50
CA ARG A 105 -2.90 0.62 -14.66
C ARG A 105 -2.86 0.11 -13.21
N VAL A 106 -2.67 1.03 -12.29
CA VAL A 106 -2.61 0.69 -10.88
C VAL A 106 -3.71 1.44 -10.13
N GLU A 107 -4.44 0.70 -9.31
CA GLU A 107 -5.52 1.27 -8.54
C GLU A 107 -5.33 0.97 -7.05
N PHE A 108 -5.30 2.03 -6.26
CA PHE A 108 -5.12 1.90 -4.83
C PHE A 108 -6.27 2.56 -4.06
N VAL A 109 -6.96 1.75 -3.28
CA VAL A 109 -8.09 2.25 -2.49
C VAL A 109 -7.68 2.32 -1.02
N ILE A 110 -7.87 3.49 -0.44
CA ILE A 110 -7.53 3.70 0.96
C ILE A 110 -8.81 3.95 1.75
N GLU A 111 -9.06 3.06 2.70
CA GLU A 111 -10.24 3.16 3.55
C GLU A 111 -9.88 2.86 5.00
N PHE A 112 -10.11 3.86 5.85
CA PHE A 112 -9.81 3.71 7.27
C PHE A 112 -10.74 4.61 8.10
N ALA A 113 -10.93 4.19 9.35
CA ALA A 113 -11.78 4.93 10.26
C ALA A 113 -10.93 5.49 11.40
N PHE A 114 -10.96 6.81 11.52
CA PHE A 114 -10.20 7.49 12.56
C PHE A 114 -11.08 7.80 13.77
N LYS A 115 -10.43 8.21 14.85
CA LYS A 115 -11.13 8.53 16.07
C LYS A 115 -11.61 9.98 16.00
N SER A 116 -10.68 10.86 15.67
CA SER A 116 -10.99 12.28 15.56
C SER A 116 -11.51 12.60 14.16
N ALA A 117 -12.75 13.07 14.12
CA ALA A 117 -13.38 13.42 12.86
C ALA A 117 -12.50 14.45 12.13
N LEU A 118 -11.83 15.27 12.92
CA LEU A 118 -10.97 16.30 12.37
C LEU A 118 -9.74 15.64 11.74
N LEU A 119 -9.06 14.83 12.54
CA LEU A 119 -7.87 14.14 12.08
C LEU A 119 -8.24 13.24 10.91
N ASP A 120 -9.49 12.77 10.91
CA ASP A 120 -9.97 11.91 9.86
C ASP A 120 -9.72 12.56 8.51
N ALA A 121 -10.19 13.80 8.39
CA ALA A 121 -10.02 14.54 7.16
C ALA A 121 -8.59 15.07 7.07
N MET A 122 -8.09 15.54 8.21
CA MET A 122 -6.73 16.06 8.27
C MET A 122 -5.73 15.04 7.74
N LEU A 123 -5.88 13.82 8.19
CA LEU A 123 -4.99 12.74 7.77
C LEU A 123 -5.33 12.34 6.34
N ALA A 124 -6.62 12.21 6.08
CA ALA A 124 -7.10 11.83 4.76
C ALA A 124 -6.63 12.87 3.74
N ALA A 125 -6.24 14.02 4.27
CA ALA A 125 -5.77 15.11 3.41
C ALA A 125 -4.35 14.80 2.92
N ASN A 126 -3.49 14.53 3.89
CA ASN A 126 -2.10 14.21 3.58
C ASN A 126 -2.03 12.88 2.84
N VAL A 127 -3.03 12.05 3.10
CA VAL A 127 -3.10 10.75 2.47
C VAL A 127 -2.78 10.88 0.98
N ASP A 128 -3.31 11.93 0.39
CA ASP A 128 -3.09 12.19 -1.03
C ASP A 128 -1.60 12.47 -1.26
N ARG A 129 -1.03 13.22 -0.34
CA ARG A 129 0.39 13.57 -0.43
C ARG A 129 1.25 12.31 -0.31
N ALA A 130 0.97 11.54 0.73
CA ALA A 130 1.71 10.31 0.97
C ALA A 130 1.57 9.39 -0.24
N ALA A 131 0.32 9.20 -0.66
CA ALA A 131 0.03 8.36 -1.81
C ALA A 131 0.71 8.93 -3.06
N GLY A 132 0.85 10.25 -3.04
CA GLY A 132 1.48 10.94 -4.16
C GLY A 132 2.98 10.65 -4.21
N LYS A 133 3.62 10.83 -3.07
CA LYS A 133 5.05 10.59 -2.98
C LYS A 133 5.34 9.11 -3.19
N LEU A 134 4.43 8.28 -2.68
CA LEU A 134 4.57 6.84 -2.82
C LEU A 134 4.52 6.46 -4.30
N ILE A 135 3.60 7.09 -5.01
CA ILE A 135 3.43 6.83 -6.43
C ILE A 135 4.72 7.22 -7.16
N ALA A 136 5.22 8.39 -6.82
CA ALA A 136 6.44 8.89 -7.44
C ALA A 136 7.60 7.94 -7.12
N CYS A 137 7.52 7.35 -5.93
CA CYS A 137 8.55 6.43 -5.48
C CYS A 137 8.58 5.24 -6.45
N PHE A 138 7.40 4.66 -6.65
CA PHE A 138 7.27 3.52 -7.54
C PHE A 138 7.77 3.87 -8.95
N GLU A 139 7.45 5.08 -9.38
CA GLU A 139 7.87 5.54 -10.69
C GLU A 139 9.39 5.65 -10.78
N ALA A 140 9.95 6.34 -9.80
CA ALA A 140 11.39 6.52 -9.75
C ALA A 140 12.08 5.15 -9.72
N ARG A 141 11.48 4.25 -8.95
CA ARG A 141 12.01 2.90 -8.83
C ARG A 141 11.98 2.19 -10.19
N ALA A 142 10.90 2.43 -10.91
CA ALA A 142 10.73 1.83 -12.22
C ALA A 142 11.85 2.31 -13.15
N GLN A 143 12.12 3.60 -13.08
CA GLN A 143 13.16 4.19 -13.90
C GLN A 143 14.54 3.77 -13.40
N GLN A 144 14.63 3.59 -12.09
CA GLN A 144 15.88 3.20 -11.48
C GLN A 144 16.25 1.77 -11.89
N LEU A 145 15.22 0.94 -12.00
CA LEU A 145 15.41 -0.45 -12.39
C LEU A 145 15.76 -0.51 -13.87
N HIS A 146 14.92 0.15 -14.67
CA HIS A 146 15.12 0.17 -16.11
C HIS A 146 16.40 0.96 -16.44
N GLY A 147 16.69 1.93 -15.59
CA GLY A 147 17.88 2.75 -15.77
C GLY A 147 19.14 1.90 -15.84
N ALA A 148 19.35 1.13 -14.79
CA ALA A 148 20.50 0.26 -14.72
C ALA A 148 20.69 -0.46 -16.06
N MET A 1 -15.82 4.19 6.05
CA MET A 1 -15.23 5.37 6.65
C MET A 1 -14.45 6.18 5.62
N HIS A 2 -13.80 7.22 6.09
CA HIS A 2 -13.02 8.08 5.21
C HIS A 2 -12.18 7.23 4.26
N ARG A 3 -12.46 7.39 2.98
CA ARG A 3 -11.76 6.64 1.95
C ARG A 3 -11.11 7.59 0.95
N HIS A 4 -9.95 7.19 0.45
CA HIS A 4 -9.21 7.99 -0.52
C HIS A 4 -8.85 7.13 -1.73
N VAL A 5 -9.03 7.72 -2.90
CA VAL A 5 -8.71 7.03 -4.14
C VAL A 5 -7.40 7.56 -4.71
N VAL A 6 -6.67 6.67 -5.36
CA VAL A 6 -5.39 7.03 -5.95
C VAL A 6 -5.16 6.18 -7.20
N THR A 7 -5.19 6.85 -8.35
CA THR A 7 -4.98 6.16 -9.62
C THR A 7 -3.75 6.72 -10.32
N LYS A 8 -2.90 5.81 -10.77
CA LYS A 8 -1.68 6.20 -11.47
C LYS A 8 -1.47 5.27 -12.66
N VAL A 9 -0.60 5.71 -13.56
CA VAL A 9 -0.29 4.94 -14.74
C VAL A 9 1.22 4.96 -14.99
N LEU A 10 1.79 3.76 -15.12
CA LEU A 10 3.22 3.64 -15.36
C LEU A 10 3.45 2.77 -16.59
N PRO A 11 4.07 3.40 -17.62
CA PRO A 11 4.35 2.70 -18.87
C PRO A 11 5.54 1.74 -18.70
N TYR A 12 5.29 0.68 -17.96
CA TYR A 12 6.32 -0.31 -17.71
C TYR A 12 5.70 -1.70 -17.46
N THR A 13 6.56 -2.65 -17.15
CA THR A 13 6.12 -4.01 -16.89
C THR A 13 5.54 -4.12 -15.48
N PRO A 14 4.74 -5.19 -15.27
CA PRO A 14 4.12 -5.42 -13.97
C PRO A 14 5.15 -5.95 -12.96
N ASP A 15 6.38 -6.08 -13.43
CA ASP A 15 7.46 -6.57 -12.58
C ASP A 15 7.64 -5.61 -11.39
N GLN A 16 7.72 -4.33 -11.72
CA GLN A 16 7.90 -3.31 -10.69
C GLN A 16 6.81 -3.44 -9.62
N LEU A 17 5.63 -3.87 -10.07
CA LEU A 17 4.51 -4.03 -9.16
C LEU A 17 4.86 -5.12 -8.13
N PHE A 18 5.52 -6.16 -8.62
CA PHE A 18 5.92 -7.26 -7.75
C PHE A 18 6.55 -6.75 -6.46
N GLU A 19 7.33 -5.68 -6.60
CA GLU A 19 8.00 -5.09 -5.46
C GLU A 19 7.02 -4.23 -4.65
N LEU A 20 6.00 -3.74 -5.35
CA LEU A 20 4.99 -2.91 -4.72
C LEU A 20 4.09 -3.79 -3.85
N VAL A 21 3.67 -4.91 -4.42
CA VAL A 21 2.81 -5.83 -3.70
C VAL A 21 3.52 -6.32 -2.44
N GLY A 22 4.81 -6.59 -2.59
CA GLY A 22 5.61 -7.05 -1.47
C GLY A 22 6.46 -5.92 -0.89
N ASP A 23 5.96 -4.70 -1.06
CA ASP A 23 6.67 -3.52 -0.57
C ASP A 23 6.63 -3.52 0.96
N VAL A 24 5.86 -4.46 1.50
CA VAL A 24 5.74 -4.57 2.94
C VAL A 24 6.85 -5.47 3.48
N ASP A 25 7.73 -5.87 2.57
CA ASP A 25 8.84 -6.73 2.94
C ASP A 25 10.05 -6.41 2.04
N ALA A 26 9.75 -6.08 0.80
CA ALA A 26 10.79 -5.74 -0.16
C ALA A 26 11.22 -4.30 0.04
N TYR A 27 10.23 -3.40 -0.08
CA TYR A 27 10.50 -1.98 0.08
C TYR A 27 11.97 -1.65 -0.20
N PRO A 28 12.39 -1.99 -1.45
CA PRO A 28 13.76 -1.72 -1.86
C PRO A 28 13.99 -0.24 -2.14
N LYS A 29 13.83 0.55 -1.09
CA LYS A 29 14.00 1.99 -1.21
C LYS A 29 13.37 2.68 0.01
N PHE A 30 13.76 3.93 0.20
CA PHE A 30 13.24 4.71 1.32
C PHE A 30 11.72 4.88 1.21
N VAL A 31 11.07 4.78 2.37
CA VAL A 31 9.62 4.92 2.41
C VAL A 31 9.25 5.86 3.54
N PRO A 32 9.17 7.18 3.18
CA PRO A 32 8.82 8.20 4.15
C PRO A 32 7.33 8.18 4.47
N TRP A 33 6.54 7.88 3.45
CA TRP A 33 5.09 7.81 3.60
C TRP A 33 4.79 6.80 4.71
N ILE A 34 5.76 5.95 4.98
CA ILE A 34 5.61 4.93 6.01
C ILE A 34 6.84 4.94 6.91
N THR A 35 6.82 4.05 7.89
CA THR A 35 7.93 3.94 8.82
C THR A 35 8.34 2.47 9.00
N GLY A 36 7.73 1.84 9.99
CA GLY A 36 8.01 0.44 10.28
C GLY A 36 7.01 -0.47 9.57
N MET A 37 7.47 -1.69 9.29
CA MET A 37 6.63 -2.66 8.62
C MET A 37 7.13 -4.09 8.87
N ARG A 38 6.20 -5.03 8.85
CA ARG A 38 6.54 -6.42 9.08
C ARG A 38 5.40 -7.32 8.57
N THR A 39 5.79 -8.32 7.78
CA THR A 39 4.83 -9.25 7.23
C THR A 39 5.30 -10.70 7.45
N TRP A 40 4.48 -11.44 8.17
CA TRP A 40 4.80 -12.83 8.45
C TRP A 40 3.70 -13.41 9.34
N ASN A 41 3.82 -14.68 9.64
CA ASN A 41 2.84 -15.35 10.48
C ASN A 41 1.49 -15.37 9.78
N GLY A 42 1.19 -16.49 9.15
CA GLY A 42 -0.06 -16.65 8.43
C GLY A 42 -0.15 -18.02 7.76
N ARG A 43 -0.69 -18.02 6.55
CA ARG A 43 -0.84 -19.26 5.80
C ARG A 43 -0.50 -19.03 4.33
N VAL A 44 -0.15 -20.12 3.66
CA VAL A 44 0.20 -20.05 2.26
C VAL A 44 -0.62 -21.08 1.47
N ASP A 45 -1.33 -20.59 0.47
CA ASP A 45 -2.16 -21.44 -0.35
C ASP A 45 -1.99 -21.06 -1.83
N GLY A 46 -1.79 -22.08 -2.66
CA GLY A 46 -1.62 -21.86 -4.08
C GLY A 46 -0.68 -20.68 -4.34
N ALA A 47 -1.12 -19.79 -5.22
CA ALA A 47 -0.33 -18.62 -5.57
C ALA A 47 -0.80 -17.43 -4.73
N VAL A 48 -1.14 -17.72 -3.48
CA VAL A 48 -1.60 -16.69 -2.56
C VAL A 48 -0.93 -16.89 -1.20
N SER A 49 -0.71 -15.77 -0.52
CA SER A 49 -0.07 -15.79 0.78
C SER A 49 -0.72 -14.75 1.70
N THR A 50 -1.24 -15.24 2.82
CA THR A 50 -1.89 -14.36 3.78
C THR A 50 -1.14 -14.40 5.12
N VAL A 51 -0.80 -13.22 5.59
CA VAL A 51 -0.09 -13.10 6.86
C VAL A 51 -0.41 -11.75 7.50
N ASP A 52 0.06 -11.59 8.73
CA ASP A 52 -0.17 -10.36 9.46
C ASP A 52 0.81 -9.29 8.97
N ALA A 53 0.28 -8.08 8.83
CA ALA A 53 1.10 -6.96 8.37
C ALA A 53 1.04 -5.84 9.40
N GLU A 54 2.16 -5.66 10.11
CA GLU A 54 2.24 -4.63 11.12
C GLU A 54 2.96 -3.40 10.57
N ALA A 55 2.17 -2.41 10.20
CA ALA A 55 2.72 -1.17 9.66
C ALA A 55 2.63 -0.07 10.71
N GLN A 56 3.49 0.92 10.55
CA GLN A 56 3.52 2.04 11.48
C GLN A 56 3.45 3.36 10.72
N VAL A 57 3.37 4.45 11.48
CA VAL A 57 3.29 5.77 10.90
C VAL A 57 4.31 6.69 11.58
N GLY A 58 5.16 7.28 10.76
CA GLY A 58 6.19 8.18 11.27
C GLY A 58 5.84 9.63 10.97
N PHE A 59 5.83 9.96 9.69
CA PHE A 59 5.52 11.31 9.26
C PHE A 59 4.00 11.50 9.10
N SER A 60 3.28 10.92 10.05
CA SER A 60 1.82 11.01 10.02
C SER A 60 1.34 11.93 11.14
N PHE A 61 2.31 12.56 11.80
CA PHE A 61 2.00 13.47 12.89
C PHE A 61 1.24 12.76 14.01
N LEU A 62 1.21 11.44 13.92
CA LEU A 62 0.52 10.63 14.90
C LEU A 62 1.29 9.31 15.10
N ARG A 63 2.15 9.31 16.12
CA ARG A 63 2.94 8.14 16.43
C ARG A 63 2.03 7.00 16.90
N GLU A 64 1.63 6.17 15.95
CA GLU A 64 0.77 5.04 16.25
C GLU A 64 1.10 3.87 15.34
N LYS A 65 0.83 2.67 15.85
CA LYS A 65 1.10 1.46 15.10
C LYS A 65 -0.22 0.74 14.82
N PHE A 66 -0.17 -0.18 13.85
CA PHE A 66 -1.35 -0.93 13.49
C PHE A 66 -0.96 -2.25 12.80
N ALA A 67 -1.88 -3.20 12.85
CA ALA A 67 -1.65 -4.50 12.24
C ALA A 67 -2.88 -4.91 11.44
N THR A 68 -2.63 -5.55 10.31
CA THR A 68 -3.70 -6.00 9.44
C THR A 68 -3.29 -7.25 8.68
N ARG A 69 -4.28 -8.01 8.24
CA ARG A 69 -4.03 -9.23 7.49
C ARG A 69 -3.77 -8.90 6.02
N VAL A 70 -2.51 -9.05 5.63
CA VAL A 70 -2.12 -8.78 4.25
C VAL A 70 -2.32 -10.04 3.40
N ARG A 71 -2.96 -9.85 2.27
CA ARG A 71 -3.23 -10.95 1.36
C ARG A 71 -2.57 -10.71 0.01
N ARG A 72 -1.56 -11.50 -0.28
CA ARG A 72 -0.83 -11.38 -1.54
C ARG A 72 -1.23 -12.50 -2.50
N ASP A 73 -1.18 -12.19 -3.78
CA ASP A 73 -1.53 -13.17 -4.80
C ASP A 73 -0.67 -12.93 -6.04
N LYS A 74 0.05 -13.97 -6.43
CA LYS A 74 0.92 -13.89 -7.59
C LYS A 74 0.16 -14.37 -8.82
N ASP A 75 -1.01 -14.95 -8.57
CA ASP A 75 -1.84 -15.45 -9.65
C ASP A 75 -2.89 -14.40 -10.02
N ALA A 76 -3.17 -13.53 -9.06
CA ALA A 76 -4.14 -12.47 -9.27
C ALA A 76 -3.41 -11.14 -9.47
N ARG A 77 -2.18 -11.11 -8.98
CA ARG A 77 -1.37 -9.90 -9.10
C ARG A 77 -2.04 -8.73 -8.37
N SER A 78 -2.67 -9.05 -7.25
CA SER A 78 -3.36 -8.05 -6.47
C SER A 78 -2.99 -8.19 -4.99
N ILE A 79 -3.23 -7.13 -4.24
CA ILE A 79 -2.94 -7.13 -2.82
C ILE A 79 -4.15 -6.62 -2.04
N ASP A 80 -4.37 -7.22 -0.88
CA ASP A 80 -5.49 -6.86 -0.04
C ASP A 80 -5.05 -6.91 1.43
N VAL A 81 -5.57 -5.95 2.19
CA VAL A 81 -5.24 -5.88 3.61
C VAL A 81 -6.52 -5.56 4.40
N SER A 82 -6.81 -6.43 5.35
CA SER A 82 -7.99 -6.26 6.18
C SER A 82 -7.58 -5.91 7.62
N LEU A 83 -8.50 -5.28 8.34
CA LEU A 83 -8.24 -4.90 9.71
C LEU A 83 -8.15 -6.15 10.58
N LEU A 84 -7.12 -6.19 11.40
CA LEU A 84 -6.90 -7.32 12.29
C LEU A 84 -6.85 -6.83 13.74
N TYR A 85 -5.94 -5.89 13.98
CA TYR A 85 -5.79 -5.33 15.31
C TYR A 85 -5.71 -3.80 15.25
N GLY A 86 -5.76 -3.29 14.04
CA GLY A 86 -5.70 -1.85 13.84
C GLY A 86 -6.73 -1.12 14.70
N PRO A 87 -7.66 -0.40 14.02
CA PRO A 87 -8.70 0.34 14.72
C PRO A 87 -9.77 -0.60 15.25
N PHE A 88 -9.54 -1.89 15.06
CA PHE A 88 -10.48 -2.90 15.51
C PHE A 88 -11.92 -2.40 15.41
N LYS A 89 -12.19 -1.73 14.29
CA LYS A 89 -13.52 -1.20 14.06
C LYS A 89 -13.80 -1.18 12.55
N ARG A 90 -12.92 -0.49 11.83
CA ARG A 90 -13.06 -0.39 10.38
C ARG A 90 -11.76 0.13 9.77
N LEU A 91 -11.24 -0.64 8.83
CA LEU A 91 -10.00 -0.28 8.16
C LEU A 91 -9.69 -1.31 7.07
N ASN A 92 -9.73 -0.85 5.83
CA ASN A 92 -9.46 -1.72 4.70
C ASN A 92 -8.49 -1.02 3.74
N ASN A 93 -7.64 -1.83 3.13
CA ASN A 93 -6.66 -1.30 2.19
C ASN A 93 -6.46 -2.30 1.04
N GLY A 94 -6.96 -1.91 -0.12
CA GLY A 94 -6.83 -2.77 -1.30
C GLY A 94 -6.09 -2.04 -2.42
N TRP A 95 -5.32 -2.82 -3.17
CA TRP A 95 -4.55 -2.27 -4.28
C TRP A 95 -4.63 -3.27 -5.44
N ARG A 96 -5.01 -2.75 -6.60
CA ARG A 96 -5.13 -3.56 -7.79
C ARG A 96 -4.55 -2.83 -9.00
N PHE A 97 -3.87 -3.60 -9.84
CA PHE A 97 -3.26 -3.04 -11.04
C PHE A 97 -3.43 -3.98 -12.23
N MET A 98 -3.63 -3.39 -13.39
CA MET A 98 -3.80 -4.16 -14.62
C MET A 98 -3.26 -3.39 -15.83
N PRO A 99 -3.16 -4.13 -16.97
CA PRO A 99 -2.66 -3.53 -18.19
C PRO A 99 -3.71 -2.63 -18.84
N GLU A 100 -3.23 -1.60 -19.52
CA GLU A 100 -4.11 -0.65 -20.17
C GLU A 100 -3.36 0.09 -21.28
N GLY A 101 -3.39 -0.49 -22.47
CA GLY A 101 -2.72 0.11 -23.61
C GLY A 101 -1.22 -0.20 -23.60
N ASP A 102 -0.44 0.83 -23.85
CA ASP A 102 1.01 0.67 -23.87
C ASP A 102 1.55 0.76 -22.44
N ALA A 103 0.78 1.42 -21.58
CA ALA A 103 1.15 1.58 -20.19
C ALA A 103 0.19 0.80 -19.31
N THR A 104 0.60 0.61 -18.06
CA THR A 104 -0.22 -0.11 -17.10
C THR A 104 -0.90 0.86 -16.13
N ARG A 105 -2.09 0.48 -15.69
CA ARG A 105 -2.84 1.30 -14.77
C ARG A 105 -2.88 0.65 -13.38
N VAL A 106 -2.59 1.46 -12.37
CA VAL A 106 -2.58 0.98 -11.01
C VAL A 106 -3.61 1.76 -10.19
N GLU A 107 -4.29 1.03 -9.31
CA GLU A 107 -5.30 1.63 -8.46
C GLU A 107 -5.04 1.29 -6.99
N PHE A 108 -4.94 2.34 -6.18
CA PHE A 108 -4.70 2.17 -4.76
C PHE A 108 -5.78 2.86 -3.94
N VAL A 109 -6.55 2.05 -3.23
CA VAL A 109 -7.62 2.58 -2.39
C VAL A 109 -7.19 2.51 -0.93
N ILE A 110 -7.60 3.53 -0.18
CA ILE A 110 -7.26 3.59 1.23
C ILE A 110 -8.55 3.80 2.05
N GLU A 111 -8.74 2.92 3.01
CA GLU A 111 -9.92 2.99 3.86
C GLU A 111 -9.53 2.76 5.33
N PHE A 112 -9.89 3.72 6.16
CA PHE A 112 -9.59 3.62 7.58
C PHE A 112 -10.57 4.47 8.40
N ALA A 113 -10.68 4.11 9.67
CA ALA A 113 -11.58 4.82 10.57
C ALA A 113 -10.75 5.57 11.62
N PHE A 114 -10.94 6.87 11.65
CA PHE A 114 -10.23 7.72 12.60
C PHE A 114 -11.09 8.04 13.82
N LYS A 115 -10.48 8.69 14.79
CA LYS A 115 -11.18 9.06 16.01
C LYS A 115 -11.81 10.45 15.81
N SER A 116 -10.98 11.39 15.39
CA SER A 116 -11.44 12.75 15.17
C SER A 116 -11.88 12.93 13.71
N ALA A 117 -13.07 13.46 13.56
CA ALA A 117 -13.62 13.69 12.22
C ALA A 117 -12.78 14.75 11.51
N LEU A 118 -12.32 15.72 12.30
CA LEU A 118 -11.51 16.80 11.75
C LEU A 118 -10.17 16.23 11.27
N LEU A 119 -9.57 15.41 12.12
CA LEU A 119 -8.30 14.79 11.80
C LEU A 119 -8.49 13.79 10.67
N ASP A 120 -9.72 13.30 10.56
CA ASP A 120 -10.05 12.33 9.52
C ASP A 120 -9.79 12.95 8.15
N ALA A 121 -10.36 14.12 7.96
CA ALA A 121 -10.21 14.82 6.69
C ALA A 121 -8.79 15.39 6.60
N MET A 122 -8.30 15.87 7.73
CA MET A 122 -6.96 16.43 7.79
C MET A 122 -5.91 15.40 7.37
N LEU A 123 -6.06 14.20 7.92
CA LEU A 123 -5.13 13.12 7.61
C LEU A 123 -5.44 12.58 6.21
N ALA A 124 -6.71 12.27 5.99
CA ALA A 124 -7.14 11.75 4.71
C ALA A 124 -6.84 12.77 3.62
N ALA A 125 -6.55 13.99 4.05
CA ALA A 125 -6.24 15.07 3.13
C ALA A 125 -4.80 14.91 2.63
N ASN A 126 -3.89 14.82 3.58
CA ASN A 126 -2.48 14.67 3.25
C ASN A 126 -2.26 13.29 2.63
N VAL A 127 -3.11 12.35 3.01
CA VAL A 127 -3.01 10.99 2.50
C VAL A 127 -2.70 11.04 1.00
N ASP A 128 -3.37 11.96 0.32
CA ASP A 128 -3.17 12.11 -1.11
C ASP A 128 -1.72 12.53 -1.38
N ARG A 129 -1.27 13.52 -0.63
CA ARG A 129 0.08 14.02 -0.78
C ARG A 129 1.10 12.89 -0.53
N ALA A 130 0.91 12.21 0.59
CA ALA A 130 1.80 11.11 0.96
C ALA A 130 1.76 10.05 -0.15
N ALA A 131 0.56 9.80 -0.64
CA ALA A 131 0.38 8.81 -1.70
C ALA A 131 1.10 9.30 -2.97
N GLY A 132 1.12 10.61 -3.13
CA GLY A 132 1.77 11.21 -4.29
C GLY A 132 3.28 10.98 -4.25
N LYS A 133 3.85 11.22 -3.08
CA LYS A 133 5.28 11.06 -2.89
C LYS A 133 5.63 9.57 -3.01
N LEU A 134 4.76 8.75 -2.45
CA LEU A 134 4.97 7.31 -2.48
C LEU A 134 4.93 6.82 -3.92
N ILE A 135 3.99 7.37 -4.68
CA ILE A 135 3.84 7.00 -6.08
C ILE A 135 5.10 7.43 -6.85
N ALA A 136 5.59 8.61 -6.50
CA ALA A 136 6.78 9.13 -7.15
C ALA A 136 7.97 8.22 -6.84
N CYS A 137 7.98 7.69 -5.63
CA CYS A 137 9.04 6.80 -5.20
C CYS A 137 9.03 5.57 -6.10
N PHE A 138 7.85 4.97 -6.22
CA PHE A 138 7.70 3.78 -7.05
C PHE A 138 8.09 4.06 -8.50
N GLU A 139 7.70 5.24 -8.96
CA GLU A 139 8.00 5.64 -10.32
C GLU A 139 9.51 5.75 -10.52
N ALA A 140 10.14 6.50 -9.62
CA ALA A 140 11.58 6.69 -9.69
C ALA A 140 12.27 5.33 -9.71
N ARG A 141 11.71 4.40 -8.95
CA ARG A 141 12.26 3.06 -8.89
C ARG A 141 12.18 2.37 -10.24
N ALA A 142 11.01 2.51 -10.86
CA ALA A 142 10.78 1.91 -12.18
C ALA A 142 11.81 2.46 -13.17
N GLN A 143 12.07 3.76 -13.04
CA GLN A 143 13.02 4.41 -13.92
C GLN A 143 14.45 4.01 -13.54
N GLN A 144 14.64 3.78 -12.26
CA GLN A 144 15.95 3.38 -11.75
C GLN A 144 16.33 2.00 -12.29
N LEU A 145 15.34 1.13 -12.35
CA LEU A 145 15.56 -0.22 -12.83
C LEU A 145 15.72 -0.19 -14.35
N HIS A 146 14.72 0.38 -15.01
CA HIS A 146 14.74 0.48 -16.46
C HIS A 146 15.91 1.35 -16.90
N GLY A 147 16.26 2.29 -16.03
CA GLY A 147 17.36 3.20 -16.32
C GLY A 147 18.65 2.43 -16.61
N ALA A 148 19.04 1.61 -15.64
CA ALA A 148 20.26 0.82 -15.77
C ALA A 148 20.19 0.02 -17.08
N MET A 1 -16.62 7.40 8.37
CA MET A 1 -15.51 6.77 7.68
C MET A 1 -14.90 7.72 6.64
N HIS A 2 -13.79 7.27 6.07
CA HIS A 2 -13.10 8.07 5.08
C HIS A 2 -12.50 7.15 4.00
N ARG A 3 -12.96 7.35 2.78
CA ARG A 3 -12.48 6.55 1.67
C ARG A 3 -11.78 7.45 0.63
N HIS A 4 -10.54 7.08 0.33
CA HIS A 4 -9.75 7.83 -0.63
C HIS A 4 -9.35 6.91 -1.80
N VAL A 5 -9.63 7.38 -3.00
CA VAL A 5 -9.31 6.62 -4.20
C VAL A 5 -8.13 7.28 -4.91
N VAL A 6 -7.19 6.45 -5.35
CA VAL A 6 -6.02 6.94 -6.05
C VAL A 6 -5.75 6.06 -7.26
N THR A 7 -5.61 6.71 -8.41
CA THR A 7 -5.34 6.00 -9.65
C THR A 7 -4.07 6.53 -10.31
N LYS A 8 -3.18 5.59 -10.64
CA LYS A 8 -1.92 5.94 -11.27
C LYS A 8 -1.67 5.02 -12.46
N VAL A 9 -0.85 5.50 -13.37
CA VAL A 9 -0.53 4.73 -14.56
C VAL A 9 0.98 4.84 -14.84
N LEU A 10 1.63 3.68 -14.88
CA LEU A 10 3.06 3.64 -15.13
C LEU A 10 3.32 2.77 -16.37
N PRO A 11 3.88 3.42 -17.42
CA PRO A 11 4.19 2.73 -18.65
C PRO A 11 5.43 1.84 -18.50
N TYR A 12 5.29 0.84 -17.65
CA TYR A 12 6.39 -0.08 -17.40
C TYR A 12 5.89 -1.53 -17.40
N THR A 13 6.85 -2.45 -17.41
CA THR A 13 6.53 -3.86 -17.42
C THR A 13 5.69 -4.22 -16.19
N PRO A 14 5.01 -5.39 -16.28
CA PRO A 14 4.17 -5.87 -15.19
C PRO A 14 5.02 -6.41 -14.03
N ASP A 15 6.31 -6.45 -14.27
CA ASP A 15 7.25 -6.94 -13.27
C ASP A 15 7.36 -5.92 -12.14
N GLN A 16 7.45 -4.66 -12.54
CA GLN A 16 7.56 -3.58 -11.58
C GLN A 16 6.46 -3.68 -10.52
N LEU A 17 5.32 -4.20 -10.96
CA LEU A 17 4.18 -4.35 -10.08
C LEU A 17 4.53 -5.36 -8.98
N PHE A 18 5.19 -6.43 -9.40
CA PHE A 18 5.59 -7.48 -8.47
C PHE A 18 6.20 -6.89 -7.21
N GLU A 19 6.90 -5.77 -7.40
CA GLU A 19 7.54 -5.10 -6.29
C GLU A 19 6.52 -4.29 -5.49
N LEU A 20 5.52 -3.79 -6.20
CA LEU A 20 4.48 -2.99 -5.58
C LEU A 20 3.57 -3.91 -4.76
N VAL A 21 3.28 -5.07 -5.33
CA VAL A 21 2.42 -6.04 -4.67
C VAL A 21 3.08 -6.47 -3.36
N GLY A 22 4.40 -6.46 -3.36
CA GLY A 22 5.16 -6.85 -2.17
C GLY A 22 5.78 -5.63 -1.50
N ASP A 23 5.14 -4.48 -1.69
CA ASP A 23 5.61 -3.25 -1.12
C ASP A 23 5.51 -3.32 0.41
N VAL A 24 4.83 -4.36 0.87
CA VAL A 24 4.64 -4.58 2.30
C VAL A 24 5.89 -5.26 2.87
N ASP A 25 6.71 -5.77 1.96
CA ASP A 25 7.93 -6.45 2.37
C ASP A 25 9.01 -6.23 1.29
N ALA A 26 8.80 -5.19 0.50
CA ALA A 26 9.73 -4.87 -0.56
C ALA A 26 10.34 -3.49 -0.30
N TYR A 27 9.93 -2.54 -1.13
CA TYR A 27 10.43 -1.18 -0.99
C TYR A 27 11.91 -1.16 -0.58
N PRO A 28 12.79 -1.09 -1.61
CA PRO A 28 14.22 -1.07 -1.36
C PRO A 28 14.67 0.30 -0.84
N LYS A 29 14.68 0.42 0.48
CA LYS A 29 15.08 1.65 1.12
C LYS A 29 14.10 2.77 0.73
N PHE A 30 14.25 3.90 1.39
CA PHE A 30 13.39 5.04 1.12
C PHE A 30 11.92 4.69 1.37
N VAL A 31 11.33 5.38 2.33
CA VAL A 31 9.93 5.15 2.67
C VAL A 31 9.50 6.17 3.72
N PRO A 32 9.38 7.44 3.26
CA PRO A 32 8.97 8.52 4.15
C PRO A 32 7.47 8.45 4.45
N TRP A 33 6.70 8.43 3.37
CA TRP A 33 5.25 8.37 3.50
C TRP A 33 4.92 7.41 4.64
N ILE A 34 5.78 6.43 4.82
CA ILE A 34 5.60 5.45 5.88
C ILE A 34 6.83 5.43 6.79
N THR A 35 6.90 4.41 7.62
CA THR A 35 8.02 4.27 8.54
C THR A 35 8.47 2.81 8.62
N GLY A 36 7.87 2.09 9.56
CA GLY A 36 8.19 0.68 9.75
C GLY A 36 7.14 -0.21 9.09
N MET A 37 7.59 -1.38 8.67
CA MET A 37 6.71 -2.34 8.03
C MET A 37 7.26 -3.77 8.16
N ARG A 38 6.34 -4.72 8.19
CA ARG A 38 6.70 -6.12 8.31
C ARG A 38 5.51 -7.02 7.99
N THR A 39 5.78 -8.05 7.20
CA THR A 39 4.74 -8.97 6.82
C THR A 39 5.23 -10.42 6.94
N TRP A 40 4.57 -11.18 7.79
CA TRP A 40 4.93 -12.56 8.02
C TRP A 40 3.95 -13.15 9.05
N ASN A 41 4.19 -14.42 9.37
CA ASN A 41 3.35 -15.10 10.34
C ASN A 41 1.93 -15.23 9.77
N GLY A 42 1.70 -16.33 9.07
CA GLY A 42 0.40 -16.58 8.47
C GLY A 42 0.38 -17.94 7.76
N ARG A 43 -0.33 -17.97 6.64
CA ARG A 43 -0.44 -19.20 5.86
C ARG A 43 -0.14 -18.91 4.39
N VAL A 44 0.26 -19.95 3.69
CA VAL A 44 0.58 -19.84 2.28
C VAL A 44 -0.43 -20.64 1.45
N ASP A 45 -0.91 -20.01 0.39
CA ASP A 45 -1.88 -20.65 -0.49
C ASP A 45 -1.39 -20.57 -1.94
N GLY A 46 -1.88 -21.50 -2.73
CA GLY A 46 -1.50 -21.55 -4.14
C GLY A 46 -1.44 -20.14 -4.73
N ALA A 47 -0.28 -19.81 -5.30
CA ALA A 47 -0.08 -18.51 -5.90
C ALA A 47 -0.76 -17.44 -5.03
N VAL A 48 -0.74 -17.68 -3.73
CA VAL A 48 -1.34 -16.75 -2.80
C VAL A 48 -0.55 -16.77 -1.49
N SER A 49 -0.70 -15.69 -0.73
CA SER A 49 -0.01 -15.58 0.54
C SER A 49 -0.84 -14.72 1.50
N THR A 50 -0.95 -15.21 2.73
CA THR A 50 -1.71 -14.50 3.75
C THR A 50 -0.94 -14.48 5.08
N VAL A 51 -0.64 -13.27 5.52
CA VAL A 51 0.09 -13.10 6.77
C VAL A 51 -0.27 -11.75 7.39
N ASP A 52 0.21 -11.54 8.61
CA ASP A 52 -0.05 -10.30 9.32
C ASP A 52 0.85 -9.20 8.76
N ALA A 53 0.26 -8.02 8.61
CA ALA A 53 0.99 -6.88 8.08
C ALA A 53 1.02 -5.78 9.15
N GLU A 54 2.22 -5.55 9.67
CA GLU A 54 2.41 -4.52 10.69
C GLU A 54 3.04 -3.27 10.07
N ALA A 55 2.20 -2.27 9.87
CA ALA A 55 2.66 -1.01 9.29
C ALA A 55 2.64 0.07 10.37
N GLN A 56 3.54 1.03 10.22
CA GLN A 56 3.64 2.13 11.17
C GLN A 56 3.53 3.47 10.44
N VAL A 57 3.49 4.54 11.23
CA VAL A 57 3.38 5.87 10.68
C VAL A 57 4.40 6.79 11.37
N GLY A 58 5.19 7.46 10.54
CA GLY A 58 6.21 8.36 11.07
C GLY A 58 5.85 9.81 10.75
N PHE A 59 5.69 10.09 9.45
CA PHE A 59 5.36 11.43 9.01
C PHE A 59 3.84 11.64 9.00
N SER A 60 3.18 11.00 9.96
CA SER A 60 1.73 11.10 10.07
C SER A 60 1.37 11.95 11.29
N PHE A 61 2.40 12.50 11.92
CA PHE A 61 2.19 13.32 13.10
C PHE A 61 1.50 12.53 14.21
N LEU A 62 1.46 11.22 14.03
CA LEU A 62 0.84 10.35 15.00
C LEU A 62 1.62 9.03 15.07
N ARG A 63 2.42 8.92 16.12
CA ARG A 63 3.23 7.72 16.31
C ARG A 63 2.36 6.58 16.84
N GLU A 64 1.83 5.80 15.91
CA GLU A 64 0.98 4.68 16.27
C GLU A 64 1.19 3.52 15.29
N LYS A 65 1.26 2.32 15.84
CA LYS A 65 1.46 1.13 15.03
C LYS A 65 0.11 0.42 14.82
N PHE A 66 0.01 -0.25 13.70
CA PHE A 66 -1.22 -0.96 13.37
C PHE A 66 -0.91 -2.29 12.67
N ALA A 67 -1.73 -3.29 12.97
CA ALA A 67 -1.56 -4.61 12.39
C ALA A 67 -2.83 -5.00 11.64
N THR A 68 -2.63 -5.66 10.50
CA THR A 68 -3.75 -6.09 9.68
C THR A 68 -3.38 -7.35 8.89
N ARG A 69 -4.40 -8.03 8.41
CA ARG A 69 -4.19 -9.24 7.63
C ARG A 69 -3.94 -8.90 6.16
N VAL A 70 -2.73 -9.20 5.70
CA VAL A 70 -2.35 -8.92 4.34
C VAL A 70 -2.54 -10.19 3.50
N ARG A 71 -3.03 -10.00 2.29
CA ARG A 71 -3.25 -11.12 1.38
C ARG A 71 -2.77 -10.76 -0.02
N ARG A 72 -1.86 -11.58 -0.54
CA ARG A 72 -1.32 -11.37 -1.86
C ARG A 72 -1.61 -12.57 -2.76
N ASP A 73 -1.67 -12.31 -4.06
CA ASP A 73 -1.95 -13.35 -5.03
C ASP A 73 -1.15 -13.08 -6.31
N LYS A 74 -0.39 -14.08 -6.72
CA LYS A 74 0.41 -13.95 -7.92
C LYS A 74 -0.40 -14.45 -9.12
N ASP A 75 -1.51 -15.09 -8.82
CA ASP A 75 -2.38 -15.62 -9.86
C ASP A 75 -3.43 -14.57 -10.22
N ALA A 76 -3.68 -13.69 -9.27
CA ALA A 76 -4.66 -12.63 -9.47
C ALA A 76 -3.94 -11.29 -9.61
N ARG A 77 -2.75 -11.23 -9.04
CA ARG A 77 -1.95 -10.02 -9.10
C ARG A 77 -2.66 -8.87 -8.38
N SER A 78 -3.28 -9.22 -7.27
CA SER A 78 -4.01 -8.24 -6.48
C SER A 78 -3.58 -8.33 -5.01
N ILE A 79 -3.84 -7.25 -4.28
CA ILE A 79 -3.48 -7.19 -2.88
C ILE A 79 -4.68 -6.69 -2.08
N ASP A 80 -4.88 -7.31 -0.92
CA ASP A 80 -6.00 -6.94 -0.05
C ASP A 80 -5.53 -7.01 1.40
N VAL A 81 -5.98 -6.03 2.18
CA VAL A 81 -5.63 -5.96 3.57
C VAL A 81 -6.87 -5.62 4.40
N SER A 82 -7.07 -6.38 5.47
CA SER A 82 -8.21 -6.16 6.34
C SER A 82 -7.72 -5.89 7.77
N LEU A 83 -8.59 -5.22 8.54
CA LEU A 83 -8.27 -4.90 9.92
C LEU A 83 -8.22 -6.19 10.74
N LEU A 84 -7.20 -6.28 11.58
CA LEU A 84 -7.03 -7.45 12.42
C LEU A 84 -6.94 -7.01 13.89
N TYR A 85 -6.00 -6.12 14.16
CA TYR A 85 -5.81 -5.61 15.50
C TYR A 85 -5.75 -4.09 15.52
N GLY A 86 -5.79 -3.52 14.31
CA GLY A 86 -5.75 -2.07 14.17
C GLY A 86 -6.90 -1.41 14.93
N PRO A 87 -7.41 -0.29 14.33
CA PRO A 87 -8.51 0.44 14.94
C PRO A 87 -9.83 -0.30 14.75
N PHE A 88 -10.30 -0.88 15.85
CA PHE A 88 -11.56 -1.61 15.84
C PHE A 88 -12.73 -0.68 15.55
N LYS A 89 -12.75 -0.16 14.34
CA LYS A 89 -13.82 0.73 13.93
C LYS A 89 -14.09 0.56 12.43
N ARG A 90 -13.01 0.56 11.67
CA ARG A 90 -13.11 0.39 10.22
C ARG A 90 -11.77 0.70 9.56
N LEU A 91 -11.29 -0.26 8.80
CA LEU A 91 -10.03 -0.11 8.10
C LEU A 91 -9.90 -1.18 7.02
N ASN A 92 -9.44 -0.76 5.86
CA ASN A 92 -9.27 -1.67 4.74
C ASN A 92 -8.32 -1.04 3.71
N ASN A 93 -7.56 -1.91 3.06
CA ASN A 93 -6.62 -1.46 2.05
C ASN A 93 -6.57 -2.48 0.91
N GLY A 94 -6.21 -1.98 -0.27
CA GLY A 94 -6.12 -2.83 -1.45
C GLY A 94 -5.23 -2.19 -2.52
N TRP A 95 -4.47 -3.04 -3.19
CA TRP A 95 -3.58 -2.58 -4.24
C TRP A 95 -3.80 -3.46 -5.47
N ARG A 96 -4.43 -2.86 -6.48
CA ARG A 96 -4.70 -3.57 -7.71
C ARG A 96 -3.67 -3.21 -8.78
N PHE A 97 -3.37 -4.18 -9.63
CA PHE A 97 -2.39 -3.99 -10.69
C PHE A 97 -2.82 -4.73 -11.95
N MET A 98 -3.34 -3.97 -12.90
CA MET A 98 -3.77 -4.54 -14.17
C MET A 98 -3.24 -3.73 -15.35
N PRO A 99 -2.85 -4.47 -16.42
CA PRO A 99 -2.32 -3.84 -17.62
C PRO A 99 -3.45 -3.18 -18.44
N GLU A 100 -3.08 -2.14 -19.16
CA GLU A 100 -4.04 -1.42 -19.97
C GLU A 100 -3.33 -0.76 -21.16
N GLY A 101 -3.03 -1.56 -22.17
CA GLY A 101 -2.36 -1.05 -23.35
C GLY A 101 -0.85 -1.30 -23.28
N ASP A 102 -0.10 -0.24 -23.47
CA ASP A 102 1.35 -0.32 -23.42
C ASP A 102 1.83 -0.02 -22.00
N ALA A 103 0.95 0.62 -21.24
CA ALA A 103 1.28 0.97 -19.86
C ALA A 103 0.34 0.20 -18.91
N THR A 104 0.69 0.23 -17.64
CA THR A 104 -0.10 -0.45 -16.63
C THR A 104 -0.68 0.56 -15.64
N ARG A 105 -1.86 0.24 -15.14
CA ARG A 105 -2.53 1.09 -14.18
C ARG A 105 -2.61 0.42 -12.81
N VAL A 106 -2.39 1.23 -11.78
CA VAL A 106 -2.43 0.72 -10.42
C VAL A 106 -3.55 1.43 -9.65
N GLU A 107 -4.35 0.62 -8.98
CA GLU A 107 -5.47 1.15 -8.20
C GLU A 107 -5.14 1.09 -6.71
N PHE A 108 -5.13 2.27 -6.09
CA PHE A 108 -4.85 2.37 -4.68
C PHE A 108 -6.10 2.73 -3.88
N VAL A 109 -6.61 1.75 -3.16
CA VAL A 109 -7.81 1.94 -2.36
C VAL A 109 -7.41 2.11 -0.89
N ILE A 110 -7.70 3.29 -0.35
CA ILE A 110 -7.38 3.58 1.03
C ILE A 110 -8.67 3.84 1.80
N GLU A 111 -8.92 2.96 2.76
CA GLU A 111 -10.12 3.08 3.58
C GLU A 111 -9.77 2.84 5.06
N PHE A 112 -9.80 3.92 5.81
CA PHE A 112 -9.49 3.84 7.24
C PHE A 112 -10.37 4.80 8.04
N ALA A 113 -10.53 4.48 9.32
CA ALA A 113 -11.34 5.31 10.20
C ALA A 113 -10.46 5.83 11.35
N PHE A 114 -10.44 7.14 11.48
CA PHE A 114 -9.65 7.76 12.54
C PHE A 114 -10.50 8.04 13.77
N LYS A 115 -9.84 8.49 14.82
CA LYS A 115 -10.52 8.79 16.07
C LYS A 115 -11.10 10.21 15.99
N SER A 116 -10.24 11.16 15.68
CA SER A 116 -10.65 12.54 15.57
C SER A 116 -11.20 12.82 14.17
N ALA A 117 -12.46 13.19 14.12
CA ALA A 117 -13.12 13.49 12.86
C ALA A 117 -12.30 14.54 12.11
N LEU A 118 -11.65 15.41 12.87
CA LEU A 118 -10.84 16.46 12.29
C LEU A 118 -9.61 15.85 11.63
N LEU A 119 -8.91 15.03 12.40
CA LEU A 119 -7.71 14.37 11.90
C LEU A 119 -8.10 13.41 10.77
N ASP A 120 -9.35 12.97 10.81
CA ASP A 120 -9.85 12.05 9.81
C ASP A 120 -9.71 12.69 8.42
N ALA A 121 -10.20 13.91 8.32
CA ALA A 121 -10.14 14.64 7.06
C ALA A 121 -8.71 15.17 6.86
N MET A 122 -8.12 15.60 7.96
CA MET A 122 -6.76 16.13 7.92
C MET A 122 -5.79 15.08 7.38
N LEU A 123 -5.88 13.89 7.94
CA LEU A 123 -5.01 12.80 7.53
C LEU A 123 -5.48 12.26 6.17
N ALA A 124 -6.78 12.05 6.07
CA ALA A 124 -7.36 11.55 4.84
C ALA A 124 -7.15 12.56 3.72
N ALA A 125 -6.74 13.76 4.12
CA ALA A 125 -6.50 14.83 3.18
C ALA A 125 -5.10 14.69 2.60
N ASN A 126 -4.13 14.62 3.49
CA ASN A 126 -2.73 14.47 3.09
C ASN A 126 -2.51 13.05 2.56
N VAL A 127 -3.47 12.18 2.84
CA VAL A 127 -3.38 10.80 2.39
C VAL A 127 -3.01 10.78 0.92
N ASP A 128 -3.69 11.61 0.14
CA ASP A 128 -3.44 11.70 -1.28
C ASP A 128 -1.98 12.09 -1.51
N ARG A 129 -1.52 13.04 -0.72
CA ARG A 129 -0.15 13.52 -0.83
C ARG A 129 0.83 12.37 -0.57
N ALA A 130 0.61 11.70 0.54
CA ALA A 130 1.46 10.58 0.92
C ALA A 130 1.48 9.55 -0.21
N ALA A 131 0.33 9.38 -0.83
CA ALA A 131 0.20 8.43 -1.92
C ALA A 131 0.93 8.97 -3.15
N GLY A 132 0.97 10.30 -3.23
CA GLY A 132 1.63 10.96 -4.35
C GLY A 132 3.15 10.82 -4.25
N LYS A 133 3.66 11.02 -3.04
CA LYS A 133 5.08 10.92 -2.79
C LYS A 133 5.51 9.45 -2.88
N LEU A 134 4.60 8.59 -2.45
CA LEU A 134 4.87 7.16 -2.48
C LEU A 134 4.88 6.67 -3.92
N ILE A 135 3.96 7.21 -4.70
CA ILE A 135 3.86 6.84 -6.11
C ILE A 135 5.09 7.34 -6.86
N ALA A 136 5.54 8.52 -6.47
CA ALA A 136 6.71 9.11 -7.08
C ALA A 136 7.96 8.35 -6.67
N CYS A 137 7.91 7.82 -5.45
CA CYS A 137 9.03 7.06 -4.92
C CYS A 137 9.21 5.80 -5.77
N PHE A 138 8.11 5.08 -5.93
CA PHE A 138 8.11 3.86 -6.72
C PHE A 138 8.48 4.14 -8.18
N GLU A 139 7.89 5.20 -8.70
CA GLU A 139 8.14 5.61 -10.07
C GLU A 139 9.63 5.90 -10.28
N ALA A 140 10.15 6.75 -9.42
CA ALA A 140 11.55 7.14 -9.48
C ALA A 140 12.43 5.88 -9.38
N ARG A 141 12.04 5.01 -8.44
CA ARG A 141 12.78 3.78 -8.21
C ARG A 141 12.71 2.90 -9.46
N ALA A 142 11.56 2.95 -10.13
CA ALA A 142 11.35 2.16 -11.32
C ALA A 142 12.31 2.64 -12.42
N GLN A 143 12.42 3.95 -12.54
CA GLN A 143 13.29 4.55 -13.53
C GLN A 143 14.76 4.35 -13.13
N GLN A 144 14.99 4.36 -11.82
CA GLN A 144 16.33 4.19 -11.29
C GLN A 144 16.84 2.78 -11.57
N LEU A 145 15.92 1.83 -11.46
CA LEU A 145 16.26 0.44 -11.69
C LEU A 145 16.43 0.20 -13.19
N HIS A 146 15.39 0.55 -13.93
CA HIS A 146 15.40 0.39 -15.38
C HIS A 146 16.48 1.30 -15.99
N GLY A 147 16.79 2.36 -15.26
CA GLY A 147 17.79 3.31 -15.72
C GLY A 147 19.17 2.94 -15.19
N ALA A 148 19.40 1.64 -15.09
CA ALA A 148 20.67 1.14 -14.61
C ALA A 148 20.69 -0.38 -14.69
N MET A 1 -16.08 4.33 7.44
CA MET A 1 -15.40 5.59 7.23
C MET A 1 -15.29 5.91 5.73
N HIS A 2 -14.39 6.84 5.43
CA HIS A 2 -14.18 7.24 4.04
C HIS A 2 -13.05 6.40 3.44
N ARG A 3 -13.06 6.33 2.11
CA ARG A 3 -12.05 5.57 1.40
C ARG A 3 -11.35 6.45 0.37
N HIS A 4 -10.03 6.47 0.45
CA HIS A 4 -9.23 7.27 -0.47
C HIS A 4 -8.83 6.41 -1.68
N VAL A 5 -9.12 6.94 -2.86
CA VAL A 5 -8.79 6.24 -4.09
C VAL A 5 -7.70 7.02 -4.84
N VAL A 6 -6.76 6.27 -5.38
CA VAL A 6 -5.66 6.87 -6.13
C VAL A 6 -5.39 6.04 -7.39
N THR A 7 -5.60 6.69 -8.53
CA THR A 7 -5.38 6.03 -9.81
C THR A 7 -4.16 6.62 -10.51
N LYS A 8 -3.12 5.81 -10.61
CA LYS A 8 -1.89 6.24 -11.26
C LYS A 8 -1.64 5.37 -12.49
N VAL A 9 -0.82 5.91 -13.39
CA VAL A 9 -0.49 5.19 -14.61
C VAL A 9 1.02 5.26 -14.85
N LEU A 10 1.60 4.09 -15.07
CA LEU A 10 3.03 4.00 -15.31
C LEU A 10 3.30 3.14 -16.54
N PRO A 11 3.97 3.75 -17.55
CA PRO A 11 4.29 3.05 -18.78
C PRO A 11 5.43 2.06 -18.56
N TYR A 12 5.20 1.11 -17.67
CA TYR A 12 6.20 0.10 -17.37
C TYR A 12 5.58 -1.30 -17.37
N THR A 13 6.44 -2.28 -17.14
CA THR A 13 6.00 -3.67 -17.13
C THR A 13 5.28 -3.97 -15.80
N PRO A 14 4.47 -5.07 -15.83
CA PRO A 14 3.73 -5.48 -14.66
C PRO A 14 4.64 -6.15 -13.63
N ASP A 15 5.91 -6.25 -14.00
CA ASP A 15 6.90 -6.86 -13.13
C ASP A 15 7.16 -5.94 -11.93
N GLN A 16 7.28 -4.65 -12.23
CA GLN A 16 7.52 -3.67 -11.19
C GLN A 16 6.47 -3.79 -10.09
N LEU A 17 5.31 -4.33 -10.47
CA LEU A 17 4.23 -4.51 -9.51
C LEU A 17 4.60 -5.62 -8.52
N PHE A 18 5.21 -6.67 -9.05
CA PHE A 18 5.62 -7.79 -8.23
C PHE A 18 6.31 -7.32 -6.96
N GLU A 19 7.08 -6.25 -7.10
CA GLU A 19 7.80 -5.68 -5.97
C GLU A 19 6.86 -4.86 -5.11
N LEU A 20 5.87 -4.27 -5.75
CA LEU A 20 4.89 -3.45 -5.05
C LEU A 20 3.97 -4.35 -4.22
N VAL A 21 3.66 -5.51 -4.78
CA VAL A 21 2.80 -6.47 -4.11
C VAL A 21 3.46 -6.90 -2.80
N GLY A 22 4.79 -6.84 -2.81
CA GLY A 22 5.55 -7.23 -1.62
C GLY A 22 6.26 -6.03 -1.01
N ASP A 23 5.83 -4.84 -1.44
CA ASP A 23 6.42 -3.61 -0.94
C ASP A 23 6.39 -3.62 0.60
N VAL A 24 5.38 -4.29 1.13
CA VAL A 24 5.23 -4.39 2.58
C VAL A 24 6.41 -5.17 3.15
N ASP A 25 7.16 -5.79 2.26
CA ASP A 25 8.31 -6.58 2.67
C ASP A 25 9.40 -6.47 1.60
N ALA A 26 9.28 -5.43 0.78
CA ALA A 26 10.24 -5.21 -0.28
C ALA A 26 10.83 -3.80 -0.14
N TYR A 27 10.91 -3.11 -1.26
CA TYR A 27 11.44 -1.75 -1.28
C TYR A 27 12.80 -1.69 -0.57
N PRO A 28 13.45 -0.50 -0.70
CA PRO A 28 14.74 -0.30 -0.08
C PRO A 28 14.62 -0.11 1.43
N LYS A 29 13.89 0.94 1.79
CA LYS A 29 13.68 1.25 3.20
C LYS A 29 13.20 2.69 3.34
N PHE A 30 13.64 3.52 2.41
CA PHE A 30 13.26 4.93 2.41
C PHE A 30 11.79 5.09 2.81
N VAL A 31 10.92 4.85 1.85
CA VAL A 31 9.49 4.96 2.08
C VAL A 31 9.25 5.99 3.19
N PRO A 32 9.24 7.29 2.78
CA PRO A 32 9.01 8.36 3.74
C PRO A 32 7.54 8.44 4.14
N TRP A 33 6.67 8.25 3.16
CA TRP A 33 5.24 8.29 3.41
C TRP A 33 4.93 7.33 4.55
N ILE A 34 5.84 6.40 4.77
CA ILE A 34 5.68 5.42 5.84
C ILE A 34 6.95 5.38 6.69
N THR A 35 6.94 4.49 7.66
CA THR A 35 8.08 4.34 8.56
C THR A 35 8.52 2.88 8.62
N GLY A 36 7.96 2.16 9.59
CA GLY A 36 8.29 0.76 9.77
C GLY A 36 7.19 -0.14 9.18
N MET A 37 7.60 -1.34 8.81
CA MET A 37 6.67 -2.29 8.24
C MET A 37 7.21 -3.72 8.35
N ARG A 38 6.28 -4.67 8.42
CA ARG A 38 6.65 -6.08 8.54
C ARG A 38 5.48 -6.96 8.11
N THR A 39 5.82 -8.02 7.40
CA THR A 39 4.81 -8.96 6.93
C THR A 39 5.25 -10.41 7.18
N TRP A 40 4.45 -11.11 7.97
CA TRP A 40 4.75 -12.48 8.31
C TRP A 40 3.64 -13.00 9.22
N ASN A 41 3.82 -14.23 9.69
CA ASN A 41 2.85 -14.85 10.57
C ASN A 41 1.51 -14.96 9.85
N GLY A 42 1.28 -16.15 9.29
CA GLY A 42 0.04 -16.40 8.58
C GLY A 42 0.07 -17.77 7.90
N ARG A 43 -0.64 -17.86 6.79
CA ARG A 43 -0.71 -19.11 6.04
C ARG A 43 -0.34 -18.86 4.58
N VAL A 44 0.04 -19.95 3.90
CA VAL A 44 0.41 -19.87 2.50
C VAL A 44 -0.53 -20.73 1.67
N ASP A 45 -1.02 -20.15 0.58
CA ASP A 45 -1.93 -20.85 -0.30
C ASP A 45 -1.42 -20.75 -1.74
N GLY A 46 -1.84 -21.72 -2.55
CA GLY A 46 -1.42 -21.75 -3.94
C GLY A 46 -1.41 -20.34 -4.55
N ALA A 47 -0.26 -19.98 -5.09
CA ALA A 47 -0.11 -18.67 -5.71
C ALA A 47 -0.83 -17.63 -4.86
N VAL A 48 -0.80 -17.85 -3.55
CA VAL A 48 -1.45 -16.94 -2.62
C VAL A 48 -0.67 -16.91 -1.30
N SER A 49 -0.82 -15.81 -0.59
CA SER A 49 -0.14 -15.65 0.69
C SER A 49 -0.95 -14.75 1.61
N THR A 50 -1.12 -15.21 2.85
CA THR A 50 -1.87 -14.45 3.83
C THR A 50 -1.11 -14.39 5.16
N VAL A 51 -0.81 -13.16 5.57
CA VAL A 51 -0.07 -12.94 6.80
C VAL A 51 -0.43 -11.57 7.37
N ASP A 52 0.05 -11.32 8.58
CA ASP A 52 -0.22 -10.05 9.24
C ASP A 52 0.77 -9.00 8.71
N ALA A 53 0.29 -7.76 8.70
CA ALA A 53 1.11 -6.66 8.23
C ALA A 53 1.12 -5.54 9.28
N GLU A 54 2.26 -5.41 9.94
CA GLU A 54 2.41 -4.39 10.96
C GLU A 54 3.06 -3.13 10.38
N ALA A 55 2.22 -2.14 10.11
CA ALA A 55 2.70 -0.88 9.56
C ALA A 55 2.76 0.17 10.66
N GLN A 56 3.67 1.11 10.48
CA GLN A 56 3.83 2.18 11.46
C GLN A 56 3.73 3.54 10.77
N VAL A 57 3.64 4.59 11.59
CA VAL A 57 3.53 5.94 11.07
C VAL A 57 4.60 6.81 11.73
N GLY A 58 5.39 7.47 10.89
CA GLY A 58 6.45 8.33 11.38
C GLY A 58 6.06 9.81 11.22
N PHE A 59 6.25 10.32 10.01
CA PHE A 59 5.93 11.71 9.73
C PHE A 59 4.44 11.88 9.45
N SER A 60 3.63 11.22 10.27
CA SER A 60 2.19 11.29 10.12
C SER A 60 1.58 12.11 11.26
N PHE A 61 2.46 12.72 12.05
CA PHE A 61 2.03 13.53 13.17
C PHE A 61 1.26 12.69 14.20
N LEU A 62 1.29 11.38 13.99
CA LEU A 62 0.61 10.46 14.87
C LEU A 62 1.45 9.20 15.05
N ARG A 63 2.25 9.19 16.10
CA ARG A 63 3.11 8.05 16.38
C ARG A 63 2.29 6.90 16.96
N GLU A 64 1.84 6.02 16.07
CA GLU A 64 1.05 4.88 16.49
C GLU A 64 1.38 3.66 15.62
N LYS A 65 1.17 2.49 16.19
CA LYS A 65 1.43 1.25 15.48
C LYS A 65 0.11 0.60 15.08
N PHE A 66 0.13 -0.09 13.95
CA PHE A 66 -1.06 -0.75 13.45
C PHE A 66 -0.70 -2.07 12.77
N ALA A 67 -1.67 -2.98 12.75
CA ALA A 67 -1.47 -4.28 12.13
C ALA A 67 -2.75 -4.70 11.41
N THR A 68 -2.56 -5.33 10.26
CA THR A 68 -3.69 -5.79 9.46
C THR A 68 -3.31 -7.05 8.67
N ARG A 69 -4.33 -7.81 8.31
CA ARG A 69 -4.11 -9.04 7.56
C ARG A 69 -3.94 -8.72 6.07
N VAL A 70 -2.75 -9.00 5.57
CA VAL A 70 -2.45 -8.76 4.17
C VAL A 70 -2.60 -10.07 3.38
N ARG A 71 -3.15 -9.94 2.19
CA ARG A 71 -3.35 -11.09 1.33
C ARG A 71 -2.84 -10.80 -0.08
N ARG A 72 -1.93 -11.66 -0.53
CA ARG A 72 -1.36 -11.51 -1.85
C ARG A 72 -1.65 -12.75 -2.70
N ASP A 73 -1.77 -12.52 -4.00
CA ASP A 73 -2.05 -13.59 -4.93
C ASP A 73 -1.30 -13.35 -6.24
N LYS A 74 -0.43 -14.30 -6.57
CA LYS A 74 0.37 -14.20 -7.78
C LYS A 74 -0.42 -14.80 -8.95
N ASP A 75 -1.56 -15.39 -8.62
CA ASP A 75 -2.41 -16.00 -9.62
C ASP A 75 -3.51 -15.01 -10.02
N ALA A 76 -3.79 -14.08 -9.12
CA ALA A 76 -4.81 -13.08 -9.37
C ALA A 76 -4.13 -11.73 -9.63
N ARG A 77 -2.92 -11.61 -9.14
CA ARG A 77 -2.16 -10.38 -9.30
C ARG A 77 -2.87 -9.22 -8.60
N SER A 78 -3.45 -9.53 -7.45
CA SER A 78 -4.16 -8.53 -6.67
C SER A 78 -3.72 -8.59 -5.21
N ILE A 79 -3.99 -7.50 -4.50
CA ILE A 79 -3.63 -7.42 -3.09
C ILE A 79 -4.81 -6.86 -2.30
N ASP A 80 -5.05 -7.48 -1.15
CA ASP A 80 -6.14 -7.06 -0.29
C ASP A 80 -5.70 -7.15 1.18
N VAL A 81 -6.10 -6.14 1.95
CA VAL A 81 -5.75 -6.11 3.35
C VAL A 81 -6.98 -5.70 4.17
N SER A 82 -7.08 -6.28 5.36
CA SER A 82 -8.20 -5.98 6.24
C SER A 82 -7.69 -5.70 7.65
N LEU A 83 -8.56 -5.09 8.45
CA LEU A 83 -8.21 -4.77 9.82
C LEU A 83 -8.10 -6.06 10.64
N LEU A 84 -7.04 -6.14 11.42
CA LEU A 84 -6.80 -7.31 12.25
C LEU A 84 -6.68 -6.87 13.71
N TYR A 85 -5.72 -5.97 13.94
CA TYR A 85 -5.50 -5.47 15.29
C TYR A 85 -5.51 -3.94 15.31
N GLY A 86 -5.63 -3.36 14.12
CA GLY A 86 -5.66 -1.91 13.99
C GLY A 86 -6.83 -1.32 14.78
N PRO A 87 -7.43 -0.25 14.18
CA PRO A 87 -8.56 0.42 14.81
C PRO A 87 -9.83 -0.41 14.69
N PHE A 88 -10.27 -0.94 15.83
CA PHE A 88 -11.47 -1.75 15.86
C PHE A 88 -12.71 -0.93 15.49
N LYS A 89 -12.80 -0.62 14.20
CA LYS A 89 -13.92 0.16 13.70
C LYS A 89 -14.03 -0.02 12.19
N ARG A 90 -12.88 0.14 11.53
CA ARG A 90 -12.83 0.00 10.08
C ARG A 90 -11.46 0.43 9.56
N LEU A 91 -10.87 -0.45 8.75
CA LEU A 91 -9.56 -0.16 8.18
C LEU A 91 -9.18 -1.30 7.22
N ASN A 92 -9.13 -0.94 5.95
CA ASN A 92 -8.78 -1.91 4.91
C ASN A 92 -7.96 -1.22 3.83
N ASN A 93 -7.30 -2.04 3.02
CA ASN A 93 -6.48 -1.51 1.94
C ASN A 93 -6.41 -2.55 0.82
N GLY A 94 -6.24 -2.05 -0.40
CA GLY A 94 -6.15 -2.92 -1.56
C GLY A 94 -5.27 -2.30 -2.64
N TRP A 95 -4.53 -3.16 -3.33
CA TRP A 95 -3.65 -2.71 -4.39
C TRP A 95 -3.97 -3.51 -5.65
N ARG A 96 -4.61 -2.83 -6.60
CA ARG A 96 -4.98 -3.47 -7.85
C ARG A 96 -4.10 -2.95 -8.98
N PHE A 97 -3.82 -3.85 -9.93
CA PHE A 97 -2.99 -3.50 -11.08
C PHE A 97 -3.56 -4.10 -12.36
N MET A 98 -3.92 -3.22 -13.28
CA MET A 98 -4.48 -3.65 -14.56
C MET A 98 -3.85 -2.87 -15.71
N PRO A 99 -3.52 -3.62 -16.80
CA PRO A 99 -2.92 -3.01 -17.98
C PRO A 99 -3.97 -2.24 -18.78
N GLU A 100 -3.49 -1.21 -19.48
CA GLU A 100 -4.36 -0.39 -20.29
C GLU A 100 -3.60 0.18 -21.49
N GLY A 101 -3.18 -0.71 -22.37
CA GLY A 101 -2.44 -0.31 -23.56
C GLY A 101 -0.94 -0.58 -23.37
N ASP A 102 -0.15 0.41 -23.75
CA ASP A 102 1.30 0.30 -23.64
C ASP A 102 1.72 0.58 -22.20
N ALA A 103 0.83 1.25 -21.48
CA ALA A 103 1.09 1.59 -20.08
C ALA A 103 0.14 0.81 -19.19
N THR A 104 0.48 0.79 -17.90
CA THR A 104 -0.33 0.07 -16.93
C THR A 104 -0.87 1.05 -15.88
N ARG A 105 -2.06 0.74 -15.39
CA ARG A 105 -2.70 1.57 -14.38
C ARG A 105 -2.78 0.83 -13.05
N VAL A 106 -2.46 1.55 -11.98
CA VAL A 106 -2.49 0.98 -10.65
C VAL A 106 -3.55 1.69 -9.81
N GLU A 107 -4.42 0.90 -9.22
CA GLU A 107 -5.49 1.44 -8.39
C GLU A 107 -5.16 1.24 -6.91
N PHE A 108 -5.02 2.37 -6.22
CA PHE A 108 -4.70 2.33 -4.80
C PHE A 108 -5.92 2.71 -3.95
N VAL A 109 -6.49 1.70 -3.30
CA VAL A 109 -7.66 1.91 -2.46
C VAL A 109 -7.24 1.81 -0.99
N ILE A 110 -7.38 2.92 -0.29
CA ILE A 110 -7.04 2.97 1.12
C ILE A 110 -8.22 3.50 1.92
N GLU A 111 -8.61 2.73 2.92
CA GLU A 111 -9.73 3.11 3.77
C GLU A 111 -9.39 2.87 5.24
N PHE A 112 -9.68 3.87 6.06
CA PHE A 112 -9.41 3.78 7.49
C PHE A 112 -10.43 4.59 8.28
N ALA A 113 -10.45 4.35 9.58
CA ALA A 113 -11.36 5.05 10.47
C ALA A 113 -10.56 5.68 11.62
N PHE A 114 -10.67 7.01 11.69
CA PHE A 114 -9.96 7.75 12.73
C PHE A 114 -10.90 8.06 13.91
N LYS A 115 -10.30 8.59 14.96
CA LYS A 115 -11.06 8.95 16.14
C LYS A 115 -11.64 10.36 15.99
N SER A 116 -10.74 11.28 15.66
CA SER A 116 -11.14 12.67 15.48
C SER A 116 -11.57 12.90 14.02
N ALA A 117 -12.84 13.25 13.86
CA ALA A 117 -13.39 13.50 12.54
C ALA A 117 -12.54 14.54 11.83
N LEU A 118 -11.95 15.42 12.63
CA LEU A 118 -11.10 16.48 12.09
C LEU A 118 -9.83 15.86 11.51
N LEU A 119 -9.16 15.06 12.34
CA LEU A 119 -7.93 14.42 11.92
C LEU A 119 -8.24 13.45 10.77
N ASP A 120 -9.48 12.98 10.75
CA ASP A 120 -9.91 12.06 9.71
C ASP A 120 -9.68 12.69 8.34
N ALA A 121 -10.18 13.91 8.20
CA ALA A 121 -10.04 14.64 6.95
C ALA A 121 -8.61 15.19 6.84
N MET A 122 -8.09 15.62 7.99
CA MET A 122 -6.74 16.16 8.04
C MET A 122 -5.71 15.14 7.55
N LEU A 123 -5.83 13.94 8.08
CA LEU A 123 -4.92 12.86 7.70
C LEU A 123 -5.28 12.35 6.31
N ALA A 124 -6.59 12.21 6.09
CA ALA A 124 -7.07 11.74 4.81
C ALA A 124 -6.71 12.75 3.72
N ALA A 125 -6.38 13.96 4.16
CA ALA A 125 -6.01 15.01 3.24
C ALA A 125 -4.60 14.77 2.72
N ASN A 126 -3.67 14.59 3.66
CA ASN A 126 -2.29 14.36 3.30
C ASN A 126 -2.16 12.97 2.66
N VAL A 127 -3.06 12.08 3.06
CA VAL A 127 -3.06 10.73 2.53
C VAL A 127 -2.80 10.77 1.02
N ASP A 128 -3.45 11.73 0.37
CA ASP A 128 -3.29 11.89 -1.06
C ASP A 128 -1.84 12.25 -1.38
N ARG A 129 -1.32 13.19 -0.61
CA ARG A 129 0.05 13.64 -0.80
C ARG A 129 1.02 12.45 -0.63
N ALA A 130 0.82 11.73 0.45
CA ALA A 130 1.66 10.57 0.74
C ALA A 130 1.58 9.59 -0.42
N ALA A 131 0.36 9.33 -0.86
CA ALA A 131 0.15 8.41 -1.96
C ALA A 131 0.78 8.98 -3.22
N GLY A 132 0.85 10.30 -3.29
CA GLY A 132 1.42 10.97 -4.44
C GLY A 132 2.95 10.81 -4.44
N LYS A 133 3.54 11.03 -3.28
CA LYS A 133 4.98 10.92 -3.14
C LYS A 133 5.40 9.45 -3.29
N LEU A 134 4.53 8.58 -2.79
CA LEU A 134 4.79 7.15 -2.86
C LEU A 134 4.77 6.70 -4.32
N ILE A 135 3.80 7.24 -5.05
CA ILE A 135 3.66 6.90 -6.47
C ILE A 135 4.91 7.36 -7.22
N ALA A 136 5.33 8.58 -6.92
CA ALA A 136 6.50 9.15 -7.56
C ALA A 136 7.74 8.34 -7.16
N CYS A 137 7.71 7.85 -5.92
CA CYS A 137 8.82 7.07 -5.40
C CYS A 137 8.97 5.81 -6.27
N PHE A 138 7.84 5.12 -6.45
CA PHE A 138 7.83 3.91 -7.26
C PHE A 138 8.26 4.21 -8.69
N GLU A 139 7.81 5.35 -9.20
CA GLU A 139 8.13 5.75 -10.55
C GLU A 139 9.64 5.95 -10.70
N ALA A 140 10.20 6.74 -9.79
CA ALA A 140 11.62 7.02 -9.81
C ALA A 140 12.39 5.70 -9.73
N ARG A 141 11.87 4.80 -8.92
CA ARG A 141 12.50 3.50 -8.74
C ARG A 141 12.44 2.70 -10.05
N ALA A 142 11.35 2.86 -10.77
CA ALA A 142 11.16 2.18 -12.02
C ALA A 142 12.21 2.66 -13.02
N GLN A 143 12.41 3.97 -13.05
CA GLN A 143 13.38 4.57 -13.94
C GLN A 143 14.81 4.27 -13.46
N GLN A 144 14.95 4.18 -12.15
CA GLN A 144 16.24 3.90 -11.56
C GLN A 144 16.67 2.46 -11.87
N LEU A 145 15.69 1.57 -11.86
CA LEU A 145 15.95 0.17 -12.13
C LEU A 145 16.28 0.00 -13.62
N HIS A 146 15.40 0.54 -14.45
CA HIS A 146 15.59 0.45 -15.90
C HIS A 146 16.81 1.29 -16.30
N GLY A 147 17.02 2.36 -15.55
CA GLY A 147 18.14 3.26 -15.82
C GLY A 147 19.44 2.48 -15.94
N ALA A 148 19.76 1.74 -14.88
CA ALA A 148 20.97 0.94 -14.86
C ALA A 148 21.02 0.05 -16.10
N MET A 1 -15.57 3.79 6.17
CA MET A 1 -15.16 5.14 6.54
C MET A 1 -14.66 5.92 5.33
N HIS A 2 -13.97 7.01 5.61
CA HIS A 2 -13.43 7.85 4.56
C HIS A 2 -12.67 6.98 3.56
N ARG A 3 -13.14 7.00 2.32
CA ARG A 3 -12.53 6.22 1.26
C ARG A 3 -11.90 7.16 0.22
N HIS A 4 -10.59 7.01 0.05
CA HIS A 4 -9.87 7.82 -0.91
C HIS A 4 -9.40 6.94 -2.09
N VAL A 5 -9.66 7.45 -3.28
CA VAL A 5 -9.28 6.72 -4.49
C VAL A 5 -8.03 7.38 -5.09
N VAL A 6 -7.11 6.53 -5.51
CA VAL A 6 -5.87 7.01 -6.11
C VAL A 6 -5.53 6.14 -7.33
N THR A 7 -5.68 6.75 -8.50
CA THR A 7 -5.39 6.06 -9.74
C THR A 7 -4.18 6.67 -10.43
N LYS A 8 -3.21 5.81 -10.74
CA LYS A 8 -1.99 6.25 -11.39
C LYS A 8 -1.70 5.34 -12.58
N VAL A 9 -0.84 5.83 -13.46
CA VAL A 9 -0.47 5.06 -14.65
C VAL A 9 1.05 5.17 -14.86
N LEU A 10 1.67 4.01 -14.96
CA LEU A 10 3.12 3.94 -15.15
C LEU A 10 3.42 3.02 -16.33
N PRO A 11 4.11 3.60 -17.34
CA PRO A 11 4.49 2.84 -18.53
C PRO A 11 5.64 1.88 -18.24
N TYR A 12 5.44 1.05 -17.23
CA TYR A 12 6.44 0.09 -16.85
C TYR A 12 5.92 -1.34 -16.97
N THR A 13 6.78 -2.29 -16.61
CA THR A 13 6.42 -3.69 -16.68
C THR A 13 5.66 -4.12 -15.42
N PRO A 14 4.95 -5.27 -15.54
CA PRO A 14 4.18 -5.79 -14.42
C PRO A 14 5.10 -6.42 -13.37
N ASP A 15 6.39 -6.44 -13.70
CA ASP A 15 7.37 -7.01 -12.79
C ASP A 15 7.60 -6.05 -11.61
N GLN A 16 7.76 -4.78 -11.95
CA GLN A 16 7.99 -3.76 -10.94
C GLN A 16 6.88 -3.82 -9.88
N LEU A 17 5.71 -4.27 -10.31
CA LEU A 17 4.58 -4.38 -9.41
C LEU A 17 4.87 -5.45 -8.35
N PHE A 18 5.49 -6.53 -8.80
CA PHE A 18 5.83 -7.63 -7.92
C PHE A 18 6.48 -7.11 -6.63
N GLU A 19 7.31 -6.08 -6.80
CA GLU A 19 8.00 -5.48 -5.68
C GLU A 19 7.04 -4.62 -4.85
N LEU A 20 6.03 -4.10 -5.54
CA LEU A 20 5.04 -3.26 -4.88
C LEU A 20 4.06 -4.14 -4.12
N VAL A 21 3.66 -5.24 -4.76
CA VAL A 21 2.73 -6.18 -4.15
C VAL A 21 3.32 -6.69 -2.83
N GLY A 22 4.64 -6.80 -2.82
CA GLY A 22 5.33 -7.28 -1.64
C GLY A 22 6.20 -6.17 -1.03
N ASP A 23 6.03 -4.97 -1.56
CA ASP A 23 6.79 -3.83 -1.08
C ASP A 23 6.83 -3.86 0.45
N VAL A 24 5.70 -4.22 1.05
CA VAL A 24 5.60 -4.28 2.48
C VAL A 24 6.86 -4.96 3.05
N ASP A 25 7.47 -5.79 2.22
CA ASP A 25 8.67 -6.49 2.62
C ASP A 25 9.77 -6.25 1.58
N ALA A 26 9.39 -6.36 0.32
CA ALA A 26 10.33 -6.17 -0.77
C ALA A 26 11.16 -4.92 -0.49
N TYR A 27 10.50 -3.77 -0.55
CA TYR A 27 11.17 -2.50 -0.31
C TYR A 27 12.22 -2.65 0.80
N PRO A 28 13.49 -2.32 0.45
CA PRO A 28 14.58 -2.41 1.40
C PRO A 28 14.54 -1.24 2.39
N LYS A 29 15.03 -0.10 1.93
CA LYS A 29 15.05 1.09 2.76
C LYS A 29 14.07 2.12 2.19
N PHE A 30 14.38 3.38 2.45
CA PHE A 30 13.54 4.47 1.98
C PHE A 30 12.15 4.41 2.61
N VAL A 31 11.14 4.56 1.76
CA VAL A 31 9.76 4.53 2.21
C VAL A 31 9.56 5.58 3.29
N PRO A 32 9.59 6.87 2.85
CA PRO A 32 9.41 7.98 3.77
C PRO A 32 7.95 8.13 4.18
N TRP A 33 7.07 7.96 3.20
CA TRP A 33 5.64 8.07 3.44
C TRP A 33 5.28 7.08 4.56
N ILE A 34 6.17 6.13 4.78
CA ILE A 34 5.96 5.12 5.81
C ILE A 34 7.17 5.11 6.75
N THR A 35 7.08 4.24 7.75
CA THR A 35 8.15 4.11 8.72
C THR A 35 8.53 2.63 8.90
N GLY A 36 7.89 2.01 9.87
CA GLY A 36 8.14 0.61 10.16
C GLY A 36 7.17 -0.30 9.40
N MET A 37 7.62 -1.51 9.12
CA MET A 37 6.81 -2.48 8.42
C MET A 37 7.31 -3.90 8.65
N ARG A 38 6.37 -4.84 8.59
CA ARG A 38 6.71 -6.25 8.79
C ARG A 38 5.58 -7.14 8.28
N THR A 39 5.97 -8.19 7.56
CA THR A 39 5.00 -9.12 7.02
C THR A 39 5.42 -10.56 7.33
N TRP A 40 4.57 -11.24 8.08
CA TRP A 40 4.84 -12.63 8.45
C TRP A 40 3.67 -13.12 9.29
N ASN A 41 3.75 -14.38 9.68
CA ASN A 41 2.72 -14.99 10.49
C ASN A 41 1.42 -15.06 9.68
N GLY A 42 1.15 -16.24 9.15
CA GLY A 42 -0.04 -16.45 8.35
C GLY A 42 -0.03 -17.83 7.68
N ARG A 43 -0.55 -17.88 6.48
CA ARG A 43 -0.61 -19.12 5.72
C ARG A 43 -0.34 -18.86 4.23
N VAL A 44 0.06 -19.90 3.54
CA VAL A 44 0.36 -19.81 2.12
C VAL A 44 -0.35 -20.93 1.38
N ASP A 45 -1.17 -20.54 0.42
CA ASP A 45 -1.92 -21.51 -0.38
C ASP A 45 -1.86 -21.10 -1.85
N GLY A 46 -1.56 -22.08 -2.69
CA GLY A 46 -1.47 -21.85 -4.12
C GLY A 46 -0.67 -20.58 -4.42
N ALA A 47 -1.23 -19.76 -5.30
CA ALA A 47 -0.59 -18.51 -5.68
C ALA A 47 -1.13 -17.37 -4.80
N VAL A 48 -1.45 -17.73 -3.56
CA VAL A 48 -1.97 -16.75 -2.62
C VAL A 48 -1.21 -16.87 -1.29
N SER A 49 -1.07 -15.73 -0.63
CA SER A 49 -0.37 -15.69 0.64
C SER A 49 -1.01 -14.64 1.55
N THR A 50 -1.34 -15.07 2.76
CA THR A 50 -1.96 -14.18 3.74
C THR A 50 -1.19 -14.23 5.05
N VAL A 51 -0.79 -13.05 5.51
CA VAL A 51 -0.05 -12.94 6.76
C VAL A 51 -0.34 -11.57 7.40
N ASP A 52 0.15 -11.42 8.62
CA ASP A 52 -0.04 -10.18 9.35
C ASP A 52 0.90 -9.12 8.79
N ALA A 53 0.45 -7.88 8.85
CA ALA A 53 1.24 -6.76 8.35
C ALA A 53 1.26 -5.65 9.41
N GLU A 54 2.41 -5.51 10.04
CA GLU A 54 2.57 -4.50 11.07
C GLU A 54 3.27 -3.26 10.49
N ALA A 55 2.46 -2.26 10.19
CA ALA A 55 2.98 -1.02 9.62
C ALA A 55 2.89 0.08 10.67
N GLN A 56 3.73 1.10 10.49
CA GLN A 56 3.75 2.23 11.41
C GLN A 56 3.63 3.54 10.64
N VAL A 57 3.63 4.63 11.39
CA VAL A 57 3.52 5.95 10.80
C VAL A 57 4.55 6.89 11.43
N GLY A 58 5.39 7.46 10.59
CA GLY A 58 6.42 8.37 11.06
C GLY A 58 6.18 9.78 10.53
N PHE A 59 6.02 9.87 9.22
CA PHE A 59 5.78 11.15 8.58
C PHE A 59 4.29 11.47 8.53
N SER A 60 3.56 10.91 9.49
CA SER A 60 2.12 11.14 9.57
C SER A 60 1.80 12.07 10.73
N PHE A 61 2.85 12.59 11.35
CA PHE A 61 2.69 13.49 12.48
C PHE A 61 1.95 12.80 13.62
N LEU A 62 1.85 11.49 13.51
CA LEU A 62 1.17 10.70 14.54
C LEU A 62 1.97 9.43 14.81
N ARG A 63 2.61 9.41 15.97
CA ARG A 63 3.41 8.27 16.37
C ARG A 63 2.51 7.14 16.88
N GLU A 64 2.12 6.27 15.96
CA GLU A 64 1.27 5.15 16.30
C GLU A 64 1.62 3.94 15.44
N LYS A 65 1.25 2.77 15.94
CA LYS A 65 1.52 1.53 15.24
C LYS A 65 0.22 0.74 15.08
N PHE A 66 0.17 -0.04 14.01
CA PHE A 66 -1.01 -0.84 13.72
C PHE A 66 -0.64 -2.08 12.90
N ALA A 67 -1.51 -3.08 12.99
CA ALA A 67 -1.29 -4.32 12.26
C ALA A 67 -2.55 -4.68 11.46
N THR A 68 -2.33 -5.23 10.27
CA THR A 68 -3.42 -5.61 9.41
C THR A 68 -3.08 -6.89 8.65
N ARG A 69 -4.12 -7.62 8.27
CA ARG A 69 -3.94 -8.86 7.54
C ARG A 69 -3.70 -8.56 6.06
N VAL A 70 -2.47 -8.83 5.63
CA VAL A 70 -2.10 -8.60 4.24
C VAL A 70 -2.42 -9.85 3.42
N ARG A 71 -3.02 -9.62 2.26
CA ARG A 71 -3.37 -10.72 1.37
C ARG A 71 -2.81 -10.48 -0.02
N ARG A 72 -1.82 -11.28 -0.37
CA ARG A 72 -1.20 -11.17 -1.68
C ARG A 72 -1.63 -12.33 -2.59
N ASP A 73 -1.63 -12.05 -3.89
CA ASP A 73 -2.00 -13.05 -4.86
C ASP A 73 -1.17 -12.88 -6.13
N LYS A 74 -0.42 -13.92 -6.45
CA LYS A 74 0.43 -13.89 -7.63
C LYS A 74 -0.33 -14.45 -8.82
N ASP A 75 -1.50 -15.01 -8.52
CA ASP A 75 -2.34 -15.59 -9.55
C ASP A 75 -3.42 -14.58 -9.95
N ALA A 76 -3.71 -13.67 -9.03
CA ALA A 76 -4.71 -12.65 -9.28
C ALA A 76 -4.01 -11.32 -9.56
N ARG A 77 -2.80 -11.20 -9.05
CA ARG A 77 -2.02 -9.99 -9.24
C ARG A 77 -2.70 -8.80 -8.55
N SER A 78 -3.29 -9.09 -7.40
CA SER A 78 -3.99 -8.06 -6.64
C SER A 78 -3.53 -8.10 -5.18
N ILE A 79 -3.83 -7.01 -4.47
CA ILE A 79 -3.47 -6.91 -3.08
C ILE A 79 -4.68 -6.48 -2.26
N ASP A 80 -4.82 -7.08 -1.09
CA ASP A 80 -5.93 -6.77 -0.21
C ASP A 80 -5.48 -6.88 1.24
N VAL A 81 -5.94 -5.93 2.05
CA VAL A 81 -5.59 -5.92 3.46
C VAL A 81 -6.83 -5.57 4.29
N SER A 82 -6.97 -6.27 5.41
CA SER A 82 -8.10 -6.05 6.29
C SER A 82 -7.63 -5.98 7.75
N LEU A 83 -8.55 -5.64 8.61
CA LEU A 83 -8.25 -5.53 10.04
C LEU A 83 -7.72 -6.88 10.53
N LEU A 84 -6.68 -6.81 11.36
CA LEU A 84 -6.08 -8.00 11.91
C LEU A 84 -6.07 -7.91 13.44
N TYR A 85 -5.40 -6.87 13.92
CA TYR A 85 -5.30 -6.64 15.36
C TYR A 85 -5.55 -5.17 15.71
N GLY A 86 -5.15 -4.32 14.79
CA GLY A 86 -5.31 -2.88 14.98
C GLY A 86 -6.54 -2.59 15.87
N PRO A 87 -6.40 -1.53 16.71
CA PRO A 87 -7.47 -1.15 17.61
C PRO A 87 -8.58 -0.43 16.84
N PHE A 88 -8.28 -0.07 15.60
CA PHE A 88 -9.25 0.61 14.76
C PHE A 88 -10.44 -0.29 14.46
N LYS A 89 -11.52 0.35 14.02
CA LYS A 89 -12.74 -0.38 13.69
C LYS A 89 -12.70 -0.80 12.21
N ARG A 90 -13.08 0.14 11.36
CA ARG A 90 -13.09 -0.12 9.93
C ARG A 90 -11.74 0.24 9.31
N LEU A 91 -11.15 -0.76 8.66
CA LEU A 91 -9.85 -0.55 8.03
C LEU A 91 -9.73 -1.52 6.85
N ASN A 92 -9.55 -0.94 5.67
CA ASN A 92 -9.42 -1.73 4.46
C ASN A 92 -8.42 -1.04 3.52
N ASN A 93 -7.45 -1.82 3.06
CA ASN A 93 -6.45 -1.31 2.15
C ASN A 93 -6.23 -2.29 1.01
N GLY A 94 -6.68 -1.91 -0.17
CA GLY A 94 -6.55 -2.76 -1.34
C GLY A 94 -5.76 -2.04 -2.45
N TRP A 95 -5.05 -2.83 -3.23
CA TRP A 95 -4.26 -2.30 -4.32
C TRP A 95 -4.35 -3.27 -5.50
N ARG A 96 -4.67 -2.71 -6.66
CA ARG A 96 -4.79 -3.51 -7.87
C ARG A 96 -4.10 -2.82 -9.04
N PHE A 97 -3.69 -3.63 -10.00
CA PHE A 97 -3.01 -3.10 -11.19
C PHE A 97 -3.30 -3.96 -12.41
N MET A 98 -3.47 -3.28 -13.53
CA MET A 98 -3.77 -3.98 -14.79
C MET A 98 -3.20 -3.20 -15.99
N PRO A 99 -3.15 -3.90 -17.15
CA PRO A 99 -2.64 -3.30 -18.36
C PRO A 99 -3.65 -2.31 -18.95
N GLU A 100 -3.11 -1.26 -19.57
CA GLU A 100 -3.94 -0.24 -20.18
C GLU A 100 -3.16 0.53 -21.24
N GLY A 101 -3.21 0.02 -22.46
CA GLY A 101 -2.51 0.64 -23.56
C GLY A 101 -1.02 0.28 -23.55
N ASP A 102 -0.20 1.31 -23.72
CA ASP A 102 1.24 1.13 -23.72
C ASP A 102 1.75 1.15 -22.28
N ALA A 103 0.95 1.74 -21.41
CA ALA A 103 1.30 1.84 -20.00
C ALA A 103 0.32 1.02 -19.17
N THR A 104 0.68 0.82 -17.91
CA THR A 104 -0.16 0.06 -17.01
C THR A 104 -0.92 1.00 -16.07
N ARG A 105 -2.12 0.57 -15.70
CA ARG A 105 -2.96 1.36 -14.81
C ARG A 105 -3.09 0.67 -13.45
N VAL A 106 -2.80 1.42 -12.40
CA VAL A 106 -2.88 0.89 -11.06
C VAL A 106 -3.86 1.74 -10.25
N GLU A 107 -4.63 1.05 -9.40
CA GLU A 107 -5.61 1.72 -8.57
C GLU A 107 -5.43 1.33 -7.11
N PHE A 108 -5.23 2.35 -6.27
CA PHE A 108 -5.04 2.12 -4.85
C PHE A 108 -6.22 2.66 -4.04
N VAL A 109 -6.90 1.74 -3.38
CA VAL A 109 -8.05 2.09 -2.57
C VAL A 109 -7.63 2.21 -1.11
N ILE A 110 -7.82 3.39 -0.55
CA ILE A 110 -7.47 3.64 0.83
C ILE A 110 -8.75 3.79 1.66
N GLU A 111 -8.91 2.87 2.61
CA GLU A 111 -10.06 2.89 3.47
C GLU A 111 -9.66 2.59 4.92
N PHE A 112 -9.85 3.59 5.76
CA PHE A 112 -9.50 3.47 7.17
C PHE A 112 -10.42 4.33 8.04
N ALA A 113 -10.56 3.90 9.29
CA ALA A 113 -11.41 4.62 10.23
C ALA A 113 -10.53 5.43 11.18
N PHE A 114 -10.96 6.67 11.41
CA PHE A 114 -10.23 7.57 12.29
C PHE A 114 -11.03 7.88 13.54
N LYS A 115 -10.35 8.45 14.52
CA LYS A 115 -10.99 8.81 15.78
C LYS A 115 -11.60 10.21 15.65
N SER A 116 -10.76 11.15 15.26
CA SER A 116 -11.21 12.52 15.09
C SER A 116 -11.78 12.72 13.69
N ALA A 117 -12.99 13.28 13.65
CA ALA A 117 -13.65 13.53 12.38
C ALA A 117 -12.93 14.66 11.64
N LEU A 118 -12.51 15.65 12.41
CA LEU A 118 -11.81 16.79 11.84
C LEU A 118 -10.48 16.33 11.26
N LEU A 119 -9.76 15.53 12.04
CA LEU A 119 -8.48 15.01 11.61
C LEU A 119 -8.69 14.01 10.47
N ASP A 120 -9.88 13.43 10.46
CA ASP A 120 -10.22 12.45 9.43
C ASP A 120 -10.06 13.08 8.05
N ALA A 121 -10.67 14.25 7.89
CA ALA A 121 -10.61 14.97 6.64
C ALA A 121 -9.20 15.56 6.47
N MET A 122 -8.67 16.05 7.58
CA MET A 122 -7.34 16.64 7.56
C MET A 122 -6.29 15.63 7.13
N LEU A 123 -6.38 14.43 7.70
CA LEU A 123 -5.45 13.37 7.37
C LEU A 123 -5.79 12.80 5.99
N ALA A 124 -7.04 12.40 5.86
CA ALA A 124 -7.51 11.84 4.60
C ALA A 124 -7.26 12.85 3.47
N ALA A 125 -7.04 14.09 3.87
CA ALA A 125 -6.79 15.15 2.91
C ALA A 125 -5.36 15.03 2.39
N ASN A 126 -4.42 14.97 3.31
CA ASN A 126 -3.02 14.85 2.96
C ASN A 126 -2.76 13.48 2.34
N VAL A 127 -3.66 12.55 2.66
CA VAL A 127 -3.54 11.20 2.15
C VAL A 127 -3.15 11.26 0.66
N ASP A 128 -3.74 12.21 -0.03
CA ASP A 128 -3.46 12.38 -1.46
C ASP A 128 -1.97 12.71 -1.64
N ARG A 129 -1.50 13.64 -0.84
CA ARG A 129 -0.12 14.06 -0.90
C ARG A 129 0.80 12.87 -0.63
N ALA A 130 0.51 12.16 0.44
CA ALA A 130 1.30 11.00 0.82
C ALA A 130 1.32 10.00 -0.34
N ALA A 131 0.15 9.82 -0.94
CA ALA A 131 0.02 8.90 -2.06
C ALA A 131 0.86 9.41 -3.22
N GLY A 132 0.99 10.73 -3.29
CA GLY A 132 1.76 11.35 -4.36
C GLY A 132 3.25 11.02 -4.23
N LYS A 133 3.73 11.09 -3.00
CA LYS A 133 5.13 10.80 -2.73
C LYS A 133 5.37 9.29 -2.89
N LEU A 134 4.48 8.52 -2.30
CA LEU A 134 4.58 7.07 -2.37
C LEU A 134 4.57 6.63 -3.83
N ILE A 135 3.69 7.25 -4.60
CA ILE A 135 3.57 6.93 -6.02
C ILE A 135 4.90 7.23 -6.71
N ALA A 136 5.45 8.40 -6.38
CA ALA A 136 6.72 8.81 -6.96
C ALA A 136 7.83 7.87 -6.50
N CYS A 137 7.64 7.34 -5.29
CA CYS A 137 8.62 6.42 -4.72
C CYS A 137 8.72 5.21 -5.63
N PHE A 138 7.57 4.63 -5.94
CA PHE A 138 7.51 3.45 -6.79
C PHE A 138 8.03 3.79 -8.20
N GLU A 139 7.63 4.95 -8.68
CA GLU A 139 8.03 5.38 -10.01
C GLU A 139 9.55 5.52 -10.07
N ALA A 140 10.10 6.25 -9.11
CA ALA A 140 11.54 6.46 -9.05
C ALA A 140 12.25 5.10 -8.98
N ARG A 141 11.63 4.19 -8.24
CA ARG A 141 12.19 2.86 -8.09
C ARG A 141 12.17 2.11 -9.43
N ALA A 142 11.12 2.37 -10.19
CA ALA A 142 10.96 1.73 -11.49
C ALA A 142 12.06 2.22 -12.42
N GLN A 143 12.32 3.51 -12.37
CA GLN A 143 13.35 4.11 -13.21
C GLN A 143 14.74 3.75 -12.68
N GLN A 144 14.81 3.62 -11.36
CA GLN A 144 16.07 3.28 -10.71
C GLN A 144 16.47 1.83 -11.04
N LEU A 145 15.45 1.00 -11.19
CA LEU A 145 15.67 -0.40 -11.50
C LEU A 145 16.02 -0.54 -12.98
N HIS A 146 15.10 -0.05 -13.82
CA HIS A 146 15.29 -0.12 -15.25
C HIS A 146 16.49 0.75 -15.65
N GLY A 147 16.66 1.83 -14.92
CA GLY A 147 17.76 2.75 -15.18
C GLY A 147 18.00 2.89 -16.68
N ALA A 148 16.92 3.10 -17.41
CA ALA A 148 16.99 3.25 -18.86
C ALA A 148 18.08 4.27 -19.19
N MET A 1 -16.18 4.12 5.26
CA MET A 1 -15.42 5.10 6.01
C MET A 1 -14.46 5.88 5.11
N HIS A 2 -13.74 6.81 5.71
CA HIS A 2 -12.78 7.62 4.97
C HIS A 2 -12.03 6.74 3.97
N ARG A 3 -12.19 7.08 2.70
CA ARG A 3 -11.53 6.34 1.64
C ARG A 3 -10.79 7.29 0.70
N HIS A 4 -9.65 6.83 0.22
CA HIS A 4 -8.84 7.64 -0.68
C HIS A 4 -8.42 6.79 -1.89
N VAL A 5 -8.68 7.32 -3.07
CA VAL A 5 -8.34 6.63 -4.30
C VAL A 5 -7.01 7.17 -4.83
N VAL A 6 -6.27 6.29 -5.49
CA VAL A 6 -4.98 6.67 -6.05
C VAL A 6 -4.76 5.90 -7.36
N THR A 7 -4.94 6.62 -8.45
CA THR A 7 -4.77 6.03 -9.77
C THR A 7 -3.50 6.57 -10.43
N LYS A 8 -2.72 5.65 -10.99
CA LYS A 8 -1.48 6.02 -11.65
C LYS A 8 -1.33 5.19 -12.93
N VAL A 9 -0.46 5.67 -13.80
CA VAL A 9 -0.21 4.98 -15.05
C VAL A 9 1.30 4.97 -15.34
N LEU A 10 1.86 3.77 -15.33
CA LEU A 10 3.28 3.61 -15.58
C LEU A 10 3.48 2.80 -16.86
N PRO A 11 4.16 3.44 -17.84
CA PRO A 11 4.43 2.80 -19.12
C PRO A 11 5.54 1.75 -18.99
N TYR A 12 5.30 0.79 -18.10
CA TYR A 12 6.27 -0.27 -17.88
C TYR A 12 5.56 -1.62 -17.72
N THR A 13 6.36 -2.62 -17.38
CA THR A 13 5.83 -3.97 -17.20
C THR A 13 5.29 -4.15 -15.77
N PRO A 14 4.43 -5.18 -15.62
CA PRO A 14 3.85 -5.47 -14.31
C PRO A 14 4.87 -6.12 -13.38
N ASP A 15 6.08 -6.24 -13.88
CA ASP A 15 7.16 -6.84 -13.11
C ASP A 15 7.46 -5.95 -11.89
N GLN A 16 7.59 -4.66 -12.16
CA GLN A 16 7.88 -3.71 -11.11
C GLN A 16 6.84 -3.82 -9.98
N LEU A 17 5.66 -4.29 -10.37
CA LEU A 17 4.58 -4.45 -9.41
C LEU A 17 4.92 -5.58 -8.44
N PHE A 18 5.51 -6.63 -8.99
CA PHE A 18 5.90 -7.79 -8.20
C PHE A 18 6.60 -7.35 -6.92
N GLU A 19 7.40 -6.29 -7.05
CA GLU A 19 8.14 -5.77 -5.90
C GLU A 19 7.22 -4.92 -5.03
N LEU A 20 6.21 -4.33 -5.66
CA LEU A 20 5.26 -3.50 -4.95
C LEU A 20 4.29 -4.39 -4.17
N VAL A 21 3.99 -5.54 -4.75
CA VAL A 21 3.09 -6.48 -4.11
C VAL A 21 3.67 -6.91 -2.76
N GLY A 22 4.98 -7.06 -2.74
CA GLY A 22 5.66 -7.47 -1.52
C GLY A 22 6.34 -6.27 -0.85
N ASP A 23 5.84 -5.09 -1.17
CA ASP A 23 6.37 -3.87 -0.61
C ASP A 23 6.14 -3.85 0.90
N VAL A 24 5.34 -4.80 1.35
CA VAL A 24 5.02 -4.91 2.77
C VAL A 24 6.19 -5.57 3.50
N ASP A 25 7.03 -6.24 2.71
CA ASP A 25 8.19 -6.91 3.27
C ASP A 25 9.34 -6.86 2.26
N ALA A 26 9.22 -5.93 1.33
CA ALA A 26 10.24 -5.76 0.30
C ALA A 26 10.90 -4.38 0.46
N TYR A 27 10.71 -3.56 -0.57
CA TYR A 27 11.27 -2.23 -0.56
C TYR A 27 12.64 -2.21 0.12
N PRO A 28 13.71 -2.30 -0.71
CA PRO A 28 15.07 -2.29 -0.20
C PRO A 28 15.48 -0.89 0.23
N LYS A 29 14.68 0.08 -0.16
CA LYS A 29 14.95 1.48 0.18
C LYS A 29 14.00 2.38 -0.61
N PHE A 30 12.87 2.66 0.01
CA PHE A 30 11.86 3.52 -0.62
C PHE A 30 10.50 3.35 0.05
N VAL A 31 10.25 4.21 1.02
CA VAL A 31 8.99 4.17 1.75
C VAL A 31 9.04 5.16 2.92
N PRO A 32 9.16 6.46 2.57
CA PRO A 32 9.24 7.50 3.57
C PRO A 32 7.86 7.76 4.18
N TRP A 33 6.85 7.73 3.33
CA TRP A 33 5.49 7.96 3.77
C TRP A 33 5.21 7.03 4.96
N ILE A 34 5.98 5.95 5.01
CA ILE A 34 5.84 4.98 6.08
C ILE A 34 7.14 4.90 6.87
N THR A 35 7.08 4.17 7.98
CA THR A 35 8.25 3.99 8.82
C THR A 35 8.60 2.51 8.95
N GLY A 36 8.08 1.91 10.01
CA GLY A 36 8.33 0.49 10.27
C GLY A 36 7.29 -0.38 9.56
N MET A 37 7.72 -1.58 9.21
CA MET A 37 6.84 -2.52 8.53
C MET A 37 7.35 -3.95 8.67
N ARG A 38 6.40 -4.88 8.69
CA ARG A 38 6.74 -6.29 8.82
C ARG A 38 5.52 -7.16 8.52
N THR A 39 5.75 -8.21 7.75
CA THR A 39 4.70 -9.12 7.37
C THR A 39 5.16 -10.57 7.51
N TRP A 40 4.44 -11.32 8.32
CA TRP A 40 4.77 -12.72 8.55
C TRP A 40 3.75 -13.30 9.53
N ASN A 41 3.89 -14.59 9.78
CA ASN A 41 2.98 -15.27 10.69
C ASN A 41 1.58 -15.30 10.09
N GLY A 42 1.30 -16.39 9.38
CA GLY A 42 0.01 -16.56 8.75
C GLY A 42 -0.10 -17.93 8.08
N ARG A 43 -0.71 -17.93 6.90
CA ARG A 43 -0.88 -19.17 6.16
C ARG A 43 -0.61 -18.94 4.67
N VAL A 44 -0.29 -20.02 3.97
CA VAL A 44 0.00 -19.94 2.55
C VAL A 44 -0.83 -20.99 1.81
N ASP A 45 -1.60 -20.52 0.84
CA ASP A 45 -2.43 -21.42 0.05
C ASP A 45 -2.31 -21.04 -1.43
N GLY A 46 -2.12 -22.07 -2.25
CA GLY A 46 -1.99 -21.87 -3.68
C GLY A 46 -1.08 -20.67 -3.98
N ALA A 47 -1.56 -19.81 -4.87
CA ALA A 47 -0.80 -18.63 -5.26
C ALA A 47 -1.28 -17.43 -4.42
N VAL A 48 -1.62 -17.73 -3.17
CA VAL A 48 -2.08 -16.69 -2.27
C VAL A 48 -1.38 -16.84 -0.92
N SER A 49 -1.17 -15.71 -0.26
CA SER A 49 -0.52 -15.71 1.04
C SER A 49 -1.19 -14.70 1.96
N THR A 50 -1.42 -15.14 3.19
CA THR A 50 -2.06 -14.28 4.18
C THR A 50 -1.28 -14.33 5.50
N VAL A 51 -0.89 -13.14 5.96
CA VAL A 51 -0.15 -13.03 7.20
C VAL A 51 -0.43 -11.67 7.85
N ASP A 52 0.07 -11.51 9.06
CA ASP A 52 -0.13 -10.26 9.78
C ASP A 52 0.74 -9.17 9.16
N ALA A 53 0.21 -7.95 9.18
CA ALA A 53 0.91 -6.81 8.63
C ALA A 53 0.97 -5.69 9.66
N GLU A 54 2.18 -5.48 10.18
CA GLU A 54 2.38 -4.44 11.19
C GLU A 54 3.10 -3.24 10.56
N ALA A 55 2.33 -2.22 10.25
CA ALA A 55 2.89 -1.02 9.65
C ALA A 55 2.84 0.11 10.68
N GLN A 56 3.74 1.07 10.49
CA GLN A 56 3.82 2.21 11.38
C GLN A 56 3.77 3.52 10.58
N VAL A 57 3.75 4.62 11.32
CA VAL A 57 3.71 5.93 10.69
C VAL A 57 4.69 6.87 11.41
N GLY A 58 5.57 7.46 10.63
CA GLY A 58 6.56 8.37 11.18
C GLY A 58 6.10 9.84 11.04
N PHE A 59 6.30 10.38 9.85
CA PHE A 59 5.91 11.75 9.58
C PHE A 59 4.41 11.86 9.36
N SER A 60 3.65 11.25 10.27
CA SER A 60 2.20 11.27 10.18
C SER A 60 1.63 12.14 11.29
N PHE A 61 2.52 12.78 12.02
CA PHE A 61 2.12 13.65 13.12
C PHE A 61 1.41 12.85 14.21
N LEU A 62 1.44 11.54 14.06
CA LEU A 62 0.80 10.65 15.02
C LEU A 62 1.58 9.34 15.10
N ARG A 63 2.49 9.29 16.06
CA ARG A 63 3.31 8.10 16.25
C ARG A 63 2.46 6.96 16.82
N GLU A 64 1.94 6.14 15.91
CA GLU A 64 1.12 5.01 16.32
C GLU A 64 1.34 3.83 15.38
N LYS A 65 1.26 2.64 15.95
CA LYS A 65 1.44 1.42 15.17
C LYS A 65 0.10 0.74 14.96
N PHE A 66 0.00 0.03 13.84
CA PHE A 66 -1.22 -0.68 13.51
C PHE A 66 -0.92 -2.02 12.84
N ALA A 67 -1.78 -2.99 13.12
CA ALA A 67 -1.61 -4.32 12.56
C ALA A 67 -2.85 -4.69 11.75
N THR A 68 -2.62 -5.34 10.62
CA THR A 68 -3.71 -5.76 9.75
C THR A 68 -3.33 -7.03 8.99
N ARG A 69 -4.34 -7.79 8.63
CA ARG A 69 -4.13 -9.03 7.90
C ARG A 69 -3.82 -8.72 6.43
N VAL A 70 -2.56 -8.96 6.06
CA VAL A 70 -2.12 -8.72 4.71
C VAL A 70 -2.42 -9.94 3.84
N ARG A 71 -2.93 -9.68 2.66
CA ARG A 71 -3.28 -10.74 1.73
C ARG A 71 -2.66 -10.48 0.35
N ARG A 72 -1.84 -11.41 -0.09
CA ARG A 72 -1.19 -11.29 -1.38
C ARG A 72 -1.58 -12.47 -2.29
N ASP A 73 -1.63 -12.17 -3.58
CA ASP A 73 -1.98 -13.19 -4.56
C ASP A 73 -1.14 -13.00 -5.81
N LYS A 74 -0.33 -14.01 -6.10
CA LYS A 74 0.54 -13.96 -7.27
C LYS A 74 -0.25 -14.40 -8.51
N ASP A 75 -1.46 -14.88 -8.25
CA ASP A 75 -2.33 -15.34 -9.33
C ASP A 75 -3.30 -14.22 -9.70
N ALA A 76 -3.52 -13.32 -8.75
CA ALA A 76 -4.41 -12.20 -8.96
C ALA A 76 -3.60 -10.94 -9.23
N ARG A 77 -2.36 -10.97 -8.76
CA ARG A 77 -1.47 -9.84 -8.94
C ARG A 77 -2.04 -8.59 -8.28
N SER A 78 -2.70 -8.82 -7.15
CA SER A 78 -3.32 -7.72 -6.42
C SER A 78 -2.96 -7.83 -4.93
N ILE A 79 -3.23 -6.75 -4.21
CA ILE A 79 -2.94 -6.72 -2.78
C ILE A 79 -4.23 -6.36 -2.02
N ASP A 80 -4.34 -6.92 -0.84
CA ASP A 80 -5.50 -6.67 0.01
C ASP A 80 -5.11 -6.85 1.48
N VAL A 81 -5.61 -5.94 2.30
CA VAL A 81 -5.32 -5.97 3.72
C VAL A 81 -6.61 -5.65 4.51
N SER A 82 -6.72 -6.27 5.67
CA SER A 82 -7.88 -6.06 6.51
C SER A 82 -7.44 -5.81 7.96
N LEU A 83 -8.38 -5.32 8.76
CA LEU A 83 -8.09 -5.05 10.15
C LEU A 83 -7.79 -6.37 10.88
N LEU A 84 -6.74 -6.33 11.69
CA LEU A 84 -6.33 -7.51 12.44
C LEU A 84 -6.30 -7.17 13.92
N TYR A 85 -5.53 -6.15 14.26
CA TYR A 85 -5.41 -5.71 15.63
C TYR A 85 -5.56 -4.20 15.75
N GLY A 86 -5.69 -3.56 14.60
CA GLY A 86 -5.85 -2.12 14.57
C GLY A 86 -7.12 -1.69 15.29
N PRO A 87 -7.63 -0.49 14.91
CA PRO A 87 -8.84 0.06 15.52
C PRO A 87 -10.08 -0.68 14.99
N PHE A 88 -10.53 -1.65 15.77
CA PHE A 88 -11.70 -2.42 15.38
C PHE A 88 -12.90 -1.51 15.12
N LYS A 89 -13.17 -1.31 13.84
CA LYS A 89 -14.28 -0.45 13.44
C LYS A 89 -14.49 -0.57 11.94
N ARG A 90 -13.43 -0.32 11.19
CA ARG A 90 -13.48 -0.39 9.74
C ARG A 90 -12.20 0.19 9.13
N LEU A 91 -11.53 -0.63 8.35
CA LEU A 91 -10.30 -0.21 7.70
C LEU A 91 -9.79 -1.34 6.80
N ASN A 92 -9.50 -0.99 5.56
CA ASN A 92 -9.02 -1.96 4.59
C ASN A 92 -8.06 -1.26 3.62
N ASN A 93 -7.15 -2.05 3.07
CA ASN A 93 -6.18 -1.53 2.12
C ASN A 93 -5.92 -2.57 1.03
N GLY A 94 -6.22 -2.18 -0.20
CA GLY A 94 -6.02 -3.07 -1.34
C GLY A 94 -5.75 -2.28 -2.61
N TRP A 95 -5.09 -2.94 -3.56
CA TRP A 95 -4.76 -2.31 -4.82
C TRP A 95 -4.72 -3.40 -5.89
N ARG A 96 -5.07 -3.00 -7.11
CA ARG A 96 -5.07 -3.93 -8.23
C ARG A 96 -4.49 -3.26 -9.47
N PHE A 97 -3.98 -4.10 -10.37
CA PHE A 97 -3.39 -3.60 -11.61
C PHE A 97 -4.44 -3.49 -12.72
N MET A 98 -4.16 -2.62 -13.67
CA MET A 98 -5.07 -2.41 -14.78
C MET A 98 -4.32 -1.90 -16.01
N PRO A 99 -3.94 -2.86 -16.89
CA PRO A 99 -3.22 -2.51 -18.11
C PRO A 99 -4.16 -1.88 -19.14
N GLU A 100 -3.58 -1.02 -19.97
CA GLU A 100 -4.34 -0.34 -21.00
C GLU A 100 -3.44 0.04 -22.17
N GLY A 101 -3.00 -0.98 -22.89
CA GLY A 101 -2.13 -0.76 -24.04
C GLY A 101 -0.68 -1.08 -23.69
N ASP A 102 0.21 -0.21 -24.16
CA ASP A 102 1.63 -0.39 -23.91
C ASP A 102 1.93 -0.01 -22.46
N ALA A 103 1.11 0.89 -21.93
CA ALA A 103 1.27 1.34 -20.55
C ALA A 103 0.31 0.58 -19.65
N THR A 104 0.56 0.67 -18.35
CA THR A 104 -0.28 -0.02 -17.38
C THR A 104 -0.77 0.98 -16.32
N ARG A 105 -1.98 0.72 -15.84
CA ARG A 105 -2.58 1.58 -14.83
C ARG A 105 -2.78 0.81 -13.53
N VAL A 106 -2.32 1.41 -12.44
CA VAL A 106 -2.45 0.79 -11.13
C VAL A 106 -3.48 1.55 -10.31
N GLU A 107 -4.26 0.79 -9.55
CA GLU A 107 -5.29 1.39 -8.71
C GLU A 107 -5.10 0.97 -7.25
N PHE A 108 -4.99 1.97 -6.40
CA PHE A 108 -4.80 1.72 -4.98
C PHE A 108 -5.88 2.41 -4.15
N VAL A 109 -6.74 1.58 -3.55
CA VAL A 109 -7.83 2.09 -2.74
C VAL A 109 -7.46 1.95 -1.26
N ILE A 110 -7.53 3.08 -0.55
CA ILE A 110 -7.20 3.08 0.87
C ILE A 110 -8.46 3.42 1.67
N GLU A 111 -8.71 2.61 2.68
CA GLU A 111 -9.87 2.81 3.54
C GLU A 111 -9.49 2.67 5.01
N PHE A 112 -10.11 3.50 5.83
CA PHE A 112 -9.83 3.48 7.26
C PHE A 112 -10.86 4.33 8.02
N ALA A 113 -10.96 4.06 9.32
CA ALA A 113 -11.89 4.78 10.16
C ALA A 113 -11.11 5.50 11.27
N PHE A 114 -11.28 6.81 11.29
CA PHE A 114 -10.61 7.63 12.29
C PHE A 114 -11.56 8.00 13.44
N LYS A 115 -10.97 8.51 14.51
CA LYS A 115 -11.75 8.91 15.67
C LYS A 115 -12.10 10.39 15.56
N SER A 116 -11.06 11.20 15.39
CA SER A 116 -11.25 12.64 15.26
C SER A 116 -11.77 12.98 13.86
N ALA A 117 -12.85 13.74 13.84
CA ALA A 117 -13.46 14.15 12.59
C ALA A 117 -12.53 15.13 11.87
N LEU A 118 -11.96 16.02 12.66
CA LEU A 118 -11.05 17.02 12.11
C LEU A 118 -9.81 16.32 11.55
N LEU A 119 -9.21 15.48 12.38
CA LEU A 119 -8.03 14.74 11.99
C LEU A 119 -8.39 13.76 10.87
N ASP A 120 -9.67 13.41 10.83
CA ASP A 120 -10.15 12.48 9.82
C ASP A 120 -9.87 13.06 8.43
N ALA A 121 -10.26 14.31 8.25
CA ALA A 121 -10.06 14.99 6.98
C ALA A 121 -8.59 15.44 6.87
N MET A 122 -8.06 15.87 8.01
CA MET A 122 -6.69 16.33 8.07
C MET A 122 -5.72 15.23 7.62
N LEU A 123 -5.91 14.06 8.19
CA LEU A 123 -5.07 12.92 7.86
C LEU A 123 -5.46 12.37 6.49
N ALA A 124 -6.76 12.23 6.29
CA ALA A 124 -7.27 11.73 5.03
C ALA A 124 -6.94 12.72 3.91
N ALA A 125 -6.50 13.90 4.33
CA ALA A 125 -6.15 14.95 3.38
C ALA A 125 -4.72 14.73 2.91
N ASN A 126 -3.82 14.63 3.87
CA ASN A 126 -2.41 14.43 3.58
C ASN A 126 -2.20 13.01 3.05
N VAL A 127 -3.20 12.17 3.30
CA VAL A 127 -3.15 10.79 2.85
C VAL A 127 -2.83 10.75 1.36
N ASP A 128 -3.51 11.62 0.62
CA ASP A 128 -3.31 11.69 -0.82
C ASP A 128 -1.88 12.13 -1.11
N ARG A 129 -1.36 12.99 -0.23
CA ARG A 129 -0.02 13.49 -0.39
C ARG A 129 1.00 12.36 -0.16
N ALA A 130 0.78 11.63 0.91
CA ALA A 130 1.66 10.53 1.27
C ALA A 130 1.65 9.49 0.13
N ALA A 131 0.45 9.10 -0.27
CA ALA A 131 0.29 8.13 -1.33
C ALA A 131 0.88 8.69 -2.61
N GLY A 132 0.68 9.99 -2.80
CA GLY A 132 1.18 10.65 -3.99
C GLY A 132 2.71 10.55 -4.08
N LYS A 133 3.35 10.78 -2.94
CA LYS A 133 4.80 10.72 -2.87
C LYS A 133 5.25 9.28 -3.15
N LEU A 134 4.47 8.34 -2.66
CA LEU A 134 4.78 6.93 -2.84
C LEU A 134 4.74 6.60 -4.34
N ILE A 135 3.80 7.23 -5.03
CA ILE A 135 3.66 7.01 -6.46
C ILE A 135 4.84 7.63 -7.19
N ALA A 136 5.25 8.80 -6.71
CA ALA A 136 6.37 9.51 -7.30
C ALA A 136 7.66 8.72 -7.05
N CYS A 137 7.70 8.08 -5.88
CA CYS A 137 8.86 7.30 -5.50
C CYS A 137 8.95 6.08 -6.43
N PHE A 138 7.83 5.38 -6.53
CA PHE A 138 7.76 4.20 -7.37
C PHE A 138 8.13 4.54 -8.82
N GLU A 139 7.59 5.65 -9.28
CA GLU A 139 7.86 6.10 -10.65
C GLU A 139 9.34 6.43 -10.82
N ALA A 140 9.84 7.25 -9.91
CA ALA A 140 11.24 7.64 -9.95
C ALA A 140 12.12 6.39 -9.92
N ARG A 141 11.71 5.44 -9.10
CA ARG A 141 12.45 4.20 -8.96
C ARG A 141 12.40 3.41 -10.28
N ALA A 142 11.26 3.48 -10.93
CA ALA A 142 11.06 2.79 -12.20
C ALA A 142 12.03 3.35 -13.24
N GLN A 143 12.17 4.67 -13.22
CA GLN A 143 13.05 5.35 -14.16
C GLN A 143 14.51 5.14 -13.74
N GLN A 144 14.72 5.05 -12.43
CA GLN A 144 16.05 4.85 -11.90
C GLN A 144 16.55 3.45 -12.23
N LEU A 145 15.64 2.49 -12.20
CA LEU A 145 15.97 1.11 -12.49
C LEU A 145 16.20 0.96 -13.99
N HIS A 146 15.19 1.37 -14.75
CA HIS A 146 15.27 1.28 -16.20
C HIS A 146 16.40 2.19 -16.71
N GLY A 147 16.65 3.24 -15.96
CA GLY A 147 17.69 4.19 -16.32
C GLY A 147 19.03 3.47 -16.50
N ALA A 148 19.46 2.81 -15.43
CA ALA A 148 20.73 2.09 -15.45
C ALA A 148 20.90 1.34 -14.13
N MET A 1 -16.60 7.27 8.32
CA MET A 1 -15.54 6.61 7.57
C MET A 1 -15.50 7.11 6.12
N HIS A 2 -14.32 6.99 5.53
CA HIS A 2 -14.13 7.42 4.16
C HIS A 2 -13.13 6.50 3.47
N ARG A 3 -13.19 6.50 2.14
CA ARG A 3 -12.29 5.67 1.36
C ARG A 3 -11.61 6.51 0.26
N HIS A 4 -10.30 6.59 0.35
CA HIS A 4 -9.53 7.35 -0.61
C HIS A 4 -9.03 6.42 -1.72
N VAL A 5 -9.24 6.87 -2.95
CA VAL A 5 -8.83 6.09 -4.11
C VAL A 5 -7.62 6.76 -4.78
N VAL A 6 -6.74 5.94 -5.31
CA VAL A 6 -5.55 6.43 -5.97
C VAL A 6 -5.26 5.59 -7.21
N THR A 7 -5.30 6.25 -8.35
CA THR A 7 -5.05 5.58 -9.62
C THR A 7 -3.91 6.26 -10.38
N LYS A 8 -2.86 5.49 -10.63
CA LYS A 8 -1.70 6.01 -11.34
C LYS A 8 -1.42 5.12 -12.55
N VAL A 9 -0.59 5.64 -13.45
CA VAL A 9 -0.23 4.91 -14.65
C VAL A 9 1.29 5.01 -14.85
N LEU A 10 1.92 3.84 -14.89
CA LEU A 10 3.35 3.76 -15.08
C LEU A 10 3.66 2.96 -16.34
N PRO A 11 4.28 3.65 -17.32
CA PRO A 11 4.63 3.00 -18.58
C PRO A 11 5.85 2.09 -18.41
N TYR A 12 5.68 1.09 -17.56
CA TYR A 12 6.75 0.14 -17.30
C TYR A 12 6.24 -1.29 -17.36
N THR A 13 7.17 -2.23 -17.23
CA THR A 13 6.83 -3.64 -17.27
C THR A 13 5.89 -3.99 -16.11
N PRO A 14 5.16 -5.13 -16.28
CA PRO A 14 4.23 -5.58 -15.27
C PRO A 14 4.98 -6.21 -14.09
N ASP A 15 6.23 -6.55 -14.34
CA ASP A 15 7.05 -7.16 -13.31
C ASP A 15 7.08 -6.26 -12.07
N GLN A 16 7.14 -4.96 -12.34
CA GLN A 16 7.16 -3.98 -11.26
C GLN A 16 6.02 -4.26 -10.27
N LEU A 17 4.99 -4.92 -10.78
CA LEU A 17 3.84 -5.24 -9.95
C LEU A 17 4.27 -6.20 -8.84
N PHE A 18 5.00 -7.23 -9.24
CA PHE A 18 5.48 -8.22 -8.29
C PHE A 18 6.06 -7.54 -7.04
N GLU A 19 6.78 -6.45 -7.29
CA GLU A 19 7.40 -5.72 -6.20
C GLU A 19 6.36 -4.85 -5.49
N LEU A 20 5.36 -4.43 -6.25
CA LEU A 20 4.30 -3.60 -5.72
C LEU A 20 3.41 -4.45 -4.81
N VAL A 21 3.12 -5.66 -5.27
CA VAL A 21 2.28 -6.58 -4.52
C VAL A 21 2.93 -6.86 -3.16
N GLY A 22 4.24 -7.01 -3.20
CA GLY A 22 4.99 -7.30 -1.98
C GLY A 22 5.70 -6.04 -1.48
N ASP A 23 5.19 -4.90 -1.90
CA ASP A 23 5.77 -3.62 -1.51
C ASP A 23 5.75 -3.52 0.02
N VAL A 24 4.99 -4.42 0.64
CA VAL A 24 4.88 -4.43 2.09
C VAL A 24 6.07 -5.19 2.68
N ASP A 25 6.72 -5.96 1.81
CA ASP A 25 7.88 -6.74 2.24
C ASP A 25 9.06 -6.44 1.31
N ALA A 26 8.81 -5.55 0.37
CA ALA A 26 9.84 -5.16 -0.58
C ALA A 26 10.16 -3.67 -0.40
N TYR A 27 9.38 -2.85 -1.10
CA TYR A 27 9.57 -1.41 -1.03
C TYR A 27 11.05 -1.04 -1.12
N PRO A 28 11.31 0.24 -1.49
CA PRO A 28 12.66 0.72 -1.63
C PRO A 28 13.29 0.97 -0.26
N LYS A 29 14.37 1.76 -0.26
CA LYS A 29 15.07 2.07 0.96
C LYS A 29 14.66 3.47 1.44
N PHE A 30 13.63 4.00 0.78
CA PHE A 30 13.12 5.33 1.11
C PHE A 30 11.60 5.35 1.10
N VAL A 31 11.03 5.40 2.30
CA VAL A 31 9.59 5.42 2.45
C VAL A 31 9.21 6.34 3.60
N PRO A 32 9.12 7.67 3.28
CA PRO A 32 8.77 8.66 4.29
C PRO A 32 7.28 8.60 4.62
N TRP A 33 6.48 8.41 3.58
CA TRP A 33 5.04 8.33 3.75
C TRP A 33 4.74 7.28 4.82
N ILE A 34 5.71 6.41 5.02
CA ILE A 34 5.56 5.35 6.01
C ILE A 34 6.80 5.33 6.91
N THR A 35 6.82 4.34 7.81
CA THR A 35 7.93 4.20 8.73
C THR A 35 8.38 2.74 8.81
N GLY A 36 7.78 2.02 9.74
CA GLY A 36 8.11 0.61 9.93
C GLY A 36 7.10 -0.28 9.21
N MET A 37 7.58 -1.43 8.78
CA MET A 37 6.74 -2.39 8.08
C MET A 37 7.21 -3.83 8.31
N ARG A 38 6.26 -4.74 8.28
CA ARG A 38 6.58 -6.15 8.49
C ARG A 38 5.43 -7.02 7.98
N THR A 39 5.81 -8.09 7.30
CA THR A 39 4.82 -9.01 6.75
C THR A 39 5.25 -10.46 7.00
N TRP A 40 4.44 -11.15 7.80
CA TRP A 40 4.73 -12.54 8.13
C TRP A 40 3.65 -13.03 9.08
N ASN A 41 3.79 -14.28 9.51
CA ASN A 41 2.83 -14.87 10.42
C ASN A 41 1.50 -15.08 9.70
N GLY A 42 1.40 -16.21 9.02
CA GLY A 42 0.18 -16.53 8.29
C GLY A 42 0.29 -17.91 7.63
N ARG A 43 -0.21 -18.00 6.41
CA ARG A 43 -0.18 -19.24 5.68
C ARG A 43 -0.02 -18.98 4.18
N VAL A 44 0.47 -19.99 3.48
CA VAL A 44 0.68 -19.88 2.04
C VAL A 44 0.02 -21.07 1.34
N ASP A 45 -0.90 -20.75 0.44
CA ASP A 45 -1.60 -21.78 -0.30
C ASP A 45 -1.57 -21.43 -1.80
N GLY A 46 -1.20 -22.43 -2.59
CA GLY A 46 -1.13 -22.24 -4.03
C GLY A 46 -0.42 -20.92 -4.39
N ALA A 47 -1.05 -20.16 -5.26
CA ALA A 47 -0.50 -18.89 -5.68
C ALA A 47 -1.10 -17.77 -4.84
N VAL A 48 -1.32 -18.08 -3.57
CA VAL A 48 -1.90 -17.12 -2.64
C VAL A 48 -1.14 -17.18 -1.32
N SER A 49 -1.07 -16.02 -0.68
CA SER A 49 -0.37 -15.93 0.60
C SER A 49 -1.08 -14.92 1.51
N THR A 50 -1.37 -15.36 2.73
CA THR A 50 -2.05 -14.52 3.69
C THR A 50 -1.25 -14.45 4.99
N VAL A 51 -0.94 -13.24 5.41
CA VAL A 51 -0.19 -13.03 6.64
C VAL A 51 -0.55 -11.67 7.23
N ASP A 52 -0.04 -11.43 8.43
CA ASP A 52 -0.30 -10.17 9.11
C ASP A 52 0.68 -9.11 8.62
N ALA A 53 0.14 -7.92 8.40
CA ALA A 53 0.95 -6.81 7.92
C ALA A 53 0.99 -5.72 8.99
N GLU A 54 2.14 -5.58 9.62
CA GLU A 54 2.32 -4.58 10.66
C GLU A 54 2.93 -3.30 10.07
N ALA A 55 2.07 -2.32 9.86
CA ALA A 55 2.52 -1.05 9.31
C ALA A 55 2.54 0.01 10.42
N GLN A 56 3.46 0.95 10.27
CA GLN A 56 3.59 2.01 11.25
C GLN A 56 3.42 3.38 10.57
N VAL A 57 3.51 4.42 11.39
CA VAL A 57 3.37 5.78 10.89
C VAL A 57 4.42 6.67 11.54
N GLY A 58 5.16 7.38 10.69
CA GLY A 58 6.20 8.27 11.18
C GLY A 58 5.77 9.73 11.05
N PHE A 59 5.76 10.21 9.81
CA PHE A 59 5.38 11.58 9.54
C PHE A 59 3.85 11.71 9.43
N SER A 60 3.17 11.02 10.33
CA SER A 60 1.72 11.04 10.35
C SER A 60 1.22 11.83 11.56
N PHE A 61 2.17 12.43 12.27
CA PHE A 61 1.84 13.22 13.44
C PHE A 61 1.17 12.35 14.51
N LEU A 62 1.20 11.05 14.27
CA LEU A 62 0.60 10.10 15.20
C LEU A 62 1.46 8.84 15.27
N ARG A 63 2.34 8.82 16.26
CA ARG A 63 3.23 7.69 16.45
C ARG A 63 2.45 6.49 17.00
N GLU A 64 2.00 5.65 16.07
CA GLU A 64 1.24 4.47 16.43
C GLU A 64 1.57 3.32 15.49
N LYS A 65 1.25 2.11 15.93
CA LYS A 65 1.50 0.92 15.15
C LYS A 65 0.19 0.13 14.98
N PHE A 66 0.08 -0.53 13.85
CA PHE A 66 -1.10 -1.32 13.56
C PHE A 66 -0.75 -2.58 12.75
N ALA A 67 -1.69 -3.51 12.73
CA ALA A 67 -1.49 -4.75 12.00
C ALA A 67 -2.80 -5.15 11.32
N THR A 68 -2.67 -5.71 10.12
CA THR A 68 -3.83 -6.14 9.37
C THR A 68 -3.48 -7.37 8.52
N ARG A 69 -4.50 -8.17 8.25
CA ARG A 69 -4.32 -9.37 7.46
C ARG A 69 -4.16 -9.01 5.98
N VAL A 70 -2.94 -9.17 5.50
CA VAL A 70 -2.64 -8.87 4.10
C VAL A 70 -2.78 -10.15 3.27
N ARG A 71 -3.54 -10.02 2.19
CA ARG A 71 -3.76 -11.15 1.30
C ARG A 71 -3.17 -10.87 -0.08
N ARG A 72 -2.32 -11.79 -0.53
CA ARG A 72 -1.69 -11.65 -1.82
C ARG A 72 -1.99 -12.87 -2.70
N ASP A 73 -2.03 -12.62 -4.00
CA ASP A 73 -2.32 -13.68 -4.96
C ASP A 73 -1.55 -13.42 -6.25
N LYS A 74 -0.71 -14.38 -6.61
CA LYS A 74 0.10 -14.27 -7.81
C LYS A 74 -0.70 -14.80 -9.00
N ASP A 75 -1.85 -15.37 -8.69
CA ASP A 75 -2.72 -15.93 -9.72
C ASP A 75 -3.77 -14.89 -10.11
N ALA A 76 -4.03 -13.97 -9.18
CA ALA A 76 -5.00 -12.92 -9.42
C ALA A 76 -4.28 -11.58 -9.59
N ARG A 77 -3.08 -11.52 -9.03
CA ARG A 77 -2.27 -10.31 -9.12
C ARG A 77 -2.96 -9.17 -8.38
N SER A 78 -3.54 -9.51 -7.23
CA SER A 78 -4.23 -8.51 -6.43
C SER A 78 -3.81 -8.65 -4.97
N ILE A 79 -4.00 -7.57 -4.23
CA ILE A 79 -3.65 -7.55 -2.82
C ILE A 79 -4.78 -6.91 -2.02
N ASP A 80 -5.02 -7.47 -0.84
CA ASP A 80 -6.07 -6.97 0.03
C ASP A 80 -5.60 -7.03 1.48
N VAL A 81 -6.04 -6.05 2.26
CA VAL A 81 -5.67 -5.97 3.66
C VAL A 81 -6.91 -5.64 4.49
N SER A 82 -7.07 -6.38 5.57
CA SER A 82 -8.20 -6.17 6.46
C SER A 82 -7.72 -6.05 7.91
N LEU A 83 -8.61 -5.55 8.76
CA LEU A 83 -8.29 -5.37 10.16
C LEU A 83 -7.93 -6.73 10.78
N LEU A 84 -6.97 -6.71 11.68
CA LEU A 84 -6.54 -7.92 12.35
C LEU A 84 -6.68 -7.75 13.86
N TYR A 85 -5.99 -6.75 14.39
CA TYR A 85 -6.04 -6.47 15.81
C TYR A 85 -6.22 -4.97 16.06
N GLY A 86 -5.66 -4.18 15.16
CA GLY A 86 -5.76 -2.73 15.29
C GLY A 86 -7.02 -2.33 16.05
N PRO A 87 -6.80 -1.66 17.22
CA PRO A 87 -7.90 -1.21 18.05
C PRO A 87 -8.58 0.01 17.43
N PHE A 88 -9.19 -0.20 16.27
CA PHE A 88 -9.88 0.86 15.58
C PHE A 88 -11.30 0.43 15.18
N LYS A 89 -11.95 1.30 14.43
CA LYS A 89 -13.30 1.03 13.98
C LYS A 89 -13.25 0.23 12.67
N ARG A 90 -12.89 0.92 11.60
CA ARG A 90 -12.79 0.29 10.30
C ARG A 90 -11.51 0.73 9.59
N LEU A 91 -10.92 -0.21 8.86
CA LEU A 91 -9.70 0.06 8.13
C LEU A 91 -9.45 -1.06 7.13
N ASN A 92 -9.55 -0.69 5.85
CA ASN A 92 -9.35 -1.65 4.78
C ASN A 92 -8.35 -1.07 3.77
N ASN A 93 -7.62 -1.97 3.13
CA ASN A 93 -6.64 -1.56 2.14
C ASN A 93 -6.50 -2.65 1.08
N GLY A 94 -6.00 -2.25 -0.08
CA GLY A 94 -5.82 -3.18 -1.18
C GLY A 94 -5.02 -2.54 -2.32
N TRP A 95 -4.24 -3.37 -3.00
CA TRP A 95 -3.43 -2.89 -4.09
C TRP A 95 -3.89 -3.62 -5.37
N ARG A 96 -4.52 -2.86 -6.25
CA ARG A 96 -5.02 -3.41 -7.50
C ARG A 96 -4.11 -3.00 -8.66
N PHE A 97 -3.98 -3.90 -9.62
CA PHE A 97 -3.15 -3.63 -10.79
C PHE A 97 -3.86 -4.06 -12.08
N MET A 98 -3.97 -3.11 -12.99
CA MET A 98 -4.62 -3.36 -14.27
C MET A 98 -3.85 -2.72 -15.41
N PRO A 99 -3.33 -3.59 -16.32
CA PRO A 99 -2.58 -3.12 -17.47
C PRO A 99 -3.50 -2.51 -18.53
N GLU A 100 -2.94 -1.61 -19.30
CA GLU A 100 -3.70 -0.95 -20.36
C GLU A 100 -2.77 -0.49 -21.48
N GLY A 101 -2.26 -1.47 -22.21
CA GLY A 101 -1.36 -1.18 -23.32
C GLY A 101 0.10 -1.40 -22.91
N ASP A 102 0.96 -0.54 -23.42
CA ASP A 102 2.38 -0.63 -23.13
C ASP A 102 2.61 -0.26 -21.66
N ALA A 103 1.73 0.58 -21.15
CA ALA A 103 1.81 1.01 -19.77
C ALA A 103 0.83 0.20 -18.92
N THR A 104 1.00 0.32 -17.60
CA THR A 104 0.13 -0.39 -16.67
C THR A 104 -0.52 0.59 -15.70
N ARG A 105 -1.74 0.25 -15.30
CA ARG A 105 -2.48 1.09 -14.37
C ARG A 105 -2.61 0.40 -13.01
N VAL A 106 -2.25 1.14 -11.98
CA VAL A 106 -2.32 0.62 -10.62
C VAL A 106 -3.28 1.46 -9.80
N GLU A 107 -4.09 0.78 -9.00
CA GLU A 107 -5.06 1.46 -8.16
C GLU A 107 -4.90 1.02 -6.70
N PHE A 108 -4.69 1.99 -5.84
CA PHE A 108 -4.51 1.72 -4.42
C PHE A 108 -5.70 2.25 -3.60
N VAL A 109 -6.39 1.34 -2.95
CA VAL A 109 -7.53 1.69 -2.14
C VAL A 109 -7.09 1.87 -0.69
N ILE A 110 -7.41 3.04 -0.14
CA ILE A 110 -7.05 3.36 1.22
C ILE A 110 -8.32 3.62 2.04
N GLU A 111 -8.50 2.81 3.08
CA GLU A 111 -9.66 2.94 3.94
C GLU A 111 -9.26 2.83 5.40
N PHE A 112 -9.58 3.88 6.15
CA PHE A 112 -9.25 3.90 7.57
C PHE A 112 -10.25 4.77 8.35
N ALA A 113 -10.25 4.59 9.66
CA ALA A 113 -11.15 5.34 10.52
C ALA A 113 -10.34 6.02 11.62
N PHE A 114 -10.44 7.34 11.66
CA PHE A 114 -9.72 8.11 12.67
C PHE A 114 -10.62 8.42 13.86
N LYS A 115 -10.01 9.00 14.89
CA LYS A 115 -10.74 9.36 16.09
C LYS A 115 -11.32 10.76 15.92
N SER A 116 -10.47 11.67 15.47
CA SER A 116 -10.89 13.05 15.26
C SER A 116 -11.39 13.24 13.82
N ALA A 117 -12.66 13.61 13.71
CA ALA A 117 -13.26 13.81 12.41
C ALA A 117 -12.45 14.88 11.66
N LEU A 118 -11.83 15.77 12.42
CA LEU A 118 -11.03 16.84 11.84
C LEU A 118 -9.77 16.24 11.23
N LEU A 119 -9.08 15.45 12.02
CA LEU A 119 -7.85 14.81 11.57
C LEU A 119 -8.18 13.80 10.47
N ASP A 120 -9.41 13.33 10.50
CA ASP A 120 -9.87 12.36 9.50
C ASP A 120 -9.71 12.98 8.10
N ALA A 121 -10.26 14.18 7.95
CA ALA A 121 -10.20 14.87 6.68
C ALA A 121 -8.79 15.44 6.48
N MET A 122 -8.20 15.89 7.58
CA MET A 122 -6.86 16.45 7.55
C MET A 122 -5.85 15.41 7.07
N LEU A 123 -5.92 14.23 7.66
CA LEU A 123 -5.01 13.15 7.31
C LEU A 123 -5.44 12.57 5.96
N ALA A 124 -6.74 12.37 5.81
CA ALA A 124 -7.28 11.81 4.58
C ALA A 124 -7.09 12.83 3.45
N ALA A 125 -6.74 14.04 3.83
CA ALA A 125 -6.52 15.11 2.86
C ALA A 125 -5.11 14.98 2.29
N ASN A 126 -4.13 14.94 3.19
CA ASN A 126 -2.75 14.83 2.79
C ASN A 126 -2.49 13.41 2.26
N VAL A 127 -3.36 12.49 2.65
CA VAL A 127 -3.24 11.11 2.23
C VAL A 127 -2.89 11.07 0.74
N ASP A 128 -3.58 11.90 -0.02
CA ASP A 128 -3.36 11.97 -1.46
C ASP A 128 -1.92 12.41 -1.72
N ARG A 129 -1.50 13.41 -0.96
CA ARG A 129 -0.15 13.94 -1.11
C ARG A 129 0.88 12.86 -0.79
N ALA A 130 0.71 12.25 0.37
CA ALA A 130 1.62 11.19 0.80
C ALA A 130 1.67 10.10 -0.27
N ALA A 131 0.50 9.80 -0.82
CA ALA A 131 0.39 8.78 -1.85
C ALA A 131 1.11 9.26 -3.10
N GLY A 132 1.07 10.57 -3.31
CA GLY A 132 1.70 11.16 -4.48
C GLY A 132 3.22 11.03 -4.39
N LYS A 133 3.74 11.32 -3.22
CA LYS A 133 5.18 11.24 -2.98
C LYS A 133 5.62 9.78 -3.02
N LEU A 134 4.78 8.92 -2.45
CA LEU A 134 5.06 7.50 -2.41
C LEU A 134 5.10 6.96 -3.84
N ILE A 135 4.16 7.42 -4.64
CA ILE A 135 4.08 6.99 -6.04
C ILE A 135 5.30 7.51 -6.79
N ALA A 136 5.68 8.73 -6.47
CA ALA A 136 6.83 9.36 -7.11
C ALA A 136 8.09 8.60 -6.71
N CYS A 137 8.10 8.11 -5.48
CA CYS A 137 9.25 7.38 -4.97
C CYS A 137 9.40 6.09 -5.78
N PHE A 138 8.29 5.37 -5.89
CA PHE A 138 8.28 4.12 -6.63
C PHE A 138 8.59 4.36 -8.11
N GLU A 139 8.00 5.42 -8.65
CA GLU A 139 8.20 5.77 -10.04
C GLU A 139 9.68 6.09 -10.29
N ALA A 140 10.23 6.93 -9.43
CA ALA A 140 11.63 7.33 -9.55
C ALA A 140 12.51 6.08 -9.52
N ARG A 141 12.16 5.16 -8.62
CA ARG A 141 12.90 3.93 -8.48
C ARG A 141 12.78 3.09 -9.75
N ALA A 142 11.62 3.16 -10.36
CA ALA A 142 11.36 2.41 -11.58
C ALA A 142 12.27 2.93 -12.69
N GLN A 143 12.38 4.25 -12.75
CA GLN A 143 13.21 4.90 -13.76
C GLN A 143 14.69 4.72 -13.42
N GLN A 144 14.96 4.70 -12.12
CA GLN A 144 16.33 4.53 -11.65
C GLN A 144 16.83 3.12 -11.95
N LEU A 145 15.91 2.17 -11.89
CA LEU A 145 16.25 0.78 -12.16
C LEU A 145 16.39 0.58 -13.66
N HIS A 146 15.33 0.93 -14.38
CA HIS A 146 15.32 0.79 -15.82
C HIS A 146 16.39 1.71 -16.44
N GLY A 147 16.66 2.79 -15.74
CA GLY A 147 17.65 3.76 -16.19
C GLY A 147 19.00 3.07 -16.42
N ALA A 148 19.50 2.46 -15.37
CA ALA A 148 20.78 1.76 -15.43
C ALA A 148 21.80 2.67 -16.12
N MET A 1 -16.10 4.44 6.59
CA MET A 1 -15.34 5.60 7.01
C MET A 1 -14.68 6.30 5.81
N HIS A 2 -13.86 7.29 6.12
CA HIS A 2 -13.18 8.03 5.08
C HIS A 2 -12.47 7.07 4.13
N ARG A 3 -12.68 7.29 2.84
CA ARG A 3 -12.07 6.45 1.83
C ARG A 3 -11.35 7.31 0.78
N HIS A 4 -10.04 7.12 0.70
CA HIS A 4 -9.24 7.86 -0.24
C HIS A 4 -8.86 6.97 -1.43
N VAL A 5 -9.14 7.48 -2.62
CA VAL A 5 -8.84 6.74 -3.84
C VAL A 5 -7.70 7.43 -4.59
N VAL A 6 -6.86 6.62 -5.20
CA VAL A 6 -5.73 7.14 -5.96
C VAL A 6 -5.52 6.29 -7.20
N THR A 7 -5.22 6.97 -8.31
CA THR A 7 -4.99 6.29 -9.57
C THR A 7 -3.65 6.71 -10.16
N LYS A 8 -2.89 5.71 -10.59
CA LYS A 8 -1.58 5.95 -11.17
C LYS A 8 -1.41 5.06 -12.40
N VAL A 9 -0.60 5.54 -13.33
CA VAL A 9 -0.34 4.81 -14.56
C VAL A 9 1.15 4.91 -14.90
N LEU A 10 1.77 3.74 -15.02
CA LEU A 10 3.19 3.68 -15.34
C LEU A 10 3.38 2.86 -16.63
N PRO A 11 3.95 3.53 -17.66
CA PRO A 11 4.20 2.88 -18.93
C PRO A 11 5.39 1.91 -18.83
N TYR A 12 5.26 0.94 -17.95
CA TYR A 12 6.31 -0.04 -17.75
C TYR A 12 5.73 -1.45 -17.65
N THR A 13 6.63 -2.43 -17.59
CA THR A 13 6.22 -3.82 -17.49
C THR A 13 5.48 -4.07 -16.17
N PRO A 14 4.70 -5.18 -16.15
CA PRO A 14 3.95 -5.54 -14.96
C PRO A 14 4.87 -6.11 -13.87
N ASP A 15 6.15 -6.19 -14.21
CA ASP A 15 7.13 -6.71 -13.27
C ASP A 15 7.27 -5.74 -12.11
N GLN A 16 7.36 -4.47 -12.44
CA GLN A 16 7.51 -3.43 -11.44
C GLN A 16 6.41 -3.56 -10.37
N LEU A 17 5.27 -4.09 -10.81
CA LEU A 17 4.15 -4.28 -9.92
C LEU A 17 4.50 -5.33 -8.87
N PHE A 18 5.17 -6.38 -9.33
CA PHE A 18 5.57 -7.46 -8.45
C PHE A 18 6.18 -6.92 -7.16
N GLU A 19 6.90 -5.82 -7.30
CA GLU A 19 7.55 -5.19 -6.17
C GLU A 19 6.53 -4.39 -5.35
N LEU A 20 5.53 -3.88 -6.05
CA LEU A 20 4.48 -3.11 -5.41
C LEU A 20 3.59 -4.04 -4.60
N VAL A 21 3.33 -5.21 -5.17
CA VAL A 21 2.48 -6.19 -4.51
C VAL A 21 3.12 -6.59 -3.17
N GLY A 22 4.44 -6.53 -3.15
CA GLY A 22 5.19 -6.88 -1.95
C GLY A 22 5.77 -5.63 -1.28
N ASP A 23 5.12 -4.51 -1.54
CA ASP A 23 5.56 -3.24 -0.97
C ASP A 23 5.42 -3.30 0.55
N VAL A 24 4.74 -4.34 1.01
CA VAL A 24 4.54 -4.52 2.45
C VAL A 24 5.81 -5.07 3.08
N ASP A 25 6.69 -5.57 2.23
CA ASP A 25 7.95 -6.14 2.69
C ASP A 25 9.01 -5.98 1.60
N ALA A 26 8.75 -5.04 0.70
CA ALA A 26 9.67 -4.78 -0.40
C ALA A 26 10.23 -3.37 -0.26
N TYR A 27 9.83 -2.51 -1.18
CA TYR A 27 10.30 -1.12 -1.17
C TYR A 27 11.74 -1.03 -0.69
N PRO A 28 12.68 -1.21 -1.65
CA PRO A 28 14.10 -1.16 -1.33
C PRO A 28 14.55 0.29 -1.10
N LYS A 29 13.65 1.21 -1.40
CA LYS A 29 13.94 2.62 -1.22
C LYS A 29 13.26 3.14 0.05
N PHE A 30 13.66 4.33 0.46
CA PHE A 30 13.10 4.93 1.66
C PHE A 30 11.59 5.08 1.54
N VAL A 31 10.93 5.08 2.70
CA VAL A 31 9.49 5.22 2.74
C VAL A 31 9.10 6.21 3.84
N PRO A 32 9.10 7.52 3.46
CA PRO A 32 8.75 8.57 4.40
C PRO A 32 7.24 8.60 4.66
N TRP A 33 6.49 8.35 3.59
CA TRP A 33 5.04 8.35 3.69
C TRP A 33 4.65 7.38 4.81
N ILE A 34 5.57 6.49 5.14
CA ILE A 34 5.33 5.51 6.19
C ILE A 34 6.51 5.51 7.15
N THR A 35 6.43 4.62 8.13
CA THR A 35 7.49 4.50 9.12
C THR A 35 8.01 3.06 9.17
N GLY A 36 7.39 2.27 10.03
CA GLY A 36 7.78 0.88 10.18
C GLY A 36 6.78 -0.05 9.49
N MET A 37 7.30 -1.18 9.03
CA MET A 37 6.46 -2.16 8.34
C MET A 37 7.08 -3.56 8.41
N ARG A 38 6.22 -4.56 8.39
CA ARG A 38 6.66 -5.94 8.45
C ARG A 38 5.52 -6.89 8.11
N THR A 39 5.83 -7.86 7.26
CA THR A 39 4.83 -8.84 6.84
C THR A 39 5.42 -10.25 6.89
N TRP A 40 4.74 -11.11 7.64
CA TRP A 40 5.18 -12.49 7.78
C TRP A 40 4.24 -13.19 8.76
N ASN A 41 4.51 -14.46 8.98
CA ASN A 41 3.69 -15.27 9.88
C ASN A 41 2.27 -15.35 9.32
N GLY A 42 2.03 -16.42 8.58
CA GLY A 42 0.73 -16.65 7.99
C GLY A 42 0.66 -18.01 7.30
N ARG A 43 -0.14 -18.07 6.25
CA ARG A 43 -0.30 -19.30 5.50
C ARG A 43 -0.18 -19.02 4.00
N VAL A 44 0.29 -20.04 3.27
CA VAL A 44 0.46 -19.91 1.84
C VAL A 44 -0.32 -21.03 1.14
N ASP A 45 -1.23 -20.62 0.27
CA ASP A 45 -2.05 -21.58 -0.46
C ASP A 45 -1.99 -21.25 -1.96
N GLY A 46 -1.67 -22.28 -2.74
CA GLY A 46 -1.56 -22.12 -4.17
C GLY A 46 -0.73 -20.88 -4.53
N ALA A 47 -1.32 -20.03 -5.36
CA ALA A 47 -0.65 -18.82 -5.79
C ALA A 47 -1.10 -17.65 -4.91
N VAL A 48 -1.30 -17.95 -3.64
CA VAL A 48 -1.74 -16.94 -2.69
C VAL A 48 -0.94 -17.08 -1.39
N SER A 49 -0.71 -15.94 -0.74
CA SER A 49 0.03 -15.93 0.50
C SER A 49 -0.50 -14.84 1.42
N THR A 50 -1.04 -15.27 2.56
CA THR A 50 -1.58 -14.33 3.52
C THR A 50 -0.78 -14.38 4.83
N VAL A 51 -0.47 -13.20 5.34
CA VAL A 51 0.28 -13.09 6.58
C VAL A 51 -0.09 -11.79 7.30
N ASP A 52 0.41 -11.65 8.51
CA ASP A 52 0.13 -10.48 9.30
C ASP A 52 0.94 -9.29 8.76
N ALA A 53 0.29 -8.14 8.72
CA ALA A 53 0.92 -6.94 8.22
C ALA A 53 0.96 -5.89 9.33
N GLU A 54 2.16 -5.68 9.86
CA GLU A 54 2.34 -4.71 10.92
C GLU A 54 2.88 -3.40 10.36
N ALA A 55 1.98 -2.43 10.21
CA ALA A 55 2.36 -1.14 9.68
C ALA A 55 2.33 -0.11 10.82
N GLN A 56 3.15 0.93 10.65
CA GLN A 56 3.22 1.98 11.65
C GLN A 56 3.01 3.35 10.99
N VAL A 57 2.91 4.37 11.83
CA VAL A 57 2.71 5.72 11.35
C VAL A 57 3.69 6.66 12.06
N GLY A 58 4.45 7.39 11.26
CA GLY A 58 5.42 8.33 11.80
C GLY A 58 5.20 9.73 11.24
N PHE A 59 5.18 9.81 9.92
CA PHE A 59 4.98 11.09 9.24
C PHE A 59 3.54 11.58 9.43
N SER A 60 2.72 10.71 10.01
CA SER A 60 1.33 11.05 10.25
C SER A 60 1.19 11.80 11.56
N PHE A 61 2.34 12.11 12.16
CA PHE A 61 2.36 12.83 13.42
C PHE A 61 1.61 12.05 14.50
N LEU A 62 1.32 10.80 14.20
CA LEU A 62 0.61 9.94 15.14
C LEU A 62 1.42 8.66 15.36
N ARG A 63 2.20 8.67 16.42
CA ARG A 63 3.03 7.51 16.75
C ARG A 63 2.15 6.37 17.26
N GLU A 64 1.76 5.51 16.32
CA GLU A 64 0.93 4.37 16.65
C GLU A 64 1.30 3.17 15.77
N LYS A 65 0.96 1.99 16.26
CA LYS A 65 1.25 0.76 15.53
C LYS A 65 -0.05 -0.04 15.36
N PHE A 66 -0.13 -0.74 14.25
CA PHE A 66 -1.30 -1.55 13.96
C PHE A 66 -0.93 -2.74 13.07
N ALA A 67 -1.71 -3.80 13.20
CA ALA A 67 -1.48 -5.01 12.42
C ALA A 67 -2.76 -5.38 11.67
N THR A 68 -2.58 -5.87 10.45
CA THR A 68 -3.71 -6.26 9.63
C THR A 68 -3.34 -7.47 8.78
N ARG A 69 -4.38 -8.16 8.31
CA ARG A 69 -4.18 -9.34 7.49
C ARG A 69 -3.92 -8.94 6.04
N VAL A 70 -2.69 -9.18 5.60
CA VAL A 70 -2.28 -8.85 4.25
C VAL A 70 -2.36 -10.10 3.37
N ARG A 71 -3.18 -10.02 2.34
CA ARG A 71 -3.35 -11.14 1.43
C ARG A 71 -2.64 -10.85 0.10
N ARG A 72 -1.82 -11.80 -0.32
CA ARG A 72 -1.09 -11.66 -1.57
C ARG A 72 -1.54 -12.72 -2.56
N ASP A 73 -1.44 -12.37 -3.84
CA ASP A 73 -1.83 -13.29 -4.90
C ASP A 73 -0.92 -13.06 -6.12
N LYS A 74 -0.41 -14.17 -6.64
CA LYS A 74 0.47 -14.10 -7.80
C LYS A 74 -0.31 -14.52 -9.05
N ASP A 75 -1.48 -15.08 -8.81
CA ASP A 75 -2.33 -15.53 -9.90
C ASP A 75 -3.34 -14.43 -10.23
N ALA A 76 -3.60 -13.59 -9.24
CA ALA A 76 -4.55 -12.50 -9.42
C ALA A 76 -3.77 -11.19 -9.59
N ARG A 77 -2.54 -11.20 -9.11
CA ARG A 77 -1.69 -10.03 -9.21
C ARG A 77 -2.33 -8.85 -8.46
N SER A 78 -2.97 -9.18 -7.36
CA SER A 78 -3.62 -8.16 -6.54
C SER A 78 -3.28 -8.38 -5.07
N ILE A 79 -3.46 -7.31 -4.29
CA ILE A 79 -3.17 -7.36 -2.88
C ILE A 79 -4.37 -6.83 -2.09
N ASP A 80 -4.60 -7.44 -0.94
CA ASP A 80 -5.71 -7.03 -0.09
C ASP A 80 -5.25 -7.02 1.36
N VAL A 81 -5.73 -6.03 2.09
CA VAL A 81 -5.39 -5.88 3.50
C VAL A 81 -6.64 -5.52 4.30
N SER A 82 -6.94 -6.37 5.28
CA SER A 82 -8.10 -6.14 6.13
C SER A 82 -7.67 -5.94 7.58
N LEU A 83 -8.49 -5.21 8.31
CA LEU A 83 -8.19 -4.93 9.71
C LEU A 83 -8.32 -6.22 10.52
N LEU A 84 -7.34 -6.44 11.37
CA LEU A 84 -7.32 -7.63 12.22
C LEU A 84 -7.24 -7.21 13.69
N TYR A 85 -6.18 -6.50 14.02
CA TYR A 85 -5.97 -6.05 15.37
C TYR A 85 -5.54 -4.58 15.40
N GLY A 86 -5.34 -4.03 14.21
CA GLY A 86 -4.93 -2.64 14.07
C GLY A 86 -5.89 -1.71 14.81
N PRO A 87 -6.64 -0.91 14.01
CA PRO A 87 -7.60 0.03 14.58
C PRO A 87 -8.84 -0.70 15.08
N PHE A 88 -9.68 0.05 15.79
CA PHE A 88 -10.90 -0.53 16.32
C PHE A 88 -12.13 0.27 15.84
N LYS A 89 -12.13 0.57 14.55
CA LYS A 89 -13.23 1.32 13.96
C LYS A 89 -13.38 0.90 12.49
N ARG A 90 -12.32 1.08 11.74
CA ARG A 90 -12.33 0.72 10.33
C ARG A 90 -10.96 1.02 9.69
N LEU A 91 -10.52 0.11 8.85
CA LEU A 91 -9.24 0.26 8.18
C LEU A 91 -9.07 -0.85 7.15
N ASN A 92 -8.99 -0.45 5.89
CA ASN A 92 -8.81 -1.41 4.80
C ASN A 92 -7.85 -0.83 3.76
N ASN A 93 -7.03 -1.71 3.22
CA ASN A 93 -6.06 -1.30 2.22
C ASN A 93 -6.09 -2.29 1.05
N GLY A 94 -6.15 -1.74 -0.15
CA GLY A 94 -6.19 -2.56 -1.35
C GLY A 94 -5.22 -2.03 -2.41
N TRP A 95 -4.52 -2.96 -3.05
CA TRP A 95 -3.57 -2.61 -4.08
C TRP A 95 -3.89 -3.42 -5.33
N ARG A 96 -4.41 -2.75 -6.34
CA ARG A 96 -4.77 -3.40 -7.59
C ARG A 96 -3.82 -2.95 -8.70
N PHE A 97 -3.54 -3.87 -9.61
CA PHE A 97 -2.67 -3.58 -10.73
C PHE A 97 -3.15 -4.28 -12.00
N MET A 98 -3.84 -3.52 -12.83
CA MET A 98 -4.37 -4.06 -14.08
C MET A 98 -3.75 -3.33 -15.29
N PRO A 99 -3.24 -4.16 -16.25
CA PRO A 99 -2.62 -3.62 -17.45
C PRO A 99 -3.69 -3.08 -18.40
N GLU A 100 -3.30 -2.06 -19.16
CA GLU A 100 -4.21 -1.45 -20.13
C GLU A 100 -3.43 -0.97 -21.34
N GLY A 101 -2.84 -1.93 -22.05
CA GLY A 101 -2.07 -1.61 -23.24
C GLY A 101 -0.56 -1.73 -22.96
N ASP A 102 0.17 -0.71 -23.39
CA ASP A 102 1.61 -0.69 -23.19
C ASP A 102 1.92 -0.21 -21.78
N ALA A 103 0.95 0.46 -21.18
CA ALA A 103 1.11 0.98 -19.84
C ALA A 103 0.21 0.19 -18.89
N THR A 104 0.57 0.22 -17.61
CA THR A 104 -0.19 -0.48 -16.60
C THR A 104 -0.90 0.50 -15.67
N ARG A 105 -2.06 0.09 -15.17
CA ARG A 105 -2.83 0.93 -14.28
C ARG A 105 -2.77 0.38 -12.85
N VAL A 106 -2.52 1.28 -11.91
CA VAL A 106 -2.44 0.88 -10.51
C VAL A 106 -3.49 1.67 -9.72
N GLU A 107 -4.31 0.92 -8.98
CA GLU A 107 -5.36 1.52 -8.17
C GLU A 107 -4.99 1.42 -6.69
N PHE A 108 -4.85 2.59 -6.07
CA PHE A 108 -4.52 2.64 -4.66
C PHE A 108 -5.75 3.00 -3.82
N VAL A 109 -6.26 2.01 -3.11
CA VAL A 109 -7.42 2.20 -2.26
C VAL A 109 -6.99 2.20 -0.79
N ILE A 110 -7.23 3.33 -0.14
CA ILE A 110 -6.87 3.47 1.26
C ILE A 110 -8.14 3.74 2.08
N GLU A 111 -8.25 3.01 3.18
CA GLU A 111 -9.40 3.15 4.06
C GLU A 111 -8.95 3.27 5.51
N PHE A 112 -9.42 4.32 6.17
CA PHE A 112 -9.07 4.56 7.56
C PHE A 112 -10.31 4.92 8.38
N ALA A 113 -10.12 4.98 9.69
CA ALA A 113 -11.21 5.30 10.60
C ALA A 113 -10.67 6.19 11.72
N PHE A 114 -11.27 7.38 11.82
CA PHE A 114 -10.86 8.33 12.85
C PHE A 114 -12.07 8.79 13.67
N LYS A 115 -11.77 9.33 14.84
CA LYS A 115 -12.81 9.81 15.74
C LYS A 115 -13.10 11.28 15.43
N SER A 116 -12.02 12.03 15.23
CA SER A 116 -12.14 13.45 14.93
C SER A 116 -12.38 13.64 13.43
N ALA A 117 -13.59 14.07 13.11
CA ALA A 117 -13.96 14.30 11.72
C ALA A 117 -12.95 15.26 11.09
N LEU A 118 -12.34 16.06 11.92
CA LEU A 118 -11.35 17.02 11.46
C LEU A 118 -10.06 16.30 11.09
N LEU A 119 -9.53 15.56 12.06
CA LEU A 119 -8.31 14.81 11.85
C LEU A 119 -8.52 13.79 10.73
N ASP A 120 -9.79 13.42 10.55
CA ASP A 120 -10.14 12.46 9.52
C ASP A 120 -9.77 13.02 8.15
N ALA A 121 -10.22 14.24 7.89
CA ALA A 121 -9.93 14.90 6.63
C ALA A 121 -8.49 15.40 6.64
N MET A 122 -8.04 15.81 7.81
CA MET A 122 -6.69 16.33 7.97
C MET A 122 -5.66 15.25 7.60
N LEU A 123 -5.84 14.07 8.17
CA LEU A 123 -4.94 12.96 7.92
C LEU A 123 -5.24 12.38 6.53
N ALA A 124 -6.52 12.16 6.29
CA ALA A 124 -6.96 11.60 5.01
C ALA A 124 -6.57 12.56 3.89
N ALA A 125 -6.25 13.79 4.28
CA ALA A 125 -5.85 14.81 3.32
C ALA A 125 -4.42 14.55 2.86
N ASN A 126 -3.53 14.44 3.84
CA ASN A 126 -2.13 14.19 3.54
C ASN A 126 -1.97 12.78 2.96
N VAL A 127 -2.92 11.93 3.31
CA VAL A 127 -2.90 10.56 2.82
C VAL A 127 -2.62 10.55 1.32
N ASP A 128 -3.27 11.48 0.62
CA ASP A 128 -3.09 11.60 -0.81
C ASP A 128 -1.64 11.97 -1.12
N ARG A 129 -1.12 12.90 -0.33
CA ARG A 129 0.25 13.34 -0.51
C ARG A 129 1.22 12.18 -0.32
N ALA A 130 0.99 11.43 0.76
CA ALA A 130 1.83 10.30 1.07
C ALA A 130 1.78 9.30 -0.09
N ALA A 131 0.58 9.04 -0.56
CA ALA A 131 0.38 8.11 -1.66
C ALA A 131 1.01 8.70 -2.93
N GLY A 132 1.02 10.01 -2.99
CA GLY A 132 1.59 10.71 -4.14
C GLY A 132 3.12 10.58 -4.16
N LYS A 133 3.71 10.80 -2.99
CA LYS A 133 5.15 10.71 -2.85
C LYS A 133 5.58 9.26 -3.02
N LEU A 134 4.74 8.35 -2.55
CA LEU A 134 5.03 6.93 -2.65
C LEU A 134 5.00 6.51 -4.12
N ILE A 135 4.02 7.04 -4.84
CA ILE A 135 3.87 6.73 -6.25
C ILE A 135 5.09 7.24 -7.00
N ALA A 136 5.53 8.44 -6.64
CA ALA A 136 6.68 9.05 -7.27
C ALA A 136 7.93 8.23 -6.94
N CYS A 137 7.95 7.69 -5.73
CA CYS A 137 9.07 6.89 -5.29
C CYS A 137 9.17 5.65 -6.18
N PHE A 138 8.04 4.96 -6.30
CA PHE A 138 7.99 3.77 -7.13
C PHE A 138 8.38 4.08 -8.58
N GLU A 139 7.94 5.24 -9.03
CA GLU A 139 8.23 5.67 -10.40
C GLU A 139 9.73 5.86 -10.58
N ALA A 140 10.32 6.63 -9.68
CA ALA A 140 11.74 6.91 -9.73
C ALA A 140 12.51 5.59 -9.69
N ARG A 141 12.02 4.68 -8.85
CA ARG A 141 12.65 3.38 -8.70
C ARG A 141 12.56 2.59 -10.01
N ALA A 142 11.43 2.75 -10.69
CA ALA A 142 11.22 2.07 -11.95
C ALA A 142 12.24 2.57 -12.98
N GLN A 143 12.41 3.88 -13.00
CA GLN A 143 13.36 4.49 -13.92
C GLN A 143 14.79 4.19 -13.50
N GLN A 144 14.98 4.08 -12.18
CA GLN A 144 16.29 3.80 -11.64
C GLN A 144 16.74 2.38 -12.02
N LEU A 145 15.76 1.48 -12.04
CA LEU A 145 16.03 0.10 -12.38
C LEU A 145 16.19 -0.02 -13.90
N HIS A 146 15.18 0.46 -14.61
CA HIS A 146 15.19 0.41 -16.06
C HIS A 146 16.33 1.27 -16.59
N GLY A 147 16.65 2.30 -15.84
CA GLY A 147 17.72 3.21 -16.22
C GLY A 147 19.05 2.45 -16.40
N ALA A 148 19.43 1.75 -15.36
CA ALA A 148 20.67 0.98 -15.39
C ALA A 148 21.82 1.88 -15.82
N MET A 1 -15.19 7.81 9.29
CA MET A 1 -14.36 7.04 8.39
C MET A 1 -14.54 7.50 6.94
N HIS A 2 -13.46 7.40 6.18
CA HIS A 2 -13.48 7.80 4.78
C HIS A 2 -12.54 6.90 3.98
N ARG A 3 -12.78 6.87 2.68
CA ARG A 3 -11.97 6.06 1.78
C ARG A 3 -11.37 6.93 0.68
N HIS A 4 -10.04 6.94 0.66
CA HIS A 4 -9.32 7.73 -0.33
C HIS A 4 -8.93 6.83 -1.51
N VAL A 5 -9.22 7.33 -2.71
CA VAL A 5 -8.90 6.59 -3.91
C VAL A 5 -7.77 7.30 -4.66
N VAL A 6 -6.93 6.49 -5.30
CA VAL A 6 -5.81 7.01 -6.05
C VAL A 6 -5.55 6.13 -7.27
N THR A 7 -5.41 6.78 -8.41
CA THR A 7 -5.16 6.08 -9.65
C THR A 7 -3.90 6.62 -10.35
N LYS A 8 -2.94 5.72 -10.54
CA LYS A 8 -1.69 6.10 -11.19
C LYS A 8 -1.44 5.19 -12.38
N VAL A 9 -0.59 5.66 -13.27
CA VAL A 9 -0.25 4.90 -14.47
C VAL A 9 1.25 4.96 -14.71
N LEU A 10 1.85 3.79 -14.86
CA LEU A 10 3.28 3.70 -15.08
C LEU A 10 3.54 2.84 -16.33
N PRO A 11 4.09 3.51 -17.38
CA PRO A 11 4.39 2.83 -18.63
C PRO A 11 5.64 1.95 -18.48
N TYR A 12 5.54 0.98 -17.58
CA TYR A 12 6.65 0.08 -17.34
C TYR A 12 6.16 -1.38 -17.27
N THR A 13 7.12 -2.28 -17.11
CA THR A 13 6.80 -3.69 -17.03
C THR A 13 5.99 -3.99 -15.76
N PRO A 14 5.30 -5.16 -15.77
CA PRO A 14 4.48 -5.56 -14.65
C PRO A 14 5.36 -6.05 -13.49
N ASP A 15 6.64 -6.24 -13.79
CA ASP A 15 7.58 -6.71 -12.79
C ASP A 15 7.53 -5.79 -11.57
N GLN A 16 7.51 -4.49 -11.85
CA GLN A 16 7.46 -3.50 -10.79
C GLN A 16 6.32 -3.82 -9.82
N LEU A 17 5.34 -4.56 -10.32
CA LEU A 17 4.19 -4.94 -9.52
C LEU A 17 4.66 -5.86 -8.39
N PHE A 18 5.46 -6.85 -8.76
CA PHE A 18 5.97 -7.80 -7.79
C PHE A 18 6.51 -7.08 -6.55
N GLU A 19 7.09 -5.91 -6.78
CA GLU A 19 7.64 -5.12 -5.70
C GLU A 19 6.52 -4.37 -4.96
N LEU A 20 5.47 -4.07 -5.71
CA LEU A 20 4.34 -3.36 -5.13
C LEU A 20 3.51 -4.33 -4.28
N VAL A 21 3.26 -5.50 -4.85
CA VAL A 21 2.49 -6.51 -4.14
C VAL A 21 3.22 -6.91 -2.87
N GLY A 22 4.54 -6.98 -2.98
CA GLY A 22 5.37 -7.35 -1.84
C GLY A 22 6.04 -6.12 -1.24
N ASP A 23 5.44 -4.96 -1.48
CA ASP A 23 5.97 -3.72 -0.97
C ASP A 23 5.91 -3.73 0.56
N VAL A 24 5.18 -4.71 1.08
CA VAL A 24 5.03 -4.84 2.51
C VAL A 24 6.22 -5.62 3.09
N ASP A 25 6.98 -6.20 2.19
CA ASP A 25 8.15 -6.97 2.57
C ASP A 25 9.29 -6.71 1.59
N ALA A 26 9.19 -5.58 0.91
CA ALA A 26 10.20 -5.20 -0.06
C ALA A 26 10.81 -3.86 0.35
N TYR A 27 10.37 -2.81 -0.33
CA TYR A 27 10.87 -1.47 -0.05
C TYR A 27 12.39 -1.41 -0.20
N PRO A 28 12.86 -0.35 -0.92
CA PRO A 28 14.27 -0.16 -1.15
C PRO A 28 14.97 0.36 0.11
N LYS A 29 14.83 1.66 0.32
CA LYS A 29 15.44 2.29 1.49
C LYS A 29 15.07 3.78 1.50
N PHE A 30 13.81 4.04 1.78
CA PHE A 30 13.31 5.41 1.83
C PHE A 30 11.82 5.45 2.18
N VAL A 31 11.01 5.51 1.14
CA VAL A 31 9.58 5.55 1.31
C VAL A 31 9.25 6.18 2.68
N PRO A 32 9.19 7.54 2.67
CA PRO A 32 8.90 8.28 3.89
C PRO A 32 7.41 8.18 4.24
N TRP A 33 6.58 8.21 3.20
CA TRP A 33 5.15 8.12 3.38
C TRP A 33 4.86 7.01 4.40
N ILE A 34 5.78 6.07 4.46
CA ILE A 34 5.65 4.95 5.37
C ILE A 34 6.82 4.94 6.35
N THR A 35 6.68 4.14 7.39
CA THR A 35 7.71 4.03 8.41
C THR A 35 8.13 2.58 8.61
N GLY A 36 7.46 1.92 9.54
CA GLY A 36 7.73 0.54 9.83
C GLY A 36 6.75 -0.39 9.13
N MET A 37 7.20 -1.62 8.88
CA MET A 37 6.36 -2.60 8.21
C MET A 37 6.86 -4.02 8.49
N ARG A 38 5.91 -4.96 8.46
CA ARG A 38 6.25 -6.35 8.70
C ARG A 38 5.11 -7.26 8.22
N THR A 39 5.50 -8.33 7.54
CA THR A 39 4.54 -9.28 7.01
C THR A 39 4.99 -10.71 7.30
N TRP A 40 4.15 -11.43 8.02
CA TRP A 40 4.44 -12.81 8.37
C TRP A 40 3.30 -13.33 9.24
N ASN A 41 3.48 -14.56 9.71
CA ASN A 41 2.48 -15.19 10.57
C ASN A 41 1.16 -15.32 9.79
N GLY A 42 0.97 -16.49 9.20
CA GLY A 42 -0.23 -16.75 8.43
C GLY A 42 -0.16 -18.12 7.77
N ARG A 43 -0.64 -18.17 6.53
CA ARG A 43 -0.65 -19.41 5.77
C ARG A 43 -0.36 -19.14 4.29
N VAL A 44 0.12 -20.16 3.62
CA VAL A 44 0.43 -20.05 2.20
C VAL A 44 -0.23 -21.18 1.43
N ASP A 45 -1.05 -20.80 0.46
CA ASP A 45 -1.75 -21.78 -0.36
C ASP A 45 -1.63 -21.40 -1.83
N GLY A 46 -1.22 -22.37 -2.63
CA GLY A 46 -1.05 -22.16 -4.06
C GLY A 46 -0.26 -20.88 -4.32
N ALA A 47 -0.78 -20.07 -5.24
CA ALA A 47 -0.13 -18.82 -5.59
C ALA A 47 -0.71 -17.68 -4.75
N VAL A 48 -1.17 -18.05 -3.57
CA VAL A 48 -1.76 -17.08 -2.66
C VAL A 48 -1.08 -17.18 -1.29
N SER A 49 -1.00 -16.04 -0.62
CA SER A 49 -0.36 -15.99 0.68
C SER A 49 -1.11 -15.00 1.58
N THR A 50 -1.44 -15.46 2.78
CA THR A 50 -2.14 -14.63 3.73
C THR A 50 -1.41 -14.61 5.07
N VAL A 51 -1.07 -13.42 5.51
CA VAL A 51 -0.36 -13.24 6.77
C VAL A 51 -0.69 -11.87 7.35
N ASP A 52 -0.23 -11.65 8.58
CA ASP A 52 -0.46 -10.39 9.26
C ASP A 52 0.50 -9.33 8.71
N ALA A 53 -0.01 -8.12 8.61
CA ALA A 53 0.79 -7.02 8.11
C ALA A 53 0.78 -5.86 9.13
N GLU A 54 1.91 -5.67 9.79
CA GLU A 54 2.02 -4.62 10.78
C GLU A 54 2.70 -3.39 10.17
N ALA A 55 1.87 -2.41 9.83
CA ALA A 55 2.36 -1.18 9.24
C ALA A 55 2.33 -0.06 10.29
N GLN A 56 3.20 0.92 10.08
CA GLN A 56 3.28 2.04 11.00
C GLN A 56 3.11 3.36 10.23
N VAL A 57 3.15 4.45 10.99
CA VAL A 57 3.01 5.77 10.40
C VAL A 57 4.02 6.72 11.05
N GLY A 58 4.86 7.32 10.23
CA GLY A 58 5.86 8.25 10.72
C GLY A 58 5.62 9.66 10.16
N PHE A 59 5.31 9.70 8.87
CA PHE A 59 5.05 10.96 8.21
C PHE A 59 3.59 11.40 8.39
N SER A 60 2.93 10.75 9.34
CA SER A 60 1.54 11.06 9.62
C SER A 60 1.44 11.93 10.87
N PHE A 61 2.60 12.35 11.36
CA PHE A 61 2.66 13.19 12.53
C PHE A 61 2.00 12.51 13.74
N LEU A 62 1.77 11.22 13.58
CA LEU A 62 1.14 10.43 14.64
C LEU A 62 1.88 9.10 14.78
N ARG A 63 2.30 8.83 16.00
CA ARG A 63 3.02 7.60 16.29
C ARG A 63 2.04 6.50 16.71
N GLU A 64 1.61 5.72 15.74
CA GLU A 64 0.67 4.65 16.00
C GLU A 64 0.97 3.46 15.09
N LYS A 65 0.85 2.26 15.66
CA LYS A 65 1.10 1.04 14.92
C LYS A 65 -0.21 0.27 14.77
N PHE A 66 -0.32 -0.42 13.64
CA PHE A 66 -1.51 -1.22 13.36
C PHE A 66 -1.17 -2.46 12.56
N ALA A 67 -1.99 -3.49 12.73
CA ALA A 67 -1.78 -4.74 12.03
C ALA A 67 -3.03 -5.11 11.25
N THR A 68 -2.82 -5.66 10.07
CA THR A 68 -3.93 -6.05 9.21
C THR A 68 -3.58 -7.33 8.44
N ARG A 69 -4.62 -8.06 8.06
CA ARG A 69 -4.45 -9.29 7.32
C ARG A 69 -4.12 -8.98 5.85
N VAL A 70 -2.88 -9.24 5.49
CA VAL A 70 -2.43 -9.00 4.13
C VAL A 70 -2.66 -10.27 3.29
N ARG A 71 -3.22 -10.06 2.11
CA ARG A 71 -3.49 -11.16 1.20
C ARG A 71 -2.87 -10.89 -0.16
N ARG A 72 -1.89 -11.71 -0.51
CA ARG A 72 -1.21 -11.58 -1.79
C ARG A 72 -1.53 -12.77 -2.69
N ASP A 73 -1.50 -12.52 -3.98
CA ASP A 73 -1.79 -13.55 -4.96
C ASP A 73 -0.96 -13.31 -6.23
N LYS A 74 -0.10 -14.28 -6.53
CA LYS A 74 0.76 -14.17 -7.69
C LYS A 74 0.04 -14.78 -8.90
N ASP A 75 -1.11 -15.39 -8.62
CA ASP A 75 -1.90 -16.00 -9.68
C ASP A 75 -2.99 -15.02 -10.13
N ALA A 76 -3.33 -14.11 -9.24
CA ALA A 76 -4.35 -13.11 -9.53
C ALA A 76 -3.68 -11.76 -9.74
N ARG A 77 -2.49 -11.62 -9.19
CA ARG A 77 -1.75 -10.39 -9.31
C ARG A 77 -2.49 -9.24 -8.61
N SER A 78 -3.11 -9.58 -7.50
CA SER A 78 -3.86 -8.60 -6.73
C SER A 78 -3.48 -8.68 -5.25
N ILE A 79 -3.75 -7.60 -4.54
CA ILE A 79 -3.45 -7.54 -3.12
C ILE A 79 -4.64 -6.96 -2.36
N ASP A 80 -4.86 -7.48 -1.17
CA ASP A 80 -5.96 -7.02 -0.34
C ASP A 80 -5.56 -7.09 1.13
N VAL A 81 -5.98 -6.09 1.89
CA VAL A 81 -5.67 -6.04 3.30
C VAL A 81 -6.94 -5.73 4.08
N SER A 82 -7.11 -6.44 5.19
CA SER A 82 -8.27 -6.25 6.04
C SER A 82 -7.85 -6.20 7.51
N LEU A 83 -8.82 -5.90 8.36
CA LEU A 83 -8.56 -5.82 9.79
C LEU A 83 -8.09 -7.19 10.30
N LEU A 84 -7.07 -7.15 11.14
CA LEU A 84 -6.52 -8.38 11.70
C LEU A 84 -6.56 -8.29 13.23
N TYR A 85 -5.87 -7.29 13.75
CA TYR A 85 -5.81 -7.08 15.19
C TYR A 85 -6.00 -5.60 15.54
N GLY A 86 -5.49 -4.75 14.67
CA GLY A 86 -5.58 -3.32 14.87
C GLY A 86 -6.82 -2.97 15.70
N PRO A 87 -6.62 -2.01 16.65
CA PRO A 87 -7.71 -1.58 17.51
C PRO A 87 -8.68 -0.68 16.76
N PHE A 88 -8.29 -0.31 15.54
CA PHE A 88 -9.11 0.54 14.71
C PHE A 88 -10.44 -0.14 14.35
N LYS A 89 -11.36 0.65 13.84
CA LYS A 89 -12.65 0.13 13.45
C LYS A 89 -12.59 -0.37 12.01
N ARG A 90 -12.63 0.58 11.09
CA ARG A 90 -12.58 0.25 9.67
C ARG A 90 -11.18 0.54 9.11
N LEU A 91 -10.53 -0.51 8.63
CA LEU A 91 -9.21 -0.38 8.07
C LEU A 91 -9.01 -1.45 6.98
N ASN A 92 -8.89 -0.97 5.75
CA ASN A 92 -8.69 -1.87 4.62
C ASN A 92 -7.68 -1.25 3.66
N ASN A 93 -6.86 -2.12 3.07
CA ASN A 93 -5.85 -1.67 2.13
C ASN A 93 -5.86 -2.59 0.90
N GLY A 94 -6.30 -2.03 -0.21
CA GLY A 94 -6.38 -2.77 -1.45
C GLY A 94 -5.39 -2.22 -2.49
N TRP A 95 -4.69 -3.14 -3.14
CA TRP A 95 -3.72 -2.76 -4.15
C TRP A 95 -4.01 -3.57 -5.42
N ARG A 96 -4.55 -2.88 -6.41
CA ARG A 96 -4.89 -3.52 -7.67
C ARG A 96 -3.90 -3.08 -8.76
N PHE A 97 -3.74 -3.96 -9.75
CA PHE A 97 -2.83 -3.67 -10.84
C PHE A 97 -3.38 -4.24 -12.16
N MET A 98 -3.91 -3.36 -12.98
CA MET A 98 -4.46 -3.76 -14.26
C MET A 98 -3.78 -3.01 -15.42
N PRO A 99 -3.31 -3.80 -16.42
CA PRO A 99 -2.64 -3.23 -17.57
C PRO A 99 -3.65 -2.56 -18.51
N GLU A 100 -3.17 -1.55 -19.22
CA GLU A 100 -4.01 -0.83 -20.16
C GLU A 100 -3.18 -0.38 -21.37
N GLY A 101 -2.69 -1.36 -22.11
CA GLY A 101 -1.90 -1.09 -23.29
C GLY A 101 -0.42 -1.40 -23.04
N ASP A 102 0.43 -0.45 -23.43
CA ASP A 102 1.86 -0.62 -23.25
C ASP A 102 2.23 -0.25 -21.82
N ALA A 103 1.34 0.48 -21.17
CA ALA A 103 1.56 0.90 -19.79
C ALA A 103 0.63 0.11 -18.87
N THR A 104 0.92 0.21 -17.58
CA THR A 104 0.11 -0.48 -16.58
C THR A 104 -0.55 0.52 -15.63
N ARG A 105 -1.74 0.16 -15.16
CA ARG A 105 -2.46 1.02 -14.25
C ARG A 105 -2.54 0.37 -12.86
N VAL A 106 -2.30 1.20 -11.86
CA VAL A 106 -2.33 0.73 -10.48
C VAL A 106 -3.39 1.51 -9.70
N GLU A 107 -4.25 0.77 -9.03
CA GLU A 107 -5.32 1.38 -8.24
C GLU A 107 -4.99 1.28 -6.75
N PHE A 108 -4.86 2.44 -6.13
CA PHE A 108 -4.55 2.51 -4.72
C PHE A 108 -5.80 2.86 -3.90
N VAL A 109 -6.31 1.85 -3.21
CA VAL A 109 -7.49 2.03 -2.38
C VAL A 109 -7.10 2.00 -0.91
N ILE A 110 -7.27 3.15 -0.25
CA ILE A 110 -6.93 3.27 1.15
C ILE A 110 -8.22 3.44 1.96
N GLU A 111 -8.34 2.63 3.00
CA GLU A 111 -9.51 2.68 3.86
C GLU A 111 -9.09 2.61 5.33
N PHE A 112 -9.42 3.67 6.06
CA PHE A 112 -9.08 3.73 7.47
C PHE A 112 -10.17 4.45 8.26
N ALA A 113 -10.01 4.43 9.58
CA ALA A 113 -10.98 5.08 10.45
C ALA A 113 -10.23 5.88 11.53
N PHE A 114 -10.53 7.17 11.58
CA PHE A 114 -9.90 8.04 12.56
C PHE A 114 -10.83 8.31 13.74
N LYS A 115 -10.26 8.91 14.78
CA LYS A 115 -11.02 9.22 15.97
C LYS A 115 -11.60 10.63 15.85
N SER A 116 -10.70 11.58 15.59
CA SER A 116 -11.10 12.97 15.44
C SER A 116 -11.58 13.23 14.01
N ALA A 117 -12.78 13.76 13.91
CA ALA A 117 -13.36 14.07 12.62
C ALA A 117 -12.55 15.17 11.94
N LEU A 118 -11.96 16.02 12.78
CA LEU A 118 -11.16 17.12 12.28
C LEU A 118 -9.86 16.57 11.67
N LEU A 119 -9.23 15.69 12.42
CA LEU A 119 -7.99 15.08 11.98
C LEU A 119 -8.27 14.15 10.81
N ASP A 120 -9.51 13.67 10.76
CA ASP A 120 -9.92 12.77 9.70
C ASP A 120 -9.73 13.45 8.35
N ALA A 121 -10.27 14.65 8.25
CA ALA A 121 -10.17 15.43 7.03
C ALA A 121 -8.74 15.96 6.88
N MET A 122 -8.18 16.36 8.02
CA MET A 122 -6.83 16.90 8.03
C MET A 122 -5.83 15.87 7.51
N LEU A 123 -5.94 14.65 8.04
CA LEU A 123 -5.06 13.57 7.64
C LEU A 123 -5.46 13.08 6.25
N ALA A 124 -6.77 12.93 6.06
CA ALA A 124 -7.30 12.47 4.79
C ALA A 124 -7.01 13.52 3.71
N ALA A 125 -6.64 14.70 4.16
CA ALA A 125 -6.33 15.79 3.25
C ALA A 125 -4.92 15.61 2.70
N ASN A 126 -3.97 15.47 3.62
CA ASN A 126 -2.59 15.28 3.23
C ASN A 126 -2.41 13.90 2.61
N VAL A 127 -3.30 13.01 2.98
CA VAL A 127 -3.26 11.64 2.47
C VAL A 127 -2.98 11.67 0.97
N ASP A 128 -3.61 12.63 0.31
CA ASP A 128 -3.45 12.78 -1.13
C ASP A 128 -1.97 13.12 -1.43
N ARG A 129 -1.46 14.09 -0.70
CA ARG A 129 -0.08 14.52 -0.87
C ARG A 129 0.86 13.32 -0.70
N ALA A 130 0.64 12.59 0.37
CA ALA A 130 1.46 11.43 0.67
C ALA A 130 1.39 10.44 -0.51
N ALA A 131 0.20 10.33 -1.07
CA ALA A 131 -0.01 9.44 -2.20
C ALA A 131 0.77 9.95 -3.40
N GLY A 132 0.89 11.27 -3.47
CA GLY A 132 1.62 11.90 -4.56
C GLY A 132 3.12 11.59 -4.48
N LYS A 133 3.64 11.68 -3.27
CA LYS A 133 5.05 11.41 -3.05
C LYS A 133 5.31 9.90 -3.15
N LEU A 134 4.41 9.14 -2.57
CA LEU A 134 4.51 7.69 -2.60
C LEU A 134 4.48 7.20 -4.04
N ILE A 135 3.57 7.80 -4.81
CA ILE A 135 3.42 7.44 -6.21
C ILE A 135 4.71 7.78 -6.96
N ALA A 136 5.21 8.97 -6.69
CA ALA A 136 6.45 9.42 -7.33
C ALA A 136 7.60 8.53 -6.89
N CYS A 137 7.49 8.02 -5.67
CA CYS A 137 8.52 7.15 -5.12
C CYS A 137 8.59 5.89 -5.99
N PHE A 138 7.43 5.29 -6.20
CA PHE A 138 7.34 4.07 -7.00
C PHE A 138 7.81 4.34 -8.44
N GLU A 139 7.41 5.48 -8.96
CA GLU A 139 7.77 5.86 -10.31
C GLU A 139 9.28 6.06 -10.41
N ALA A 140 9.83 6.71 -9.39
CA ALA A 140 11.26 6.97 -9.35
C ALA A 140 12.02 5.64 -9.40
N ARG A 141 11.56 4.71 -8.58
CA ARG A 141 12.19 3.40 -8.51
C ARG A 141 12.08 2.69 -9.87
N ALA A 142 10.93 2.89 -10.51
CA ALA A 142 10.69 2.28 -11.81
C ALA A 142 11.70 2.82 -12.82
N GLN A 143 11.94 4.12 -12.73
CA GLN A 143 12.89 4.77 -13.63
C GLN A 143 14.32 4.40 -13.24
N GLN A 144 14.52 4.23 -11.95
CA GLN A 144 15.84 3.88 -11.43
C GLN A 144 16.22 2.46 -11.86
N LEU A 145 15.22 1.60 -11.92
CA LEU A 145 15.43 0.22 -12.31
C LEU A 145 15.69 0.16 -13.82
N HIS A 146 14.74 0.71 -14.57
CA HIS A 146 14.85 0.71 -16.02
C HIS A 146 16.04 1.57 -16.43
N GLY A 147 16.34 2.56 -15.62
CA GLY A 147 17.45 3.45 -15.89
C GLY A 147 18.76 2.66 -16.06
N ALA A 148 19.09 1.92 -15.01
CA ALA A 148 20.29 1.12 -15.04
C ALA A 148 20.36 0.27 -13.76
N MET A 1 -16.82 5.05 6.06
CA MET A 1 -15.64 5.63 6.69
C MET A 1 -14.80 6.41 5.67
N HIS A 2 -13.80 7.10 6.20
CA HIS A 2 -12.92 7.89 5.35
C HIS A 2 -12.17 6.96 4.38
N ARG A 3 -12.40 7.20 3.10
CA ARG A 3 -11.77 6.41 2.06
C ARG A 3 -11.25 7.31 0.94
N HIS A 4 -10.13 6.91 0.37
CA HIS A 4 -9.52 7.67 -0.70
C HIS A 4 -9.05 6.71 -1.80
N VAL A 5 -9.30 7.11 -3.04
CA VAL A 5 -8.90 6.31 -4.19
C VAL A 5 -7.79 7.02 -4.96
N VAL A 6 -6.87 6.23 -5.47
CA VAL A 6 -5.76 6.78 -6.23
C VAL A 6 -5.49 5.90 -7.45
N THR A 7 -5.42 6.54 -8.60
CA THR A 7 -5.17 5.83 -9.85
C THR A 7 -3.94 6.41 -10.55
N LYS A 8 -2.90 5.58 -10.64
CA LYS A 8 -1.67 5.99 -11.28
C LYS A 8 -1.37 5.05 -12.44
N VAL A 9 -0.57 5.54 -13.38
CA VAL A 9 -0.20 4.76 -14.53
C VAL A 9 1.32 4.83 -14.73
N LEU A 10 1.94 3.66 -14.86
CA LEU A 10 3.37 3.59 -15.05
C LEU A 10 3.67 2.63 -16.21
N PRO A 11 4.23 3.20 -17.30
CA PRO A 11 4.58 2.42 -18.47
C PRO A 11 5.84 1.58 -18.23
N TYR A 12 5.74 0.72 -17.23
CA TYR A 12 6.86 -0.14 -16.88
C TYR A 12 6.46 -1.63 -16.96
N THR A 13 7.47 -2.47 -17.02
CA THR A 13 7.24 -3.90 -17.11
C THR A 13 6.34 -4.36 -15.96
N PRO A 14 5.74 -5.58 -16.16
CA PRO A 14 4.86 -6.14 -15.15
C PRO A 14 5.64 -6.67 -13.96
N ASP A 15 6.97 -6.60 -14.07
CA ASP A 15 7.84 -7.07 -13.02
C ASP A 15 7.83 -6.07 -11.87
N GLN A 16 7.97 -4.79 -12.23
CA GLN A 16 7.97 -3.74 -11.23
C GLN A 16 6.73 -3.83 -10.35
N LEU A 17 5.70 -4.46 -10.89
CA LEU A 17 4.45 -4.62 -10.17
C LEU A 17 4.67 -5.59 -9.00
N PHE A 18 5.39 -6.66 -9.30
CA PHE A 18 5.67 -7.67 -8.29
C PHE A 18 6.11 -7.02 -6.98
N GLU A 19 6.85 -5.92 -7.11
CA GLU A 19 7.33 -5.20 -5.95
C GLU A 19 6.21 -4.38 -5.32
N LEU A 20 5.31 -3.91 -6.18
CA LEU A 20 4.18 -3.12 -5.72
C LEU A 20 3.18 -4.03 -5.00
N VAL A 21 2.93 -5.17 -5.62
CA VAL A 21 1.99 -6.13 -5.06
C VAL A 21 2.48 -6.56 -3.66
N GLY A 22 3.78 -6.76 -3.57
CA GLY A 22 4.39 -7.17 -2.32
C GLY A 22 5.14 -6.00 -1.66
N ASP A 23 4.74 -4.80 -2.06
CA ASP A 23 5.37 -3.61 -1.52
C ASP A 23 5.28 -3.62 0.01
N VAL A 24 4.20 -4.22 0.49
CA VAL A 24 3.98 -4.32 1.93
C VAL A 24 5.25 -4.83 2.60
N ASP A 25 6.02 -5.58 1.83
CA ASP A 25 7.27 -6.14 2.34
C ASP A 25 8.43 -5.66 1.47
N ALA A 26 8.26 -5.78 0.17
CA ALA A 26 9.28 -5.37 -0.78
C ALA A 26 9.97 -4.11 -0.26
N TYR A 27 9.38 -2.98 -0.59
CA TYR A 27 9.93 -1.70 -0.16
C TYR A 27 11.47 -1.71 -0.23
N PRO A 28 11.99 -1.44 -1.44
CA PRO A 28 13.43 -1.42 -1.66
C PRO A 28 14.04 -0.15 -1.07
N LYS A 29 13.82 0.96 -1.76
CA LYS A 29 14.34 2.24 -1.32
C LYS A 29 13.62 2.67 -0.05
N PHE A 30 14.03 3.83 0.45
CA PHE A 30 13.43 4.37 1.67
C PHE A 30 11.93 4.59 1.48
N VAL A 31 11.28 4.98 2.57
CA VAL A 31 9.85 5.24 2.54
C VAL A 31 9.47 6.14 3.71
N PRO A 32 9.49 7.47 3.44
CA PRO A 32 9.15 8.45 4.47
C PRO A 32 7.64 8.49 4.70
N TRP A 33 6.90 8.42 3.61
CA TRP A 33 5.45 8.44 3.69
C TRP A 33 5.01 7.45 4.77
N ILE A 34 5.88 6.47 5.00
CA ILE A 34 5.59 5.45 6.00
C ILE A 34 6.73 5.42 7.02
N THR A 35 6.56 4.56 8.02
CA THR A 35 7.56 4.43 9.06
C THR A 35 8.00 2.97 9.19
N GLY A 36 7.35 2.26 10.11
CA GLY A 36 7.66 0.86 10.33
C GLY A 36 6.71 -0.04 9.55
N MET A 37 7.23 -1.22 9.21
CA MET A 37 6.45 -2.18 8.45
C MET A 37 7.00 -3.60 8.64
N ARG A 38 6.08 -4.56 8.68
CA ARG A 38 6.45 -5.95 8.86
C ARG A 38 5.36 -6.86 8.31
N THR A 39 5.79 -7.85 7.53
CA THR A 39 4.86 -8.79 6.94
C THR A 39 5.39 -10.23 7.11
N TRP A 40 4.61 -11.02 7.84
CA TRP A 40 4.97 -12.40 8.09
C TRP A 40 3.91 -13.02 8.99
N ASN A 41 4.09 -14.30 9.28
CA ASN A 41 3.15 -15.01 10.14
C ASN A 41 1.80 -15.11 9.42
N GLY A 42 1.58 -16.27 8.81
CA GLY A 42 0.33 -16.50 8.10
C GLY A 42 0.32 -17.89 7.46
N ARG A 43 -0.29 -17.97 6.29
CA ARG A 43 -0.37 -19.23 5.57
C ARG A 43 -0.15 -19.00 4.07
N VAL A 44 0.24 -20.07 3.40
CA VAL A 44 0.49 -20.00 1.97
C VAL A 44 -0.26 -21.13 1.26
N ASP A 45 -1.13 -20.73 0.34
CA ASP A 45 -1.91 -21.70 -0.41
C ASP A 45 -1.84 -21.36 -1.90
N GLY A 46 -1.59 -22.40 -2.70
CA GLY A 46 -1.50 -22.23 -4.14
C GLY A 46 -0.64 -21.00 -4.49
N ALA A 47 -1.20 -20.16 -5.34
CA ALA A 47 -0.50 -18.95 -5.77
C ALA A 47 -1.00 -17.77 -4.95
N VAL A 48 -1.24 -18.03 -3.67
CA VAL A 48 -1.72 -17.00 -2.77
C VAL A 48 -0.99 -17.12 -1.42
N SER A 49 -0.81 -15.98 -0.78
CA SER A 49 -0.13 -15.94 0.51
C SER A 49 -0.72 -14.83 1.38
N THR A 50 -1.14 -15.23 2.57
CA THR A 50 -1.72 -14.28 3.50
C THR A 50 -0.95 -14.30 4.83
N VAL A 51 -0.66 -13.10 5.31
CA VAL A 51 0.07 -12.95 6.56
C VAL A 51 -0.32 -11.64 7.23
N ASP A 52 0.15 -11.47 8.46
CA ASP A 52 -0.14 -10.27 9.21
C ASP A 52 0.74 -9.12 8.71
N ALA A 53 0.12 -7.97 8.55
CA ALA A 53 0.84 -6.79 8.07
C ALA A 53 0.82 -5.71 9.16
N GLU A 54 1.98 -5.53 9.77
CA GLU A 54 2.12 -4.54 10.83
C GLU A 54 2.74 -3.26 10.27
N ALA A 55 1.88 -2.27 10.06
CA ALA A 55 2.34 -0.99 9.54
C ALA A 55 2.22 0.08 10.62
N GLN A 56 3.07 1.09 10.51
CA GLN A 56 3.07 2.18 11.48
C GLN A 56 2.90 3.52 10.77
N VAL A 57 2.89 4.58 11.56
CA VAL A 57 2.75 5.93 11.02
C VAL A 57 3.74 6.85 11.73
N GLY A 58 4.57 7.50 10.92
CA GLY A 58 5.57 8.43 11.45
C GLY A 58 5.45 9.79 10.78
N PHE A 59 6.17 10.75 11.35
CA PHE A 59 6.15 12.11 10.82
C PHE A 59 4.73 12.66 10.77
N SER A 60 3.85 12.00 11.50
CA SER A 60 2.46 12.41 11.55
C SER A 60 2.15 13.05 12.91
N PHE A 61 3.20 13.20 13.70
CA PHE A 61 3.07 13.79 15.03
C PHE A 61 2.20 12.92 15.94
N LEU A 62 1.85 11.75 15.41
CA LEU A 62 1.02 10.81 16.16
C LEU A 62 1.62 9.41 16.05
N ARG A 63 2.19 8.95 17.14
CA ARG A 63 2.81 7.63 17.18
C ARG A 63 1.73 6.56 17.38
N GLU A 64 1.35 5.93 16.28
CA GLU A 64 0.34 4.88 16.32
C GLU A 64 0.74 3.73 15.40
N LYS A 65 0.43 2.52 15.86
CA LYS A 65 0.75 1.33 15.09
C LYS A 65 -0.52 0.49 14.93
N PHE A 66 -0.51 -0.33 13.89
CA PHE A 66 -1.64 -1.20 13.61
C PHE A 66 -1.23 -2.38 12.73
N ALA A 67 -1.98 -3.47 12.86
CA ALA A 67 -1.70 -4.67 12.09
C ALA A 67 -2.98 -5.11 11.37
N THR A 68 -2.79 -5.61 10.16
CA THR A 68 -3.92 -6.08 9.37
C THR A 68 -3.51 -7.29 8.53
N ARG A 69 -4.51 -8.12 8.22
CA ARG A 69 -4.27 -9.31 7.42
C ARG A 69 -4.09 -8.94 5.95
N VAL A 70 -2.87 -9.13 5.47
CA VAL A 70 -2.56 -8.82 4.08
C VAL A 70 -2.53 -10.11 3.27
N ARG A 71 -3.28 -10.11 2.18
CA ARG A 71 -3.34 -11.26 1.31
C ARG A 71 -2.82 -10.93 -0.08
N ARG A 72 -1.99 -11.82 -0.60
CA ARG A 72 -1.41 -11.62 -1.92
C ARG A 72 -1.70 -12.82 -2.81
N ASP A 73 -1.84 -12.55 -4.10
CA ASP A 73 -2.13 -13.60 -5.07
C ASP A 73 -1.32 -13.34 -6.35
N LYS A 74 -0.51 -14.32 -6.70
CA LYS A 74 0.32 -14.22 -7.89
C LYS A 74 -0.47 -14.73 -9.10
N ASP A 75 -1.59 -15.35 -8.81
CA ASP A 75 -2.44 -15.90 -9.87
C ASP A 75 -3.52 -14.88 -10.21
N ALA A 76 -3.81 -14.01 -9.24
CA ALA A 76 -4.82 -12.99 -9.43
C ALA A 76 -4.13 -11.63 -9.64
N ARG A 77 -2.93 -11.53 -9.09
CA ARG A 77 -2.16 -10.30 -9.20
C ARG A 77 -2.88 -9.16 -8.46
N SER A 78 -3.47 -9.51 -7.34
CA SER A 78 -4.19 -8.53 -6.53
C SER A 78 -3.70 -8.58 -5.08
N ILE A 79 -4.03 -7.54 -4.34
CA ILE A 79 -3.63 -7.46 -2.95
C ILE A 79 -4.79 -6.87 -2.13
N ASP A 80 -5.01 -7.48 -0.97
CA ASP A 80 -6.07 -7.05 -0.08
C ASP A 80 -5.56 -7.02 1.36
N VAL A 81 -6.10 -6.09 2.13
CA VAL A 81 -5.71 -5.95 3.52
C VAL A 81 -6.94 -5.60 4.36
N SER A 82 -7.09 -6.33 5.46
CA SER A 82 -8.21 -6.12 6.36
C SER A 82 -7.73 -6.11 7.81
N LEU A 83 -8.61 -5.65 8.69
CA LEU A 83 -8.28 -5.59 10.10
C LEU A 83 -7.90 -6.99 10.59
N LEU A 84 -6.90 -7.02 11.46
CA LEU A 84 -6.43 -8.28 12.01
C LEU A 84 -6.50 -8.22 13.55
N TYR A 85 -5.84 -7.22 14.09
CA TYR A 85 -5.82 -7.05 15.54
C TYR A 85 -6.03 -5.57 15.91
N GLY A 86 -5.51 -4.69 15.06
CA GLY A 86 -5.63 -3.27 15.29
C GLY A 86 -6.89 -2.95 16.10
N PRO A 87 -6.71 -2.06 17.10
CA PRO A 87 -7.81 -1.66 17.96
C PRO A 87 -8.75 -0.69 17.23
N PHE A 88 -8.33 -0.29 16.04
CA PHE A 88 -9.11 0.62 15.23
C PHE A 88 -10.55 0.13 15.10
N LYS A 89 -11.33 0.88 14.33
CA LYS A 89 -12.72 0.54 14.11
C LYS A 89 -12.88 -0.04 12.71
N ARG A 90 -12.53 0.76 11.71
CA ARG A 90 -12.63 0.33 10.33
C ARG A 90 -11.38 0.74 9.55
N LEU A 91 -10.72 -0.25 8.99
CA LEU A 91 -9.52 -0.01 8.21
C LEU A 91 -9.33 -1.14 7.20
N ASN A 92 -9.05 -0.74 5.96
CA ASN A 92 -8.85 -1.70 4.89
C ASN A 92 -7.91 -1.10 3.85
N ASN A 93 -7.21 -1.98 3.14
CA ASN A 93 -6.28 -1.54 2.11
C ASN A 93 -6.39 -2.50 0.91
N GLY A 94 -6.31 -1.91 -0.28
CA GLY A 94 -6.38 -2.70 -1.50
C GLY A 94 -5.42 -2.16 -2.56
N TRP A 95 -4.69 -3.07 -3.17
CA TRP A 95 -3.73 -2.71 -4.20
C TRP A 95 -3.99 -3.60 -5.42
N ARG A 96 -4.39 -2.95 -6.50
CA ARG A 96 -4.67 -3.66 -7.74
C ARG A 96 -3.66 -3.28 -8.81
N PHE A 97 -3.25 -4.28 -9.58
CA PHE A 97 -2.29 -4.04 -10.65
C PHE A 97 -2.62 -4.90 -11.89
N MET A 98 -2.84 -4.21 -12.99
CA MET A 98 -3.18 -4.89 -14.24
C MET A 98 -2.62 -4.12 -15.44
N PRO A 99 -1.94 -4.90 -16.34
CA PRO A 99 -1.36 -4.30 -17.53
C PRO A 99 -2.44 -3.97 -18.56
N GLU A 100 -2.19 -2.91 -19.32
CA GLU A 100 -3.13 -2.48 -20.34
C GLU A 100 -2.52 -1.36 -21.19
N GLY A 101 -3.26 -0.97 -22.22
CA GLY A 101 -2.79 0.07 -23.12
C GLY A 101 -1.29 -0.04 -23.37
N ASP A 102 -0.60 1.08 -23.19
CA ASP A 102 0.83 1.12 -23.39
C ASP A 102 1.54 1.12 -22.04
N ALA A 103 0.79 1.50 -21.02
CA ALA A 103 1.32 1.54 -19.66
C ALA A 103 0.39 0.78 -18.72
N THR A 104 0.91 0.49 -17.54
CA THR A 104 0.14 -0.23 -16.54
C THR A 104 -0.50 0.75 -15.55
N ARG A 105 -1.67 0.36 -15.05
CA ARG A 105 -2.39 1.19 -14.11
C ARG A 105 -2.47 0.50 -12.74
N VAL A 106 -2.20 1.27 -11.71
CA VAL A 106 -2.24 0.74 -10.35
C VAL A 106 -3.33 1.47 -9.55
N GLU A 107 -4.25 0.67 -9.02
CA GLU A 107 -5.35 1.22 -8.24
C GLU A 107 -5.03 1.12 -6.74
N PHE A 108 -4.98 2.28 -6.10
CA PHE A 108 -4.70 2.34 -4.67
C PHE A 108 -5.92 2.80 -3.88
N VAL A 109 -6.52 1.86 -3.17
CA VAL A 109 -7.70 2.16 -2.37
C VAL A 109 -7.36 2.01 -0.89
N ILE A 110 -7.40 3.13 -0.19
CA ILE A 110 -7.10 3.14 1.23
C ILE A 110 -8.37 3.41 2.02
N GLU A 111 -8.56 2.63 3.08
CA GLU A 111 -9.73 2.77 3.92
C GLU A 111 -9.34 2.73 5.40
N PHE A 112 -9.69 3.80 6.10
CA PHE A 112 -9.38 3.89 7.51
C PHE A 112 -10.45 4.70 8.25
N ALA A 113 -10.38 4.64 9.59
CA ALA A 113 -11.33 5.36 10.42
C ALA A 113 -10.58 6.08 11.53
N PHE A 114 -10.72 7.40 11.54
CA PHE A 114 -10.06 8.21 12.54
C PHE A 114 -11.03 8.58 13.66
N LYS A 115 -10.48 9.23 14.69
CA LYS A 115 -11.28 9.65 15.83
C LYS A 115 -11.80 11.06 15.59
N SER A 116 -10.87 11.96 15.30
CA SER A 116 -11.21 13.35 15.04
C SER A 116 -11.74 13.51 13.62
N ALA A 117 -12.94 14.07 13.52
CA ALA A 117 -13.57 14.29 12.23
C ALA A 117 -12.74 15.30 11.42
N LEU A 118 -12.06 16.17 12.16
CA LEU A 118 -11.23 17.19 11.53
C LEU A 118 -9.96 16.54 10.98
N LEU A 119 -9.29 15.78 11.84
CA LEU A 119 -8.08 15.10 11.46
C LEU A 119 -8.39 14.06 10.39
N ASP A 120 -9.64 13.60 10.41
CA ASP A 120 -10.09 12.60 9.46
C ASP A 120 -9.90 13.14 8.04
N ALA A 121 -10.41 14.33 7.82
CA ALA A 121 -10.31 14.96 6.51
C ALA A 121 -8.89 15.50 6.32
N MET A 122 -8.34 16.01 7.41
CA MET A 122 -7.00 16.56 7.38
C MET A 122 -5.98 15.50 6.96
N LEU A 123 -6.10 14.34 7.59
CA LEU A 123 -5.20 13.23 7.30
C LEU A 123 -5.57 12.62 5.95
N ALA A 124 -6.86 12.37 5.78
CA ALA A 124 -7.36 11.79 4.54
C ALA A 124 -7.12 12.77 3.40
N ALA A 125 -6.77 14.00 3.76
CA ALA A 125 -6.51 15.03 2.78
C ALA A 125 -5.09 14.88 2.25
N ASN A 126 -4.14 14.86 3.17
CA ASN A 126 -2.74 14.71 2.82
C ASN A 126 -2.49 13.31 2.28
N VAL A 127 -3.39 12.40 2.65
CA VAL A 127 -3.29 11.02 2.22
C VAL A 127 -2.89 10.99 0.74
N ASP A 128 -3.54 11.83 -0.03
CA ASP A 128 -3.27 11.91 -1.46
C ASP A 128 -1.81 12.29 -1.67
N ARG A 129 -1.38 13.31 -0.93
CA ARG A 129 -0.01 13.78 -1.04
C ARG A 129 0.97 12.65 -0.76
N ALA A 130 0.70 11.93 0.33
CA ALA A 130 1.55 10.82 0.71
C ALA A 130 1.63 9.82 -0.44
N ALA A 131 0.48 9.58 -1.06
CA ALA A 131 0.40 8.66 -2.18
C ALA A 131 1.22 9.23 -3.36
N GLY A 132 1.27 10.54 -3.42
CA GLY A 132 2.00 11.22 -4.49
C GLY A 132 3.50 10.99 -4.34
N LYS A 133 3.97 11.08 -3.11
CA LYS A 133 5.38 10.88 -2.83
C LYS A 133 5.73 9.40 -2.97
N LEU A 134 4.89 8.57 -2.35
CA LEU A 134 5.09 7.13 -2.40
C LEU A 134 5.15 6.68 -3.85
N ILE A 135 4.22 7.22 -4.64
CA ILE A 135 4.14 6.87 -6.05
C ILE A 135 5.45 7.29 -6.74
N ALA A 136 5.84 8.52 -6.49
CA ALA A 136 7.06 9.05 -7.08
C ALA A 136 8.25 8.20 -6.61
N CYS A 137 8.13 7.68 -5.40
CA CYS A 137 9.19 6.86 -4.83
C CYS A 137 9.36 5.62 -5.71
N PHE A 138 8.24 4.96 -5.97
CA PHE A 138 8.25 3.76 -6.80
C PHE A 138 8.67 4.08 -8.23
N GLU A 139 8.16 5.20 -8.72
CA GLU A 139 8.48 5.64 -10.08
C GLU A 139 9.99 5.86 -10.22
N ALA A 140 10.53 6.62 -9.28
CA ALA A 140 11.96 6.91 -9.30
C ALA A 140 12.75 5.60 -9.26
N ARG A 141 12.29 4.70 -8.42
CA ARG A 141 12.94 3.40 -8.28
C ARG A 141 12.85 2.63 -9.60
N ALA A 142 11.73 2.80 -10.28
CA ALA A 142 11.51 2.12 -11.55
C ALA A 142 12.52 2.63 -12.58
N GLN A 143 12.70 3.94 -12.57
CA GLN A 143 13.64 4.57 -13.49
C GLN A 143 15.08 4.28 -13.06
N GLN A 144 15.27 4.18 -11.76
CA GLN A 144 16.58 3.91 -11.21
C GLN A 144 17.02 2.49 -11.54
N LEU A 145 16.04 1.61 -11.60
CA LEU A 145 16.31 0.21 -11.90
C LEU A 145 16.46 0.05 -13.42
N HIS A 146 15.46 0.51 -14.14
CA HIS A 146 15.48 0.43 -15.59
C HIS A 146 16.61 1.30 -16.15
N GLY A 147 16.79 2.44 -15.52
CA GLY A 147 17.83 3.37 -15.94
C GLY A 147 17.93 3.43 -17.46
N ALA A 148 16.78 3.65 -18.09
CA ALA A 148 16.72 3.74 -19.53
C ALA A 148 15.30 4.13 -19.96
N MET A 1 -16.26 4.61 5.70
CA MET A 1 -15.32 5.44 6.43
C MET A 1 -14.39 6.19 5.47
N HIS A 2 -13.66 7.13 6.03
CA HIS A 2 -12.73 7.92 5.23
C HIS A 2 -11.97 7.02 4.27
N ARG A 3 -12.16 7.28 2.98
CA ARG A 3 -11.50 6.50 1.95
C ARG A 3 -10.84 7.42 0.93
N HIS A 4 -9.79 6.91 0.31
CA HIS A 4 -9.06 7.67 -0.69
C HIS A 4 -8.70 6.76 -1.87
N VAL A 5 -8.93 7.28 -3.07
CA VAL A 5 -8.62 6.53 -4.27
C VAL A 5 -7.40 7.12 -4.95
N VAL A 6 -6.54 6.24 -5.43
CA VAL A 6 -5.32 6.67 -6.10
C VAL A 6 -5.11 5.82 -7.36
N THR A 7 -5.26 6.46 -8.50
CA THR A 7 -5.09 5.77 -9.77
C THR A 7 -4.05 6.48 -10.63
N LYS A 8 -3.07 5.71 -11.08
CA LYS A 8 -2.00 6.26 -11.90
C LYS A 8 -1.78 5.34 -13.12
N VAL A 9 -0.94 5.82 -14.02
CA VAL A 9 -0.63 5.05 -15.22
C VAL A 9 0.87 5.09 -15.47
N LEU A 10 1.48 3.91 -15.46
CA LEU A 10 2.92 3.81 -15.69
C LEU A 10 3.16 3.05 -16.99
N PRO A 11 3.73 3.79 -17.99
CA PRO A 11 4.03 3.19 -19.28
C PRO A 11 5.26 2.28 -19.20
N TYR A 12 5.04 1.10 -18.65
CA TYR A 12 6.12 0.13 -18.51
C TYR A 12 5.58 -1.21 -18.01
N THR A 13 6.51 -2.12 -17.73
CA THR A 13 6.16 -3.44 -17.24
C THR A 13 5.70 -3.36 -15.78
N PRO A 14 4.72 -4.23 -15.44
CA PRO A 14 4.18 -4.26 -14.08
C PRO A 14 5.17 -4.95 -13.13
N ASP A 15 6.31 -5.32 -13.69
CA ASP A 15 7.33 -5.99 -12.91
C ASP A 15 7.63 -5.18 -11.64
N GLN A 16 7.74 -3.87 -11.84
CA GLN A 16 8.01 -2.97 -10.73
C GLN A 16 6.95 -3.13 -9.65
N LEU A 17 5.74 -3.46 -10.08
CA LEU A 17 4.63 -3.64 -9.17
C LEU A 17 4.93 -4.84 -8.26
N PHE A 18 5.54 -5.85 -8.85
CA PHE A 18 5.87 -7.06 -8.11
C PHE A 18 6.56 -6.71 -6.78
N GLU A 19 7.39 -5.68 -6.84
CA GLU A 19 8.11 -5.24 -5.65
C GLU A 19 7.19 -4.43 -4.74
N LEU A 20 6.22 -3.77 -5.37
CA LEU A 20 5.26 -2.95 -4.63
C LEU A 20 4.26 -3.87 -3.92
N VAL A 21 3.86 -4.90 -4.63
CA VAL A 21 2.90 -5.86 -4.09
C VAL A 21 3.50 -6.53 -2.86
N GLY A 22 4.83 -6.59 -2.84
CA GLY A 22 5.53 -7.20 -1.73
C GLY A 22 6.31 -6.14 -0.94
N ASP A 23 6.11 -4.90 -1.31
CA ASP A 23 6.79 -3.79 -0.64
C ASP A 23 6.67 -3.98 0.87
N VAL A 24 5.48 -4.33 1.31
CA VAL A 24 5.22 -4.54 2.72
C VAL A 24 6.36 -5.38 3.32
N ASP A 25 7.01 -6.14 2.44
CA ASP A 25 8.11 -6.99 2.87
C ASP A 25 9.38 -6.58 2.13
N ALA A 26 9.35 -6.77 0.81
CA ALA A 26 10.48 -6.42 -0.02
C ALA A 26 11.12 -5.13 0.50
N TYR A 27 10.56 -4.02 0.06
CA TYR A 27 11.06 -2.72 0.47
C TYR A 27 11.64 -2.77 1.89
N PRO A 28 12.99 -2.93 1.96
CA PRO A 28 13.67 -2.99 3.24
C PRO A 28 13.75 -1.62 3.89
N LYS A 29 14.81 -0.90 3.54
CA LYS A 29 15.03 0.43 4.08
C LYS A 29 14.56 1.47 3.06
N PHE A 30 13.26 1.72 3.07
CA PHE A 30 12.69 2.69 2.15
C PHE A 30 11.23 2.97 2.51
N VAL A 31 10.64 3.92 1.77
CA VAL A 31 9.26 4.29 2.01
C VAL A 31 9.20 5.36 3.10
N PRO A 32 9.27 6.64 2.66
CA PRO A 32 9.22 7.76 3.59
C PRO A 32 7.80 7.97 4.11
N TRP A 33 6.85 7.93 3.19
CA TRP A 33 5.46 8.13 3.54
C TRP A 33 5.15 7.24 4.75
N ILE A 34 5.94 6.17 4.88
CA ILE A 34 5.75 5.24 5.98
C ILE A 34 7.01 5.26 6.86
N THR A 35 7.01 4.36 7.84
CA THR A 35 8.13 4.27 8.77
C THR A 35 8.54 2.81 8.96
N GLY A 36 7.86 2.17 9.91
CA GLY A 36 8.15 0.77 10.23
C GLY A 36 7.25 -0.15 9.40
N MET A 37 7.77 -1.35 9.14
CA MET A 37 7.04 -2.33 8.37
C MET A 37 7.46 -3.75 8.74
N ARG A 38 6.51 -4.67 8.62
CA ARG A 38 6.77 -6.06 8.95
C ARG A 38 5.67 -6.95 8.38
N THR A 39 6.08 -8.04 7.77
CA THR A 39 5.14 -8.99 7.18
C THR A 39 5.55 -10.42 7.52
N TRP A 40 4.65 -11.10 8.23
CA TRP A 40 4.89 -12.48 8.63
C TRP A 40 3.69 -12.95 9.45
N ASN A 41 3.77 -14.20 9.88
CA ASN A 41 2.70 -14.79 10.68
C ASN A 41 1.45 -14.93 9.81
N GLY A 42 1.29 -16.12 9.25
CA GLY A 42 0.15 -16.40 8.39
C GLY A 42 0.27 -17.77 7.74
N ARG A 43 -0.02 -17.81 6.45
CA ARG A 43 0.06 -19.06 5.70
C ARG A 43 0.26 -18.76 4.21
N VAL A 44 0.71 -19.78 3.50
CA VAL A 44 0.94 -19.65 2.07
C VAL A 44 0.27 -20.81 1.34
N ASP A 45 -0.56 -20.46 0.38
CA ASP A 45 -1.28 -21.45 -0.41
C ASP A 45 -1.20 -21.09 -1.89
N GLY A 46 -0.91 -22.09 -2.70
CA GLY A 46 -0.81 -21.89 -4.14
C GLY A 46 -0.02 -20.61 -4.45
N ALA A 47 -0.62 -19.77 -5.28
CA ALA A 47 0.01 -18.52 -5.67
C ALA A 47 -0.59 -17.38 -4.85
N VAL A 48 -0.83 -17.67 -3.57
CA VAL A 48 -1.39 -16.68 -2.67
C VAL A 48 -0.70 -16.77 -1.31
N SER A 49 -0.62 -15.64 -0.64
CA SER A 49 0.02 -15.58 0.67
C SER A 49 -0.75 -14.63 1.58
N THR A 50 -1.07 -15.13 2.76
CA THR A 50 -1.80 -14.34 3.74
C THR A 50 -1.06 -14.29 5.07
N VAL A 51 -0.76 -13.08 5.51
CA VAL A 51 -0.05 -12.89 6.76
C VAL A 51 -0.44 -11.54 7.37
N ASP A 52 0.03 -11.31 8.58
CA ASP A 52 -0.26 -10.07 9.28
C ASP A 52 0.71 -8.98 8.79
N ALA A 53 0.18 -7.78 8.68
CA ALA A 53 0.97 -6.65 8.22
C ALA A 53 1.01 -5.59 9.33
N GLU A 54 2.19 -5.48 9.94
CA GLU A 54 2.38 -4.51 11.00
C GLU A 54 3.28 -3.37 10.53
N ALA A 55 2.65 -2.21 10.35
CA ALA A 55 3.37 -1.03 9.91
C ALA A 55 3.17 0.10 10.91
N GLN A 56 3.97 1.14 10.76
CA GLN A 56 3.89 2.30 11.64
C GLN A 56 3.74 3.58 10.83
N VAL A 57 3.58 4.68 11.54
CA VAL A 57 3.43 5.98 10.90
C VAL A 57 4.38 6.98 11.55
N GLY A 58 5.23 7.57 10.70
CA GLY A 58 6.18 8.55 11.18
C GLY A 58 5.63 9.97 11.06
N PHE A 59 5.79 10.53 9.88
CA PHE A 59 5.30 11.88 9.63
C PHE A 59 3.81 11.88 9.33
N SER A 60 3.07 11.19 10.18
CA SER A 60 1.62 11.10 10.01
C SER A 60 0.92 11.91 11.10
N PHE A 61 1.73 12.58 11.92
CA PHE A 61 1.20 13.39 13.00
C PHE A 61 0.69 12.51 14.15
N LEU A 62 0.78 11.21 13.93
CA LEU A 62 0.33 10.25 14.94
C LEU A 62 1.28 9.06 14.97
N ARG A 63 2.13 9.04 15.98
CA ARG A 63 3.10 7.97 16.13
C ARG A 63 2.46 6.77 16.82
N GLU A 64 1.96 5.86 15.99
CA GLU A 64 1.32 4.65 16.50
C GLU A 64 1.60 3.47 15.59
N LYS A 65 1.38 2.28 16.11
CA LYS A 65 1.59 1.07 15.35
C LYS A 65 0.26 0.37 15.10
N PHE A 66 0.19 -0.33 13.97
CA PHE A 66 -1.02 -1.03 13.60
C PHE A 66 -0.69 -2.36 12.92
N ALA A 67 -1.67 -3.26 12.94
CA ALA A 67 -1.49 -4.57 12.33
C ALA A 67 -2.79 -4.97 11.62
N THR A 68 -2.61 -5.62 10.48
CA THR A 68 -3.76 -6.07 9.70
C THR A 68 -3.41 -7.34 8.92
N ARG A 69 -4.41 -7.89 8.26
CA ARG A 69 -4.24 -9.10 7.48
C ARG A 69 -3.99 -8.75 6.01
N VAL A 70 -2.75 -8.96 5.59
CA VAL A 70 -2.38 -8.68 4.21
C VAL A 70 -2.54 -9.95 3.37
N ARG A 71 -3.10 -9.77 2.19
CA ARG A 71 -3.31 -10.89 1.28
C ARG A 71 -2.74 -10.58 -0.10
N ARG A 72 -1.78 -11.39 -0.50
CA ARG A 72 -1.14 -11.20 -1.81
C ARG A 72 -1.41 -12.42 -2.70
N ASP A 73 -1.44 -12.15 -4.00
CA ASP A 73 -1.69 -13.20 -4.96
C ASP A 73 -0.93 -12.89 -6.26
N LYS A 74 -0.17 -13.88 -6.71
CA LYS A 74 0.61 -13.73 -7.93
C LYS A 74 -0.18 -14.30 -9.11
N ASP A 75 -1.25 -15.01 -8.78
CA ASP A 75 -2.09 -15.62 -9.81
C ASP A 75 -3.24 -14.67 -10.14
N ALA A 76 -3.57 -13.83 -9.16
CA ALA A 76 -4.65 -12.87 -9.35
C ALA A 76 -4.06 -11.49 -9.62
N ARG A 77 -2.81 -11.32 -9.21
CA ARG A 77 -2.11 -10.06 -9.39
C ARG A 77 -2.86 -8.93 -8.68
N SER A 78 -3.41 -9.26 -7.53
CA SER A 78 -4.15 -8.30 -6.73
C SER A 78 -3.70 -8.37 -5.27
N ILE A 79 -3.96 -7.30 -4.55
CA ILE A 79 -3.61 -7.22 -3.14
C ILE A 79 -4.79 -6.68 -2.34
N ASP A 80 -5.02 -7.30 -1.19
CA ASP A 80 -6.11 -6.89 -0.33
C ASP A 80 -5.69 -7.04 1.14
N VAL A 81 -6.11 -6.08 1.94
CA VAL A 81 -5.77 -6.10 3.36
C VAL A 81 -7.02 -5.74 4.17
N SER A 82 -7.12 -6.36 5.34
CA SER A 82 -8.26 -6.12 6.22
C SER A 82 -7.76 -5.89 7.65
N LEU A 83 -8.60 -5.21 8.42
CA LEU A 83 -8.26 -4.92 9.81
C LEU A 83 -8.19 -6.23 10.60
N LEU A 84 -7.14 -6.35 11.38
CA LEU A 84 -6.95 -7.53 12.19
C LEU A 84 -6.81 -7.13 13.66
N TYR A 85 -5.83 -6.29 13.93
CA TYR A 85 -5.58 -5.82 15.28
C TYR A 85 -5.44 -4.30 15.32
N GLY A 86 -5.45 -3.70 14.12
CA GLY A 86 -5.33 -2.27 14.01
C GLY A 86 -6.49 -1.55 14.70
N PRO A 87 -7.06 -0.55 13.97
CA PRO A 87 -8.17 0.22 14.50
C PRO A 87 -9.47 -0.60 14.46
N PHE A 88 -9.77 -1.25 15.57
CA PHE A 88 -10.96 -2.06 15.66
C PHE A 88 -12.23 -1.20 15.55
N LYS A 89 -12.60 -0.93 14.31
CA LYS A 89 -13.78 -0.12 14.05
C LYS A 89 -14.13 -0.20 12.56
N ARG A 90 -13.10 -0.06 11.74
CA ARG A 90 -13.27 -0.10 10.30
C ARG A 90 -11.98 0.30 9.59
N LEU A 91 -11.59 -0.52 8.62
CA LEU A 91 -10.37 -0.26 7.87
C LEU A 91 -10.23 -1.32 6.78
N ASN A 92 -9.82 -0.86 5.60
CA ASN A 92 -9.63 -1.74 4.47
C ASN A 92 -8.56 -1.17 3.54
N ASN A 93 -7.80 -2.07 2.94
CA ASN A 93 -6.74 -1.67 2.03
C ASN A 93 -6.60 -2.71 0.93
N GLY A 94 -6.08 -2.27 -0.21
CA GLY A 94 -5.89 -3.14 -1.35
C GLY A 94 -5.35 -2.38 -2.56
N TRP A 95 -4.61 -3.08 -3.39
CA TRP A 95 -4.03 -2.49 -4.58
C TRP A 95 -4.48 -3.31 -5.79
N ARG A 96 -4.54 -2.64 -6.94
CA ARG A 96 -4.95 -3.30 -8.17
C ARG A 96 -4.03 -2.87 -9.32
N PHE A 97 -3.80 -3.81 -10.21
CA PHE A 97 -2.95 -3.56 -11.37
C PHE A 97 -3.52 -4.20 -12.62
N MET A 98 -3.94 -3.35 -13.55
CA MET A 98 -4.51 -3.82 -14.80
C MET A 98 -3.85 -3.13 -15.99
N PRO A 99 -3.51 -3.96 -17.02
CA PRO A 99 -2.88 -3.45 -18.22
C PRO A 99 -3.89 -2.71 -19.10
N GLU A 100 -3.39 -1.72 -19.83
CA GLU A 100 -4.24 -0.93 -20.71
C GLU A 100 -3.44 -0.46 -21.92
N GLY A 101 -3.00 -1.43 -22.72
CA GLY A 101 -2.23 -1.14 -23.92
C GLY A 101 -0.73 -1.22 -23.63
N ASP A 102 -0.01 -0.23 -24.12
CA ASP A 102 1.43 -0.18 -23.93
C ASP A 102 1.74 0.21 -22.50
N ALA A 103 0.81 0.96 -21.90
CA ALA A 103 0.98 1.41 -20.53
C ALA A 103 0.08 0.56 -19.62
N THR A 104 0.40 0.60 -18.33
CA THR A 104 -0.36 -0.15 -17.35
C THR A 104 -1.05 0.80 -16.38
N ARG A 105 -2.22 0.37 -15.91
CA ARG A 105 -2.99 1.17 -14.97
C ARG A 105 -2.99 0.52 -13.59
N VAL A 106 -2.69 1.34 -12.60
CA VAL A 106 -2.64 0.85 -11.23
C VAL A 106 -3.65 1.63 -10.38
N GLU A 107 -4.35 0.91 -9.51
CA GLU A 107 -5.34 1.52 -8.65
C GLU A 107 -5.11 1.10 -7.20
N PHE A 108 -5.09 2.09 -6.31
CA PHE A 108 -4.89 1.83 -4.90
C PHE A 108 -6.01 2.43 -4.06
N VAL A 109 -6.66 1.57 -3.29
CA VAL A 109 -7.76 2.00 -2.44
C VAL A 109 -7.30 2.00 -0.98
N ILE A 110 -7.61 3.10 -0.29
CA ILE A 110 -7.23 3.23 1.10
C ILE A 110 -8.48 3.51 1.94
N GLU A 111 -8.67 2.69 2.96
CA GLU A 111 -9.81 2.85 3.84
C GLU A 111 -9.38 2.70 5.30
N PHE A 112 -9.95 3.55 6.15
CA PHE A 112 -9.64 3.53 7.56
C PHE A 112 -10.60 4.42 8.35
N ALA A 113 -10.66 4.16 9.65
CA ALA A 113 -11.54 4.91 10.52
C ALA A 113 -10.70 5.71 11.53
N PHE A 114 -10.98 7.00 11.58
CA PHE A 114 -10.25 7.88 12.49
C PHE A 114 -11.12 8.28 13.68
N LYS A 115 -10.46 8.80 14.71
CA LYS A 115 -11.16 9.22 15.91
C LYS A 115 -11.53 10.70 15.79
N SER A 116 -10.52 11.51 15.51
CA SER A 116 -10.72 12.95 15.37
C SER A 116 -11.29 13.25 13.98
N ALA A 117 -12.38 14.02 13.99
CA ALA A 117 -13.04 14.39 12.75
C ALA A 117 -12.15 15.37 11.98
N LEU A 118 -11.50 16.25 12.74
CA LEU A 118 -10.62 17.25 12.14
C LEU A 118 -9.41 16.55 11.52
N LEU A 119 -8.80 15.68 12.32
CA LEU A 119 -7.63 14.94 11.86
C LEU A 119 -8.06 13.97 10.74
N ASP A 120 -9.32 13.59 10.78
CA ASP A 120 -9.86 12.68 9.80
C ASP A 120 -9.65 13.26 8.40
N ALA A 121 -10.03 14.52 8.26
CA ALA A 121 -9.89 15.21 6.98
C ALA A 121 -8.44 15.64 6.81
N MET A 122 -7.83 16.07 7.90
CA MET A 122 -6.45 16.51 7.88
C MET A 122 -5.53 15.39 7.40
N LEU A 123 -5.70 14.23 8.02
CA LEU A 123 -4.89 13.07 7.67
C LEU A 123 -5.32 12.53 6.31
N ALA A 124 -6.63 12.40 6.15
CA ALA A 124 -7.19 11.91 4.91
C ALA A 124 -6.89 12.90 3.79
N ALA A 125 -6.45 14.08 4.19
CA ALA A 125 -6.13 15.13 3.24
C ALA A 125 -4.71 14.90 2.70
N ASN A 126 -3.77 14.79 3.63
CA ASN A 126 -2.38 14.57 3.27
C ASN A 126 -2.22 13.15 2.72
N VAL A 127 -3.17 12.29 3.06
CA VAL A 127 -3.15 10.91 2.61
C VAL A 127 -2.83 10.88 1.11
N ASP A 128 -3.48 11.76 0.39
CA ASP A 128 -3.28 11.84 -1.05
C ASP A 128 -1.82 12.23 -1.34
N ARG A 129 -1.34 13.16 -0.53
CA ARG A 129 0.03 13.64 -0.69
C ARG A 129 1.02 12.48 -0.48
N ALA A 130 0.78 11.72 0.59
CA ALA A 130 1.64 10.59 0.90
C ALA A 130 1.63 9.61 -0.27
N ALA A 131 0.43 9.28 -0.72
CA ALA A 131 0.26 8.35 -1.83
C ALA A 131 0.94 8.93 -3.08
N GLY A 132 0.87 10.25 -3.19
CA GLY A 132 1.46 10.94 -4.32
C GLY A 132 2.98 10.74 -4.35
N LYS A 133 3.58 10.86 -3.18
CA LYS A 133 5.03 10.70 -3.06
C LYS A 133 5.39 9.24 -3.32
N LEU A 134 4.51 8.35 -2.88
CA LEU A 134 4.74 6.93 -3.07
C LEU A 134 4.73 6.61 -4.57
N ILE A 135 3.89 7.33 -5.30
CA ILE A 135 3.79 7.14 -6.73
C ILE A 135 5.01 7.77 -7.41
N ALA A 136 5.35 8.97 -6.95
CA ALA A 136 6.48 9.68 -7.50
C ALA A 136 7.76 8.89 -7.23
N CYS A 137 7.79 8.25 -6.08
CA CYS A 137 8.94 7.45 -5.69
C CYS A 137 8.93 6.15 -6.50
N PHE A 138 7.77 5.50 -6.50
CA PHE A 138 7.62 4.26 -7.22
C PHE A 138 7.93 4.45 -8.71
N GLU A 139 7.58 5.62 -9.21
CA GLU A 139 7.81 5.94 -10.60
C GLU A 139 9.30 6.17 -10.86
N ALA A 140 9.89 7.03 -10.03
CA ALA A 140 11.30 7.35 -10.16
C ALA A 140 12.12 6.06 -10.03
N ARG A 141 11.84 5.33 -8.96
CA ARG A 141 12.54 4.08 -8.69
C ARG A 141 12.26 3.07 -9.81
N ALA A 142 11.03 3.14 -10.33
CA ALA A 142 10.62 2.23 -11.40
C ALA A 142 11.44 2.54 -12.65
N GLN A 143 11.62 3.83 -12.91
CA GLN A 143 12.38 4.25 -14.06
C GLN A 143 13.88 4.04 -13.84
N GLN A 144 14.28 4.18 -12.58
CA GLN A 144 15.67 3.98 -12.21
C GLN A 144 16.07 2.52 -12.34
N LEU A 145 15.13 1.65 -12.01
CA LEU A 145 15.37 0.22 -12.09
C LEU A 145 15.28 -0.22 -13.55
N HIS A 146 14.20 0.18 -14.20
CA HIS A 146 13.98 -0.17 -15.60
C HIS A 146 14.94 0.64 -16.48
N GLY A 147 15.50 1.69 -15.89
CA GLY A 147 16.42 2.54 -16.61
C GLY A 147 17.74 2.67 -15.85
N ALA A 148 18.23 1.53 -15.37
CA ALA A 148 19.48 1.51 -14.62
C ALA A 148 20.54 2.33 -15.38
N MET A 1 -15.17 4.04 6.96
CA MET A 1 -14.63 5.33 7.35
C MET A 1 -13.95 6.02 6.17
N HIS A 2 -13.23 7.09 6.49
CA HIS A 2 -12.54 7.86 5.46
C HIS A 2 -11.82 6.89 4.51
N ARG A 3 -12.09 7.06 3.22
CA ARG A 3 -11.49 6.22 2.21
C ARG A 3 -11.00 7.08 1.04
N HIS A 4 -9.79 6.78 0.59
CA HIS A 4 -9.20 7.51 -0.53
C HIS A 4 -8.66 6.52 -1.55
N VAL A 5 -8.83 6.87 -2.82
CA VAL A 5 -8.36 6.03 -3.90
C VAL A 5 -7.26 6.76 -4.68
N VAL A 6 -6.33 5.98 -5.19
CA VAL A 6 -5.22 6.54 -5.96
C VAL A 6 -4.92 5.62 -7.15
N THR A 7 -5.11 6.19 -8.34
CA THR A 7 -4.86 5.44 -9.57
C THR A 7 -3.84 6.16 -10.43
N LYS A 8 -2.76 5.46 -10.73
CA LYS A 8 -1.69 6.02 -11.55
C LYS A 8 -1.39 5.07 -12.70
N VAL A 9 -0.60 5.57 -13.65
CA VAL A 9 -0.23 4.78 -14.81
C VAL A 9 1.26 4.97 -15.09
N LEU A 10 1.95 3.84 -15.23
CA LEU A 10 3.38 3.88 -15.50
C LEU A 10 3.69 2.92 -16.65
N PRO A 11 4.37 3.47 -17.68
CA PRO A 11 4.74 2.69 -18.85
C PRO A 11 5.92 1.76 -18.54
N TYR A 12 5.67 0.86 -17.59
CA TYR A 12 6.70 -0.09 -17.20
C TYR A 12 6.17 -1.52 -17.23
N THR A 13 7.04 -2.45 -16.87
CA THR A 13 6.67 -3.86 -16.87
C THR A 13 5.91 -4.21 -15.58
N PRO A 14 5.18 -5.35 -15.64
CA PRO A 14 4.41 -5.81 -14.49
C PRO A 14 5.32 -6.39 -13.41
N ASP A 15 6.61 -6.37 -13.70
CA ASP A 15 7.59 -6.89 -12.76
C ASP A 15 7.71 -5.94 -11.57
N GLN A 16 7.79 -4.66 -11.87
CA GLN A 16 7.90 -3.65 -10.84
C GLN A 16 6.81 -3.85 -9.79
N LEU A 17 5.75 -4.52 -10.20
CA LEU A 17 4.63 -4.77 -9.31
C LEU A 17 5.08 -5.72 -8.19
N PHE A 18 5.74 -6.80 -8.61
CA PHE A 18 6.24 -7.79 -7.66
C PHE A 18 6.92 -7.11 -6.46
N GLU A 19 7.54 -5.97 -6.74
CA GLU A 19 8.22 -5.22 -5.70
C GLU A 19 7.21 -4.45 -4.85
N LEU A 20 6.18 -3.95 -5.52
CA LEU A 20 5.14 -3.19 -4.85
C LEU A 20 4.33 -4.13 -3.96
N VAL A 21 3.97 -5.27 -4.55
CA VAL A 21 3.19 -6.26 -3.82
C VAL A 21 3.98 -6.77 -2.62
N GLY A 22 5.31 -6.79 -2.79
CA GLY A 22 6.18 -7.24 -1.73
C GLY A 22 6.80 -6.05 -0.99
N ASP A 23 6.39 -4.87 -1.39
CA ASP A 23 6.89 -3.65 -0.77
C ASP A 23 6.72 -3.73 0.74
N VAL A 24 5.63 -4.37 1.14
CA VAL A 24 5.33 -4.53 2.56
C VAL A 24 6.41 -5.39 3.21
N ASP A 25 7.20 -6.03 2.36
CA ASP A 25 8.28 -6.88 2.83
C ASP A 25 9.56 -6.55 2.07
N ALA A 26 9.50 -5.46 1.31
CA ALA A 26 10.65 -5.02 0.54
C ALA A 26 10.88 -3.53 0.77
N TYR A 27 11.05 -2.81 -0.33
CA TYR A 27 11.27 -1.38 -0.26
C TYR A 27 12.04 -1.01 1.01
N PRO A 28 13.25 -1.63 1.15
CA PRO A 28 14.09 -1.37 2.30
C PRO A 28 14.77 -0.01 2.19
N LYS A 29 13.97 0.99 1.82
CA LYS A 29 14.49 2.34 1.67
C LYS A 29 13.34 3.27 1.25
N PHE A 30 13.58 4.56 1.43
CA PHE A 30 12.58 5.55 1.08
C PHE A 30 11.27 5.31 1.83
N VAL A 31 10.17 5.39 1.08
CA VAL A 31 8.86 5.17 1.65
C VAL A 31 8.73 5.98 2.95
N PRO A 32 8.68 7.33 2.78
CA PRO A 32 8.57 8.22 3.93
C PRO A 32 7.14 8.21 4.49
N TRP A 33 6.18 8.24 3.59
CA TRP A 33 4.78 8.23 3.97
C TRP A 33 4.60 7.16 5.04
N ILE A 34 5.44 6.14 4.96
CA ILE A 34 5.38 5.04 5.93
C ILE A 34 6.69 5.00 6.72
N THR A 35 6.66 4.23 7.80
CA THR A 35 7.83 4.09 8.65
C THR A 35 8.26 2.62 8.73
N GLY A 36 7.72 1.93 9.72
CA GLY A 36 8.05 0.53 9.92
C GLY A 36 7.01 -0.37 9.25
N MET A 37 7.44 -1.59 8.93
CA MET A 37 6.56 -2.54 8.28
C MET A 37 7.07 -3.97 8.48
N ARG A 38 6.13 -4.91 8.49
CA ARG A 38 6.47 -6.31 8.66
C ARG A 38 5.31 -7.20 8.20
N THR A 39 5.66 -8.17 7.37
CA THR A 39 4.66 -9.10 6.85
C THR A 39 5.13 -10.55 7.03
N TRP A 40 4.35 -11.29 7.78
CA TRP A 40 4.67 -12.69 8.04
C TRP A 40 3.59 -13.27 8.96
N ASN A 41 3.75 -14.54 9.27
CA ASN A 41 2.80 -15.22 10.13
C ASN A 41 1.45 -15.34 9.42
N GLY A 42 1.30 -16.45 8.70
CA GLY A 42 0.07 -16.70 7.97
C GLY A 42 0.12 -18.07 7.28
N ARG A 43 -0.37 -18.09 6.05
CA ARG A 43 -0.39 -19.33 5.27
C ARG A 43 -0.11 -19.04 3.80
N VAL A 44 0.39 -20.06 3.12
CA VAL A 44 0.71 -19.92 1.70
C VAL A 44 0.11 -21.11 0.94
N ASP A 45 -0.75 -20.77 -0.01
CA ASP A 45 -1.41 -21.78 -0.81
C ASP A 45 -1.31 -21.39 -2.29
N GLY A 46 -0.95 -22.37 -3.11
CA GLY A 46 -0.83 -22.13 -4.54
C GLY A 46 -0.12 -20.81 -4.82
N ALA A 47 -0.69 -20.05 -5.74
CA ALA A 47 -0.13 -18.77 -6.11
C ALA A 47 -0.79 -17.67 -5.28
N VAL A 48 -1.09 -18.02 -4.04
CA VAL A 48 -1.72 -17.07 -3.13
C VAL A 48 -1.02 -17.15 -1.76
N SER A 49 -0.98 -16.00 -1.10
CA SER A 49 -0.35 -15.92 0.21
C SER A 49 -1.14 -14.96 1.12
N THR A 50 -1.21 -15.32 2.39
CA THR A 50 -1.93 -14.51 3.36
C THR A 50 -1.18 -14.49 4.70
N VAL A 51 -0.88 -13.29 5.15
CA VAL A 51 -0.17 -13.12 6.41
C VAL A 51 -0.55 -11.77 7.03
N ASP A 52 -0.10 -11.58 8.26
CA ASP A 52 -0.37 -10.34 8.97
C ASP A 52 0.54 -9.23 8.43
N ALA A 53 -0.02 -8.03 8.36
CA ALA A 53 0.73 -6.88 7.87
C ALA A 53 0.72 -5.79 8.93
N GLU A 54 1.88 -5.60 9.55
CA GLU A 54 2.02 -4.59 10.58
C GLU A 54 2.77 -3.37 10.04
N ALA A 55 2.01 -2.32 9.76
CA ALA A 55 2.59 -1.10 9.23
C ALA A 55 2.51 0.00 10.30
N GLN A 56 3.42 0.96 10.19
CA GLN A 56 3.45 2.06 11.14
C GLN A 56 3.32 3.39 10.39
N VAL A 57 3.35 4.47 11.17
CA VAL A 57 3.23 5.80 10.60
C VAL A 57 4.22 6.73 11.29
N GLY A 58 5.04 7.38 10.47
CA GLY A 58 6.04 8.30 11.00
C GLY A 58 5.80 9.72 10.47
N PHE A 59 5.44 9.79 9.20
CA PHE A 59 5.17 11.08 8.57
C PHE A 59 3.69 11.43 8.64
N SER A 60 3.00 10.78 9.57
CA SER A 60 1.58 11.03 9.76
C SER A 60 1.35 11.88 11.00
N PHE A 61 2.45 12.32 11.60
CA PHE A 61 2.38 13.14 12.79
C PHE A 61 1.66 12.41 13.93
N LEU A 62 1.47 11.11 13.71
CA LEU A 62 0.81 10.29 14.70
C LEU A 62 1.57 8.97 14.86
N ARG A 63 2.37 8.90 15.91
CA ARG A 63 3.16 7.72 16.19
C ARG A 63 2.24 6.57 16.65
N GLU A 64 1.81 5.78 15.69
CA GLU A 64 0.94 4.65 15.98
C GLU A 64 1.26 3.48 15.05
N LYS A 65 0.81 2.30 15.45
CA LYS A 65 1.03 1.10 14.66
C LYS A 65 -0.31 0.41 14.39
N PHE A 66 -0.31 -0.43 13.37
CA PHE A 66 -1.51 -1.16 13.00
C PHE A 66 -1.17 -2.48 12.32
N ALA A 67 -2.03 -3.46 12.54
CA ALA A 67 -1.83 -4.78 11.97
C ALA A 67 -3.09 -5.19 11.19
N THR A 68 -2.85 -5.88 10.07
CA THR A 68 -3.95 -6.34 9.23
C THR A 68 -3.58 -7.63 8.53
N ARG A 69 -4.52 -8.14 7.76
CA ARG A 69 -4.31 -9.38 7.02
C ARG A 69 -4.06 -9.08 5.54
N VAL A 70 -2.81 -9.23 5.15
CA VAL A 70 -2.42 -8.98 3.78
C VAL A 70 -2.60 -10.25 2.96
N ARG A 71 -3.09 -10.06 1.73
CA ARG A 71 -3.33 -11.19 0.85
C ARG A 71 -2.73 -10.90 -0.54
N ARG A 72 -1.81 -11.76 -0.94
CA ARG A 72 -1.17 -11.61 -2.23
C ARG A 72 -1.50 -12.79 -3.14
N ASP A 73 -1.62 -12.51 -4.42
CA ASP A 73 -1.94 -13.53 -5.41
C ASP A 73 -1.17 -13.26 -6.70
N LYS A 74 -0.33 -14.21 -7.08
CA LYS A 74 0.45 -14.08 -8.28
C LYS A 74 -0.32 -14.70 -9.46
N ASP A 75 -1.43 -15.32 -9.13
CA ASP A 75 -2.26 -15.96 -10.14
C ASP A 75 -3.41 -15.01 -10.51
N ALA A 76 -3.73 -14.13 -9.58
CA ALA A 76 -4.79 -13.17 -9.81
C ALA A 76 -4.19 -11.79 -10.09
N ARG A 77 -2.96 -11.62 -9.65
CA ARG A 77 -2.25 -10.37 -9.86
C ARG A 77 -2.97 -9.23 -9.13
N SER A 78 -3.49 -9.56 -7.96
CA SER A 78 -4.21 -8.58 -7.16
C SER A 78 -3.75 -8.66 -5.70
N ILE A 79 -3.97 -7.56 -4.99
CA ILE A 79 -3.58 -7.50 -3.59
C ILE A 79 -4.75 -6.97 -2.76
N ASP A 80 -4.98 -7.63 -1.63
CA ASP A 80 -6.07 -7.24 -0.75
C ASP A 80 -5.59 -7.33 0.71
N VAL A 81 -6.04 -6.37 1.49
CA VAL A 81 -5.67 -6.32 2.90
C VAL A 81 -6.89 -5.93 3.73
N SER A 82 -7.21 -6.78 4.69
CA SER A 82 -8.35 -6.53 5.57
C SER A 82 -7.87 -6.18 6.97
N LEU A 83 -8.67 -5.36 7.65
CA LEU A 83 -8.33 -4.95 9.01
C LEU A 83 -8.43 -6.14 9.94
N LEU A 84 -7.52 -6.18 10.90
CA LEU A 84 -7.50 -7.27 11.87
C LEU A 84 -7.69 -6.69 13.28
N TYR A 85 -6.82 -5.75 13.62
CA TYR A 85 -6.88 -5.12 14.93
C TYR A 85 -6.74 -3.60 14.81
N GLY A 86 -5.88 -3.19 13.88
CA GLY A 86 -5.64 -1.78 13.65
C GLY A 86 -5.94 -0.96 14.90
N PRO A 87 -6.61 0.21 14.68
CA PRO A 87 -6.97 1.08 15.79
C PRO A 87 -8.15 0.52 16.58
N PHE A 88 -8.65 -0.61 16.10
CA PHE A 88 -9.78 -1.26 16.75
C PHE A 88 -11.07 -0.50 16.51
N LYS A 89 -11.29 -0.13 15.25
CA LYS A 89 -12.47 0.60 14.87
C LYS A 89 -12.86 0.24 13.43
N ARG A 90 -11.89 0.38 12.54
CA ARG A 90 -12.12 0.07 11.14
C ARG A 90 -10.90 0.46 10.30
N LEU A 91 -10.60 -0.37 9.32
CA LEU A 91 -9.47 -0.12 8.45
C LEU A 91 -9.49 -1.12 7.28
N ASN A 92 -8.90 -0.70 6.18
CA ASN A 92 -8.86 -1.53 4.99
C ASN A 92 -7.72 -1.05 4.08
N ASN A 93 -7.22 -1.98 3.28
CA ASN A 93 -6.14 -1.67 2.35
C ASN A 93 -6.10 -2.72 1.24
N GLY A 94 -5.79 -2.25 0.04
CA GLY A 94 -5.72 -3.14 -1.10
C GLY A 94 -5.04 -2.45 -2.28
N TRP A 95 -4.35 -3.26 -3.09
CA TRP A 95 -3.64 -2.75 -4.24
C TRP A 95 -4.14 -3.50 -5.48
N ARG A 96 -4.20 -2.78 -6.59
CA ARG A 96 -4.65 -3.36 -7.84
C ARG A 96 -3.69 -3.00 -8.97
N PHE A 97 -3.59 -3.92 -9.94
CA PHE A 97 -2.72 -3.71 -11.07
C PHE A 97 -3.41 -4.14 -12.37
N MET A 98 -3.91 -3.15 -13.10
CA MET A 98 -4.59 -3.40 -14.35
C MET A 98 -3.85 -2.73 -15.52
N PRO A 99 -3.44 -3.58 -16.50
CA PRO A 99 -2.73 -3.07 -17.67
C PRO A 99 -3.69 -2.38 -18.63
N GLU A 100 -3.14 -1.43 -19.38
CA GLU A 100 -3.93 -0.68 -20.34
C GLU A 100 -3.05 -0.22 -21.51
N GLY A 101 -2.72 -1.17 -22.37
CA GLY A 101 -1.90 -0.88 -23.52
C GLY A 101 -0.42 -1.23 -23.25
N ASP A 102 0.45 -0.30 -23.62
CA ASP A 102 1.87 -0.49 -23.43
C ASP A 102 2.23 -0.17 -21.97
N ALA A 103 1.39 0.65 -21.36
CA ALA A 103 1.60 1.04 -19.97
C ALA A 103 0.65 0.25 -19.07
N THR A 104 0.93 0.30 -17.78
CA THR A 104 0.11 -0.40 -16.81
C THR A 104 -0.51 0.59 -15.81
N ARG A 105 -1.71 0.25 -15.36
CA ARG A 105 -2.42 1.09 -14.41
C ARG A 105 -2.48 0.42 -13.03
N VAL A 106 -2.15 1.20 -12.01
CA VAL A 106 -2.15 0.68 -10.65
C VAL A 106 -3.14 1.52 -9.81
N GLU A 107 -3.88 0.81 -8.98
CA GLU A 107 -4.86 1.46 -8.12
C GLU A 107 -4.66 1.03 -6.67
N PHE A 108 -4.59 2.02 -5.78
CA PHE A 108 -4.40 1.75 -4.36
C PHE A 108 -5.52 2.39 -3.54
N VAL A 109 -6.23 1.54 -2.81
CA VAL A 109 -7.32 2.00 -1.98
C VAL A 109 -6.91 1.92 -0.51
N ILE A 110 -6.84 3.09 0.11
CA ILE A 110 -6.45 3.16 1.52
C ILE A 110 -7.69 3.45 2.37
N GLU A 111 -7.78 2.77 3.50
CA GLU A 111 -8.90 2.94 4.41
C GLU A 111 -8.41 3.01 5.85
N PHE A 112 -9.07 3.86 6.63
CA PHE A 112 -8.72 4.04 8.02
C PHE A 112 -9.79 4.84 8.77
N ALA A 113 -9.81 4.64 10.07
CA ALA A 113 -10.78 5.33 10.91
C ALA A 113 -10.04 6.20 11.93
N PHE A 114 -10.37 7.48 11.94
CA PHE A 114 -9.75 8.41 12.85
C PHE A 114 -10.67 8.71 14.05
N LYS A 115 -10.10 9.35 15.05
CA LYS A 115 -10.85 9.69 16.25
C LYS A 115 -11.43 11.10 16.09
N SER A 116 -10.56 12.03 15.72
CA SER A 116 -10.99 13.40 15.54
C SER A 116 -11.62 13.57 14.16
N ALA A 117 -12.79 14.19 14.14
CA ALA A 117 -13.51 14.42 12.90
C ALA A 117 -12.76 15.47 12.07
N LEU A 118 -12.21 16.45 12.77
CA LEU A 118 -11.47 17.51 12.12
C LEU A 118 -10.19 16.94 11.51
N LEU A 119 -9.48 16.18 12.33
CA LEU A 119 -8.24 15.56 11.89
C LEU A 119 -8.54 14.50 10.83
N ASP A 120 -9.76 13.98 10.89
CA ASP A 120 -10.19 12.97 9.95
C ASP A 120 -10.06 13.51 8.52
N ALA A 121 -10.62 14.70 8.32
CA ALA A 121 -10.57 15.34 7.01
C ALA A 121 -9.18 15.92 6.79
N MET A 122 -8.65 16.51 7.84
CA MET A 122 -7.32 17.11 7.77
C MET A 122 -6.28 16.08 7.31
N LEU A 123 -6.38 14.89 7.87
CA LEU A 123 -5.46 13.82 7.53
C LEU A 123 -5.83 13.26 6.15
N ALA A 124 -7.12 13.07 5.95
CA ALA A 124 -7.61 12.54 4.68
C ALA A 124 -7.28 13.54 3.57
N ALA A 125 -6.93 14.75 3.98
CA ALA A 125 -6.59 15.80 3.02
C ALA A 125 -5.17 15.57 2.50
N ASN A 126 -4.25 15.46 3.45
CA ASN A 126 -2.85 15.25 3.10
C ASN A 126 -2.69 13.85 2.51
N VAL A 127 -3.60 12.97 2.88
CA VAL A 127 -3.57 11.59 2.40
C VAL A 127 -3.25 11.60 0.90
N ASP A 128 -3.85 12.56 0.20
CA ASP A 128 -3.64 12.67 -1.23
C ASP A 128 -2.17 12.99 -1.50
N ARG A 129 -1.66 13.97 -0.75
CA ARG A 129 -0.27 14.37 -0.89
C ARG A 129 0.66 13.18 -0.63
N ALA A 130 0.41 12.50 0.47
CA ALA A 130 1.21 11.35 0.85
C ALA A 130 1.09 10.28 -0.23
N ALA A 131 -0.08 10.22 -0.83
CA ALA A 131 -0.34 9.25 -1.88
C ALA A 131 0.43 9.64 -3.14
N GLY A 132 0.64 10.95 -3.28
CA GLY A 132 1.36 11.46 -4.43
C GLY A 132 2.85 11.16 -4.32
N LYS A 133 3.39 11.43 -3.14
CA LYS A 133 4.80 11.20 -2.89
C LYS A 133 5.08 9.69 -2.96
N LEU A 134 4.18 8.92 -2.38
CA LEU A 134 4.31 7.48 -2.36
C LEU A 134 4.36 6.96 -3.80
N ILE A 135 3.40 7.43 -4.59
CA ILE A 135 3.32 7.03 -5.99
C ILE A 135 4.63 7.38 -6.70
N ALA A 136 5.15 8.55 -6.35
CA ALA A 136 6.38 9.02 -6.94
C ALA A 136 7.52 8.09 -6.55
N CYS A 137 7.42 7.56 -5.33
CA CYS A 137 8.43 6.66 -4.82
C CYS A 137 8.46 5.41 -5.71
N PHE A 138 7.29 4.84 -5.90
CA PHE A 138 7.16 3.64 -6.73
C PHE A 138 7.68 3.91 -8.14
N GLU A 139 7.35 5.09 -8.64
CA GLU A 139 7.77 5.48 -9.98
C GLU A 139 9.29 5.56 -10.06
N ALA A 140 9.86 6.31 -9.12
CA ALA A 140 11.30 6.48 -9.08
C ALA A 140 11.97 5.11 -9.01
N ARG A 141 11.36 4.21 -8.25
CA ARG A 141 11.88 2.87 -8.10
C ARG A 141 11.84 2.13 -9.44
N ALA A 142 10.75 2.36 -10.16
CA ALA A 142 10.57 1.72 -11.46
C ALA A 142 11.68 2.17 -12.40
N GLN A 143 11.99 3.45 -12.34
CA GLN A 143 13.04 4.01 -13.18
C GLN A 143 14.42 3.58 -12.65
N GLN A 144 14.51 3.44 -11.34
CA GLN A 144 15.76 3.03 -10.72
C GLN A 144 16.09 1.59 -11.08
N LEU A 145 15.04 0.78 -11.17
CA LEU A 145 15.21 -0.62 -11.52
C LEU A 145 15.49 -0.75 -13.01
N HIS A 146 14.56 -0.22 -13.81
CA HIS A 146 14.69 -0.27 -15.25
C HIS A 146 15.92 0.54 -15.68
N GLY A 147 16.21 1.57 -14.91
CA GLY A 147 17.35 2.42 -15.20
C GLY A 147 17.50 2.64 -16.71
N ALA A 148 16.40 3.01 -17.34
CA ALA A 148 16.39 3.25 -18.77
C ALA A 148 17.68 3.98 -19.16
N MET A 1 -16.74 5.20 5.97
CA MET A 1 -15.61 5.84 6.62
C MET A 1 -14.78 6.63 5.61
N HIS A 2 -13.67 7.17 6.11
CA HIS A 2 -12.78 7.95 5.26
C HIS A 2 -12.00 7.02 4.33
N ARG A 3 -12.21 7.21 3.04
CA ARG A 3 -11.54 6.40 2.04
C ARG A 3 -10.99 7.28 0.92
N HIS A 4 -9.87 6.85 0.37
CA HIS A 4 -9.23 7.59 -0.71
C HIS A 4 -8.73 6.61 -1.77
N VAL A 5 -8.98 6.96 -3.02
CA VAL A 5 -8.55 6.12 -4.14
C VAL A 5 -7.49 6.87 -4.95
N VAL A 6 -6.54 6.09 -5.45
CA VAL A 6 -5.45 6.66 -6.24
C VAL A 6 -5.17 5.74 -7.43
N THR A 7 -5.28 6.32 -8.62
CA THR A 7 -5.05 5.57 -9.84
C THR A 7 -3.95 6.25 -10.67
N LYS A 8 -2.82 5.57 -10.75
CA LYS A 8 -1.69 6.09 -11.51
C LYS A 8 -1.38 5.15 -12.68
N VAL A 9 -0.65 5.67 -13.65
CA VAL A 9 -0.28 4.89 -14.81
C VAL A 9 1.21 5.08 -15.10
N LEU A 10 1.88 3.95 -15.29
CA LEU A 10 3.31 3.98 -15.57
C LEU A 10 3.62 3.01 -16.71
N PRO A 11 4.35 3.52 -17.73
CA PRO A 11 4.71 2.72 -18.88
C PRO A 11 5.85 1.74 -18.53
N TYR A 12 5.53 0.84 -17.62
CA TYR A 12 6.50 -0.15 -17.19
C TYR A 12 5.93 -1.56 -17.30
N THR A 13 6.78 -2.54 -17.02
CA THR A 13 6.37 -3.93 -17.08
C THR A 13 5.48 -4.28 -15.88
N PRO A 14 4.75 -5.41 -16.02
CA PRO A 14 3.86 -5.88 -14.97
C PRO A 14 4.65 -6.49 -13.81
N ASP A 15 5.89 -6.86 -14.12
CA ASP A 15 6.76 -7.46 -13.12
C ASP A 15 6.98 -6.47 -11.98
N GLN A 16 7.14 -5.21 -12.35
CA GLN A 16 7.35 -4.16 -11.37
C GLN A 16 6.26 -4.19 -10.30
N LEU A 17 5.09 -4.66 -10.71
CA LEU A 17 3.96 -4.75 -9.80
C LEU A 17 4.30 -5.76 -8.70
N PHE A 18 4.91 -6.86 -9.10
CA PHE A 18 5.28 -7.90 -8.16
C PHE A 18 5.94 -7.31 -6.91
N GLU A 19 6.73 -6.27 -7.13
CA GLU A 19 7.42 -5.60 -6.05
C GLU A 19 6.47 -4.66 -5.32
N LEU A 20 5.47 -4.19 -6.06
CA LEU A 20 4.48 -3.27 -5.50
C LEU A 20 3.54 -4.05 -4.59
N VAL A 21 3.09 -5.19 -5.09
CA VAL A 21 2.18 -6.03 -4.33
C VAL A 21 2.87 -6.50 -3.05
N GLY A 22 4.18 -6.59 -3.12
CA GLY A 22 4.97 -7.01 -1.97
C GLY A 22 5.79 -5.85 -1.41
N ASP A 23 5.53 -4.68 -1.94
CA ASP A 23 6.23 -3.48 -1.50
C ASP A 23 6.31 -3.47 0.02
N VAL A 24 5.25 -3.99 0.63
CA VAL A 24 5.18 -4.04 2.09
C VAL A 24 6.48 -4.64 2.64
N ASP A 25 7.16 -5.38 1.77
CA ASP A 25 8.41 -6.02 2.16
C ASP A 25 9.43 -5.83 1.03
N ALA A 26 9.02 -6.22 -0.17
CA ALA A 26 9.88 -6.10 -1.33
C ALA A 26 10.77 -4.87 -1.19
N TYR A 27 10.11 -3.71 -1.15
CA TYR A 27 10.83 -2.46 -1.03
C TYR A 27 11.94 -2.56 0.01
N PRO A 28 12.84 -1.54 0.01
CA PRO A 28 13.95 -1.51 0.94
C PRO A 28 13.47 -1.14 2.34
N LYS A 29 13.19 0.15 2.52
CA LYS A 29 12.73 0.64 3.80
C LYS A 29 12.44 2.14 3.69
N PHE A 30 13.27 2.82 2.91
CA PHE A 30 13.11 4.25 2.72
C PHE A 30 11.65 4.66 2.91
N VAL A 31 10.93 4.71 1.79
CA VAL A 31 9.53 5.10 1.83
C VAL A 31 9.30 6.09 2.96
N PRO A 32 9.39 7.41 2.60
CA PRO A 32 9.21 8.47 3.58
C PRO A 32 7.72 8.63 3.93
N TRP A 33 6.88 8.29 2.97
CA TRP A 33 5.44 8.39 3.16
C TRP A 33 5.04 7.43 4.29
N ILE A 34 5.96 6.54 4.61
CA ILE A 34 5.73 5.57 5.66
C ILE A 34 6.94 5.51 6.58
N THR A 35 6.89 4.58 7.52
CA THR A 35 7.97 4.42 8.48
C THR A 35 8.40 2.94 8.56
N GLY A 36 7.85 2.26 9.55
CA GLY A 36 8.16 0.86 9.75
C GLY A 36 7.13 -0.03 9.05
N MET A 37 7.60 -1.20 8.63
CA MET A 37 6.74 -2.15 7.94
C MET A 37 7.34 -3.55 7.95
N ARG A 38 6.47 -4.54 7.92
CA ARG A 38 6.91 -5.92 7.91
C ARG A 38 5.75 -6.86 7.58
N THR A 39 6.02 -7.82 6.71
CA THR A 39 5.01 -8.77 6.30
C THR A 39 5.58 -10.19 6.29
N TRP A 40 5.02 -11.02 7.16
CA TRP A 40 5.45 -12.41 7.26
C TRP A 40 4.59 -13.10 8.30
N ASN A 41 4.87 -14.38 8.51
CA ASN A 41 4.12 -15.17 9.48
C ASN A 41 2.67 -15.30 9.00
N GLY A 42 2.41 -16.41 8.32
CA GLY A 42 1.07 -16.67 7.82
C GLY A 42 1.00 -18.03 7.13
N ARG A 43 0.28 -18.07 6.02
CA ARG A 43 0.12 -19.30 5.27
C ARG A 43 0.19 -19.02 3.77
N VAL A 44 0.49 -20.07 3.01
CA VAL A 44 0.59 -19.95 1.57
C VAL A 44 -0.27 -21.03 0.90
N ASP A 45 -1.25 -20.57 0.16
CA ASP A 45 -2.15 -21.50 -0.53
C ASP A 45 -2.18 -21.14 -2.01
N GLY A 46 -1.98 -22.16 -2.84
CA GLY A 46 -2.00 -21.97 -4.28
C GLY A 46 -1.14 -20.77 -4.68
N ALA A 47 -1.75 -19.88 -5.45
CA ALA A 47 -1.06 -18.68 -5.91
C ALA A 47 -1.46 -17.50 -5.02
N VAL A 48 -1.67 -17.80 -3.74
CA VAL A 48 -2.05 -16.78 -2.78
C VAL A 48 -1.19 -16.93 -1.53
N SER A 49 -0.91 -15.79 -0.90
CA SER A 49 -0.11 -15.79 0.31
C SER A 49 -0.70 -14.79 1.32
N THR A 50 -1.02 -15.31 2.49
CA THR A 50 -1.58 -14.50 3.55
C THR A 50 -0.65 -14.47 4.76
N VAL A 51 -0.38 -13.26 5.23
CA VAL A 51 0.49 -13.08 6.38
C VAL A 51 0.11 -11.80 7.11
N ASP A 52 0.73 -11.60 8.26
CA ASP A 52 0.47 -10.42 9.06
C ASP A 52 1.27 -9.24 8.51
N ALA A 53 0.61 -8.10 8.42
CA ALA A 53 1.24 -6.90 7.91
C ALA A 53 1.24 -5.82 9.00
N GLU A 54 2.42 -5.56 9.54
CA GLU A 54 2.56 -4.57 10.58
C GLU A 54 3.18 -3.29 10.01
N ALA A 55 2.30 -2.31 9.78
CA ALA A 55 2.74 -1.04 9.24
C ALA A 55 2.76 0.02 10.35
N GLN A 56 3.53 1.06 10.12
CA GLN A 56 3.64 2.14 11.10
C GLN A 56 3.54 3.50 10.40
N VAL A 57 3.35 4.53 11.21
CA VAL A 57 3.25 5.89 10.68
C VAL A 57 4.24 6.78 11.40
N GLY A 58 5.07 7.46 10.61
CA GLY A 58 6.07 8.35 11.16
C GLY A 58 5.73 9.81 10.84
N PHE A 59 5.63 10.10 9.56
CA PHE A 59 5.32 11.45 9.11
C PHE A 59 3.80 11.66 9.02
N SER A 60 3.10 10.98 9.91
CA SER A 60 1.65 11.09 9.95
C SER A 60 1.20 11.90 11.16
N PHE A 61 2.19 12.46 11.84
CA PHE A 61 1.92 13.28 13.02
C PHE A 61 1.20 12.46 14.10
N LEU A 62 1.19 11.15 13.88
CA LEU A 62 0.53 10.25 14.82
C LEU A 62 1.37 8.98 14.96
N ARG A 63 2.22 8.98 15.98
CA ARG A 63 3.08 7.84 16.23
C ARG A 63 2.27 6.68 16.80
N GLU A 64 1.79 5.83 15.89
CA GLU A 64 1.00 4.68 16.29
C GLU A 64 1.28 3.49 15.36
N LYS A 65 1.38 2.32 15.97
CA LYS A 65 1.65 1.11 15.21
C LYS A 65 0.33 0.40 14.91
N PHE A 66 0.32 -0.33 13.80
CA PHE A 66 -0.87 -1.05 13.39
C PHE A 66 -0.49 -2.39 12.75
N ALA A 67 -1.43 -3.33 12.84
CA ALA A 67 -1.21 -4.65 12.28
C ALA A 67 -2.49 -5.13 11.59
N THR A 68 -2.32 -5.77 10.44
CA THR A 68 -3.44 -6.29 9.68
C THR A 68 -3.03 -7.51 8.88
N ARG A 69 -4.04 -8.20 8.37
CA ARG A 69 -3.80 -9.40 7.58
C ARG A 69 -3.65 -9.05 6.11
N VAL A 70 -2.45 -9.26 5.60
CA VAL A 70 -2.17 -8.96 4.20
C VAL A 70 -2.42 -10.21 3.35
N ARG A 71 -2.96 -9.98 2.17
CA ARG A 71 -3.27 -11.08 1.26
C ARG A 71 -2.84 -10.72 -0.16
N ARG A 72 -1.82 -11.43 -0.64
CA ARG A 72 -1.32 -11.20 -1.97
C ARG A 72 -1.68 -12.37 -2.89
N ASP A 73 -1.78 -12.07 -4.17
CA ASP A 73 -2.12 -13.08 -5.16
C ASP A 73 -1.21 -12.92 -6.38
N LYS A 74 -0.64 -14.04 -6.82
CA LYS A 74 0.24 -14.03 -7.97
C LYS A 74 -0.57 -14.38 -9.23
N ASP A 75 -1.77 -14.88 -9.00
CA ASP A 75 -2.64 -15.25 -10.10
C ASP A 75 -3.65 -14.12 -10.36
N ALA A 76 -3.84 -13.30 -9.33
CA ALA A 76 -4.77 -12.18 -9.44
C ALA A 76 -3.98 -10.89 -9.58
N ARG A 77 -2.72 -10.94 -9.12
CA ARG A 77 -1.85 -9.78 -9.20
C ARG A 77 -2.46 -8.62 -8.40
N SER A 78 -3.11 -8.97 -7.30
CA SER A 78 -3.72 -7.97 -6.45
C SER A 78 -3.37 -8.23 -4.98
N ILE A 79 -3.60 -7.22 -4.16
CA ILE A 79 -3.30 -7.33 -2.75
C ILE A 79 -4.52 -6.89 -1.94
N ASP A 80 -4.63 -7.43 -0.74
CA ASP A 80 -5.74 -7.10 0.14
C ASP A 80 -5.27 -7.13 1.60
N VAL A 81 -5.69 -6.12 2.34
CA VAL A 81 -5.33 -6.02 3.74
C VAL A 81 -6.56 -5.70 4.57
N SER A 82 -6.81 -6.55 5.57
CA SER A 82 -7.96 -6.37 6.44
C SER A 82 -7.49 -6.15 7.88
N LEU A 83 -8.29 -5.41 8.62
CA LEU A 83 -7.98 -5.11 10.00
C LEU A 83 -7.94 -6.42 10.80
N LEU A 84 -6.91 -6.55 11.62
CA LEU A 84 -6.75 -7.74 12.44
C LEU A 84 -6.61 -7.32 13.91
N TYR A 85 -5.60 -6.51 14.16
CA TYR A 85 -5.33 -6.04 15.51
C TYR A 85 -5.06 -4.54 15.52
N GLY A 86 -5.08 -3.95 14.33
CA GLY A 86 -4.83 -2.53 14.20
C GLY A 86 -5.70 -1.73 15.15
N PRO A 87 -6.58 -0.87 14.55
CA PRO A 87 -7.47 -0.04 15.33
C PRO A 87 -8.62 -0.86 15.91
N PHE A 88 -9.09 -1.80 15.11
CA PHE A 88 -10.19 -2.66 15.53
C PHE A 88 -11.52 -1.90 15.54
N LYS A 89 -11.70 -1.06 14.53
CA LYS A 89 -12.90 -0.26 14.42
C LYS A 89 -13.37 -0.25 12.97
N ARG A 90 -12.43 0.04 12.08
CA ARG A 90 -12.73 0.10 10.66
C ARG A 90 -11.51 0.60 9.88
N LEU A 91 -11.00 -0.26 9.02
CA LEU A 91 -9.84 0.08 8.21
C LEU A 91 -9.52 -1.08 7.26
N ASN A 92 -9.34 -0.74 5.99
CA ASN A 92 -9.04 -1.74 4.98
C ASN A 92 -8.14 -1.11 3.92
N ASN A 93 -7.17 -1.90 3.47
CA ASN A 93 -6.23 -1.44 2.45
C ASN A 93 -6.12 -2.51 1.35
N GLY A 94 -6.37 -2.07 0.13
CA GLY A 94 -6.29 -2.97 -1.01
C GLY A 94 -5.48 -2.34 -2.15
N TRP A 95 -4.72 -3.19 -2.83
CA TRP A 95 -3.91 -2.73 -3.95
C TRP A 95 -4.45 -3.37 -5.23
N ARG A 96 -4.32 -2.64 -6.33
CA ARG A 96 -4.80 -3.12 -7.61
C ARG A 96 -3.82 -2.72 -8.72
N PHE A 97 -3.68 -3.60 -9.69
CA PHE A 97 -2.79 -3.35 -10.81
C PHE A 97 -3.26 -4.08 -12.07
N MET A 98 -3.71 -3.30 -13.04
CA MET A 98 -4.20 -3.85 -14.29
C MET A 98 -3.57 -3.14 -15.49
N PRO A 99 -3.08 -3.96 -16.45
CA PRO A 99 -2.44 -3.42 -17.64
C PRO A 99 -3.49 -2.86 -18.61
N GLU A 100 -3.08 -1.85 -19.36
CA GLU A 100 -3.97 -1.23 -20.32
C GLU A 100 -3.17 -0.71 -21.53
N GLY A 101 -2.59 -1.64 -22.26
CA GLY A 101 -1.80 -1.30 -23.43
C GLY A 101 -0.30 -1.40 -23.13
N ASP A 102 0.43 -0.39 -23.59
CA ASP A 102 1.86 -0.35 -23.38
C ASP A 102 2.15 0.07 -21.94
N ALA A 103 1.18 0.76 -21.35
CA ALA A 103 1.32 1.22 -19.98
C ALA A 103 0.44 0.38 -19.07
N THR A 104 0.77 0.39 -17.79
CA THR A 104 0.02 -0.38 -16.80
C THR A 104 -0.77 0.57 -15.89
N ARG A 105 -1.92 0.09 -15.45
CA ARG A 105 -2.76 0.87 -14.57
C ARG A 105 -2.71 0.31 -13.15
N VAL A 106 -2.43 1.20 -12.21
CA VAL A 106 -2.35 0.82 -10.80
C VAL A 106 -3.35 1.64 -9.99
N GLU A 107 -4.07 0.95 -9.12
CA GLU A 107 -5.06 1.61 -8.29
C GLU A 107 -4.86 1.21 -6.82
N PHE A 108 -4.87 2.22 -5.96
CA PHE A 108 -4.69 1.98 -4.54
C PHE A 108 -5.87 2.55 -3.74
N VAL A 109 -6.54 1.66 -3.03
CA VAL A 109 -7.69 2.06 -2.23
C VAL A 109 -7.34 1.91 -0.74
N ILE A 110 -7.30 3.04 -0.05
CA ILE A 110 -6.98 3.05 1.36
C ILE A 110 -8.23 3.42 2.17
N GLU A 111 -8.44 2.68 3.25
CA GLU A 111 -9.59 2.92 4.10
C GLU A 111 -9.17 2.89 5.57
N PHE A 112 -9.76 3.80 6.34
CA PHE A 112 -9.45 3.89 7.76
C PHE A 112 -10.50 4.74 8.49
N ALA A 113 -10.59 4.52 9.79
CA ALA A 113 -11.54 5.26 10.61
C ALA A 113 -10.77 6.07 11.65
N PHE A 114 -10.97 7.38 11.59
CA PHE A 114 -10.32 8.28 12.52
C PHE A 114 -11.25 8.64 13.68
N LYS A 115 -10.63 9.12 14.75
CA LYS A 115 -11.39 9.51 15.94
C LYS A 115 -11.84 10.96 15.79
N SER A 116 -10.88 11.83 15.52
CA SER A 116 -11.18 13.25 15.36
C SER A 116 -11.75 13.51 13.96
N ALA A 117 -12.94 14.08 13.94
CA ALA A 117 -13.60 14.39 12.68
C ALA A 117 -12.79 15.43 11.93
N LEU A 118 -12.16 16.32 12.68
CA LEU A 118 -11.36 17.37 12.10
C LEU A 118 -10.10 16.76 11.46
N LEU A 119 -9.42 15.95 12.25
CA LEU A 119 -8.20 15.29 11.78
C LEU A 119 -8.56 14.32 10.66
N ASP A 120 -9.80 13.85 10.70
CA ASP A 120 -10.27 12.92 9.69
C ASP A 120 -10.10 13.53 8.31
N ALA A 121 -10.60 14.75 8.17
CA ALA A 121 -10.49 15.46 6.90
C ALA A 121 -9.07 15.98 6.72
N MET A 122 -8.49 16.43 7.83
CA MET A 122 -7.13 16.95 7.81
C MET A 122 -6.15 15.89 7.31
N LEU A 123 -6.27 14.69 7.89
CA LEU A 123 -5.40 13.60 7.51
C LEU A 123 -5.82 13.06 6.15
N ALA A 124 -7.12 12.81 6.00
CA ALA A 124 -7.64 12.30 4.75
C ALA A 124 -7.41 13.33 3.65
N ALA A 125 -7.04 14.53 4.07
CA ALA A 125 -6.78 15.60 3.12
C ALA A 125 -5.37 15.44 2.56
N ASN A 126 -4.41 15.34 3.46
CA ASN A 126 -3.01 15.18 3.06
C ASN A 126 -2.82 13.79 2.46
N VAL A 127 -3.71 12.89 2.83
CA VAL A 127 -3.65 11.52 2.34
C VAL A 127 -3.31 11.54 0.84
N ASP A 128 -3.87 12.53 0.15
CA ASP A 128 -3.64 12.67 -1.28
C ASP A 128 -2.16 12.94 -1.52
N ARG A 129 -1.66 13.96 -0.84
CA ARG A 129 -0.26 14.34 -0.97
C ARG A 129 0.65 13.13 -0.70
N ALA A 130 0.34 12.44 0.40
CA ALA A 130 1.12 11.28 0.79
C ALA A 130 1.11 10.27 -0.35
N ALA A 131 -0.07 10.08 -0.93
CA ALA A 131 -0.23 9.15 -2.04
C ALA A 131 0.55 9.66 -3.25
N GLY A 132 0.70 10.98 -3.30
CA GLY A 132 1.42 11.61 -4.40
C GLY A 132 2.91 11.31 -4.32
N LYS A 133 3.44 11.37 -3.11
CA LYS A 133 4.85 11.11 -2.88
C LYS A 133 5.12 9.62 -3.05
N LEU A 134 4.26 8.81 -2.45
CA LEU A 134 4.39 7.37 -2.52
C LEU A 134 4.39 6.94 -3.99
N ILE A 135 3.49 7.53 -4.75
CA ILE A 135 3.37 7.22 -6.17
C ILE A 135 4.68 7.59 -6.86
N ALA A 136 5.17 8.79 -6.57
CA ALA A 136 6.40 9.27 -7.16
C ALA A 136 7.56 8.36 -6.74
N CYS A 137 7.43 7.82 -5.54
CA CYS A 137 8.45 6.92 -5.00
C CYS A 137 8.54 5.70 -5.92
N PHE A 138 7.38 5.11 -6.19
CA PHE A 138 7.32 3.94 -7.04
C PHE A 138 7.84 4.25 -8.44
N GLU A 139 7.51 5.44 -8.92
CA GLU A 139 7.95 5.86 -10.24
C GLU A 139 9.47 5.98 -10.28
N ALA A 140 10.00 6.72 -9.31
CA ALA A 140 11.44 6.93 -9.23
C ALA A 140 12.13 5.57 -9.11
N ARG A 141 11.53 4.71 -8.31
CA ARG A 141 12.08 3.37 -8.10
C ARG A 141 12.05 2.58 -9.41
N ALA A 142 11.00 2.81 -10.18
CA ALA A 142 10.85 2.12 -11.45
C ALA A 142 11.98 2.54 -12.39
N GLN A 143 12.25 3.83 -12.40
CA GLN A 143 13.30 4.37 -13.24
C GLN A 143 14.67 4.00 -12.69
N GLN A 144 14.74 3.91 -11.37
CA GLN A 144 15.98 3.56 -10.70
C GLN A 144 16.35 2.10 -10.99
N LEU A 145 15.32 1.27 -11.05
CA LEU A 145 15.51 -0.14 -11.31
C LEU A 145 15.88 -0.34 -12.78
N HIS A 146 15.10 0.27 -13.65
CA HIS A 146 15.34 0.18 -15.08
C HIS A 146 16.60 0.95 -15.44
N GLY A 147 16.86 2.00 -14.68
CA GLY A 147 18.02 2.83 -14.91
C GLY A 147 19.30 1.98 -14.92
N ALA A 148 19.51 1.28 -13.82
CA ALA A 148 20.68 0.43 -13.68
C ALA A 148 20.81 -0.45 -14.93
#